data_3FV3
#
_entry.id   3FV3
#
_cell.length_a   86.488
_cell.length_b   194.247
_cell.length_c   97.147
_cell.angle_alpha   90.00
_cell.angle_beta   91.52
_cell.angle_gamma   90.00
#
_symmetry.space_group_name_H-M   'P 1 21 1'
#
loop_
_entity.id
_entity.type
_entity.pdbx_description
1 polymer 'Sapp1p-secreted aspartic protease 1'
2 polymer 'pepstatin A'
3 non-polymer 'SULFATE ION'
4 non-polymer GLYCEROL
5 water water
#
loop_
_entity_poly.entity_id
_entity_poly.type
_entity_poly.pdbx_seq_one_letter_code
_entity_poly.pdbx_strand_id
1 'polypeptide(L)'
;DSISLSLINEGPSYASKVSVGSNKQQQTVIIDTGSSDFWVVDSNAQCGKGVDCKSSGTFTPSSSSSYKNLGAAFTIRYGD
GSTSQGTWGKDTVTINGVSITGQQIADVTQTSVDQGILGIGYTSNEAVYDTSGRQTTPNYDNVPVTLKKQGKIRTNAYSL
YLNSPSAETGTIIFGGVDNAKYSGKLVAEQVTSSQALTISLASVNLKGSSFSFGDGALLDSGTTLTYFPSDFAAQLADKA
GARLVQVARDQYLYFIDCNTDTSGTTVFNFGNGAKITVPNTEYVYQNGDGTCLWGIQPSDDTILGDNFLRHAYLLYNLDA
NTISIAQVKYTTDSSISAV
;
A,B,C,D,E,F,G,H
2 'polypeptide(L)' (IVA)VV(STA)A(STA) I,J,K,L,M,N,O,P
#
loop_
_chem_comp.id
_chem_comp.type
_chem_comp.name
_chem_comp.formula
GOL non-polymer GLYCEROL 'C3 H8 O3'
IVA non-polymer 'ISOVALERIC ACID' 'C5 H10 O2'
SO4 non-polymer 'SULFATE ION' 'O4 S -2'
STA peptide-like STATINE 'C8 H17 N O3'
#
# COMPACT_ATOMS: atom_id res chain seq x y z
N ASP A 1 -59.90 77.04 2.83
CA ASP A 1 -59.47 76.10 1.74
C ASP A 1 -57.98 76.28 1.38
N SER A 2 -57.32 75.16 1.13
CA SER A 2 -55.92 75.14 0.75
CA SER A 2 -55.92 75.18 0.73
C SER A 2 -55.71 74.33 -0.51
N ILE A 3 -54.66 74.63 -1.26
CA ILE A 3 -54.33 73.86 -2.44
C ILE A 3 -52.90 73.40 -2.31
N SER A 4 -52.71 72.09 -2.16
CA SER A 4 -51.38 71.52 -2.16
C SER A 4 -50.97 71.25 -3.61
N LEU A 5 -49.75 71.63 -3.94
CA LEU A 5 -49.20 71.39 -5.25
C LEU A 5 -47.80 70.78 -5.14
N SER A 6 -47.60 69.65 -5.78
CA SER A 6 -46.32 68.95 -5.76
C SER A 6 -45.21 69.73 -6.48
N LEU A 7 -44.05 69.80 -5.83
CA LEU A 7 -42.86 70.43 -6.39
C LEU A 7 -41.88 69.37 -6.82
N ILE A 8 -41.55 69.33 -8.10
CA ILE A 8 -40.61 68.35 -8.62
C ILE A 8 -39.19 68.93 -8.47
N ASN A 9 -38.34 68.21 -7.73
CA ASN A 9 -36.94 68.59 -7.54
C ASN A 9 -36.19 68.27 -8.83
N GLU A 10 -36.07 69.27 -9.70
CA GLU A 10 -35.47 69.10 -11.03
C GLU A 10 -33.98 69.40 -11.07
N GLY A 11 -33.38 69.61 -9.90
CA GLY A 11 -31.96 69.95 -9.84
C GLY A 11 -31.77 71.42 -9.50
N PRO A 12 -31.56 72.28 -10.52
CA PRO A 12 -31.38 73.72 -10.29
C PRO A 12 -32.66 74.48 -9.92
N SER A 13 -33.82 73.86 -10.14
CA SER A 13 -35.09 74.53 -9.82
CA SER A 13 -35.10 74.53 -9.87
C SER A 13 -36.20 73.52 -9.50
N TYR A 14 -37.35 74.05 -9.08
CA TYR A 14 -38.52 73.23 -8.74
C TYR A 14 -39.66 73.64 -9.64
N ALA A 15 -40.32 72.64 -10.21
CA ALA A 15 -41.37 72.86 -11.17
C ALA A 15 -42.61 72.06 -10.79
N SER A 16 -43.75 72.50 -11.31
CA SER A 16 -45.03 71.86 -11.05
C SER A 16 -45.81 71.71 -12.34
N LYS A 17 -46.65 70.69 -12.37
CA LYS A 17 -47.62 70.53 -13.42
C LYS A 17 -48.79 71.47 -13.17
N VAL A 18 -49.04 72.32 -14.16
CA VAL A 18 -50.17 73.26 -14.19
CA VAL A 18 -50.23 73.17 -14.17
C VAL A 18 -50.88 73.12 -15.55
N SER A 19 -52.20 73.02 -15.57
CA SER A 19 -52.90 72.93 -16.86
C SER A 19 -53.54 74.26 -17.24
N VAL A 20 -53.50 74.57 -18.54
CA VAL A 20 -54.01 75.84 -19.08
C VAL A 20 -54.95 75.54 -20.26
N GLY A 21 -56.01 76.32 -20.38
CA GLY A 21 -56.93 76.22 -21.51
C GLY A 21 -58.16 75.35 -21.30
N SER A 22 -59.16 75.57 -22.14
CA SER A 22 -60.40 74.79 -22.08
C SER A 22 -60.11 73.31 -22.28
N ASN A 23 -58.98 72.99 -22.92
CA ASN A 23 -58.55 71.59 -23.12
C ASN A 23 -57.47 71.14 -22.13
N LYS A 24 -57.32 71.89 -21.05
CA LYS A 24 -56.35 71.62 -19.95
C LYS A 24 -54.98 71.09 -20.39
N GLN A 25 -54.26 71.93 -21.13
CA GLN A 25 -52.94 71.60 -21.65
C GLN A 25 -51.92 71.65 -20.52
N GLN A 26 -51.33 70.50 -20.20
CA GLN A 26 -50.39 70.42 -19.08
C GLN A 26 -49.02 71.03 -19.37
N GLN A 27 -48.64 71.96 -18.49
CA GLN A 27 -47.34 72.61 -18.57
C GLN A 27 -46.58 72.23 -17.31
N THR A 28 -45.28 72.00 -17.45
CA THR A 28 -44.40 71.83 -16.31
C THR A 28 -43.57 73.12 -16.20
N VAL A 29 -43.86 73.87 -15.14
CA VAL A 29 -43.33 75.24 -15.04
C VAL A 29 -42.69 75.49 -13.68
N ILE A 30 -41.70 76.37 -13.66
CA ILE A 30 -40.95 76.68 -12.47
C ILE A 30 -41.81 77.49 -11.49
N ILE A 31 -41.85 77.04 -10.23
CA ILE A 31 -42.55 77.78 -9.18
C ILE A 31 -41.57 78.83 -8.65
N ASP A 32 -41.92 80.10 -8.81
CA ASP A 32 -40.95 81.19 -8.61
C ASP A 32 -41.50 82.29 -7.72
N THR A 33 -41.06 82.30 -6.46
CA THR A 33 -41.40 83.40 -5.56
C THR A 33 -40.68 84.71 -5.95
N GLY A 34 -39.68 84.63 -6.81
CA GLY A 34 -38.88 85.80 -7.22
C GLY A 34 -39.35 86.55 -8.46
N SER A 35 -40.41 86.05 -9.09
CA SER A 35 -41.12 86.83 -10.13
C SER A 35 -42.64 86.72 -9.91
N SER A 36 -43.41 87.40 -10.75
CA SER A 36 -44.84 87.59 -10.49
C SER A 36 -45.74 87.32 -11.67
N ASP A 37 -45.16 86.89 -12.79
CA ASP A 37 -45.98 86.57 -13.96
C ASP A 37 -45.93 85.11 -14.29
N PHE A 38 -47.08 84.61 -14.72
CA PHE A 38 -47.16 83.24 -15.20
C PHE A 38 -47.10 83.27 -16.72
N TRP A 39 -46.07 82.64 -17.28
CA TRP A 39 -46.00 82.55 -18.74
C TRP A 39 -45.75 81.13 -19.19
N VAL A 40 -46.22 80.79 -20.39
CA VAL A 40 -46.09 79.45 -20.95
C VAL A 40 -45.38 79.47 -22.30
N VAL A 41 -44.78 78.34 -22.67
CA VAL A 41 -44.05 78.27 -23.92
C VAL A 41 -45.05 77.96 -25.04
N ASP A 42 -45.20 78.88 -26.00
CA ASP A 42 -46.05 78.60 -27.16
C ASP A 42 -45.50 77.40 -27.93
N SER A 43 -46.41 76.59 -28.49
CA SER A 43 -46.01 75.44 -29.29
CA SER A 43 -46.03 75.45 -29.30
C SER A 43 -45.19 75.86 -30.51
N ASN A 44 -45.40 77.07 -31.00
CA ASN A 44 -44.65 77.54 -32.15
CA ASN A 44 -44.66 77.55 -32.15
C ASN A 44 -43.50 78.49 -31.80
N ALA A 45 -43.12 78.51 -30.52
CA ALA A 45 -42.04 79.40 -30.05
C ALA A 45 -40.70 79.13 -30.72
N GLN A 46 -39.88 80.18 -30.86
CA GLN A 46 -38.50 80.03 -31.30
C GLN A 46 -37.61 80.07 -30.09
N CYS A 47 -37.02 78.93 -29.73
CA CYS A 47 -36.17 78.90 -28.54
C CYS A 47 -34.89 79.66 -28.85
N GLY A 48 -34.30 80.21 -27.80
CA GLY A 48 -32.98 80.83 -27.90
C GLY A 48 -31.97 79.83 -28.44
N LYS A 49 -30.85 80.35 -28.91
CA LYS A 49 -29.75 79.54 -29.41
C LYS A 49 -29.31 78.53 -28.32
N GLY A 50 -29.26 77.26 -28.69
CA GLY A 50 -28.87 76.19 -27.77
C GLY A 50 -29.86 75.86 -26.66
N VAL A 51 -31.08 76.41 -26.71
CA VAL A 51 -32.06 76.18 -25.66
C VAL A 51 -33.14 75.21 -26.13
N ASP A 52 -33.36 74.16 -25.33
CA ASP A 52 -34.44 73.23 -25.58
C ASP A 52 -35.64 73.68 -24.75
N CYS A 53 -36.45 74.59 -25.29
CA CYS A 53 -37.45 75.27 -24.48
C CYS A 53 -38.83 74.60 -24.54
N LYS A 54 -38.92 73.54 -25.34
CA LYS A 54 -40.20 72.87 -25.55
C LYS A 54 -40.30 71.49 -24.92
N SER A 55 -39.31 71.09 -24.13
CA SER A 55 -39.33 69.73 -23.56
C SER A 55 -40.09 69.62 -22.23
N SER A 56 -40.66 70.73 -21.74
CA SER A 56 -41.42 70.71 -20.47
C SER A 56 -42.90 71.05 -20.65
N GLY A 57 -43.42 70.80 -21.84
CA GLY A 57 -44.80 71.12 -22.17
C GLY A 57 -44.86 72.41 -22.96
N THR A 58 -45.80 72.48 -23.90
CA THR A 58 -46.06 73.72 -24.62
C THR A 58 -47.55 74.04 -24.61
N PHE A 59 -47.88 75.30 -24.82
CA PHE A 59 -49.27 75.76 -24.90
C PHE A 59 -49.64 76.18 -26.33
N THR A 60 -50.78 75.67 -26.80
CA THR A 60 -51.34 75.99 -28.12
C THR A 60 -52.62 76.80 -27.91
N PRO A 61 -52.52 78.15 -27.99
CA PRO A 61 -53.69 79.00 -27.71
C PRO A 61 -54.90 78.67 -28.60
N SER A 62 -54.65 78.35 -29.87
CA SER A 62 -55.71 78.11 -30.83
C SER A 62 -56.51 76.85 -30.51
N SER A 63 -55.94 75.93 -29.74
CA SER A 63 -56.67 74.73 -29.32
C SER A 63 -57.54 74.96 -28.08
N SER A 64 -57.33 76.08 -27.39
CA SER A 64 -58.17 76.45 -26.26
C SER A 64 -59.28 77.42 -26.67
N SER A 65 -60.52 76.97 -26.51
CA SER A 65 -61.69 77.77 -26.87
C SER A 65 -61.86 78.99 -25.96
N SER A 66 -61.23 78.96 -24.79
CA SER A 66 -61.44 80.01 -23.79
C SER A 66 -60.31 81.05 -23.73
N TYR A 67 -59.26 80.86 -24.54
CA TYR A 67 -58.13 81.79 -24.54
C TYR A 67 -58.58 83.14 -25.06
N LYS A 68 -58.25 84.20 -24.33
CA LYS A 68 -58.54 85.55 -24.81
C LYS A 68 -57.22 86.25 -25.06
N ASN A 69 -57.02 86.76 -26.28
CA ASN A 69 -55.81 87.50 -26.61
C ASN A 69 -55.94 88.97 -26.20
N LEU A 70 -55.02 89.45 -25.35
CA LEU A 70 -55.11 90.83 -24.83
C LEU A 70 -54.44 91.92 -25.69
N GLY A 71 -53.63 91.47 -26.65
N GLY A 71 -53.64 91.54 -26.67
CA GLY A 71 -52.93 92.35 -27.60
CA GLY A 71 -53.05 92.53 -27.59
C GLY A 71 -51.53 92.72 -27.17
C GLY A 71 -52.12 93.54 -26.93
N ALA A 72 -51.40 93.09 -25.90
CA ALA A 72 -50.23 93.78 -25.36
C ALA A 72 -49.01 92.87 -25.40
N ALA A 73 -47.84 93.47 -25.68
CA ALA A 73 -46.60 92.73 -25.81
C ALA A 73 -46.03 92.45 -24.41
N PHE A 74 -45.44 91.27 -24.24
CA PHE A 74 -44.83 90.86 -22.97
C PHE A 74 -43.33 90.71 -23.17
N THR A 75 -42.55 91.15 -22.18
CA THR A 75 -41.11 90.92 -22.21
C THR A 75 -40.60 90.86 -20.77
N ILE A 76 -39.67 89.95 -20.51
CA ILE A 76 -39.07 89.84 -19.18
C ILE A 76 -37.61 89.43 -19.32
N ARG A 77 -36.78 89.90 -18.40
CA ARG A 77 -35.39 89.49 -18.35
C ARG A 77 -35.15 89.16 -16.89
N TYR A 78 -34.55 88.00 -16.63
CA TYR A 78 -34.33 87.51 -15.28
C TYR A 78 -32.89 87.79 -14.82
N GLY A 79 -32.67 87.55 -13.52
CA GLY A 79 -31.39 87.86 -12.87
C GLY A 79 -30.22 87.15 -13.52
N ASP A 80 -30.46 85.95 -14.04
CA ASP A 80 -29.39 85.19 -14.68
C ASP A 80 -29.16 85.57 -16.16
N GLY A 81 -29.91 86.56 -16.64
CA GLY A 81 -29.77 87.08 -18.00
C GLY A 81 -30.71 86.43 -19.01
N SER A 82 -31.39 85.34 -18.63
CA SER A 82 -32.32 84.69 -19.56
C SER A 82 -33.55 85.57 -19.80
N THR A 83 -34.22 85.38 -20.95
CA THR A 83 -35.26 86.32 -21.36
C THR A 83 -36.44 85.60 -21.99
N SER A 84 -37.61 86.25 -21.98
CA SER A 84 -38.80 85.74 -22.68
C SER A 84 -39.57 86.90 -23.28
N GLN A 85 -40.17 86.66 -24.45
CA GLN A 85 -40.98 87.67 -25.11
CA GLN A 85 -41.00 87.67 -25.10
C GLN A 85 -42.24 86.99 -25.65
N GLY A 86 -43.38 87.66 -25.52
CA GLY A 86 -44.63 87.14 -26.11
C GLY A 86 -45.77 88.16 -26.09
N THR A 87 -46.99 87.67 -25.92
CA THR A 87 -48.18 88.51 -25.87
C THR A 87 -48.97 88.13 -24.63
N TRP A 88 -49.60 89.13 -24.02
CA TRP A 88 -50.52 88.88 -22.92
C TRP A 88 -51.83 88.24 -23.36
N GLY A 89 -52.32 87.31 -22.55
CA GLY A 89 -53.63 86.67 -22.79
C GLY A 89 -54.29 86.33 -21.47
N LYS A 90 -55.48 85.77 -21.54
CA LYS A 90 -56.19 85.20 -20.39
C LYS A 90 -56.69 83.81 -20.73
N ASP A 91 -56.66 82.91 -19.76
CA ASP A 91 -57.28 81.59 -19.93
C ASP A 91 -57.51 80.94 -18.56
N THR A 92 -58.17 79.80 -18.60
CA THR A 92 -58.37 78.98 -17.42
C THR A 92 -57.07 78.29 -17.02
N VAL A 93 -56.74 78.44 -15.74
CA VAL A 93 -55.58 77.82 -15.15
C VAL A 93 -56.06 76.85 -14.07
N THR A 94 -55.58 75.62 -14.15
CA THR A 94 -55.96 74.61 -13.16
CA THR A 94 -55.96 74.58 -13.20
C THR A 94 -54.73 74.09 -12.42
N ILE A 95 -54.85 74.09 -11.09
CA ILE A 95 -53.75 73.71 -10.20
C ILE A 95 -54.26 72.61 -9.26
N ASN A 96 -53.69 71.41 -9.43
CA ASN A 96 -54.14 70.23 -8.69
C ASN A 96 -55.66 70.16 -8.60
N GLY A 97 -56.32 70.23 -9.76
CA GLY A 97 -57.77 70.06 -9.84
C GLY A 97 -58.60 71.31 -9.62
N VAL A 98 -57.97 72.41 -9.16
CA VAL A 98 -58.70 73.64 -8.87
C VAL A 98 -58.55 74.65 -10.00
N SER A 99 -59.69 75.12 -10.52
CA SER A 99 -59.68 75.99 -11.68
C SER A 99 -59.96 77.44 -11.34
N ILE A 100 -59.13 78.34 -11.85
CA ILE A 100 -59.47 79.77 -11.88
C ILE A 100 -59.66 80.20 -13.32
N THR A 101 -60.72 80.96 -13.56
CA THR A 101 -61.08 81.43 -14.89
C THR A 101 -60.53 82.84 -15.17
N GLY A 102 -60.26 83.10 -16.44
CA GLY A 102 -59.82 84.43 -16.87
C GLY A 102 -58.52 84.91 -16.26
N GLN A 103 -57.62 83.97 -15.96
CA GLN A 103 -56.31 84.33 -15.41
C GLN A 103 -55.40 84.88 -16.49
N GLN A 104 -54.85 86.07 -16.24
CA GLN A 104 -53.91 86.68 -17.15
C GLN A 104 -52.55 85.97 -17.15
N ILE A 105 -52.07 85.66 -18.34
CA ILE A 105 -50.82 84.91 -18.52
C ILE A 105 -50.14 85.46 -19.76
N ALA A 106 -48.88 85.08 -19.97
CA ALA A 106 -48.17 85.43 -21.20
C ALA A 106 -47.94 84.21 -22.07
N ASP A 107 -48.32 84.34 -23.33
CA ASP A 107 -48.05 83.34 -24.35
C ASP A 107 -46.70 83.67 -25.00
N VAL A 108 -45.67 82.93 -24.63
CA VAL A 108 -44.30 83.32 -24.99
C VAL A 108 -43.86 82.66 -26.30
N THR A 109 -43.44 83.45 -27.26
CA THR A 109 -43.05 82.94 -28.57
C THR A 109 -41.55 82.98 -28.84
N GLN A 110 -40.79 83.56 -27.93
CA GLN A 110 -39.34 83.40 -27.95
C GLN A 110 -38.80 83.43 -26.53
N THR A 111 -37.89 82.52 -26.22
CA THR A 111 -37.36 82.42 -24.85
C THR A 111 -36.00 81.71 -24.78
N SER A 112 -35.13 82.16 -23.88
CA SER A 112 -33.88 81.44 -23.61
C SER A 112 -33.95 80.70 -22.26
N VAL A 113 -35.14 80.68 -21.66
CA VAL A 113 -35.43 79.87 -20.46
C VAL A 113 -35.89 78.46 -20.90
N ASP A 114 -35.53 77.42 -20.16
CA ASP A 114 -35.82 76.03 -20.58
C ASP A 114 -37.31 75.67 -20.58
N GLN A 115 -38.10 76.39 -19.77
CA GLN A 115 -39.50 76.05 -19.56
C GLN A 115 -40.25 77.27 -19.04
N GLY A 116 -41.59 77.16 -19.02
CA GLY A 116 -42.42 78.23 -18.48
C GLY A 116 -42.18 78.48 -17.00
N ILE A 117 -42.66 79.63 -16.55
CA ILE A 117 -42.47 80.03 -15.16
C ILE A 117 -43.80 80.52 -14.60
N LEU A 118 -44.18 79.94 -13.47
CA LEU A 118 -45.27 80.44 -12.64
C LEU A 118 -44.74 81.38 -11.53
N GLY A 119 -44.69 82.67 -11.80
CA GLY A 119 -44.26 83.66 -10.81
C GLY A 119 -45.41 83.99 -9.87
N ILE A 120 -45.12 83.94 -8.57
CA ILE A 120 -46.16 84.06 -7.56
C ILE A 120 -45.85 85.14 -6.51
N GLY A 121 -44.92 86.06 -6.83
CA GLY A 121 -44.61 87.19 -5.97
C GLY A 121 -45.66 88.31 -6.04
N TYR A 122 -45.30 89.47 -5.51
CA TYR A 122 -46.15 90.65 -5.45
C TYR A 122 -46.53 91.16 -6.83
N THR A 123 -47.78 91.61 -6.98
CA THR A 123 -48.23 92.15 -8.27
C THR A 123 -47.40 93.37 -8.67
N SER A 124 -46.87 94.09 -7.69
CA SER A 124 -46.05 95.25 -7.97
C SER A 124 -44.71 94.91 -8.69
N ASN A 125 -44.32 93.63 -8.68
CA ASN A 125 -43.13 93.20 -9.42
C ASN A 125 -43.43 92.60 -10.79
N GLU A 126 -44.68 92.72 -11.25
CA GLU A 126 -45.02 92.22 -12.57
C GLU A 126 -44.18 92.86 -13.67
N ALA A 127 -43.84 92.04 -14.66
CA ALA A 127 -43.06 92.50 -15.79
C ALA A 127 -44.02 93.00 -16.88
N VAL A 128 -44.49 94.23 -16.70
CA VAL A 128 -45.55 94.79 -17.55
C VAL A 128 -45.02 95.99 -18.35
N TYR A 129 -43.72 95.94 -18.67
CA TYR A 129 -43.00 97.01 -19.35
C TYR A 129 -42.38 96.48 -20.62
N ASP A 130 -41.96 97.40 -21.49
CA ASP A 130 -41.13 97.02 -22.61
C ASP A 130 -39.67 97.15 -22.19
N THR A 131 -38.76 96.82 -23.09
CA THR A 131 -37.33 96.84 -22.75
C THR A 131 -36.86 98.24 -22.35
N SER A 132 -37.47 99.28 -22.93
CA SER A 132 -37.23 100.67 -22.53
C SER A 132 -37.64 100.98 -21.08
N GLY A 133 -38.53 100.18 -20.50
CA GLY A 133 -39.05 100.47 -19.17
C GLY A 133 -40.40 101.17 -19.18
N ARG A 134 -40.97 101.34 -20.37
CA ARG A 134 -42.29 101.94 -20.56
C ARG A 134 -43.38 100.89 -20.27
N GLN A 135 -44.43 101.27 -19.54
CA GLN A 135 -45.47 100.31 -19.17
C GLN A 135 -46.42 100.01 -20.33
N THR A 136 -46.54 98.73 -20.67
CA THR A 136 -47.31 98.32 -21.84
C THR A 136 -48.67 97.69 -21.50
N THR A 137 -48.89 97.36 -20.24
CA THR A 137 -50.17 96.81 -19.80
C THR A 137 -50.29 97.09 -18.30
N PRO A 138 -51.51 97.33 -17.80
CA PRO A 138 -51.61 97.62 -16.36
C PRO A 138 -51.17 96.45 -15.49
N ASN A 139 -50.76 96.77 -14.26
CA ASN A 139 -50.62 95.74 -13.26
C ASN A 139 -51.96 95.07 -13.01
N TYR A 140 -51.92 93.77 -12.78
CA TYR A 140 -53.10 92.95 -12.93
C TYR A 140 -53.10 91.90 -11.83
N ASP A 141 -54.21 91.18 -11.68
CA ASP A 141 -54.29 90.09 -10.69
C ASP A 141 -53.48 88.88 -11.15
N ASN A 142 -52.34 88.61 -10.51
CA ASN A 142 -51.59 87.38 -10.84
C ASN A 142 -52.18 86.18 -10.12
N VAL A 143 -51.56 85.01 -10.27
CA VAL A 143 -52.22 83.76 -9.88
C VAL A 143 -52.71 83.74 -8.41
N PRO A 144 -51.81 84.07 -7.45
CA PRO A 144 -52.26 84.06 -6.05
C PRO A 144 -53.39 85.04 -5.73
N VAL A 145 -53.39 86.21 -6.37
CA VAL A 145 -54.48 87.15 -6.15
C VAL A 145 -55.81 86.57 -6.66
N THR A 146 -55.77 85.94 -7.83
CA THR A 146 -56.98 85.37 -8.46
C THR A 146 -57.49 84.17 -7.67
N LEU A 147 -56.57 83.36 -7.14
CA LEU A 147 -56.95 82.25 -6.25
C LEU A 147 -57.72 82.76 -5.05
N LYS A 148 -57.30 83.89 -4.49
CA LYS A 148 -58.02 84.48 -3.36
C LYS A 148 -59.32 85.11 -3.84
N LYS A 149 -59.24 85.87 -4.94
CA LYS A 149 -60.42 86.57 -5.46
C LYS A 149 -61.55 85.61 -5.82
N GLN A 150 -61.19 84.44 -6.35
CA GLN A 150 -62.18 83.48 -6.80
C GLN A 150 -62.57 82.48 -5.69
N GLY A 151 -62.23 82.83 -4.45
CA GLY A 151 -62.68 82.07 -3.27
C GLY A 151 -62.04 80.71 -3.12
N LYS A 152 -60.90 80.51 -3.79
CA LYS A 152 -60.19 79.24 -3.72
C LYS A 152 -59.31 79.19 -2.47
N ILE A 153 -58.86 80.35 -2.02
CA ILE A 153 -58.07 80.46 -0.78
C ILE A 153 -58.53 81.73 -0.04
N ARG A 154 -58.27 81.78 1.27
CA ARG A 154 -58.76 82.86 2.14
CA ARG A 154 -58.76 82.85 2.14
C ARG A 154 -57.84 84.08 2.12
N THR A 155 -56.55 83.80 2.06
CA THR A 155 -55.52 84.83 2.16
C THR A 155 -54.51 84.62 1.05
N ASN A 156 -53.93 85.71 0.55
CA ASN A 156 -52.85 85.59 -0.41
C ASN A 156 -51.59 85.20 0.36
N ALA A 157 -51.42 83.89 0.48
CA ALA A 157 -50.36 83.30 1.27
C ALA A 157 -50.07 81.90 0.74
N TYR A 158 -48.82 81.46 0.88
CA TYR A 158 -48.45 80.10 0.51
C TYR A 158 -47.28 79.59 1.34
N SER A 159 -47.28 78.29 1.61
CA SER A 159 -46.19 77.67 2.36
C SER A 159 -45.30 76.87 1.42
N LEU A 160 -43.99 77.01 1.60
CA LEU A 160 -43.00 76.40 0.74
C LEU A 160 -42.19 75.35 1.49
N TYR A 161 -42.28 74.12 1.00
CA TYR A 161 -41.56 72.99 1.54
C TYR A 161 -40.79 72.34 0.39
N LEU A 162 -39.59 72.85 0.11
CA LEU A 162 -38.76 72.28 -0.96
C LEU A 162 -38.39 70.84 -0.65
N ASN A 163 -38.31 70.51 0.66
CA ASN A 163 -37.92 69.16 1.12
C ASN A 163 -36.38 68.96 1.04
N SER A 164 -35.90 67.79 1.43
CA SER A 164 -34.45 67.55 1.54
C SER A 164 -33.74 67.59 0.18
N PRO A 165 -32.41 67.81 0.18
CA PRO A 165 -31.62 67.82 -1.05
C PRO A 165 -31.79 66.53 -1.86
N SER A 166 -32.01 65.41 -1.19
CA SER A 166 -32.12 64.13 -1.88
C SER A 166 -33.57 63.70 -2.10
N ALA A 167 -34.52 64.58 -1.80
CA ALA A 167 -35.93 64.27 -2.00
C ALA A 167 -36.33 64.43 -3.46
N GLU A 168 -37.23 63.58 -3.90
CA GLU A 168 -37.76 63.66 -5.27
C GLU A 168 -38.70 64.83 -5.45
N THR A 169 -39.57 65.04 -4.46
CA THR A 169 -40.60 66.08 -4.54
C THR A 169 -40.80 66.81 -3.21
N GLY A 170 -41.24 68.06 -3.32
CA GLY A 170 -41.67 68.85 -2.17
C GLY A 170 -43.09 69.29 -2.40
N THR A 171 -43.53 70.30 -1.65
CA THR A 171 -44.91 70.78 -1.73
C THR A 171 -44.97 72.28 -1.55
N ILE A 172 -45.76 72.95 -2.40
CA ILE A 172 -46.21 74.30 -2.10
C ILE A 172 -47.71 74.22 -1.78
N ILE A 173 -48.12 74.93 -0.71
CA ILE A 173 -49.53 74.98 -0.34
C ILE A 173 -50.04 76.40 -0.46
N PHE A 174 -50.91 76.64 -1.43
CA PHE A 174 -51.56 77.94 -1.52
C PHE A 174 -52.66 78.01 -0.48
N GLY A 175 -52.61 79.05 0.35
CA GLY A 175 -53.67 79.32 1.32
C GLY A 175 -53.69 78.36 2.48
N GLY A 176 -52.54 77.73 2.75
CA GLY A 176 -52.43 76.78 3.85
C GLY A 176 -51.03 76.63 4.40
N VAL A 177 -50.93 75.87 5.49
CA VAL A 177 -49.66 75.64 6.19
C VAL A 177 -49.64 74.24 6.80
N ASP A 178 -48.55 73.51 6.58
CA ASP A 178 -48.43 72.16 7.15
C ASP A 178 -47.64 72.24 8.46
N ASN A 179 -48.35 72.16 9.58
CA ASN A 179 -47.72 72.38 10.88
C ASN A 179 -46.87 71.22 11.36
N ALA A 180 -46.86 70.13 10.60
CA ALA A 180 -46.07 68.95 10.91
C ALA A 180 -44.61 69.07 10.45
N LYS A 181 -44.38 69.99 9.51
CA LYS A 181 -43.13 70.03 8.74
C LYS A 181 -42.11 71.08 9.18
N TYR A 182 -42.14 71.45 10.46
CA TYR A 182 -41.12 72.32 11.04
C TYR A 182 -40.97 72.09 12.54
N SER A 183 -39.81 72.46 13.06
CA SER A 183 -39.49 72.37 14.48
C SER A 183 -39.73 73.70 15.15
N GLY A 184 -40.10 73.66 16.43
CA GLY A 184 -40.39 74.86 17.19
C GLY A 184 -41.54 75.65 16.63
N LYS A 185 -41.48 76.97 16.78
CA LYS A 185 -42.55 77.83 16.30
C LYS A 185 -42.11 78.65 15.09
N LEU A 186 -43.04 78.90 14.18
CA LEU A 186 -42.78 79.81 13.07
C LEU A 186 -42.54 81.20 13.65
N VAL A 187 -41.54 81.89 13.14
CA VAL A 187 -41.23 83.25 13.57
C VAL A 187 -41.56 84.19 12.41
N ALA A 188 -42.41 85.18 12.67
CA ALA A 188 -42.81 86.13 11.65
C ALA A 188 -41.72 87.17 11.41
N GLU A 189 -41.28 87.26 10.16
CA GLU A 189 -40.31 88.25 9.75
C GLU A 189 -40.95 89.27 8.82
N GLN A 190 -40.65 90.54 9.03
CA GLN A 190 -41.25 91.63 8.25
C GLN A 190 -40.67 91.74 6.83
N VAL A 191 -41.53 91.80 5.82
CA VAL A 191 -41.09 92.03 4.43
C VAL A 191 -40.66 93.47 4.30
N THR A 192 -39.45 93.69 3.79
CA THR A 192 -38.83 95.01 3.83
C THR A 192 -38.88 95.74 2.48
N SER A 193 -39.58 95.14 1.51
CA SER A 193 -39.74 95.73 0.19
C SER A 193 -41.19 95.69 -0.27
N SER A 194 -41.59 96.68 -1.06
CA SER A 194 -42.94 96.68 -1.63
C SER A 194 -43.06 95.86 -2.91
N GLN A 195 -41.92 95.42 -3.46
CA GLN A 195 -41.91 94.68 -4.71
C GLN A 195 -41.39 93.25 -4.56
N ALA A 196 -40.45 93.04 -3.64
CA ALA A 196 -39.77 91.75 -3.47
C ALA A 196 -40.01 91.14 -2.09
N LEU A 197 -40.02 89.81 -2.05
CA LEU A 197 -40.22 89.04 -0.85
C LEU A 197 -38.89 88.89 -0.13
N THR A 198 -38.51 90.00 0.48
CA THR A 198 -37.20 90.17 1.10
CA THR A 198 -37.21 90.25 1.06
C THR A 198 -37.38 90.47 2.57
N ILE A 199 -36.56 89.84 3.39
CA ILE A 199 -36.63 90.09 4.83
C ILE A 199 -35.23 90.43 5.32
N SER A 200 -35.14 91.08 6.48
CA SER A 200 -33.84 91.47 7.02
C SER A 200 -33.07 90.28 7.58
N LEU A 201 -31.84 90.07 7.08
CA LEU A 201 -30.94 89.06 7.61
C LEU A 201 -29.90 89.75 8.49
N ALA A 202 -29.92 89.46 9.79
CA ALA A 202 -28.98 90.07 10.76
C ALA A 202 -27.53 89.59 10.67
N SER A 203 -27.34 88.29 10.51
CA SER A 203 -26.00 87.71 10.55
C SER A 203 -25.97 86.32 9.98
N VAL A 204 -24.77 85.90 9.63
CA VAL A 204 -24.49 84.58 9.10
C VAL A 204 -23.35 83.99 9.93
N ASN A 205 -23.56 82.78 10.44
CA ASN A 205 -22.54 82.08 11.21
C ASN A 205 -21.92 80.95 10.40
N LEU A 206 -20.61 81.04 10.19
CA LEU A 206 -19.89 80.08 9.35
C LEU A 206 -18.55 79.72 9.99
N LYS A 207 -18.33 78.43 10.18
CA LYS A 207 -17.10 77.90 10.79
C LYS A 207 -16.80 78.54 12.14
N GLY A 208 -17.83 78.72 12.96
CA GLY A 208 -17.69 79.28 14.30
C GLY A 208 -17.28 80.75 14.26
N SER A 209 -17.81 81.48 13.29
CA SER A 209 -17.58 82.92 13.17
C SER A 209 -18.88 83.62 12.78
N SER A 210 -19.18 84.71 13.47
CA SER A 210 -20.37 85.51 13.16
C SER A 210 -20.01 86.65 12.23
N PHE A 211 -20.72 86.71 11.10
CA PHE A 211 -20.57 87.77 10.12
C PHE A 211 -21.81 88.63 10.12
N SER A 212 -21.65 89.85 10.58
CA SER A 212 -22.72 90.83 10.65
C SER A 212 -23.16 91.25 9.25
N PHE A 213 -24.47 91.24 9.00
CA PHE A 213 -25.01 91.65 7.72
C PHE A 213 -25.95 92.85 7.88
N GLY A 214 -27.23 92.57 8.16
CA GLY A 214 -28.16 93.64 8.51
C GLY A 214 -28.88 94.29 7.35
N ASP A 215 -28.89 93.63 6.20
CA ASP A 215 -29.66 94.10 5.05
C ASP A 215 -30.63 93.02 4.60
N GLY A 216 -31.48 93.36 3.63
CA GLY A 216 -32.51 92.45 3.13
C GLY A 216 -31.96 91.34 2.25
N ALA A 217 -32.61 90.18 2.35
CA ALA A 217 -32.31 89.02 1.55
C ALA A 217 -33.62 88.55 0.90
N LEU A 218 -33.58 88.38 -0.41
CA LEU A 218 -34.70 87.88 -1.20
C LEU A 218 -34.82 86.36 -1.01
N LEU A 219 -36.01 85.91 -0.61
CA LEU A 219 -36.24 84.47 -0.38
C LEU A 219 -36.84 83.82 -1.63
N ASP A 220 -35.97 83.39 -2.52
CA ASP A 220 -36.37 83.12 -3.91
C ASP A 220 -36.32 81.63 -4.26
N SER A 221 -37.49 81.03 -4.41
CA SER A 221 -37.59 79.62 -4.81
C SER A 221 -37.01 79.37 -6.21
N GLY A 222 -36.97 80.42 -7.03
CA GLY A 222 -36.47 80.31 -8.39
C GLY A 222 -35.00 80.66 -8.56
N THR A 223 -34.25 80.65 -7.46
CA THR A 223 -32.80 80.80 -7.53
C THR A 223 -32.18 79.55 -6.94
N THR A 224 -31.19 78.97 -7.65
CA THR A 224 -30.51 77.75 -7.25
C THR A 224 -29.62 77.93 -6.02
N LEU A 225 -28.77 78.94 -6.04
CA LEU A 225 -27.72 79.10 -5.04
C LEU A 225 -28.03 80.30 -4.14
N THR A 226 -27.01 80.74 -3.42
CA THR A 226 -27.13 81.90 -2.53
C THR A 226 -26.18 83.03 -3.00
N TYR A 227 -26.67 84.28 -2.98
CA TYR A 227 -25.95 85.44 -3.54
C TYR A 227 -25.86 86.55 -2.50
N PHE A 228 -24.65 87.08 -2.33
CA PHE A 228 -24.37 88.16 -1.39
C PHE A 228 -23.54 89.27 -2.07
N PRO A 229 -23.61 90.51 -1.54
CA PRO A 229 -22.77 91.59 -2.07
C PRO A 229 -21.32 91.15 -2.09
N SER A 230 -20.57 91.64 -3.07
CA SER A 230 -19.21 91.18 -3.32
CA SER A 230 -19.20 91.19 -3.32
C SER A 230 -18.32 91.17 -2.08
N ASP A 231 -18.31 92.27 -1.33
CA ASP A 231 -17.42 92.37 -0.16
C ASP A 231 -17.77 91.33 0.91
N PHE A 232 -19.07 91.16 1.16
CA PHE A 232 -19.54 90.20 2.15
C PHE A 232 -19.29 88.77 1.66
N ALA A 233 -19.61 88.50 0.39
CA ALA A 233 -19.33 87.19 -0.22
C ALA A 233 -17.85 86.82 -0.08
N ALA A 234 -16.96 87.79 -0.27
CA ALA A 234 -15.52 87.57 -0.18
C ALA A 234 -15.06 87.22 1.23
N GLN A 235 -15.69 87.81 2.23
CA GLN A 235 -15.34 87.55 3.63
C GLN A 235 -15.73 86.12 3.97
N LEU A 236 -16.92 85.73 3.54
CA LEU A 236 -17.38 84.36 3.73
C LEU A 236 -16.52 83.36 2.94
N ALA A 237 -16.17 83.71 1.70
CA ALA A 237 -15.36 82.85 0.85
C ALA A 237 -14.03 82.53 1.49
N ASP A 238 -13.38 83.55 2.04
CA ASP A 238 -12.06 83.36 2.65
C ASP A 238 -12.15 82.41 3.83
N LYS A 239 -13.21 82.56 4.63
CA LYS A 239 -13.47 81.68 5.76
C LYS A 239 -13.75 80.23 5.33
N ALA A 240 -14.49 80.09 4.24
CA ALA A 240 -14.92 78.78 3.73
C ALA A 240 -13.84 78.09 2.90
N GLY A 241 -12.87 78.83 2.39
CA GLY A 241 -11.83 78.27 1.52
C GLY A 241 -12.20 78.22 0.05
N ALA A 242 -13.24 78.99 -0.33
CA ALA A 242 -13.66 79.13 -1.73
C ALA A 242 -12.66 79.96 -2.54
N ARG A 243 -12.66 79.76 -3.85
CA ARG A 243 -11.68 80.43 -4.73
C ARG A 243 -12.38 81.10 -5.89
N LEU A 244 -12.05 82.38 -6.11
CA LEU A 244 -12.75 83.20 -7.09
C LEU A 244 -12.22 82.92 -8.48
N VAL A 245 -13.13 82.72 -9.42
CA VAL A 245 -12.77 82.43 -10.81
C VAL A 245 -13.54 83.35 -11.75
N GLN A 246 -12.80 84.12 -12.54
CA GLN A 246 -13.46 84.95 -13.55
C GLN A 246 -13.91 84.07 -14.71
N VAL A 247 -15.21 84.05 -14.95
CA VAL A 247 -15.78 83.14 -15.96
C VAL A 247 -16.27 83.87 -17.22
N ALA A 248 -16.31 85.20 -17.18
CA ALA A 248 -16.71 86.04 -18.33
C ALA A 248 -16.06 87.39 -18.11
N ARG A 249 -16.05 88.25 -19.12
CA ARG A 249 -15.45 89.57 -18.91
C ARG A 249 -16.01 90.21 -17.66
N ASP A 250 -17.31 89.98 -17.43
CA ASP A 250 -18.11 90.62 -16.39
C ASP A 250 -18.78 89.62 -15.43
N GLN A 251 -18.14 88.48 -15.19
CA GLN A 251 -18.73 87.52 -14.25
C GLN A 251 -17.62 86.76 -13.53
N TYR A 252 -17.79 86.63 -12.22
CA TYR A 252 -16.89 85.87 -11.38
C TYR A 252 -17.73 84.91 -10.59
N LEU A 253 -17.23 83.68 -10.43
CA LEU A 253 -17.91 82.73 -9.57
C LEU A 253 -16.91 82.14 -8.58
N TYR A 254 -17.37 81.76 -7.39
CA TYR A 254 -16.55 81.01 -6.45
C TYR A 254 -16.66 79.53 -6.75
N PHE A 255 -15.51 78.87 -6.80
CA PHE A 255 -15.44 77.44 -6.89
C PHE A 255 -14.87 76.93 -5.58
N ILE A 256 -15.09 75.66 -5.32
CA ILE A 256 -14.60 75.04 -4.11
C ILE A 256 -14.20 73.61 -4.43
N ASP A 257 -13.21 73.10 -3.69
CA ASP A 257 -12.80 71.71 -3.78
C ASP A 257 -14.00 70.80 -3.56
N CYS A 258 -14.27 69.91 -4.52
CA CYS A 258 -15.41 69.00 -4.44
C CYS A 258 -15.32 68.09 -3.22
N ASN A 259 -14.09 67.88 -2.75
CA ASN A 259 -13.80 67.04 -1.60
C ASN A 259 -13.69 67.80 -0.27
N THR A 260 -14.10 69.06 -0.27
CA THR A 260 -14.07 69.89 0.93
C THR A 260 -14.95 69.31 2.05
N ASP A 261 -14.57 69.58 3.30
CA ASP A 261 -15.29 69.07 4.47
C ASP A 261 -16.63 69.78 4.66
N THR A 262 -17.72 69.04 4.53
CA THR A 262 -19.07 69.61 4.58
C THR A 262 -19.84 69.19 5.84
N SER A 263 -19.11 68.66 6.83
CA SER A 263 -19.71 68.16 8.06
C SER A 263 -20.25 69.26 9.00
N GLY A 264 -19.85 70.51 8.75
CA GLY A 264 -20.33 71.62 9.58
C GLY A 264 -21.62 72.23 9.07
N THR A 265 -22.02 73.37 9.64
CA THR A 265 -23.25 74.06 9.25
C THR A 265 -23.06 75.58 9.15
N THR A 266 -23.95 76.20 8.37
CA THR A 266 -24.01 77.64 8.20
C THR A 266 -25.35 78.11 8.75
N VAL A 267 -25.31 79.09 9.66
CA VAL A 267 -26.51 79.53 10.38
C VAL A 267 -26.92 80.95 9.93
N PHE A 268 -28.21 81.10 9.64
CA PHE A 268 -28.77 82.37 9.23
C PHE A 268 -29.71 82.88 10.31
N ASN A 269 -29.44 84.10 10.77
CA ASN A 269 -30.21 84.77 11.80
C ASN A 269 -30.90 86.01 11.26
N PHE A 270 -32.21 86.09 11.48
CA PHE A 270 -33.02 87.14 10.88
C PHE A 270 -33.45 88.20 11.89
N GLY A 271 -33.84 89.37 11.38
CA GLY A 271 -34.26 90.51 12.19
C GLY A 271 -35.10 90.18 13.41
N ASN A 272 -36.18 89.41 13.24
CA ASN A 272 -37.07 89.14 14.37
C ASN A 272 -36.75 87.86 15.12
N GLY A 273 -35.55 87.33 14.87
CA GLY A 273 -35.05 86.16 15.61
C GLY A 273 -35.24 84.80 14.97
N ALA A 274 -35.73 84.75 13.73
CA ALA A 274 -35.77 83.48 13.02
C ALA A 274 -34.33 82.96 12.86
N LYS A 275 -34.16 81.65 12.99
CA LYS A 275 -32.86 81.02 12.82
C LYS A 275 -32.99 79.79 11.93
N ILE A 276 -32.17 79.73 10.89
CA ILE A 276 -32.16 78.60 9.99
C ILE A 276 -30.73 78.07 9.89
N THR A 277 -30.58 76.77 10.12
CA THR A 277 -29.28 76.11 10.12
C THR A 277 -29.20 75.24 8.86
N VAL A 278 -28.21 75.53 8.03
CA VAL A 278 -28.02 74.85 6.76
C VAL A 278 -26.78 73.94 6.79
N PRO A 279 -26.94 72.66 6.40
CA PRO A 279 -25.79 71.77 6.35
C PRO A 279 -24.83 72.20 5.26
N ASN A 280 -23.53 72.17 5.56
CA ASN A 280 -22.51 72.68 4.64
C ASN A 280 -22.39 71.91 3.33
N THR A 281 -23.08 70.77 3.25
CA THR A 281 -23.23 70.01 2.00
C THR A 281 -23.88 70.87 0.92
N GLU A 282 -24.76 71.79 1.33
CA GLU A 282 -25.45 72.73 0.44
C GLU A 282 -24.52 73.73 -0.27
N TYR A 283 -23.25 73.75 0.11
CA TYR A 283 -22.32 74.74 -0.45
C TYR A 283 -21.25 74.14 -1.35
N VAL A 284 -21.43 72.88 -1.71
CA VAL A 284 -20.63 72.23 -2.75
C VAL A 284 -21.57 71.77 -3.86
N TYR A 285 -21.60 72.55 -4.95
CA TYR A 285 -22.52 72.30 -6.04
C TYR A 285 -21.75 71.67 -7.20
N GLN A 286 -22.13 70.43 -7.54
CA GLN A 286 -21.47 69.67 -8.59
C GLN A 286 -21.83 70.15 -9.99
N ASN A 287 -20.79 70.48 -10.77
CA ASN A 287 -20.94 70.84 -12.19
C ASN A 287 -20.81 69.63 -13.10
N GLY A 288 -21.15 69.83 -14.38
CA GLY A 288 -21.09 68.77 -15.40
C GLY A 288 -19.74 68.08 -15.55
N ASP A 289 -18.66 68.83 -15.33
CA ASP A 289 -17.29 68.31 -15.33
C ASP A 289 -16.92 67.83 -13.92
N GLY A 290 -15.63 67.86 -13.60
CA GLY A 290 -15.15 67.44 -12.28
C GLY A 290 -14.89 68.57 -11.31
N THR A 291 -15.60 69.69 -11.49
CA THR A 291 -15.44 70.87 -10.63
C THR A 291 -16.74 71.16 -9.88
N CYS A 292 -16.64 71.96 -8.83
CA CYS A 292 -17.79 72.31 -8.02
C CYS A 292 -17.80 73.81 -7.80
N LEU A 293 -19.00 74.40 -7.88
CA LEU A 293 -19.19 75.77 -7.43
C LEU A 293 -19.37 75.74 -5.93
N TRP A 294 -18.89 76.80 -5.27
CA TRP A 294 -19.32 77.13 -3.91
C TRP A 294 -20.81 77.54 -3.94
N GLY A 295 -21.55 77.26 -2.86
CA GLY A 295 -23.01 77.55 -2.83
C GLY A 295 -23.38 79.00 -2.60
N ILE A 296 -22.35 79.83 -2.39
CA ILE A 296 -22.51 81.27 -2.27
C ILE A 296 -21.71 81.94 -3.40
N GLN A 297 -22.35 82.94 -4.02
CA GLN A 297 -21.79 83.67 -5.13
C GLN A 297 -21.91 85.18 -4.91
N PRO A 298 -20.99 85.98 -5.50
CA PRO A 298 -21.06 87.44 -5.39
C PRO A 298 -22.12 88.00 -6.33
N SER A 299 -22.80 89.04 -5.89
CA SER A 299 -23.85 89.69 -6.68
C SER A 299 -24.20 91.07 -6.14
N ASP A 300 -24.72 91.94 -7.00
CA ASP A 300 -25.34 93.17 -6.55
C ASP A 300 -26.63 92.92 -5.76
N ASP A 301 -27.26 91.76 -5.97
CA ASP A 301 -28.52 91.40 -5.31
C ASP A 301 -28.30 90.30 -4.30
N THR A 302 -28.94 90.42 -3.13
CA THR A 302 -28.82 89.44 -2.06
C THR A 302 -30.00 88.48 -2.16
N ILE A 303 -29.68 87.20 -2.36
CA ILE A 303 -30.72 86.19 -2.60
C ILE A 303 -30.40 84.92 -1.83
N LEU A 304 -31.36 84.45 -1.04
CA LEU A 304 -31.28 83.12 -0.45
C LEU A 304 -32.14 82.19 -1.32
N GLY A 305 -31.47 81.36 -2.11
CA GLY A 305 -32.18 80.46 -3.01
C GLY A 305 -32.39 79.09 -2.41
N ASP A 306 -32.53 78.10 -3.30
CA ASP A 306 -32.93 76.76 -2.94
C ASP A 306 -31.99 76.10 -1.93
N ASN A 307 -30.70 76.38 -2.04
CA ASN A 307 -29.76 75.74 -1.13
C ASN A 307 -29.91 76.22 0.31
N PHE A 308 -30.59 77.36 0.49
CA PHE A 308 -31.00 77.82 1.81
C PHE A 308 -32.41 77.30 2.12
N LEU A 309 -33.32 77.54 1.19
CA LEU A 309 -34.76 77.30 1.37
C LEU A 309 -35.13 75.83 1.66
N ARG A 310 -34.36 74.87 1.13
CA ARG A 310 -34.59 73.45 1.48
C ARG A 310 -34.58 73.18 2.99
N HIS A 311 -33.97 74.08 3.76
CA HIS A 311 -33.84 73.86 5.21
C HIS A 311 -34.75 74.69 6.11
N ALA A 312 -35.68 75.39 5.47
CA ALA A 312 -36.66 76.20 6.18
C ALA A 312 -38.07 75.79 5.78
N TYR A 313 -39.01 75.91 6.70
CA TYR A 313 -40.42 75.89 6.33
C TYR A 313 -40.82 77.34 6.31
N LEU A 314 -41.42 77.78 5.19
CA LEU A 314 -41.73 79.18 5.01
C LEU A 314 -43.18 79.41 4.65
N LEU A 315 -43.81 80.28 5.43
CA LEU A 315 -45.17 80.74 5.15
C LEU A 315 -45.10 82.18 4.68
N TYR A 316 -45.17 82.34 3.36
CA TYR A 316 -45.15 83.66 2.74
C TYR A 316 -46.57 84.19 2.86
N ASN A 317 -46.72 85.40 3.41
CA ASN A 317 -48.03 86.04 3.49
C ASN A 317 -47.96 87.41 2.83
N LEU A 318 -48.47 87.48 1.60
CA LEU A 318 -48.40 88.67 0.77
CA LEU A 318 -48.45 88.44 0.76
C LEU A 318 -49.47 89.70 1.15
N ASP A 319 -50.47 89.29 1.92
CA ASP A 319 -51.45 90.23 2.47
C ASP A 319 -50.92 90.92 3.71
N ALA A 320 -50.28 90.16 4.60
CA ALA A 320 -49.76 90.68 5.87
C ALA A 320 -48.35 91.25 5.69
N ASN A 321 -47.74 90.92 4.55
CA ASN A 321 -46.36 91.31 4.26
C ASN A 321 -45.41 90.77 5.31
N THR A 322 -45.56 89.47 5.57
CA THR A 322 -44.67 88.74 6.44
C THR A 322 -44.26 87.43 5.77
N ILE A 323 -43.07 86.95 6.12
CA ILE A 323 -42.67 85.59 5.84
C ILE A 323 -42.32 84.92 7.17
N SER A 324 -43.06 83.87 7.52
CA SER A 324 -42.89 83.18 8.81
C SER A 324 -42.05 81.91 8.63
N ILE A 325 -41.03 81.76 9.48
CA ILE A 325 -39.96 80.82 9.20
C ILE A 325 -39.60 79.97 10.43
N ALA A 326 -39.35 78.68 10.18
CA ALA A 326 -38.89 77.75 11.20
C ALA A 326 -37.97 76.72 10.55
N GLN A 327 -37.08 76.12 11.35
CA GLN A 327 -36.26 74.99 10.90
C GLN A 327 -37.14 73.86 10.37
N VAL A 328 -36.84 73.39 9.15
CA VAL A 328 -37.68 72.37 8.50
C VAL A 328 -37.58 71.03 9.22
N LYS A 329 -38.67 70.27 9.19
CA LYS A 329 -38.71 68.91 9.69
C LYS A 329 -39.13 68.05 8.52
N TYR A 330 -38.21 67.24 8.01
CA TYR A 330 -38.54 66.35 6.88
C TYR A 330 -39.38 65.18 7.36
N THR A 331 -40.64 65.16 6.95
CA THR A 331 -41.57 64.12 7.34
C THR A 331 -42.75 64.01 6.38
N THR A 332 -43.26 62.78 6.20
CA THR A 332 -44.47 62.54 5.41
CA THR A 332 -44.47 62.57 5.41
C THR A 332 -45.73 62.84 6.24
N ASP A 333 -45.56 62.96 7.55
CA ASP A 333 -46.67 63.38 8.42
C ASP A 333 -47.12 64.78 8.02
N SER A 334 -48.42 65.00 8.12
CA SER A 334 -49.05 66.21 7.64
C SER A 334 -50.17 66.63 8.55
N SER A 335 -50.29 67.94 8.76
CA SER A 335 -51.44 68.52 9.45
CA SER A 335 -51.44 68.52 9.45
C SER A 335 -51.61 69.92 8.89
N ILE A 336 -52.34 70.00 7.78
CA ILE A 336 -52.51 71.23 7.03
C ILE A 336 -53.72 71.99 7.56
N SER A 337 -53.53 73.28 7.81
CA SER A 337 -54.63 74.16 8.18
C SER A 337 -54.62 75.37 7.25
N ALA A 338 -55.80 75.92 6.99
CA ALA A 338 -55.94 77.09 6.13
C ALA A 338 -55.31 78.32 6.80
N VAL A 339 -54.84 79.26 5.99
CA VAL A 339 -54.34 80.54 6.51
C VAL A 339 -55.21 81.70 6.00
CA IVA B 1 -27.89 77.35 -12.10
CB IVA B 1 -26.42 77.73 -11.93
CG1 IVA B 1 -26.24 78.92 -10.99
CG2 IVA B 1 -25.61 76.52 -11.47
C IVA B 1 -28.69 78.48 -12.69
O IVA B 1 -28.33 79.04 -13.72
N VAL B 2 -29.79 78.83 -12.00
CA VAL B 2 -30.70 79.86 -12.48
C VAL B 2 -30.95 80.89 -11.41
N VAL B 3 -31.36 82.09 -11.85
CA VAL B 3 -31.71 83.16 -10.94
C VAL B 3 -32.92 83.84 -11.53
N STA B 4 -34.11 83.60 -10.93
CA STA B 4 -35.38 83.98 -11.52
CB STA B 4 -36.12 82.73 -12.05
CG STA B 4 -35.34 81.81 -12.97
CD1 STA B 4 -36.05 80.45 -13.06
CD2 STA B 4 -35.21 82.41 -14.40
CH STA B 4 -36.25 84.74 -10.53
OH STA B 4 -36.42 83.92 -9.37
CM STA B 4 -35.63 86.06 -10.05
C STA B 4 -35.83 87.18 -11.06
O STA B 4 -35.05 87.34 -11.96
N ALA B 5 -36.92 87.93 -10.90
CA ALA B 5 -37.05 89.16 -11.68
C ALA B 5 -36.63 90.27 -10.79
N STA B 6 -35.44 90.83 -11.10
CA STA B 6 -34.65 91.62 -10.15
CB STA B 6 -33.21 91.11 -10.02
CG STA B 6 -33.05 89.65 -9.60
CD1 STA B 6 -31.57 89.28 -9.42
CD2 STA B 6 -33.82 89.29 -8.32
CH STA B 6 -34.60 93.09 -10.57
OH STA B 6 -35.92 93.55 -10.85
CM STA B 6 -34.06 93.97 -9.45
C STA B 6 -34.19 95.43 -9.84
O STA B 6 -35.25 96.06 -9.53
OXT STA B 6 -33.23 95.95 -10.48
N ASP C 1 -4.58 68.25 36.84
CA ASP C 1 -4.93 69.04 35.63
C ASP C 1 -4.35 68.42 34.37
N SER C 2 -5.22 68.25 33.39
CA SER C 2 -4.84 67.78 32.06
CA SER C 2 -4.80 67.82 32.07
C SER C 2 -5.47 68.73 31.07
N ILE C 3 -4.95 68.74 29.84
CA ILE C 3 -5.53 69.53 28.78
C ILE C 3 -5.76 68.64 27.57
N SER C 4 -7.03 68.39 27.23
CA SER C 4 -7.37 67.64 26.02
C SER C 4 -7.44 68.59 24.85
N LEU C 5 -6.89 68.16 23.73
CA LEU C 5 -6.89 68.93 22.51
C LEU C 5 -7.28 68.03 21.33
N SER C 6 -8.31 68.43 20.59
CA SER C 6 -8.78 67.63 19.48
C SER C 6 -7.80 67.61 18.29
N LEU C 7 -7.50 66.42 17.77
CA LEU C 7 -6.63 66.26 16.61
C LEU C 7 -7.46 66.03 15.35
N ILE C 8 -7.29 66.88 14.37
CA ILE C 8 -8.02 66.77 13.12
C ILE C 8 -7.25 65.87 12.16
N ASN C 9 -7.86 64.73 11.81
CA ASN C 9 -7.28 63.79 10.87
C ASN C 9 -7.34 64.39 9.47
N GLU C 10 -6.26 65.07 9.09
CA GLU C 10 -6.18 65.85 7.85
C GLU C 10 -5.68 65.04 6.65
N GLY C 11 -5.42 63.76 6.86
CA GLY C 11 -4.88 62.95 5.76
C GLY C 11 -3.45 62.60 6.09
N PRO C 12 -2.46 63.39 5.60
CA PRO C 12 -1.04 63.02 5.84
C PRO C 12 -0.52 63.35 7.25
N SER C 13 -1.27 64.16 7.98
CA SER C 13 -0.86 64.60 9.32
CA SER C 13 -0.86 64.64 9.30
C SER C 13 -2.09 64.97 10.15
N TYR C 14 -1.85 65.29 11.43
CA TYR C 14 -2.91 65.60 12.39
C TYR C 14 -2.65 66.99 12.90
N ALA C 15 -3.67 67.83 12.86
CA ALA C 15 -3.56 69.23 13.25
C ALA C 15 -4.58 69.62 14.34
N SER C 16 -4.28 70.70 15.07
CA SER C 16 -5.17 71.21 16.10
C SER C 16 -5.27 72.73 16.03
N LYS C 17 -6.39 73.24 16.53
CA LYS C 17 -6.57 74.67 16.73
C LYS C 17 -5.86 75.13 18.00
N VAL C 18 -5.03 76.16 17.85
CA VAL C 18 -4.26 76.78 18.93
C VAL C 18 -4.36 78.27 18.66
N SER C 19 -4.60 79.07 19.69
CA SER C 19 -4.65 80.51 19.52
C SER C 19 -3.40 81.21 20.04
N VAL C 20 -3.04 82.30 19.38
CA VAL C 20 -1.83 83.03 19.73
C VAL C 20 -2.12 84.53 19.81
N GLY C 21 -1.56 85.17 20.83
CA GLY C 21 -1.61 86.61 20.92
C GLY C 21 -2.64 87.12 21.91
N SER C 22 -2.55 88.41 22.24
CA SER C 22 -3.53 89.02 23.13
C SER C 22 -4.93 88.88 22.57
N ASN C 23 -5.04 88.94 21.25
CA ASN C 23 -6.34 88.81 20.56
C ASN C 23 -6.66 87.38 20.08
N LYS C 24 -5.94 86.41 20.65
CA LYS C 24 -6.19 84.97 20.43
C LYS C 24 -6.47 84.64 18.98
N GLN C 25 -5.46 84.84 18.14
CA GLN C 25 -5.55 84.53 16.72
C GLN C 25 -5.45 83.03 16.53
N GLN C 26 -6.54 82.43 16.03
CA GLN C 26 -6.56 80.97 15.90
C GLN C 26 -5.73 80.45 14.72
N GLN C 27 -4.87 79.49 15.01
CA GLN C 27 -4.06 78.82 13.98
C GLN C 27 -4.43 77.34 13.98
N THR C 28 -4.39 76.69 12.83
CA THR C 28 -4.53 75.23 12.77
C THR C 28 -3.17 74.67 12.41
N VAL C 29 -2.57 73.96 13.36
CA VAL C 29 -1.17 73.61 13.27
C VAL C 29 -0.96 72.11 13.49
N ILE C 30 0.03 71.55 12.81
CA ILE C 30 0.36 70.14 12.92
C ILE C 30 0.92 69.83 14.32
N ILE C 31 0.39 68.78 14.95
CA ILE C 31 0.90 68.33 16.26
C ILE C 31 2.04 67.35 15.98
N ASP C 32 3.24 67.69 16.40
CA ASP C 32 4.43 67.02 15.91
C ASP C 32 5.35 66.60 17.07
N THR C 33 5.30 65.32 17.45
CA THR C 33 6.25 64.81 18.49
C THR C 33 7.68 64.72 17.94
N GLY C 34 7.83 64.89 16.62
CA GLY C 34 9.13 64.76 15.94
C GLY C 34 9.97 66.03 15.83
N SER C 35 9.42 67.14 16.31
CA SER C 35 10.14 68.41 16.36
C SER C 35 9.74 69.13 17.63
N SER C 36 10.41 70.25 17.92
CA SER C 36 10.33 70.84 19.24
C SER C 36 9.98 72.32 19.26
N ASP C 37 9.74 72.90 18.09
CA ASP C 37 9.51 74.35 17.98
C ASP C 37 8.09 74.61 17.49
N PHE C 38 7.43 75.60 18.09
CA PHE C 38 6.09 76.00 17.68
C PHE C 38 6.27 77.21 16.77
N TRP C 39 5.87 77.11 15.50
CA TRP C 39 5.92 78.28 14.64
C TRP C 39 4.60 78.47 13.95
N VAL C 40 4.29 79.73 13.64
CA VAL C 40 3.04 80.10 13.00
C VAL C 40 3.32 80.80 11.66
N VAL C 41 2.37 80.74 10.74
CA VAL C 41 2.52 81.41 9.46
C VAL C 41 2.13 82.89 9.65
N ASP C 42 3.09 83.80 9.46
CA ASP C 42 2.80 85.23 9.44
C ASP C 42 1.79 85.58 8.34
N SER C 43 0.90 86.54 8.61
CA SER C 43 -0.11 86.93 7.64
CA SER C 43 -0.12 86.92 7.63
C SER C 43 0.53 87.45 6.35
N ASN C 44 1.75 87.97 6.47
CA ASN C 44 2.48 88.51 5.34
CA ASN C 44 2.48 88.51 5.33
C ASN C 44 3.60 87.57 4.85
N ALA C 45 3.53 86.30 5.24
CA ALA C 45 4.53 85.30 4.80
C ALA C 45 4.51 85.18 3.28
N GLN C 46 5.63 84.77 2.71
CA GLN C 46 5.67 84.33 1.33
C GLN C 46 5.78 82.82 1.35
N CYS C 47 4.74 82.14 0.86
CA CYS C 47 4.76 80.68 0.72
C CYS C 47 5.74 80.24 -0.36
N GLY C 48 6.23 79.01 -0.23
CA GLY C 48 7.07 78.40 -1.25
C GLY C 48 6.29 78.19 -2.52
N LYS C 49 7.01 77.93 -3.62
CA LYS C 49 6.37 77.73 -4.91
C LYS C 49 5.30 76.67 -4.83
N GLY C 50 4.09 77.04 -5.26
CA GLY C 50 2.96 76.11 -5.28
C GLY C 50 2.46 75.68 -3.91
N VAL C 51 2.88 76.35 -2.83
CA VAL C 51 2.38 76.02 -1.50
C VAL C 51 1.30 77.02 -1.05
N ASP C 52 0.14 76.51 -0.62
CA ASP C 52 -0.96 77.32 -0.12
C ASP C 52 -0.84 77.35 1.40
N CYS C 53 0.18 78.05 1.90
CA CYS C 53 0.59 77.98 3.31
C CYS C 53 -0.28 78.79 4.27
N LYS C 54 -1.18 79.61 3.72
CA LYS C 54 -2.02 80.46 4.56
C LYS C 54 -3.44 79.96 4.77
N SER C 55 -3.77 78.77 4.24
CA SER C 55 -5.14 78.30 4.27
C SER C 55 -5.53 77.67 5.62
N SER C 56 -4.59 77.55 6.56
CA SER C 56 -4.90 76.98 7.89
C SER C 56 -4.75 78.02 8.99
N GLY C 57 -4.95 79.29 8.63
CA GLY C 57 -4.81 80.39 9.58
C GLY C 57 -3.45 81.07 9.50
N THR C 58 -3.40 82.34 9.92
CA THR C 58 -2.12 83.06 9.99
C THR C 58 -2.08 83.95 11.24
N PHE C 59 -0.88 84.41 11.57
CA PHE C 59 -0.65 85.22 12.75
C PHE C 59 -0.13 86.60 12.34
N THR C 60 -0.77 87.64 12.89
CA THR C 60 -0.36 89.01 12.65
C THR C 60 0.21 89.54 13.96
N PRO C 61 1.56 89.57 14.09
CA PRO C 61 2.19 90.00 15.34
C PRO C 61 1.78 91.42 15.76
N SER C 62 1.63 92.31 14.78
CA SER C 62 1.27 93.71 15.07
C SER C 62 -0.13 93.88 15.68
N SER C 63 -0.98 92.87 15.54
CA SER C 63 -2.31 92.84 16.16
C SER C 63 -2.31 92.41 17.64
N SER C 64 -1.21 91.83 18.11
CA SER C 64 -1.13 91.36 19.49
C SER C 64 -0.37 92.31 20.36
N SER C 65 -1.04 92.87 21.37
CA SER C 65 -0.42 93.83 22.29
C SER C 65 0.72 93.20 23.10
N SER C 66 0.72 91.87 23.20
CA SER C 66 1.68 91.14 24.03
C SER C 66 2.84 90.50 23.26
N TYR C 67 2.84 90.63 21.94
CA TYR C 67 3.92 90.03 21.14
C TYR C 67 5.28 90.68 21.40
N LYS C 68 6.30 89.86 21.57
CA LYS C 68 7.66 90.38 21.78
C LYS C 68 8.59 89.83 20.73
N ASN C 69 9.23 90.72 19.98
CA ASN C 69 10.19 90.27 18.97
C ASN C 69 11.55 90.01 19.64
N LEU C 70 12.08 88.80 19.49
CA LEU C 70 13.36 88.46 20.11
C LEU C 70 14.52 88.87 19.21
N GLY C 71 14.23 89.15 17.94
CA GLY C 71 15.24 89.63 16.98
C GLY C 71 16.17 88.57 16.39
N ALA C 72 16.04 87.32 16.85
CA ALA C 72 16.93 86.27 16.40
C ALA C 72 16.27 85.58 15.20
N ALA C 73 17.08 85.20 14.22
CA ALA C 73 16.54 84.54 13.03
C ALA C 73 16.15 83.10 13.37
N PHE C 74 15.07 82.63 12.74
CA PHE C 74 14.64 81.24 12.86
C PHE C 74 14.79 80.50 11.55
N THR C 75 15.26 79.27 11.62
CA THR C 75 15.36 78.42 10.45
C THR C 75 15.20 76.95 10.86
N ILE C 76 14.43 76.20 10.09
CA ILE C 76 14.29 74.75 10.37
C ILE C 76 14.14 74.01 9.04
N ARG C 77 14.66 72.78 8.99
CA ARG C 77 14.48 71.93 7.82
C ARG C 77 14.01 70.57 8.30
N TYR C 78 12.96 70.06 7.70
CA TYR C 78 12.37 68.80 8.12
C TYR C 78 12.85 67.62 7.26
N GLY C 79 12.54 66.40 7.74
CA GLY C 79 13.02 65.15 7.15
C GLY C 79 12.64 65.01 5.69
N ASP C 80 11.46 65.52 5.35
CA ASP C 80 10.96 65.45 3.97
C ASP C 80 11.55 66.55 3.06
N GLY C 81 12.35 67.44 3.64
CA GLY C 81 13.05 68.50 2.88
C GLY C 81 12.38 69.85 2.94
N SER C 82 11.17 69.92 3.50
CA SER C 82 10.47 71.20 3.61
C SER C 82 11.14 72.05 4.69
N THR C 83 10.95 73.36 4.61
CA THR C 83 11.68 74.30 5.45
C THR C 83 10.77 75.46 5.86
N SER C 84 11.16 76.16 6.93
CA SER C 84 10.54 77.41 7.32
C SER C 84 11.63 78.33 7.83
N GLN C 85 11.47 79.63 7.59
CA GLN C 85 12.38 80.64 8.14
C GLN C 85 11.55 81.83 8.62
N GLY C 86 12.04 82.51 9.64
CA GLY C 86 11.40 83.73 10.13
C GLY C 86 12.21 84.30 11.28
N THR C 87 11.51 84.79 12.29
CA THR C 87 12.14 85.40 13.43
C THR C 87 11.54 84.82 14.69
N TRP C 88 12.35 84.70 15.74
CA TRP C 88 11.88 84.25 17.04
C TRP C 88 11.13 85.36 17.76
N GLY C 89 10.08 84.96 18.47
CA GLY C 89 9.26 85.89 19.24
C GLY C 89 8.74 85.23 20.50
N LYS C 90 7.99 85.98 21.29
CA LYS C 90 7.24 85.42 22.41
C LYS C 90 5.84 86.00 22.41
N ASP C 91 4.89 85.16 22.80
CA ASP C 91 3.51 85.62 23.00
C ASP C 91 2.72 84.62 23.84
N THR C 92 1.50 85.01 24.18
CA THR C 92 0.55 84.13 24.86
C THR C 92 0.03 83.08 23.88
N VAL C 93 0.01 81.83 24.34
CA VAL C 93 -0.45 80.69 23.53
C VAL C 93 -1.59 80.08 24.34
N THR C 94 -2.72 79.88 23.66
CA THR C 94 -3.87 79.29 24.34
CA THR C 94 -3.92 79.35 24.31
C THR C 94 -4.32 78.00 23.67
N ILE C 95 -4.45 76.96 24.48
CA ILE C 95 -4.74 75.60 24.02
C ILE C 95 -6.00 75.15 24.75
N ASN C 96 -7.07 74.91 23.99
CA ASN C 96 -8.37 74.60 24.60
C ASN C 96 -8.66 75.46 25.86
N GLY C 97 -8.53 76.77 25.74
CA GLY C 97 -8.89 77.68 26.82
C GLY C 97 -7.84 77.93 27.89
N VAL C 98 -6.75 77.15 27.87
CA VAL C 98 -5.68 77.30 28.86
C VAL C 98 -4.56 78.14 28.25
N SER C 99 -4.25 79.27 28.89
CA SER C 99 -3.24 80.20 28.36
C SER C 99 -1.89 80.10 29.07
N ILE C 100 -0.81 80.05 28.30
CA ILE C 100 0.53 80.26 28.84
C ILE C 100 1.12 81.58 28.32
N THR C 101 1.73 82.36 29.21
CA THR C 101 2.24 83.67 28.81
C THR C 101 3.72 83.58 28.47
N GLY C 102 4.16 84.50 27.60
CA GLY C 102 5.58 84.63 27.25
C GLY C 102 6.17 83.38 26.61
N GLN C 103 5.36 82.66 25.84
CA GLN C 103 5.82 81.42 25.21
C GLN C 103 6.64 81.76 23.97
N GLN C 104 7.87 81.22 23.89
CA GLN C 104 8.70 81.44 22.71
C GLN C 104 8.19 80.62 21.54
N ILE C 105 7.96 81.30 20.42
CA ILE C 105 7.48 80.72 19.17
C ILE C 105 8.28 81.36 18.01
N ALA C 106 8.15 80.81 16.79
CA ALA C 106 8.72 81.48 15.63
C ALA C 106 7.63 82.06 14.75
N ASP C 107 7.82 83.32 14.38
CA ASP C 107 6.96 84.00 13.42
C ASP C 107 7.56 83.76 12.04
N VAL C 108 6.95 82.87 11.26
CA VAL C 108 7.54 82.42 10.01
C VAL C 108 7.02 83.24 8.83
N THR C 109 7.97 83.79 8.06
CA THR C 109 7.66 84.69 6.96
C THR C 109 7.96 84.06 5.59
N GLN C 110 8.51 82.85 5.62
CA GLN C 110 8.69 82.04 4.39
C GLN C 110 8.64 80.56 4.75
N THR C 111 7.84 79.78 4.02
CA THR C 111 7.76 78.35 4.34
C THR C 111 7.29 77.54 3.15
N SER C 112 7.79 76.31 3.04
CA SER C 112 7.29 75.36 2.04
C SER C 112 6.40 74.29 2.69
N VAL C 113 6.16 74.45 4.00
CA VAL C 113 5.19 73.61 4.71
C VAL C 113 3.78 74.21 4.52
N ASP C 114 2.75 73.37 4.48
CA ASP C 114 1.37 73.78 4.21
C ASP C 114 0.73 74.58 5.35
N GLN C 115 1.29 74.48 6.55
CA GLN C 115 0.71 75.14 7.72
C GLN C 115 1.73 75.17 8.84
N GLY C 116 1.43 75.93 9.90
CA GLY C 116 2.27 75.96 11.09
C GLY C 116 2.39 74.62 11.78
N ILE C 117 3.37 74.50 12.69
CA ILE C 117 3.68 73.22 13.35
C ILE C 117 3.90 73.49 14.82
N LEU C 118 3.22 72.71 15.64
CA LEU C 118 3.43 72.77 17.11
C LEU C 118 4.33 71.57 17.46
N GLY C 119 5.63 71.83 17.52
CA GLY C 119 6.60 70.80 17.88
C GLY C 119 6.59 70.66 19.40
N ILE C 120 6.42 69.42 19.87
CA ILE C 120 6.27 69.14 21.30
C ILE C 120 7.30 68.12 21.83
N GLY C 121 8.38 67.91 21.07
CA GLY C 121 9.47 67.03 21.52
C GLY C 121 10.43 67.66 22.53
N TYR C 122 11.59 67.01 22.74
CA TYR C 122 12.58 67.48 23.70
C TYR C 122 13.15 68.85 23.36
N THR C 123 13.45 69.65 24.39
CA THR C 123 14.04 70.97 24.11
C THR C 123 15.39 70.83 23.43
N SER C 124 16.08 69.71 23.65
CA SER C 124 17.40 69.51 23.03
C SER C 124 17.35 69.41 21.51
N ASN C 125 16.16 69.26 20.95
CA ASN C 125 16.00 69.13 19.49
C ASN C 125 15.45 70.39 18.84
N GLU C 126 15.46 71.49 19.59
CA GLU C 126 15.04 72.78 19.07
C GLU C 126 15.96 73.23 17.94
N ALA C 127 15.35 73.80 16.89
CA ALA C 127 16.09 74.32 15.75
C ALA C 127 16.63 75.72 16.04
N VAL C 128 17.79 75.75 16.69
CA VAL C 128 18.42 76.99 17.15
C VAL C 128 19.81 77.19 16.53
N TYR C 129 20.03 76.61 15.35
CA TYR C 129 21.32 76.65 14.67
C TYR C 129 21.15 77.26 13.29
N ASP C 130 22.21 77.88 12.80
CA ASP C 130 22.24 78.32 11.43
C ASP C 130 22.65 77.15 10.56
N THR C 131 22.62 77.40 9.26
CA THR C 131 22.89 76.38 8.29
C THR C 131 24.40 76.32 8.06
N SER C 132 25.16 76.78 9.06
CA SER C 132 26.61 76.53 9.22
C SER C 132 26.87 75.53 10.36
N GLY C 133 25.81 75.15 11.09
CA GLY C 133 25.93 74.31 12.31
C GLY C 133 26.06 75.08 13.62
N ARG C 134 26.32 76.38 13.51
CA ARG C 134 26.52 77.28 14.63
C ARG C 134 25.22 77.58 15.38
N GLN C 135 25.27 77.57 16.72
CA GLN C 135 24.08 77.94 17.51
C GLN C 135 23.89 79.45 17.53
N THR C 136 22.73 79.90 17.08
CA THR C 136 22.49 81.34 16.93
C THR C 136 21.60 81.93 18.01
N THR C 137 20.95 81.05 18.78
CA THR C 137 20.06 81.47 19.88
C THR C 137 20.01 80.37 20.94
N PRO C 138 19.80 80.72 22.22
CA PRO C 138 19.80 79.70 23.29
C PRO C 138 18.67 78.68 23.17
N ASN C 139 18.89 77.46 23.65
CA ASN C 139 17.75 76.55 23.86
C ASN C 139 16.78 77.17 24.85
N TYR C 140 15.50 76.80 24.76
CA TYR C 140 14.47 77.54 25.50
C TYR C 140 13.36 76.60 25.98
N ASP C 141 12.45 77.11 26.79
CA ASP C 141 11.32 76.31 27.26
C ASP C 141 10.28 76.24 26.14
N ASN C 142 10.10 75.05 25.55
CA ASN C 142 9.09 74.93 24.49
C ASN C 142 7.73 74.68 25.12
N VAL C 143 6.67 74.51 24.32
CA VAL C 143 5.30 74.50 24.86
C VAL C 143 5.05 73.53 26.04
N PRO C 144 5.40 72.24 25.91
CA PRO C 144 5.19 71.33 27.05
C PRO C 144 5.95 71.75 28.31
N VAL C 145 7.17 72.24 28.15
CA VAL C 145 7.91 72.70 29.33
C VAL C 145 7.18 73.86 30.02
N THR C 146 6.67 74.80 29.24
CA THR C 146 6.01 75.97 29.78
C THR C 146 4.68 75.62 30.42
N LEU C 147 3.93 74.68 29.83
CA LEU C 147 2.72 74.18 30.48
C LEU C 147 3.05 73.65 31.88
N LYS C 148 4.14 72.90 32.00
CA LYS C 148 4.57 72.44 33.32
C LYS C 148 5.01 73.59 34.24
N LYS C 149 5.91 74.46 33.77
CA LYS C 149 6.42 75.56 34.58
C LYS C 149 5.32 76.49 35.06
N GLN C 150 4.31 76.73 34.21
CA GLN C 150 3.22 77.63 34.61
C GLN C 150 2.07 76.93 35.35
N GLY C 151 2.31 75.67 35.75
CA GLY C 151 1.40 74.96 36.65
C GLY C 151 0.13 74.46 35.99
N LYS C 152 0.15 74.34 34.66
CA LYS C 152 -1.00 73.88 33.89
C LYS C 152 -1.07 72.34 33.85
N ILE C 153 0.09 71.71 33.90
CA ILE C 153 0.22 70.24 34.04
C ILE C 153 1.33 69.96 35.07
N ARG C 154 1.32 68.75 35.62
CA ARG C 154 2.24 68.34 36.68
CA ARG C 154 2.23 68.35 36.68
C ARG C 154 3.57 67.84 36.14
N THR C 155 3.52 67.15 35.01
CA THR C 155 4.65 66.44 34.43
C THR C 155 4.72 66.82 32.97
N ASN C 156 5.94 66.93 32.42
CA ASN C 156 6.06 67.17 30.99
C ASN C 156 5.77 65.83 30.31
N ALA C 157 4.51 65.62 30.01
CA ALA C 157 4.03 64.35 29.43
C ALA C 157 2.73 64.58 28.69
N TYR C 158 2.47 63.72 27.71
CA TYR C 158 1.24 63.82 26.95
C TYR C 158 0.88 62.48 26.37
N SER C 159 -0.42 62.25 26.23
CA SER C 159 -0.97 61.02 25.65
C SER C 159 -1.46 61.25 24.24
N LEU C 160 -1.12 60.34 23.34
CA LEU C 160 -1.48 60.48 21.93
C LEU C 160 -2.48 59.40 21.50
N TYR C 161 -3.63 59.84 21.02
CA TYR C 161 -4.67 58.98 20.50
C TYR C 161 -5.06 59.49 19.11
N LEU C 162 -4.36 59.01 18.08
CA LEU C 162 -4.67 59.44 16.71
C LEU C 162 -6.06 58.98 16.29
N ASN C 163 -6.55 57.90 16.92
CA ASN C 163 -7.83 57.29 16.54
C ASN C 163 -7.71 56.48 15.23
N SER C 164 -8.84 55.92 14.80
CA SER C 164 -8.88 54.96 13.71
CA SER C 164 -8.93 54.97 13.70
C SER C 164 -8.58 55.60 12.35
N PRO C 165 -8.16 54.77 11.36
CA PRO C 165 -7.87 55.35 10.05
C PRO C 165 -9.05 56.13 9.46
N SER C 166 -10.28 55.67 9.73
CA SER C 166 -11.49 56.33 9.21
C SER C 166 -12.04 57.44 10.13
N ALA C 167 -11.42 57.64 11.30
CA ALA C 167 -11.91 58.63 12.26
C ALA C 167 -11.70 60.06 11.76
N GLU C 168 -12.62 60.98 12.06
CA GLU C 168 -12.48 62.41 11.74
CA GLU C 168 -12.38 62.38 11.68
C GLU C 168 -11.47 63.10 12.68
N THR C 169 -11.50 62.70 13.94
CA THR C 169 -10.69 63.34 14.99
C THR C 169 -10.11 62.34 15.98
N GLY C 170 -8.95 62.70 16.50
CA GLY C 170 -8.36 62.04 17.67
C GLY C 170 -8.17 63.07 18.78
N THR C 171 -7.31 62.74 19.75
CA THR C 171 -7.09 63.56 20.92
C THR C 171 -5.63 63.46 21.38
N ILE C 172 -5.02 64.59 21.70
CA ILE C 172 -3.80 64.60 22.50
C ILE C 172 -4.18 65.20 23.86
N ILE C 173 -3.69 64.58 24.93
CA ILE C 173 -3.89 65.10 26.25
C ILE C 173 -2.56 65.50 26.89
N PHE C 174 -2.34 66.79 27.11
CA PHE C 174 -1.17 67.23 27.87
C PHE C 174 -1.41 66.98 29.35
N GLY C 175 -0.46 66.30 29.99
CA GLY C 175 -0.49 66.11 31.44
C GLY C 175 -1.55 65.12 31.89
N GLY C 176 -1.90 64.19 31.01
CA GLY C 176 -2.94 63.23 31.35
C GLY C 176 -2.98 62.02 30.46
N VAL C 177 -3.78 61.04 30.86
CA VAL C 177 -3.89 59.78 30.15
C VAL C 177 -5.35 59.31 30.21
N ASP C 178 -5.88 58.87 29.08
CA ASP C 178 -7.24 58.32 29.04
C ASP C 178 -7.20 56.80 29.11
N ASN C 179 -7.48 56.29 30.31
CA ASN C 179 -7.39 54.85 30.57
C ASN C 179 -8.47 54.01 29.91
N ALA C 180 -9.49 54.66 29.35
CA ALA C 180 -10.50 53.92 28.58
C ALA C 180 -10.04 53.50 27.19
N LYS C 181 -8.97 54.13 26.69
CA LYS C 181 -8.63 54.05 25.27
C LYS C 181 -7.54 53.06 24.89
N TYR C 182 -7.26 52.10 25.78
CA TYR C 182 -6.36 51.01 25.42
C TYR C 182 -6.75 49.73 26.14
N SER C 183 -6.32 48.61 25.55
CA SER C 183 -6.47 47.25 26.13
C SER C 183 -5.22 46.84 26.90
N GLY C 184 -5.40 46.03 27.94
CA GLY C 184 -4.28 45.57 28.76
C GLY C 184 -3.68 46.73 29.52
N LYS C 185 -2.40 46.64 29.85
CA LYS C 185 -1.73 47.69 30.60
C LYS C 185 -0.72 48.42 29.76
N LEU C 186 -0.50 49.71 30.07
CA LEU C 186 0.56 50.45 29.41
C LEU C 186 1.90 49.82 29.84
N VAL C 187 2.82 49.69 28.88
CA VAL C 187 4.16 49.18 29.16
C VAL C 187 5.14 50.32 28.91
N ALA C 188 5.90 50.68 29.93
CA ALA C 188 6.91 51.73 29.81
C ALA C 188 8.10 51.27 28.97
N GLU C 189 8.43 52.02 27.93
CA GLU C 189 9.62 51.76 27.11
C GLU C 189 10.63 52.89 27.29
N GLN C 190 11.90 52.54 27.42
CA GLN C 190 13.00 53.48 27.62
C GLN C 190 13.26 54.33 26.37
N VAL C 191 13.23 55.65 26.52
CA VAL C 191 13.71 56.53 25.45
C VAL C 191 15.23 56.41 25.39
N THR C 192 15.74 56.17 24.18
CA THR C 192 17.13 55.78 24.00
C THR C 192 17.99 56.87 23.35
N SER C 193 17.41 58.06 23.19
CA SER C 193 18.05 59.20 22.53
C SER C 193 17.99 60.45 23.40
N SER C 194 19.03 61.28 23.29
CA SER C 194 19.09 62.58 23.92
CA SER C 194 19.08 62.59 23.93
C SER C 194 18.16 63.61 23.23
N GLN C 195 17.88 63.40 21.96
CA GLN C 195 17.20 64.45 21.20
C GLN C 195 15.85 64.03 20.67
N ALA C 196 15.66 62.72 20.47
CA ALA C 196 14.43 62.23 19.82
C ALA C 196 13.65 61.29 20.70
N LEU C 197 12.33 61.21 20.47
CA LEU C 197 11.45 60.36 21.25
C LEU C 197 11.47 58.97 20.62
N THR C 198 12.58 58.27 20.86
CA THR C 198 12.84 56.98 20.24
C THR C 198 12.95 55.87 21.29
N ILE C 199 12.40 54.71 20.95
CA ILE C 199 12.45 53.55 21.85
C ILE C 199 12.99 52.31 21.11
N SER C 200 13.44 51.29 21.86
CA SER C 200 14.00 50.10 21.22
C SER C 200 12.91 49.21 20.65
N LEU C 201 12.94 49.02 19.35
CA LEU C 201 12.06 48.07 18.66
C LEU C 201 12.80 46.74 18.51
N ALA C 202 12.27 45.70 19.15
CA ALA C 202 12.96 44.41 19.20
C ALA C 202 12.79 43.58 17.93
N SER C 203 11.57 43.60 17.36
CA SER C 203 11.28 42.78 16.19
C SER C 203 9.99 43.20 15.53
N VAL C 204 9.85 42.83 14.26
CA VAL C 204 8.61 43.01 13.52
C VAL C 204 8.19 41.62 13.03
N ASN C 205 6.91 41.30 13.23
CA ASN C 205 6.34 40.07 12.71
C ASN C 205 5.44 40.38 11.53
N LEU C 206 5.78 39.84 10.35
CA LEU C 206 5.02 40.07 9.13
C LEU C 206 4.80 38.74 8.43
N LYS C 207 3.56 38.52 7.97
CA LYS C 207 3.15 37.30 7.25
C LYS C 207 3.61 36.05 7.97
N GLY C 208 3.60 36.09 9.31
CA GLY C 208 3.98 34.95 10.13
C GLY C 208 5.47 34.66 10.14
N SER C 209 6.29 35.66 9.85
CA SER C 209 7.73 35.56 10.02
C SER C 209 8.20 36.66 10.97
N SER C 210 9.13 36.32 11.84
CA SER C 210 9.71 37.29 12.76
C SER C 210 10.97 37.88 12.16
N PHE C 211 11.08 39.21 12.20
CA PHE C 211 12.27 39.92 11.72
C PHE C 211 12.90 40.69 12.87
N SER C 212 14.07 40.23 13.32
CA SER C 212 14.74 40.83 14.48
C SER C 212 15.30 42.19 14.09
N PHE C 213 15.10 43.18 14.96
CA PHE C 213 15.57 44.54 14.73
C PHE C 213 16.55 44.87 15.86
N GLY C 214 16.10 45.61 16.87
CA GLY C 214 16.94 45.83 18.06
C GLY C 214 17.43 47.26 18.22
N ASP C 215 17.22 48.08 17.19
CA ASP C 215 17.62 49.48 17.24
C ASP C 215 16.45 50.41 17.57
N GLY C 216 16.74 51.71 17.66
CA GLY C 216 15.70 52.68 18.04
C GLY C 216 14.74 53.01 16.89
N ALA C 217 13.50 53.30 17.25
CA ALA C 217 12.51 53.77 16.32
C ALA C 217 11.90 55.05 16.87
N LEU C 218 11.92 56.14 16.08
CA LEU C 218 11.27 57.40 16.46
C LEU C 218 9.75 57.29 16.35
N LEU C 219 9.02 57.68 17.40
CA LEU C 219 7.55 57.60 17.42
C LEU C 219 6.95 58.96 17.10
N ASP C 220 6.83 59.23 15.81
CA ASP C 220 6.64 60.60 15.29
C ASP C 220 5.23 60.79 14.76
N SER C 221 4.44 61.54 15.50
CA SER C 221 3.10 61.93 15.03
C SER C 221 3.11 62.73 13.71
N GLY C 222 4.20 63.44 13.43
CA GLY C 222 4.31 64.28 12.22
C GLY C 222 4.94 63.58 11.02
N THR C 223 5.01 62.24 11.07
CA THR C 223 5.40 61.44 9.89
C THR C 223 4.22 60.56 9.49
N THR C 224 3.94 60.52 8.20
CA THR C 224 2.73 59.88 7.66
C THR C 224 2.89 58.33 7.67
N LEU C 225 4.05 57.87 7.20
CA LEU C 225 4.29 56.43 6.94
C LEU C 225 5.30 55.87 7.93
N THR C 226 5.84 54.69 7.61
CA THR C 226 6.84 54.03 8.48
C THR C 226 8.15 53.90 7.70
N TYR C 227 9.30 54.16 8.34
CA TYR C 227 10.59 54.17 7.64
C TYR C 227 11.58 53.27 8.37
N PHE C 228 12.26 52.41 7.60
CA PHE C 228 13.30 51.51 8.16
C PHE C 228 14.61 51.64 7.38
N PRO C 229 15.74 51.24 7.99
CA PRO C 229 16.98 51.16 7.23
C PRO C 229 16.77 50.31 5.97
N SER C 230 17.46 50.67 4.88
CA SER C 230 17.29 50.04 3.57
C SER C 230 17.31 48.52 3.60
N ASP C 231 18.29 47.95 4.28
CA ASP C 231 18.46 46.49 4.29
C ASP C 231 17.26 45.82 4.97
N PHE C 232 16.85 46.36 6.13
CA PHE C 232 15.69 45.85 6.88
C PHE C 232 14.39 46.01 6.11
N ALA C 233 14.18 47.19 5.53
CA ALA C 233 13.01 47.46 4.70
C ALA C 233 12.92 46.48 3.52
N ALA C 234 14.07 46.14 2.92
CA ALA C 234 14.10 45.19 1.78
C ALA C 234 13.67 43.79 2.19
N GLN C 235 14.08 43.35 3.38
CA GLN C 235 13.66 42.05 3.92
C GLN C 235 12.15 42.02 4.10
N LEU C 236 11.61 43.09 4.67
CA LEU C 236 10.17 43.20 4.87
C LEU C 236 9.45 43.29 3.53
N ALA C 237 9.99 44.11 2.63
CA ALA C 237 9.41 44.29 1.29
C ALA C 237 9.30 42.97 0.55
N ASP C 238 10.36 42.16 0.62
CA ASP C 238 10.37 40.86 -0.07
C ASP C 238 9.25 39.96 0.44
N LYS C 239 9.08 39.95 1.76
CA LYS C 239 8.00 39.21 2.40
C LYS C 239 6.63 39.75 2.02
N ALA C 240 6.51 41.07 2.02
CA ALA C 240 5.24 41.75 1.73
C ALA C 240 4.88 41.73 0.25
N GLY C 241 5.89 41.56 -0.61
CA GLY C 241 5.68 41.57 -2.06
C GLY C 241 5.69 42.97 -2.64
N ALA C 242 6.27 43.92 -1.90
CA ALA C 242 6.42 45.28 -2.39
C ALA C 242 7.61 45.34 -3.34
N ARG C 243 7.62 46.32 -4.23
CA ARG C 243 8.64 46.44 -5.27
C ARG C 243 9.25 47.83 -5.21
N LEU C 244 10.58 47.92 -5.24
CA LEU C 244 11.25 49.22 -5.18
C LEU C 244 11.22 49.97 -6.50
N VAL C 245 10.86 51.24 -6.45
CA VAL C 245 10.78 52.08 -7.65
C VAL C 245 11.55 53.37 -7.41
N GLN C 246 12.52 53.68 -8.29
CA GLN C 246 13.18 54.98 -8.23
C GLN C 246 12.21 56.01 -8.80
N VAL C 247 11.71 56.90 -7.94
CA VAL C 247 10.71 57.90 -8.35
C VAL C 247 11.34 59.25 -8.68
N ALA C 248 12.59 59.44 -8.25
CA ALA C 248 13.34 60.66 -8.56
C ALA C 248 14.83 60.39 -8.47
N ARG C 249 15.66 61.39 -8.76
CA ARG C 249 17.11 61.19 -8.78
CA ARG C 249 17.11 61.21 -8.77
C ARG C 249 17.59 60.40 -7.57
N ASP C 250 17.26 60.87 -6.36
CA ASP C 250 17.78 60.23 -5.16
C ASP C 250 16.67 59.72 -4.24
N GLN C 251 15.53 59.37 -4.83
CA GLN C 251 14.45 58.85 -4.02
C GLN C 251 13.94 57.54 -4.55
N TYR C 252 13.88 56.57 -3.65
CA TYR C 252 13.32 55.25 -3.96
C TYR C 252 12.14 54.98 -3.05
N LEU C 253 11.00 54.63 -3.64
CA LEU C 253 9.83 54.25 -2.88
C LEU C 253 9.37 52.83 -3.19
N TYR C 254 8.93 52.09 -2.17
CA TYR C 254 8.24 50.83 -2.40
C TYR C 254 6.81 51.07 -2.81
N PHE C 255 6.39 50.39 -3.88
CA PHE C 255 4.99 50.34 -4.29
C PHE C 255 4.48 48.92 -4.05
N ILE C 256 3.16 48.76 -4.03
CA ILE C 256 2.54 47.45 -3.83
C ILE C 256 1.21 47.43 -4.56
N ASP C 257 0.76 46.25 -5.00
CA ASP C 257 -0.51 46.11 -5.71
C ASP C 257 -1.62 46.71 -4.85
N CYS C 258 -2.42 47.61 -5.43
CA CYS C 258 -3.54 48.23 -4.70
C CYS C 258 -4.50 47.19 -4.15
N ASN C 259 -4.59 46.06 -4.85
CA ASN C 259 -5.41 44.93 -4.44
C ASN C 259 -4.74 43.85 -3.58
N THR C 260 -3.54 44.11 -3.04
CA THR C 260 -2.88 43.13 -2.17
CA THR C 260 -2.89 43.13 -2.18
C THR C 260 -3.79 42.70 -1.01
N ASP C 261 -3.62 41.46 -0.56
CA ASP C 261 -4.36 40.92 0.58
C ASP C 261 -3.93 41.67 1.83
N THR C 262 -4.87 42.42 2.41
CA THR C 262 -4.57 43.22 3.61
C THR C 262 -5.29 42.68 4.84
N SER C 263 -5.75 41.43 4.77
CA SER C 263 -6.47 40.81 5.89
C SER C 263 -5.60 40.46 7.11
N GLY C 264 -4.29 40.42 6.91
CA GLY C 264 -3.39 40.09 8.01
C GLY C 264 -2.98 41.29 8.83
N THR C 265 -2.01 41.11 9.73
CA THR C 265 -1.51 42.18 10.58
C THR C 265 0.00 42.16 10.62
N THR C 266 0.59 43.29 11.02
CA THR C 266 2.02 43.40 11.24
C THR C 266 2.23 43.77 12.71
N VAL C 267 3.09 43.02 13.40
CA VAL C 267 3.21 43.17 14.85
C VAL C 267 4.57 43.73 15.23
N PHE C 268 4.53 44.74 16.09
CA PHE C 268 5.73 45.44 16.54
C PHE C 268 5.99 45.13 18.00
N ASN C 269 7.14 44.55 18.29
CA ASN C 269 7.50 44.16 19.65
C ASN C 269 8.66 45.01 20.16
N PHE C 270 8.49 45.60 21.34
CA PHE C 270 9.44 46.55 21.87
C PHE C 270 10.26 45.96 23.00
N GLY C 271 11.37 46.62 23.33
CA GLY C 271 12.33 46.11 24.31
C GLY C 271 11.78 45.63 25.65
N ASN C 272 10.83 46.39 26.22
CA ASN C 272 10.32 46.05 27.54
C ASN C 272 9.02 45.24 27.46
N GLY C 273 8.66 44.83 26.26
CA GLY C 273 7.53 43.92 26.06
C GLY C 273 6.28 44.56 25.51
N ALA C 274 6.30 45.87 25.27
CA ALA C 274 5.17 46.49 24.60
C ALA C 274 4.94 45.79 23.25
N LYS C 275 3.67 45.69 22.85
CA LYS C 275 3.30 44.96 21.64
C LYS C 275 2.15 45.70 20.95
N ILE C 276 2.36 46.09 19.70
CA ILE C 276 1.31 46.76 18.92
C ILE C 276 1.06 46.00 17.64
N THR C 277 -0.21 45.71 17.38
CA THR C 277 -0.64 44.95 16.19
C THR C 277 -1.33 45.92 15.22
N VAL C 278 -0.80 46.01 14.00
CA VAL C 278 -1.26 47.00 13.02
C VAL C 278 -1.97 46.25 11.89
N PRO C 279 -3.23 46.64 11.55
CA PRO C 279 -3.88 45.94 10.43
C PRO C 279 -3.14 46.23 9.12
N ASN C 280 -3.07 45.25 8.22
CA ASN C 280 -2.23 45.42 7.04
C ASN C 280 -2.80 46.43 6.04
N THR C 281 -4.05 46.84 6.28
CA THR C 281 -4.64 47.94 5.52
C THR C 281 -3.77 49.19 5.61
N GLU C 282 -3.00 49.32 6.70
CA GLU C 282 -2.17 50.49 6.92
C GLU C 282 -0.95 50.55 6.00
N TYR C 283 -0.73 49.50 5.22
CA TYR C 283 0.46 49.44 4.38
C TYR C 283 0.14 49.58 2.90
N VAL C 284 -1.10 49.95 2.59
CA VAL C 284 -1.47 50.25 1.22
C VAL C 284 -1.95 51.70 1.16
N TYR C 285 -1.09 52.58 0.64
CA TYR C 285 -1.32 54.03 0.65
C TYR C 285 -1.72 54.44 -0.75
N GLN C 286 -2.97 54.85 -0.89
CA GLN C 286 -3.52 55.19 -2.20
C GLN C 286 -2.89 56.45 -2.76
N ASN C 287 -2.27 56.33 -3.93
CA ASN C 287 -1.86 57.49 -4.71
C ASN C 287 -3.05 57.84 -5.62
N GLY C 288 -3.00 59.00 -6.26
CA GLY C 288 -4.13 59.45 -7.06
C GLY C 288 -4.27 58.76 -8.42
N ASP C 289 -3.21 58.05 -8.83
CA ASP C 289 -3.05 57.61 -10.22
C ASP C 289 -3.35 56.12 -10.46
N GLY C 290 -3.98 55.47 -9.50
CA GLY C 290 -4.23 54.03 -9.60
C GLY C 290 -3.01 53.20 -9.22
N THR C 291 -2.06 53.84 -8.53
CA THR C 291 -0.92 53.13 -7.94
C THR C 291 -0.98 53.32 -6.44
N CYS C 292 -0.34 52.42 -5.71
CA CYS C 292 -0.32 52.47 -4.26
C CYS C 292 1.12 52.40 -3.76
N LEU C 293 1.49 53.28 -2.83
CA LEU C 293 2.73 53.11 -2.07
C LEU C 293 2.53 52.02 -1.03
N TRP C 294 3.59 51.26 -0.75
CA TRP C 294 3.63 50.45 0.45
C TRP C 294 3.79 51.39 1.67
N GLY C 295 3.27 50.99 2.82
CA GLY C 295 3.31 51.85 4.03
C GLY C 295 4.62 51.82 4.79
N ILE C 296 5.57 51.06 4.27
CA ILE C 296 6.94 51.02 4.78
C ILE C 296 7.88 51.48 3.67
N GLN C 297 8.83 52.35 4.03
CA GLN C 297 9.76 52.95 3.06
C GLN C 297 11.21 52.92 3.57
N PRO C 298 12.21 52.87 2.66
CA PRO C 298 13.60 52.87 3.12
C PRO C 298 14.10 54.27 3.48
N SER C 299 14.98 54.33 4.47
CA SER C 299 15.49 55.61 4.96
C SER C 299 16.73 55.37 5.81
N ASP C 300 17.61 56.37 5.94
CA ASP C 300 18.64 56.30 6.96
CA ASP C 300 18.66 56.33 6.96
C ASP C 300 18.07 56.44 8.37
N ASP C 301 16.82 56.92 8.47
CA ASP C 301 16.16 57.13 9.77
C ASP C 301 15.08 56.08 10.01
N THR C 302 14.91 55.66 11.26
CA THR C 302 13.88 54.68 11.59
C THR C 302 12.76 55.41 12.32
N ILE C 303 11.59 55.39 11.68
CA ILE C 303 10.48 56.22 12.13
C ILE C 303 9.20 55.42 12.05
N LEU C 304 8.49 55.32 13.17
CA LEU C 304 7.16 54.73 13.19
C LEU C 304 6.20 55.92 13.20
N GLY C 305 5.58 56.18 12.06
CA GLY C 305 4.66 57.30 11.92
C GLY C 305 3.18 56.97 12.11
N ASP C 306 2.32 57.79 11.52
CA ASP C 306 0.88 57.74 11.82
C ASP C 306 0.29 56.35 11.52
N ASN C 307 0.80 55.70 10.49
CA ASN C 307 0.20 54.39 10.10
C ASN C 307 0.49 53.29 11.14
N PHE C 308 1.50 53.53 12.00
CA PHE C 308 1.73 52.72 13.18
C PHE C 308 0.95 53.29 14.37
N LEU C 309 1.16 54.57 14.64
CA LEU C 309 0.68 55.22 15.86
C LEU C 309 -0.85 55.21 16.01
N ARG C 310 -1.58 55.15 14.90
CA ARG C 310 -3.06 55.02 15.00
C ARG C 310 -3.49 53.80 15.81
N HIS C 311 -2.61 52.81 15.91
CA HIS C 311 -2.96 51.54 16.55
C HIS C 311 -2.41 51.37 17.96
N ALA C 312 -1.83 52.46 18.47
CA ALA C 312 -1.27 52.47 19.82
C ALA C 312 -1.90 53.60 20.61
N TYR C 313 -1.98 53.40 21.94
CA TYR C 313 -2.21 54.51 22.83
C TYR C 313 -0.83 54.77 23.44
N LEU C 314 -0.36 55.99 23.37
CA LEU C 314 1.01 56.29 23.81
C LEU C 314 0.97 57.38 24.87
N LEU C 315 1.67 57.15 25.98
CA LEU C 315 1.91 58.18 26.95
C LEU C 315 3.39 58.57 26.93
N TYR C 316 3.68 59.70 26.29
CA TYR C 316 5.05 60.21 26.20
C TYR C 316 5.39 60.96 27.48
N ASN C 317 6.49 60.61 28.13
CA ASN C 317 6.86 61.27 29.39
C ASN C 317 8.26 61.82 29.23
N LEU C 318 8.34 63.12 28.99
CA LEU C 318 9.63 63.73 28.67
CA LEU C 318 9.41 63.61 28.69
C LEU C 318 10.46 64.01 29.92
N ASP C 319 9.85 63.87 31.09
CA ASP C 319 10.57 64.02 32.35
C ASP C 319 11.27 62.72 32.75
N ALA C 320 10.52 61.63 32.69
CA ALA C 320 11.00 60.27 32.96
C ALA C 320 11.80 59.67 31.79
N ASN C 321 11.70 60.28 30.60
CA ASN C 321 12.30 59.73 29.39
C ASN C 321 11.81 58.30 29.14
N THR C 322 10.49 58.15 29.16
CA THR C 322 9.86 56.87 28.81
C THR C 322 8.69 57.14 27.87
N ILE C 323 8.34 56.15 27.08
CA ILE C 323 7.05 56.22 26.34
C ILE C 323 6.32 54.92 26.67
N SER C 324 5.12 55.06 27.23
CA SER C 324 4.32 53.90 27.70
C SER C 324 3.24 53.62 26.70
N ILE C 325 3.14 52.35 26.31
CA ILE C 325 2.42 51.97 25.11
C ILE C 325 1.50 50.78 25.39
N ALA C 326 0.30 50.81 24.78
CA ALA C 326 -0.61 49.67 24.83
C ALA C 326 -1.43 49.68 23.54
N GLN C 327 -1.99 48.53 23.17
CA GLN C 327 -2.85 48.41 22.00
C GLN C 327 -4.04 49.33 22.17
N VAL C 328 -4.32 50.14 21.15
CA VAL C 328 -5.43 51.10 21.23
C VAL C 328 -6.77 50.37 21.32
N LYS C 329 -7.72 51.01 22.01
CA LYS C 329 -9.10 50.62 21.99
C LYS C 329 -9.88 51.84 21.53
N TYR C 330 -10.49 51.75 20.35
CA TYR C 330 -11.26 52.86 19.79
C TYR C 330 -12.58 52.93 20.50
N THR C 331 -12.77 54.01 21.24
CA THR C 331 -14.00 54.21 21.98
C THR C 331 -14.16 55.67 22.31
N THR C 332 -15.40 56.15 22.38
CA THR C 332 -15.68 57.48 22.87
CA THR C 332 -15.66 57.49 22.89
C THR C 332 -15.69 57.51 24.41
N ASP C 333 -15.68 56.32 25.03
CA ASP C 333 -15.61 56.26 26.49
C ASP C 333 -14.34 56.95 26.92
N SER C 334 -14.40 57.64 28.06
CA SER C 334 -13.27 58.40 28.60
CA SER C 334 -13.26 58.38 28.59
C SER C 334 -13.11 58.21 30.10
N SER C 335 -11.86 58.02 30.55
CA SER C 335 -11.55 57.97 31.96
CA SER C 335 -11.55 58.00 31.97
C SER C 335 -10.15 58.56 32.13
N ILE C 336 -10.07 59.89 32.12
CA ILE C 336 -8.80 60.60 32.13
C ILE C 336 -8.31 60.83 33.55
N SER C 337 -7.04 60.51 33.79
CA SER C 337 -6.41 60.91 35.03
C SER C 337 -5.13 61.71 34.76
N ALA C 338 -4.78 62.60 35.68
CA ALA C 338 -3.61 63.45 35.54
C ALA C 338 -2.33 62.63 35.58
N VAL C 339 -1.33 63.10 34.85
CA VAL C 339 0.03 62.54 34.90
C VAL C 339 0.95 63.68 35.33
CA IVA D 1 3.26 62.08 2.90
CB IVA D 1 3.84 61.16 1.84
CG1 IVA D 1 5.02 60.36 2.37
CG2 IVA D 1 2.77 60.22 1.31
C IVA D 1 4.26 63.13 3.35
O IVA D 1 4.90 63.80 2.54
N VAL D 2 4.37 63.30 4.66
CA VAL D 2 5.32 64.26 5.23
C VAL D 2 6.21 63.56 6.22
N VAL D 3 7.35 64.17 6.53
CA VAL D 3 8.22 63.68 7.61
C VAL D 3 8.69 64.89 8.36
N STA D 4 8.18 65.08 9.57
CA STA D 4 8.41 66.30 10.36
CB STA D 4 7.10 67.13 10.48
CG STA D 4 6.43 67.40 9.12
CD1 STA D 4 5.00 67.91 9.36
CD2 STA D 4 7.25 68.39 8.30
CH STA D 4 8.88 65.95 11.78
OH STA D 4 7.92 65.10 12.41
CM STA D 4 10.23 65.21 11.81
C STA D 4 11.37 66.18 11.58
O STA D 4 11.72 66.44 10.43
N ALA D 5 11.99 66.67 12.68
CA ALA D 5 13.26 67.37 12.60
C ALA D 5 14.33 66.38 12.99
N STA D 6 15.12 65.99 12.00
CA STA D 6 15.93 64.79 12.11
CB STA D 6 15.67 63.84 10.94
CG STA D 6 14.20 63.44 10.70
CD1 STA D 6 14.20 62.42 9.56
CD2 STA D 6 13.48 62.80 11.89
CH STA D 6 17.41 65.21 12.18
OH STA D 6 17.62 66.08 13.31
CM STA D 6 18.40 64.06 12.28
C STA D 6 19.80 64.68 12.27
O STA D 6 20.53 64.48 13.27
OXT STA D 6 20.18 65.39 11.30
N ASP E 1 46.55 0.40 14.46
CA ASP E 1 47.77 0.08 15.24
C ASP E 1 48.89 -0.41 14.31
N SER E 2 48.50 -1.15 13.28
CA SER E 2 49.42 -1.61 12.22
CA SER E 2 49.45 -1.55 12.23
C SER E 2 48.87 -1.19 10.87
N ILE E 3 49.76 -1.06 9.87
CA ILE E 3 49.33 -0.74 8.52
C ILE E 3 49.91 -1.77 7.56
N SER E 4 49.04 -2.62 7.01
CA SER E 4 49.47 -3.58 5.98
C SER E 4 49.42 -2.90 4.62
N LEU E 5 50.46 -3.12 3.83
CA LEU E 5 50.55 -2.55 2.50
C LEU E 5 51.02 -3.64 1.55
N SER E 6 50.26 -3.83 0.48
CA SER E 6 50.52 -4.90 -0.47
C SER E 6 51.77 -4.57 -1.28
N LEU E 7 52.63 -5.57 -1.45
CA LEU E 7 53.84 -5.44 -2.25
C LEU E 7 53.60 -6.16 -3.56
N ILE E 8 53.75 -5.44 -4.67
CA ILE E 8 53.58 -6.04 -5.99
C ILE E 8 54.92 -6.65 -6.43
N ASN E 9 54.91 -7.96 -6.71
CA ASN E 9 56.08 -8.66 -7.25
C ASN E 9 56.23 -8.28 -8.73
N GLU E 10 57.04 -7.26 -8.99
CA GLU E 10 57.14 -6.63 -10.31
C GLU E 10 58.29 -7.17 -11.14
N GLY E 11 59.06 -8.09 -10.57
CA GLY E 11 60.16 -8.68 -11.31
C GLY E 11 61.44 -8.42 -10.57
N PRO E 12 62.17 -7.34 -10.94
CA PRO E 12 63.43 -7.11 -10.23
C PRO E 12 63.23 -6.40 -8.88
N SER E 13 62.01 -5.97 -8.59
CA SER E 13 61.75 -5.23 -7.35
CA SER E 13 61.75 -5.26 -7.34
C SER E 13 60.29 -5.35 -6.93
N TYR E 14 59.99 -4.83 -5.73
CA TYR E 14 58.65 -4.82 -5.17
C TYR E 14 58.17 -3.39 -4.95
N ALA E 15 56.96 -3.13 -5.43
CA ALA E 15 56.39 -1.79 -5.44
C ALA E 15 55.04 -1.79 -4.71
N SER E 16 54.67 -0.62 -4.17
CA SER E 16 53.35 -0.46 -3.57
C SER E 16 52.69 0.83 -4.06
N LYS E 17 51.36 0.84 -4.03
CA LYS E 17 50.60 2.06 -4.33
C LYS E 17 50.59 2.93 -3.08
N VAL E 18 50.93 4.20 -3.29
CA VAL E 18 50.96 5.21 -2.25
CA VAL E 18 50.90 5.20 -2.24
C VAL E 18 50.37 6.50 -2.85
N SER E 19 49.47 7.15 -2.12
CA SER E 19 48.86 8.36 -2.68
C SER E 19 49.48 9.58 -2.05
N VAL E 20 49.69 10.61 -2.86
CA VAL E 20 50.33 11.85 -2.41
C VAL E 20 49.48 13.05 -2.79
N GLY E 21 49.31 13.97 -1.85
CA GLY E 21 48.68 15.25 -2.12
C GLY E 21 47.23 15.33 -1.68
N SER E 22 46.72 16.55 -1.61
CA SER E 22 45.32 16.82 -1.27
C SER E 22 44.39 16.04 -2.20
N ASN E 23 44.81 15.85 -3.45
CA ASN E 23 44.00 15.13 -4.43
C ASN E 23 44.40 13.66 -4.58
N LYS E 24 45.17 13.16 -3.61
CA LYS E 24 45.55 11.74 -3.51
C LYS E 24 45.95 11.10 -4.84
N GLN E 25 46.99 11.67 -5.44
CA GLN E 25 47.56 11.19 -6.68
C GLN E 25 48.33 9.90 -6.43
N GLN E 26 47.87 8.81 -7.03
CA GLN E 26 48.45 7.50 -6.75
C GLN E 26 49.78 7.34 -7.44
N GLN E 27 50.76 6.85 -6.70
CA GLN E 27 52.07 6.52 -7.22
C GLN E 27 52.32 5.06 -6.93
N THR E 28 52.96 4.36 -7.85
CA THR E 28 53.42 3.01 -7.59
C THR E 28 54.95 3.09 -7.47
N VAL E 29 55.43 2.86 -6.26
CA VAL E 29 56.82 3.11 -5.92
C VAL E 29 57.51 1.91 -5.27
N ILE E 30 58.82 1.81 -5.46
CA ILE E 30 59.58 0.69 -4.94
C ILE E 30 59.71 0.79 -3.43
N ILE E 31 59.49 -0.31 -2.73
CA ILE E 31 59.64 -0.33 -1.29
C ILE E 31 61.08 -0.73 -0.98
N ASP E 32 61.82 0.20 -0.41
CA ASP E 32 63.28 0.10 -0.36
C ASP E 32 63.85 0.28 1.05
N THR E 33 64.23 -0.83 1.69
CA THR E 33 64.84 -0.77 3.03
C THR E 33 66.29 -0.29 2.95
N GLY E 34 66.81 -0.19 1.72
CA GLY E 34 68.21 0.19 1.47
C GLY E 34 68.42 1.68 1.20
N SER E 35 67.34 2.45 1.22
CA SER E 35 67.44 3.91 1.17
C SER E 35 66.40 4.53 2.10
N SER E 36 66.42 5.85 2.26
CA SER E 36 65.64 6.48 3.31
C SER E 36 64.76 7.64 2.90
N ASP E 37 64.74 7.95 1.61
CA ASP E 37 63.98 9.06 1.10
C ASP E 37 62.83 8.57 0.24
N PHE E 38 61.67 9.21 0.38
CA PHE E 38 60.54 8.95 -0.50
C PHE E 38 60.57 10.02 -1.59
N TRP E 39 60.74 9.61 -2.85
CA TRP E 39 60.62 10.56 -3.97
C TRP E 39 59.65 10.06 -5.03
N VAL E 40 59.03 11.01 -5.73
CA VAL E 40 58.01 10.70 -6.76
C VAL E 40 58.43 11.33 -8.07
N VAL E 41 57.96 10.76 -9.17
CA VAL E 41 58.28 11.23 -10.50
C VAL E 41 57.35 12.39 -10.83
N ASP E 42 57.93 13.57 -11.05
CA ASP E 42 57.14 14.74 -11.44
C ASP E 42 56.46 14.48 -12.79
N SER E 43 55.23 14.95 -12.95
CA SER E 43 54.52 14.78 -14.21
CA SER E 43 54.51 14.80 -14.21
C SER E 43 55.30 15.34 -15.40
N ASN E 44 56.06 16.41 -15.18
CA ASN E 44 56.85 17.02 -16.25
CA ASN E 44 56.86 17.02 -16.24
C ASN E 44 58.32 16.55 -16.28
N ALA E 45 58.61 15.46 -15.56
CA ALA E 45 59.98 14.93 -15.47
C ALA E 45 60.58 14.61 -16.84
N GLN E 46 61.90 14.66 -16.92
CA GLN E 46 62.65 14.27 -18.11
CA GLN E 46 62.64 14.26 -18.11
C GLN E 46 63.33 12.95 -17.79
N CYS E 47 62.74 11.84 -18.25
CA CYS E 47 63.29 10.53 -17.96
C CYS E 47 64.69 10.38 -18.59
N GLY E 48 65.55 9.59 -17.95
CA GLY E 48 66.87 9.29 -18.49
C GLY E 48 66.69 8.58 -19.82
N LYS E 49 67.77 8.51 -20.60
CA LYS E 49 67.68 7.94 -21.95
C LYS E 49 67.27 6.47 -21.89
N GLY E 50 66.23 6.11 -22.64
CA GLY E 50 65.70 4.73 -22.62
C GLY E 50 64.87 4.30 -21.40
N VAL E 51 64.50 5.23 -20.54
CA VAL E 51 63.83 4.89 -19.29
C VAL E 51 62.39 5.36 -19.35
N ASP E 52 61.47 4.44 -19.06
CA ASP E 52 60.03 4.74 -19.08
C ASP E 52 59.62 5.11 -17.66
N CYS E 53 60.11 6.24 -17.18
CA CYS E 53 60.03 6.56 -15.76
C CYS E 53 58.63 6.97 -15.27
N LYS E 54 57.74 7.29 -16.21
CA LYS E 54 56.42 7.78 -15.85
C LYS E 54 55.34 6.70 -15.82
N SER E 55 55.73 5.46 -16.15
CA SER E 55 54.77 4.38 -16.33
C SER E 55 54.20 3.77 -15.05
N SER E 56 54.70 4.18 -13.90
CA SER E 56 54.18 3.74 -12.60
C SER E 56 53.52 4.91 -11.85
N GLY E 57 53.00 5.88 -12.61
CA GLY E 57 52.34 7.05 -12.02
C GLY E 57 53.28 8.25 -11.95
N THR E 58 52.70 9.45 -11.96
CA THR E 58 53.47 10.68 -11.74
C THR E 58 52.72 11.62 -10.81
N PHE E 59 53.43 12.62 -10.29
CA PHE E 59 52.92 13.56 -9.31
C PHE E 59 52.94 14.97 -9.89
N THR E 60 51.83 15.68 -9.74
CA THR E 60 51.73 17.08 -10.14
C THR E 60 51.55 17.94 -8.90
N PRO E 61 52.65 18.55 -8.41
CA PRO E 61 52.61 19.39 -7.20
C PRO E 61 51.56 20.50 -7.27
N SER E 62 51.43 21.13 -8.43
CA SER E 62 50.49 22.25 -8.62
C SER E 62 49.02 21.83 -8.44
N SER E 63 48.74 20.54 -8.61
CA SER E 63 47.39 20.00 -8.42
C SER E 63 47.02 19.88 -6.94
N SER E 64 48.04 19.85 -6.07
CA SER E 64 47.82 19.61 -4.64
C SER E 64 47.83 20.90 -3.82
N SER E 65 46.69 21.19 -3.18
CA SER E 65 46.52 22.38 -2.37
C SER E 65 47.36 22.38 -1.09
N SER E 66 47.87 21.20 -0.72
CA SER E 66 48.67 21.07 0.50
C SER E 66 50.17 20.95 0.27
N TYR E 67 50.60 20.98 -1.00
CA TYR E 67 52.04 20.86 -1.30
C TYR E 67 52.78 22.11 -0.84
N LYS E 68 53.97 21.89 -0.27
CA LYS E 68 54.87 22.98 0.13
C LYS E 68 56.22 22.74 -0.52
N ASN E 69 56.69 23.74 -1.26
CA ASN E 69 58.02 23.70 -1.84
C ASN E 69 59.03 24.13 -0.77
N LEU E 70 60.03 23.29 -0.51
CA LEU E 70 61.03 23.61 0.53
C LEU E 70 62.27 24.36 0.00
N GLY E 71 62.39 24.51 -1.31
CA GLY E 71 63.53 25.20 -1.92
C GLY E 71 64.66 24.24 -2.27
N ALA E 72 65.18 23.56 -1.25
CA ALA E 72 66.40 22.75 -1.38
C ALA E 72 66.37 21.73 -2.52
N ALA E 73 67.53 21.57 -3.15
CA ALA E 73 67.72 20.59 -4.22
C ALA E 73 67.84 19.19 -3.64
N PHE E 74 67.31 18.21 -4.37
CA PHE E 74 67.47 16.79 -4.05
C PHE E 74 68.34 16.11 -5.11
N THR E 75 69.33 15.34 -4.68
CA THR E 75 70.13 14.51 -5.59
C THR E 75 70.49 13.18 -4.92
N ILE E 76 70.41 12.09 -5.68
CA ILE E 76 70.77 10.78 -5.15
C ILE E 76 71.37 9.88 -6.24
N ARG E 77 72.28 9.00 -5.86
CA ARG E 77 72.81 7.99 -6.78
C ARG E 77 72.77 6.65 -6.10
N TYR E 78 72.15 5.67 -6.74
CA TYR E 78 71.98 4.37 -6.14
C TYR E 78 73.13 3.45 -6.51
N GLY E 79 73.16 2.30 -5.84
CA GLY E 79 74.22 1.29 -5.99
C GLY E 79 74.38 0.80 -7.40
N ASP E 80 73.28 0.73 -8.15
CA ASP E 80 73.34 0.26 -9.54
C ASP E 80 73.74 1.36 -10.53
N GLY E 81 74.03 2.57 -10.04
CA GLY E 81 74.46 3.65 -10.91
C GLY E 81 73.35 4.59 -11.32
N SER E 82 72.10 4.20 -11.05
CA SER E 82 70.91 5.01 -11.35
CA SER E 82 70.93 5.03 -11.39
C SER E 82 70.87 6.26 -10.49
N THR E 83 70.26 7.32 -10.98
CA THR E 83 70.26 8.60 -10.27
C THR E 83 68.91 9.30 -10.38
N SER E 84 68.66 10.24 -9.46
CA SER E 84 67.46 11.07 -9.50
C SER E 84 67.79 12.46 -9.01
N GLN E 85 67.19 13.48 -9.63
CA GLN E 85 67.35 14.86 -9.15
C GLN E 85 66.02 15.58 -9.12
N GLY E 86 65.88 16.48 -8.16
CA GLY E 86 64.67 17.27 -8.04
C GLY E 86 64.75 18.23 -6.89
N THR E 87 63.59 18.51 -6.30
CA THR E 87 63.49 19.50 -5.25
C THR E 87 62.71 18.89 -4.11
N TRP E 88 63.08 19.27 -2.89
CA TRP E 88 62.38 18.85 -1.67
C TRP E 88 61.05 19.58 -1.48
N GLY E 89 60.04 18.84 -1.05
CA GLY E 89 58.75 19.41 -0.67
C GLY E 89 58.14 18.67 0.51
N LYS E 90 56.96 19.11 0.92
CA LYS E 90 56.15 18.39 1.90
C LYS E 90 54.74 18.23 1.36
N ASP E 91 54.16 17.04 1.55
CA ASP E 91 52.73 16.84 1.30
C ASP E 91 52.13 15.75 2.19
N THR E 92 50.81 15.62 2.12
CA THR E 92 50.09 14.52 2.73
C THR E 92 50.40 13.24 1.94
N VAL E 93 50.81 12.22 2.70
CA VAL E 93 51.08 10.90 2.14
C VAL E 93 50.05 9.93 2.73
N THR E 94 49.39 9.17 1.86
CA THR E 94 48.43 8.17 2.33
CA THR E 94 48.39 8.18 2.28
C THR E 94 48.82 6.76 1.89
N ILE E 95 48.84 5.87 2.89
CA ILE E 95 49.29 4.49 2.74
C ILE E 95 48.14 3.60 3.19
N ASN E 96 47.57 2.84 2.27
CA ASN E 96 46.41 2.01 2.60
C ASN E 96 45.37 2.76 3.45
N GLY E 97 44.99 3.95 3.00
CA GLY E 97 43.97 4.74 3.67
C GLY E 97 44.41 5.50 4.91
N VAL E 98 45.65 5.28 5.35
CA VAL E 98 46.17 6.01 6.50
C VAL E 98 46.96 7.20 5.98
N SER E 99 46.53 8.41 6.35
CA SER E 99 47.18 9.64 5.90
C SER E 99 48.12 10.21 6.97
N ILE E 100 49.32 10.61 6.55
CA ILE E 100 50.18 11.45 7.37
C ILE E 100 50.38 12.80 6.67
N THR E 101 50.31 13.88 7.45
CA THR E 101 50.35 15.22 6.88
C THR E 101 51.77 15.80 6.94
N GLY E 102 52.04 16.76 6.04
CA GLY E 102 53.33 17.44 6.01
C GLY E 102 54.56 16.55 5.94
N GLN E 103 54.48 15.46 5.18
CA GLN E 103 55.60 14.52 5.05
C GLN E 103 56.59 15.04 4.01
N GLN E 104 57.87 15.15 4.42
CA GLN E 104 58.91 15.57 3.50
C GLN E 104 59.16 14.50 2.45
N ILE E 105 59.08 14.92 1.19
CA ILE E 105 59.31 14.07 0.02
C ILE E 105 60.13 14.85 -0.99
N ALA E 106 60.66 14.17 -2.01
CA ALA E 106 61.31 14.85 -3.13
C ALA E 106 60.48 14.73 -4.40
N ASP E 107 60.26 15.87 -5.05
CA ASP E 107 59.61 15.93 -6.36
C ASP E 107 60.68 15.86 -7.45
N VAL E 108 60.75 14.73 -8.14
CA VAL E 108 61.90 14.44 -9.00
C VAL E 108 61.63 14.76 -10.47
N THR E 109 62.50 15.58 -11.05
CA THR E 109 62.27 16.11 -12.42
C THR E 109 63.22 15.50 -13.47
N GLN E 110 64.17 14.71 -13.02
CA GLN E 110 64.96 13.87 -13.93
C GLN E 110 65.44 12.64 -13.18
N THR E 111 65.38 11.49 -13.84
CA THR E 111 65.75 10.23 -13.20
C THR E 111 65.98 9.13 -14.22
N SER E 112 66.94 8.26 -13.93
CA SER E 112 67.15 7.06 -14.72
C SER E 112 66.60 5.81 -14.01
N VAL E 113 65.96 5.99 -12.85
CA VAL E 113 65.24 4.90 -12.18
C VAL E 113 63.88 4.70 -12.86
N ASP E 114 63.39 3.46 -12.88
CA ASP E 114 62.14 3.11 -13.60
C ASP E 114 60.88 3.71 -12.97
N GLN E 115 60.96 4.07 -11.69
CA GLN E 115 59.80 4.56 -10.96
C GLN E 115 60.28 5.22 -9.67
N GLY E 116 59.34 5.84 -8.94
CA GLY E 116 59.65 6.47 -7.65
C GLY E 116 60.02 5.42 -6.62
N ILE E 117 60.64 5.85 -5.54
CA ILE E 117 61.11 4.96 -4.48
C ILE E 117 60.65 5.49 -3.12
N LEU E 118 60.04 4.60 -2.32
CA LEU E 118 59.72 4.87 -0.92
C LEU E 118 60.84 4.25 -0.08
N GLY E 119 61.84 5.06 0.22
CA GLY E 119 62.93 4.62 1.08
C GLY E 119 62.49 4.66 2.53
N ILE E 120 62.73 3.57 3.25
CA ILE E 120 62.23 3.44 4.63
C ILE E 120 63.32 3.06 5.62
N GLY E 121 64.58 3.31 5.25
CA GLY E 121 65.70 3.03 6.15
C GLY E 121 65.85 4.12 7.19
N TYR E 122 67.03 4.18 7.80
CA TYR E 122 67.30 5.13 8.86
C TYR E 122 67.33 6.56 8.33
N THR E 123 66.85 7.51 9.14
CA THR E 123 66.97 8.93 8.79
C THR E 123 68.42 9.34 8.49
N SER E 124 69.37 8.69 9.18
CA SER E 124 70.80 9.03 9.04
C SER E 124 71.36 8.76 7.64
N ASN E 125 70.59 8.02 6.83
CA ASN E 125 71.01 7.71 5.47
C ASN E 125 70.23 8.48 4.42
N GLU E 126 69.51 9.54 4.83
CA GLU E 126 68.81 10.39 3.87
C GLU E 126 69.84 11.06 2.97
N ALA E 127 69.51 11.13 1.69
CA ALA E 127 70.36 11.77 0.68
C ALA E 127 70.15 13.28 0.74
N VAL E 128 70.83 13.92 1.69
CA VAL E 128 70.62 15.35 1.95
C VAL E 128 71.86 16.19 1.60
N TYR E 129 72.66 15.66 0.68
CA TYR E 129 73.92 16.29 0.28
C TYR E 129 73.83 16.68 -1.19
N ASP E 130 74.72 17.58 -1.62
CA ASP E 130 74.92 17.77 -3.04
C ASP E 130 75.84 16.64 -3.53
N THR E 131 76.13 16.59 -4.83
CA THR E 131 76.96 15.54 -5.40
CA THR E 131 76.98 15.54 -5.39
C THR E 131 78.38 15.55 -4.80
N SER E 132 78.81 16.73 -4.35
CA SER E 132 80.12 16.92 -3.68
C SER E 132 80.23 16.17 -2.36
N GLY E 133 79.08 15.93 -1.73
CA GLY E 133 79.02 15.32 -0.41
C GLY E 133 78.84 16.36 0.68
N ARG E 134 78.43 17.56 0.28
CA ARG E 134 78.17 18.68 1.20
C ARG E 134 76.69 18.69 1.58
N GLN E 135 76.39 18.68 2.87
CA GLN E 135 74.99 18.64 3.30
C GLN E 135 74.30 19.95 2.92
N THR E 136 73.23 19.84 2.11
CA THR E 136 72.52 21.02 1.62
C THR E 136 71.23 21.29 2.39
N THR E 137 70.70 20.28 3.07
CA THR E 137 69.46 20.40 3.82
C THR E 137 69.53 19.52 5.08
N PRO E 138 68.79 19.88 6.15
CA PRO E 138 68.87 19.05 7.36
C PRO E 138 68.27 17.65 7.17
N ASN E 139 68.73 16.70 7.97
CA ASN E 139 68.04 15.44 8.10
C ASN E 139 66.63 15.67 8.65
N TYR E 140 65.70 14.80 8.29
CA TYR E 140 64.30 15.01 8.59
C TYR E 140 63.60 13.71 8.98
N ASP E 141 62.33 13.83 9.38
CA ASP E 141 61.48 12.69 9.67
C ASP E 141 61.01 12.06 8.37
N ASN E 142 61.59 10.92 8.02
CA ASN E 142 61.12 10.18 6.85
C ASN E 142 59.84 9.39 7.20
N VAL E 143 59.31 8.66 6.24
CA VAL E 143 57.96 8.08 6.39
C VAL E 143 57.75 7.26 7.68
N PRO E 144 58.61 6.27 7.98
CA PRO E 144 58.42 5.46 9.19
C PRO E 144 58.41 6.29 10.48
N VAL E 145 59.25 7.32 10.52
CA VAL E 145 59.33 8.19 11.68
C VAL E 145 58.03 8.99 11.85
N THR E 146 57.55 9.57 10.75
CA THR E 146 56.29 10.31 10.77
C THR E 146 55.09 9.42 11.14
N LEU E 147 55.03 8.21 10.58
CA LEU E 147 54.00 7.25 10.98
C LEU E 147 53.92 7.09 12.51
N LYS E 148 55.08 6.93 13.15
CA LYS E 148 55.16 6.88 14.60
C LYS E 148 54.73 8.21 15.22
N LYS E 149 55.32 9.30 14.72
CA LYS E 149 55.12 10.63 15.31
C LYS E 149 53.65 11.03 15.31
N GLN E 150 52.94 10.65 14.26
CA GLN E 150 51.53 11.00 14.14
C GLN E 150 50.59 9.91 14.72
N GLY E 151 51.17 8.97 15.46
CA GLY E 151 50.40 7.98 16.24
C GLY E 151 49.73 6.89 15.41
N LYS E 152 50.23 6.68 14.19
CA LYS E 152 49.68 5.65 13.32
C LYS E 152 50.25 4.26 13.64
N ILE E 153 51.47 4.23 14.17
CA ILE E 153 52.14 3.00 14.65
C ILE E 153 52.86 3.30 15.96
N ARG E 154 53.00 2.28 16.82
CA ARG E 154 53.59 2.46 18.16
CA ARG E 154 53.58 2.45 18.15
C ARG E 154 55.11 2.60 18.08
N THR E 155 55.73 1.87 17.15
CA THR E 155 57.18 1.80 17.04
C THR E 155 57.62 1.97 15.58
N ASN E 156 58.75 2.66 15.37
CA ASN E 156 59.40 2.68 14.06
C ASN E 156 59.91 1.29 13.70
N ALA E 157 59.02 0.50 13.11
CA ALA E 157 59.28 -0.91 12.86
C ALA E 157 58.40 -1.36 11.72
N TYR E 158 58.85 -2.37 10.99
CA TYR E 158 58.06 -2.97 9.92
C TYR E 158 58.48 -4.38 9.63
N SER E 159 57.51 -5.21 9.26
CA SER E 159 57.79 -6.59 8.95
C SER E 159 57.71 -6.72 7.46
N LEU E 160 58.66 -7.48 6.89
CA LEU E 160 58.73 -7.68 5.45
C LEU E 160 58.44 -9.12 5.08
N TYR E 161 57.42 -9.29 4.24
CA TYR E 161 57.02 -10.59 3.73
C TYR E 161 56.93 -10.50 2.20
N LEU E 162 58.05 -10.73 1.51
CA LEU E 162 58.06 -10.62 0.05
C LEU E 162 57.22 -11.72 -0.58
N ASN E 163 57.08 -12.84 0.14
CA ASN E 163 56.34 -14.00 -0.35
C ASN E 163 57.17 -14.81 -1.36
N SER E 164 56.59 -15.90 -1.87
CA SER E 164 57.31 -16.87 -2.70
C SER E 164 57.74 -16.33 -4.06
N PRO E 165 58.77 -16.93 -4.69
CA PRO E 165 59.20 -16.54 -6.04
C PRO E 165 58.05 -16.36 -7.03
N SER E 166 57.03 -17.20 -6.92
CA SER E 166 55.92 -17.20 -7.87
C SER E 166 54.70 -16.45 -7.36
N ALA E 167 54.79 -15.90 -6.15
CA ALA E 167 53.70 -15.11 -5.60
C ALA E 167 53.48 -13.82 -6.39
N GLU E 168 52.22 -13.47 -6.60
CA GLU E 168 51.86 -12.20 -7.22
C GLU E 168 52.12 -11.01 -6.30
N THR E 169 51.83 -11.15 -5.02
CA THR E 169 51.95 -10.04 -4.06
C THR E 169 52.54 -10.51 -2.75
N GLY E 170 53.20 -9.59 -2.06
CA GLY E 170 53.66 -9.80 -0.70
C GLY E 170 53.07 -8.72 0.17
N THR E 171 53.60 -8.56 1.38
CA THR E 171 53.09 -7.57 2.32
C THR E 171 54.24 -6.97 3.11
N ILE E 172 54.18 -5.66 3.31
CA ILE E 172 54.93 -5.02 4.38
C ILE E 172 53.90 -4.52 5.40
N ILE E 173 54.21 -4.72 6.68
CA ILE E 173 53.37 -4.23 7.76
C ILE E 173 54.16 -3.22 8.59
N PHE E 174 53.74 -1.97 8.52
CA PHE E 174 54.29 -0.95 9.40
C PHE E 174 53.66 -1.10 10.78
N GLY E 175 54.50 -1.24 11.80
CA GLY E 175 54.01 -1.29 13.18
C GLY E 175 53.39 -2.64 13.58
N GLY E 176 53.75 -3.69 12.87
CA GLY E 176 53.16 -5.00 13.13
C GLY E 176 53.99 -6.16 12.65
N VAL E 177 53.65 -7.34 13.16
CA VAL E 177 54.30 -8.59 12.81
C VAL E 177 53.22 -9.65 12.60
N ASP E 178 53.28 -10.35 11.47
CA ASP E 178 52.33 -11.42 11.21
C ASP E 178 52.96 -12.74 11.63
N ASN E 179 52.58 -13.19 12.83
CA ASN E 179 53.19 -14.35 13.44
C ASN E 179 52.80 -15.68 12.80
N ALA E 180 51.89 -15.63 11.82
CA ALA E 180 51.50 -16.85 11.10
C ALA E 180 52.46 -17.20 9.97
N LYS E 181 53.31 -16.25 9.59
CA LYS E 181 54.08 -16.36 8.35
C LYS E 181 55.56 -16.76 8.50
N TYR E 182 55.92 -17.33 9.64
CA TYR E 182 57.27 -17.89 9.83
C TYR E 182 57.24 -19.12 10.72
N SER E 183 58.28 -19.95 10.63
CA SER E 183 58.40 -21.13 11.48
C SER E 183 59.38 -20.89 12.63
N GLY E 184 59.17 -21.58 13.74
CA GLY E 184 59.99 -21.39 14.93
C GLY E 184 59.77 -20.00 15.51
N LYS E 185 60.80 -19.46 16.16
CA LYS E 185 60.74 -18.12 16.73
C LYS E 185 61.58 -17.14 15.92
N LEU E 186 61.24 -15.85 16.02
CA LEU E 186 62.07 -14.79 15.48
C LEU E 186 63.33 -14.67 16.33
N VAL E 187 64.47 -14.54 15.66
CA VAL E 187 65.74 -14.35 16.33
C VAL E 187 66.19 -12.92 16.14
N ALA E 188 66.45 -12.22 17.24
CA ALA E 188 66.85 -10.81 17.19
C ALA E 188 68.35 -10.68 16.89
N GLU E 189 68.65 -9.94 15.81
CA GLU E 189 70.01 -9.65 15.36
C GLU E 189 70.31 -8.15 15.48
N GLN E 190 71.50 -7.82 15.99
CA GLN E 190 71.91 -6.43 16.18
C GLN E 190 72.29 -5.75 14.88
N VAL E 191 71.71 -4.58 14.62
CA VAL E 191 72.14 -3.77 13.50
C VAL E 191 73.55 -3.25 13.84
N THR E 192 74.47 -3.43 12.90
CA THR E 192 75.89 -3.15 13.14
C THR E 192 76.27 -1.76 12.66
N SER E 193 75.33 -1.07 12.01
CA SER E 193 75.59 0.23 11.43
C SER E 193 74.64 1.31 11.96
N SER E 194 75.14 2.54 11.97
CA SER E 194 74.32 3.69 12.38
CA SER E 194 74.35 3.71 12.37
C SER E 194 73.55 4.24 11.20
N GLN E 195 74.01 3.92 9.99
CA GLN E 195 73.39 4.40 8.74
C GLN E 195 72.58 3.36 7.97
N ALA E 196 73.05 2.12 7.99
CA ALA E 196 72.48 1.07 7.13
C ALA E 196 71.86 -0.06 7.94
N LEU E 197 70.83 -0.68 7.37
CA LEU E 197 70.16 -1.82 8.01
C LEU E 197 70.92 -3.11 7.74
N THR E 198 72.09 -3.21 8.38
CA THR E 198 72.98 -4.34 8.27
C THR E 198 73.08 -5.09 9.60
N ILE E 199 73.18 -6.42 9.51
CA ILE E 199 73.43 -7.27 10.66
C ILE E 199 74.60 -8.18 10.32
N SER E 200 75.23 -8.76 11.34
CA SER E 200 76.41 -9.58 11.11
C SER E 200 76.06 -10.98 10.58
N LEU E 201 76.64 -11.31 9.43
CA LEU E 201 76.49 -12.64 8.84
C LEU E 201 77.74 -13.45 9.18
N ALA E 202 77.56 -14.46 10.03
CA ALA E 202 78.66 -15.26 10.55
C ALA E 202 79.29 -16.17 9.47
N SER E 203 78.47 -17.00 8.86
CA SER E 203 78.93 -17.89 7.79
C SER E 203 77.83 -18.17 6.78
N VAL E 204 78.25 -18.58 5.58
CA VAL E 204 77.34 -19.06 4.55
C VAL E 204 77.66 -20.53 4.29
N ASN E 205 76.62 -21.36 4.22
CA ASN E 205 76.81 -22.78 3.87
C ASN E 205 76.24 -23.10 2.48
N LEU E 206 77.09 -23.66 1.63
CA LEU E 206 76.75 -23.99 0.24
C LEU E 206 77.47 -25.26 -0.21
N LYS E 207 76.72 -26.19 -0.79
CA LYS E 207 77.23 -27.47 -1.31
C LYS E 207 77.98 -28.29 -0.24
N GLY E 208 77.43 -28.29 0.98
CA GLY E 208 77.98 -29.08 2.09
C GLY E 208 79.14 -28.43 2.83
N SER E 209 79.50 -27.20 2.45
CA SER E 209 80.67 -26.54 3.04
C SER E 209 80.38 -25.17 3.65
N SER E 210 81.03 -24.89 4.77
CA SER E 210 80.85 -23.65 5.53
C SER E 210 81.87 -22.58 5.12
N PHE E 211 81.38 -21.38 4.85
CA PHE E 211 82.25 -20.27 4.45
C PHE E 211 82.19 -19.13 5.46
N SER E 212 83.30 -18.91 6.14
CA SER E 212 83.42 -17.91 7.20
C SER E 212 83.36 -16.50 6.63
N PHE E 213 82.45 -15.69 7.16
CA PHE E 213 82.31 -14.30 6.74
C PHE E 213 82.58 -13.39 7.94
N GLY E 214 81.55 -13.17 8.77
CA GLY E 214 81.70 -12.41 9.99
C GLY E 214 81.42 -10.92 9.87
N ASP E 215 81.14 -10.44 8.66
CA ASP E 215 80.95 -9.00 8.45
C ASP E 215 79.48 -8.66 8.24
N GLY E 216 79.18 -7.36 8.38
CA GLY E 216 77.80 -6.87 8.23
C GLY E 216 77.28 -7.06 6.81
N ALA E 217 75.99 -7.42 6.72
CA ALA E 217 75.29 -7.64 5.46
C ALA E 217 74.00 -6.84 5.43
N LEU E 218 73.84 -6.04 4.37
CA LEU E 218 72.67 -5.19 4.23
C LEU E 218 71.44 -5.99 3.76
N LEU E 219 70.37 -5.92 4.54
CA LEU E 219 69.12 -6.63 4.22
C LEU E 219 68.21 -5.71 3.40
N ASP E 220 68.44 -5.70 2.09
CA ASP E 220 67.89 -4.65 1.21
C ASP E 220 66.78 -5.14 0.28
N SER E 221 65.54 -4.74 0.58
CA SER E 221 64.39 -5.11 -0.25
C SER E 221 64.50 -4.52 -1.66
N GLY E 222 65.25 -3.42 -1.80
CA GLY E 222 65.43 -2.78 -3.09
C GLY E 222 66.63 -3.23 -3.90
N THR E 223 67.23 -4.37 -3.54
CA THR E 223 68.25 -5.01 -4.34
C THR E 223 67.70 -6.36 -4.85
N THR E 224 67.86 -6.62 -6.14
CA THR E 224 67.31 -7.82 -6.78
C THR E 224 68.04 -9.12 -6.34
N LEU E 225 69.37 -9.07 -6.39
CA LEU E 225 70.23 -10.24 -6.14
C LEU E 225 71.02 -10.15 -4.82
N THR E 226 72.05 -10.99 -4.69
CA THR E 226 72.93 -10.98 -3.53
C THR E 226 74.35 -10.54 -3.91
N TYR E 227 74.97 -9.68 -3.10
CA TYR E 227 76.32 -9.14 -3.36
C TYR E 227 77.30 -9.38 -2.19
N PHE E 228 78.52 -9.81 -2.54
CA PHE E 228 79.61 -10.07 -1.57
C PHE E 228 80.95 -9.43 -1.99
N PRO E 229 81.88 -9.23 -1.04
CA PRO E 229 83.23 -8.81 -1.43
C PRO E 229 83.83 -9.79 -2.43
N SER E 230 84.66 -9.26 -3.34
CA SER E 230 85.26 -10.06 -4.42
C SER E 230 85.85 -11.38 -3.95
N ASP E 231 86.76 -11.31 -2.97
CA ASP E 231 87.45 -12.49 -2.43
C ASP E 231 86.44 -13.57 -1.98
N PHE E 232 85.46 -13.16 -1.18
CA PHE E 232 84.42 -14.06 -0.69
C PHE E 232 83.48 -14.59 -1.78
N ALA E 233 82.94 -13.68 -2.60
CA ALA E 233 82.14 -14.06 -3.77
C ALA E 233 82.84 -15.11 -4.64
N ALA E 234 84.14 -14.92 -4.89
CA ALA E 234 84.94 -15.86 -5.66
C ALA E 234 84.95 -17.26 -5.04
N GLN E 235 85.13 -17.33 -3.71
CA GLN E 235 85.13 -18.61 -3.01
C GLN E 235 83.80 -19.32 -3.24
N LEU E 236 82.71 -18.58 -3.08
CA LEU E 236 81.36 -19.13 -3.27
C LEU E 236 81.14 -19.58 -4.71
N ALA E 237 81.48 -18.71 -5.66
CA ALA E 237 81.33 -19.00 -7.08
C ALA E 237 82.12 -20.24 -7.48
N ASP E 238 83.32 -20.38 -6.92
CA ASP E 238 84.15 -21.55 -7.13
C ASP E 238 83.40 -22.84 -6.75
N LYS E 239 82.74 -22.81 -5.60
CA LYS E 239 81.97 -23.95 -5.12
C LYS E 239 80.72 -24.15 -5.99
N ALA E 240 80.07 -23.04 -6.33
CA ALA E 240 78.80 -23.04 -7.06
C ALA E 240 78.96 -23.49 -8.51
N GLY E 241 80.06 -23.09 -9.14
CA GLY E 241 80.25 -23.35 -10.56
C GLY E 241 79.87 -22.17 -11.43
N ALA E 242 79.75 -21.00 -10.83
CA ALA E 242 79.52 -19.78 -11.60
C ALA E 242 80.81 -19.32 -12.28
N ARG E 243 80.65 -18.70 -13.45
CA ARG E 243 81.78 -18.19 -14.24
C ARG E 243 81.72 -16.65 -14.38
N LEU E 244 82.82 -15.99 -14.03
CA LEU E 244 82.90 -14.52 -14.09
C LEU E 244 83.06 -14.03 -15.53
N VAL E 245 82.28 -13.01 -15.89
CA VAL E 245 82.28 -12.47 -17.25
C VAL E 245 82.40 -10.96 -17.21
N GLN E 246 83.32 -10.42 -18.02
CA GLN E 246 83.47 -8.98 -18.17
C GLN E 246 82.37 -8.45 -19.08
N VAL E 247 81.56 -7.56 -18.56
CA VAL E 247 80.45 -6.97 -19.33
C VAL E 247 80.68 -5.48 -19.63
N ALA E 248 81.76 -4.93 -19.11
CA ALA E 248 82.16 -3.53 -19.34
C ALA E 248 83.60 -3.39 -18.92
N ARG E 249 84.24 -2.29 -19.32
CA ARG E 249 85.62 -2.05 -18.91
C ARG E 249 85.80 -2.33 -17.43
N ASP E 250 84.83 -1.89 -16.63
CA ASP E 250 84.89 -1.91 -15.17
CA ASP E 250 84.92 -1.94 -15.17
C ASP E 250 84.01 -2.95 -14.49
N GLN E 251 83.02 -3.50 -15.21
CA GLN E 251 82.01 -4.39 -14.60
CA GLN E 251 82.04 -4.39 -14.59
C GLN E 251 82.20 -5.87 -14.95
N TYR E 252 82.03 -6.73 -13.95
CA TYR E 252 82.11 -8.18 -14.12
C TYR E 252 80.92 -8.80 -13.41
N LEU E 253 80.26 -9.74 -14.08
CA LEU E 253 79.14 -10.44 -13.49
C LEU E 253 79.40 -11.94 -13.55
N TYR E 254 78.93 -12.67 -12.54
CA TYR E 254 78.90 -14.14 -12.60
C TYR E 254 77.71 -14.60 -13.44
N PHE E 255 77.99 -15.39 -14.46
CA PHE E 255 76.95 -16.09 -15.20
C PHE E 255 76.96 -17.54 -14.74
N ILE E 256 75.92 -18.27 -15.11
CA ILE E 256 75.81 -19.67 -14.74
C ILE E 256 74.94 -20.34 -15.79
N ASP E 257 75.13 -21.65 -15.98
CA ASP E 257 74.33 -22.42 -16.92
C ASP E 257 72.88 -22.39 -16.47
N CYS E 258 71.98 -22.09 -17.42
CA CYS E 258 70.56 -21.98 -17.11
C CYS E 258 69.95 -23.30 -16.63
N ASN E 259 70.68 -24.40 -16.82
CA ASN E 259 70.18 -25.73 -16.45
C ASN E 259 70.88 -26.38 -15.25
N THR E 260 71.70 -25.59 -14.54
CA THR E 260 72.01 -25.87 -13.14
C THR E 260 70.61 -26.04 -12.52
N ASP E 261 70.31 -27.08 -11.73
CA ASP E 261 71.18 -27.87 -10.84
C ASP E 261 71.01 -27.19 -9.49
N THR E 262 69.75 -26.98 -9.14
CA THR E 262 69.37 -26.07 -8.09
C THR E 262 68.58 -26.75 -6.98
N SER E 263 68.71 -28.07 -6.90
CA SER E 263 67.94 -28.88 -5.94
C SER E 263 68.35 -28.63 -4.49
N GLY E 264 69.58 -28.17 -4.29
CA GLY E 264 70.09 -27.90 -2.94
C GLY E 264 69.62 -26.58 -2.35
N THR E 265 70.28 -26.18 -1.26
CA THR E 265 69.95 -24.94 -0.56
C THR E 265 71.22 -24.21 -0.14
N THR E 266 71.11 -22.91 0.05
CA THR E 266 72.20 -22.12 0.57
C THR E 266 71.75 -21.59 1.94
N VAL E 267 72.55 -21.84 2.98
CA VAL E 267 72.16 -21.48 4.34
C VAL E 267 72.95 -20.26 4.84
N PHE E 268 72.25 -19.35 5.50
CA PHE E 268 72.85 -18.14 6.03
C PHE E 268 72.73 -18.10 7.54
N ASN E 269 73.87 -18.15 8.22
CA ASN E 269 73.93 -18.13 9.67
C ASN E 269 74.40 -16.79 10.18
N PHE E 270 73.60 -16.21 11.08
CA PHE E 270 73.83 -14.85 11.58
C PHE E 270 74.38 -14.82 13.02
N GLY E 271 74.89 -13.64 13.40
CA GLY E 271 75.66 -13.45 14.63
C GLY E 271 75.04 -13.98 15.91
N ASN E 272 73.76 -13.67 16.11
CA ASN E 272 73.02 -14.13 17.29
C ASN E 272 72.27 -15.46 17.06
N GLY E 273 72.57 -16.12 15.95
CA GLY E 273 72.07 -17.48 15.71
C GLY E 273 70.94 -17.65 14.72
N ALA E 274 70.43 -16.55 14.16
CA ALA E 274 69.42 -16.64 13.11
C ALA E 274 69.92 -17.48 11.92
N LYS E 275 69.03 -18.31 11.38
CA LYS E 275 69.38 -19.19 10.26
C LYS E 275 68.29 -19.12 9.19
N ILE E 276 68.66 -18.69 8.00
CA ILE E 276 67.76 -18.70 6.85
C ILE E 276 68.29 -19.66 5.79
N THR E 277 67.40 -20.53 5.31
CA THR E 277 67.73 -21.47 4.27
C THR E 277 67.07 -21.01 2.98
N VAL E 278 67.90 -20.76 1.96
CA VAL E 278 67.43 -20.31 0.64
C VAL E 278 67.56 -21.45 -0.37
N PRO E 279 66.48 -21.76 -1.12
CA PRO E 279 66.59 -22.77 -2.18
C PRO E 279 67.53 -22.28 -3.28
N ASN E 280 68.25 -23.20 -3.91
CA ASN E 280 69.26 -22.81 -4.89
C ASN E 280 68.69 -22.25 -6.21
N THR E 281 67.41 -22.52 -6.45
CA THR E 281 66.64 -21.89 -7.51
C THR E 281 66.77 -20.34 -7.55
N GLU E 282 66.94 -19.73 -6.38
CA GLU E 282 67.09 -18.27 -6.28
C GLU E 282 68.41 -17.74 -6.81
N TYR E 283 69.27 -18.67 -7.22
CA TYR E 283 70.60 -18.31 -7.70
C TYR E 283 70.78 -18.53 -9.21
N VAL E 284 69.69 -18.85 -9.91
CA VAL E 284 69.68 -18.85 -11.37
C VAL E 284 68.69 -17.80 -11.89
N TYR E 285 69.22 -16.69 -12.40
CA TYR E 285 68.41 -15.54 -12.82
C TYR E 285 68.36 -15.44 -14.34
N GLN E 286 67.17 -15.56 -14.90
CA GLN E 286 67.00 -15.56 -16.35
C GLN E 286 67.12 -14.15 -16.92
N ASN E 287 68.05 -13.97 -17.86
CA ASN E 287 68.19 -12.73 -18.62
C ASN E 287 67.25 -12.73 -19.84
N GLY E 288 66.87 -11.52 -20.28
CA GLY E 288 66.08 -11.32 -21.49
C GLY E 288 66.34 -12.27 -22.65
N ASP E 289 67.61 -12.45 -23.01
CA ASP E 289 68.01 -13.41 -24.05
C ASP E 289 67.93 -14.85 -23.52
N GLY E 290 68.90 -15.68 -23.87
CA GLY E 290 68.92 -17.06 -23.40
C GLY E 290 70.09 -17.36 -22.47
N THR E 291 70.43 -16.39 -21.62
CA THR E 291 71.53 -16.53 -20.68
C THR E 291 71.02 -16.29 -19.26
N CYS E 292 71.77 -16.78 -18.27
CA CYS E 292 71.40 -16.61 -16.87
C CYS E 292 72.56 -16.07 -16.06
N LEU E 293 72.26 -15.07 -15.23
CA LEU E 293 73.20 -14.61 -14.22
C LEU E 293 73.18 -15.57 -13.03
N TRP E 294 74.29 -15.67 -12.33
CA TRP E 294 74.32 -16.31 -11.02
C TRP E 294 73.66 -15.37 -10.00
N GLY E 295 73.04 -15.94 -8.96
CA GLY E 295 72.26 -15.16 -8.00
C GLY E 295 73.11 -14.39 -7.01
N ILE E 296 74.42 -14.63 -7.04
CA ILE E 296 75.37 -13.91 -6.21
C ILE E 296 76.33 -13.16 -7.14
N GLN E 297 76.75 -11.95 -6.73
CA GLN E 297 77.62 -11.11 -7.57
C GLN E 297 78.70 -10.42 -6.73
N PRO E 298 79.86 -10.12 -7.34
CA PRO E 298 80.92 -9.43 -6.59
C PRO E 298 80.66 -7.93 -6.46
N SER E 299 80.96 -7.38 -5.29
CA SER E 299 80.80 -5.96 -5.01
C SER E 299 81.71 -5.54 -3.86
N ASP E 300 81.91 -4.23 -3.70
CA ASP E 300 82.56 -3.73 -2.48
C ASP E 300 81.57 -3.86 -1.32
N ASP E 301 80.28 -3.70 -1.63
CA ASP E 301 79.21 -3.74 -0.63
C ASP E 301 78.59 -5.13 -0.49
N THR E 302 78.31 -5.50 0.75
CA THR E 302 77.66 -6.77 1.04
C THR E 302 76.16 -6.54 1.24
N ILE E 303 75.37 -7.19 0.37
CA ILE E 303 73.92 -6.98 0.32
C ILE E 303 73.18 -8.30 0.11
N LEU E 304 72.25 -8.62 1.00
CA LEU E 304 71.32 -9.73 0.79
C LEU E 304 70.01 -9.15 0.27
N GLY E 305 69.74 -9.36 -1.02
CA GLY E 305 68.60 -8.72 -1.68
C GLY E 305 67.41 -9.65 -1.76
N ASP E 306 66.58 -9.44 -2.77
CA ASP E 306 65.28 -10.13 -2.85
C ASP E 306 65.39 -11.63 -2.90
N ASN E 307 66.37 -12.16 -3.62
CA ASN E 307 66.55 -13.59 -3.69
C ASN E 307 66.88 -14.24 -2.33
N PHE E 308 67.44 -13.47 -1.40
CA PHE E 308 67.54 -13.92 0.00
C PHE E 308 66.24 -13.64 0.76
N LEU E 309 65.79 -12.40 0.69
CA LEU E 309 64.72 -11.93 1.56
C LEU E 309 63.39 -12.66 1.39
N ARG E 310 63.13 -13.18 0.18
CA ARG E 310 61.89 -13.91 -0.04
C ARG E 310 61.73 -15.10 0.91
N HIS E 311 62.83 -15.57 1.48
CA HIS E 311 62.81 -16.79 2.28
C HIS E 311 62.97 -16.56 3.77
N ALA E 312 62.87 -15.29 4.16
CA ALA E 312 62.89 -14.91 5.55
C ALA E 312 61.65 -14.08 5.87
N TYR E 313 61.15 -14.23 7.09
CA TYR E 313 60.23 -13.25 7.63
C TYR E 313 61.08 -12.31 8.49
N LEU E 314 60.99 -11.01 8.22
CA LEU E 314 61.87 -10.03 8.85
C LEU E 314 61.11 -8.94 9.56
N LEU E 315 61.37 -8.78 10.85
CA LEU E 315 60.85 -7.66 11.61
C LEU E 315 61.97 -6.65 11.85
N TYR E 316 61.98 -5.61 11.02
CA TYR E 316 62.94 -4.52 11.16
C TYR E 316 62.44 -3.61 12.27
N ASN E 317 63.28 -3.39 13.29
CA ASN E 317 62.97 -2.43 14.34
C ASN E 317 64.04 -1.33 14.38
N LEU E 318 63.70 -0.16 13.84
CA LEU E 318 64.67 0.95 13.73
CA LEU E 318 64.46 1.01 13.76
C LEU E 318 64.81 1.72 15.04
N ASP E 319 63.89 1.53 15.98
CA ASP E 319 63.99 2.18 17.28
C ASP E 319 64.90 1.35 18.19
N ALA E 320 64.74 0.04 18.14
CA ALA E 320 65.58 -0.90 18.91
C ALA E 320 66.93 -1.15 18.25
N ASN E 321 67.04 -0.79 16.97
CA ASN E 321 68.22 -1.11 16.15
C ASN E 321 68.51 -2.61 16.11
N THR E 322 67.44 -3.39 15.92
CA THR E 322 67.52 -4.83 15.74
C THR E 322 66.68 -5.23 14.51
N ILE E 323 67.09 -6.31 13.85
CA ILE E 323 66.26 -6.98 12.84
C ILE E 323 66.03 -8.41 13.29
N SER E 324 64.76 -8.77 13.49
CA SER E 324 64.42 -10.10 13.99
C SER E 324 63.99 -10.99 12.85
N ILE E 325 64.54 -12.20 12.82
CA ILE E 325 64.50 -13.02 11.63
C ILE E 325 64.16 -14.47 11.95
N ALA E 326 63.31 -15.06 11.10
CA ALA E 326 63.00 -16.49 11.17
C ALA E 326 62.73 -16.99 9.75
N GLN E 327 62.85 -18.31 9.56
CA GLN E 327 62.56 -18.94 8.26
C GLN E 327 61.10 -18.70 7.91
N VAL E 328 60.86 -18.21 6.69
CA VAL E 328 59.51 -17.84 6.25
C VAL E 328 58.61 -19.07 6.14
N LYS E 329 57.32 -18.88 6.42
CA LYS E 329 56.29 -19.88 6.16
C LYS E 329 55.28 -19.20 5.25
N TYR E 330 55.05 -19.75 4.06
CA TYR E 330 54.15 -19.13 3.09
C TYR E 330 52.71 -19.50 3.37
N THR E 331 51.92 -18.53 3.82
CA THR E 331 50.52 -18.80 4.11
C THR E 331 49.64 -17.56 4.10
N THR E 332 48.38 -17.77 3.72
CA THR E 332 47.36 -16.72 3.70
CA THR E 332 47.40 -16.68 3.72
C THR E 332 46.77 -16.52 5.10
N ASP E 333 47.06 -17.45 6.00
CA ASP E 333 46.68 -17.33 7.39
C ASP E 333 47.40 -16.09 7.93
N SER E 334 46.69 -15.31 8.75
CA SER E 334 47.26 -14.06 9.28
CA SER E 334 47.26 -14.06 9.28
C SER E 334 46.90 -13.85 10.74
N SER E 335 47.92 -13.81 11.59
CA SER E 335 47.75 -13.39 12.97
CA SER E 335 47.75 -13.38 12.97
C SER E 335 48.70 -12.22 13.25
N ILE E 336 48.18 -11.01 13.14
CA ILE E 336 48.99 -9.80 13.27
C ILE E 336 48.89 -9.20 14.67
N SER E 337 50.05 -8.97 15.28
CA SER E 337 50.08 -8.24 16.54
C SER E 337 50.94 -7.00 16.38
N ALA E 338 50.62 -5.97 17.15
CA ALA E 338 51.28 -4.68 17.04
C ALA E 338 52.71 -4.73 17.54
N VAL E 339 53.57 -3.94 16.90
CA VAL E 339 54.94 -3.73 17.35
C VAL E 339 55.08 -2.26 17.69
CA IVA F 1 68.50 -6.15 -11.62
CB IVA F 1 69.68 -6.79 -12.34
CG1 IVA F 1 70.79 -7.12 -11.36
CG2 IVA F 1 69.21 -8.04 -13.07
C IVA F 1 68.82 -4.75 -11.18
O IVA F 1 69.44 -3.97 -11.92
N VAL F 2 68.37 -4.42 -9.97
CA VAL F 2 68.59 -3.11 -9.40
C VAL F 2 69.29 -3.24 -8.06
N VAL F 3 69.94 -2.16 -7.65
CA VAL F 3 70.59 -2.08 -6.35
C VAL F 3 70.31 -0.71 -5.81
N STA F 4 69.40 -0.65 -4.83
CA STA F 4 68.83 0.62 -4.40
CB STA F 4 67.37 0.72 -4.84
CG STA F 4 67.11 0.56 -6.33
CD1 STA F 4 65.59 0.35 -6.58
CD2 STA F 4 67.60 1.72 -7.18
CH STA F 4 68.93 0.77 -2.90
OH STA F 4 68.20 -0.33 -2.34
CM STA F 4 70.38 0.69 -2.35
C STA F 4 71.08 2.03 -2.47
O STA F 4 71.70 2.31 -3.49
N ALA F 5 70.96 2.87 -1.45
CA ALA F 5 71.77 4.06 -1.33
C ALA F 5 72.97 3.78 -0.43
N STA F 6 74.11 3.68 -1.07
CA STA F 6 75.26 2.96 -0.49
CB STA F 6 75.75 1.85 -1.41
CG STA F 6 74.71 0.80 -1.84
CD1 STA F 6 75.33 -0.18 -2.84
CD2 STA F 6 74.07 0.05 -0.68
CH STA F 6 76.36 4.00 -0.22
OH STA F 6 75.87 4.95 0.74
CM STA F 6 77.65 3.37 0.30
C STA F 6 78.56 4.47 0.82
O STA F 6 78.92 4.39 2.01
OXT STA F 6 78.91 5.39 0.05
N ASP G 1 -8.54 1.98 14.90
CA ASP G 1 -9.92 2.35 14.47
C ASP G 1 -10.72 2.89 15.65
N SER G 2 -11.89 3.45 15.34
CA SER G 2 -12.78 4.01 16.36
C SER G 2 -14.23 3.62 16.05
N ILE G 3 -15.05 3.56 17.10
CA ILE G 3 -16.49 3.19 16.96
C ILE G 3 -17.35 4.27 17.60
N SER G 4 -18.15 4.96 16.78
CA SER G 4 -19.09 5.92 17.32
C SER G 4 -20.40 5.23 17.64
N LEU G 5 -21.00 5.64 18.76
CA LEU G 5 -22.26 5.06 19.18
C LEU G 5 -23.15 6.17 19.71
N SER G 6 -24.36 6.26 19.18
CA SER G 6 -25.32 7.26 19.62
C SER G 6 -25.78 7.05 21.06
N LEU G 7 -25.86 8.13 21.82
CA LEU G 7 -26.34 8.13 23.22
C LEU G 7 -27.72 8.77 23.25
N ILE G 8 -28.71 8.03 23.72
CA ILE G 8 -30.08 8.52 23.80
C ILE G 8 -30.27 9.21 25.13
N ASN G 9 -30.64 10.49 25.09
CA ASN G 9 -30.87 11.24 26.31
C ASN G 9 -32.26 10.84 26.82
N GLU G 10 -32.29 9.93 27.80
CA GLU G 10 -33.54 9.35 28.30
C GLU G 10 -34.10 10.07 29.53
N GLY G 11 -33.46 11.14 29.97
CA GLY G 11 -33.92 11.81 31.17
C GLY G 11 -32.87 11.62 32.24
N PRO G 12 -33.00 10.59 33.08
CA PRO G 12 -32.01 10.49 34.19
C PRO G 12 -30.70 9.83 33.76
N SER G 13 -30.65 9.23 32.58
CA SER G 13 -29.43 8.58 32.10
CA SER G 13 -29.45 8.54 32.10
C SER G 13 -29.36 8.58 30.58
N TYR G 14 -28.26 8.03 30.05
CA TYR G 14 -28.03 7.97 28.61
C TYR G 14 -27.85 6.53 28.21
N ALA G 15 -28.57 6.09 27.19
CA ALA G 15 -28.52 4.70 26.80
C ALA G 15 -28.21 4.53 25.31
N SER G 16 -27.70 3.35 24.96
CA SER G 16 -27.40 3.04 23.56
C SER G 16 -27.93 1.66 23.20
N LYS G 17 -28.13 1.46 21.90
CA LYS G 17 -28.46 0.18 21.30
C LYS G 17 -27.18 -0.62 21.15
N VAL G 18 -27.19 -1.81 21.73
CA VAL G 18 -26.09 -2.77 21.70
C VAL G 18 -26.72 -4.14 21.43
N SER G 19 -26.19 -4.89 20.48
CA SER G 19 -26.78 -6.19 20.15
C SER G 19 -25.96 -7.32 20.73
N VAL G 20 -26.65 -8.37 21.17
CA VAL G 20 -25.99 -9.50 21.80
C VAL G 20 -26.48 -10.79 21.16
N GLY G 21 -25.55 -11.72 20.94
CA GLY G 21 -25.92 -13.05 20.47
C GLY G 21 -25.81 -13.24 18.98
N SER G 22 -25.89 -14.50 18.56
CA SER G 22 -25.79 -14.86 17.16
C SER G 22 -26.90 -14.22 16.36
N ASN G 23 -28.06 -14.05 16.98
CA ASN G 23 -29.19 -13.42 16.31
C ASN G 23 -29.30 -11.92 16.60
N LYS G 24 -28.19 -11.35 17.08
CA LYS G 24 -28.06 -9.90 17.28
C LYS G 24 -29.32 -9.29 17.91
N GLN G 25 -29.59 -9.75 19.13
CA GLN G 25 -30.73 -9.25 19.90
C GLN G 25 -30.41 -7.87 20.45
N GLN G 27 -30.47 -4.64 22.54
CA GLN G 27 -30.76 -4.19 23.90
C GLN G 27 -30.55 -2.69 23.94
N THR G 28 -31.36 -1.97 24.74
CA THR G 28 -31.04 -0.55 24.97
C THR G 28 -30.55 -0.45 26.40
N VAL G 29 -29.29 -0.06 26.55
CA VAL G 29 -28.61 -0.20 27.85
C VAL G 29 -27.91 1.09 28.23
N ILE G 30 -27.82 1.36 29.54
CA ILE G 30 -27.23 2.60 30.03
C ILE G 30 -25.71 2.55 29.84
N ILE G 31 -25.14 3.63 29.31
CA ILE G 31 -23.68 3.70 29.11
C ILE G 31 -23.10 4.26 30.41
N ASP G 32 -22.27 3.47 31.09
CA ASP G 32 -21.94 3.75 32.47
C ASP G 32 -20.43 3.69 32.72
N THR G 33 -19.80 4.84 32.84
CA THR G 33 -18.35 4.87 33.14
C THR G 33 -18.11 4.56 34.63
N GLY G 34 -19.21 4.45 35.39
CA GLY G 34 -19.14 4.26 36.85
C GLY G 34 -19.18 2.81 37.30
N SER G 35 -19.36 1.89 36.35
CA SER G 35 -19.34 0.46 36.68
C SER G 35 -18.58 -0.24 35.54
N SER G 36 -18.37 -1.56 35.63
CA SER G 36 -17.52 -2.24 34.67
C SER G 36 -18.05 -3.53 34.07
N ASP G 37 -19.28 -3.86 34.38
CA ASP G 37 -19.88 -5.09 33.92
C ASP G 37 -21.01 -4.75 32.96
N PHE G 38 -21.08 -5.49 31.86
CA PHE G 38 -22.19 -5.35 30.94
C PHE G 38 -23.17 -6.47 31.27
N TRP G 39 -24.39 -6.08 31.66
CA TRP G 39 -25.44 -7.05 31.88
C TRP G 39 -26.70 -6.70 31.10
N VAL G 40 -27.48 -7.73 30.78
CA VAL G 40 -28.70 -7.59 30.01
C VAL G 40 -29.88 -8.21 30.74
N VAL G 41 -31.07 -7.71 30.45
CA VAL G 41 -32.27 -8.21 31.12
C VAL G 41 -32.72 -9.47 30.42
N ASP G 42 -32.74 -10.59 31.14
CA ASP G 42 -33.25 -11.84 30.57
C ASP G 42 -34.73 -11.69 30.20
N SER G 43 -35.16 -12.29 29.09
CA SER G 43 -36.57 -12.24 28.66
CA SER G 43 -36.55 -12.20 28.67
C SER G 43 -37.49 -12.75 29.75
N ASN G 44 -36.96 -13.67 30.56
CA ASN G 44 -37.73 -14.30 31.63
C ASN G 44 -37.37 -13.76 33.01
N ALA G 45 -36.69 -12.62 33.05
CA ALA G 45 -36.28 -12.01 34.34
C ALA G 45 -37.50 -11.65 35.17
N GLN G 46 -37.30 -11.57 36.48
N GLN G 46 -37.36 -11.63 36.49
CA GLN G 46 -38.28 -10.99 37.38
CA GLN G 46 -38.38 -10.98 37.32
C GLN G 46 -37.82 -9.59 37.75
C GLN G 46 -37.86 -9.61 37.75
N CYS G 47 -38.56 -8.57 37.32
CA CYS G 47 -38.24 -7.21 37.69
C CYS G 47 -38.59 -6.98 39.16
N GLY G 48 -37.85 -6.06 39.78
CA GLY G 48 -38.19 -5.58 41.08
C GLY G 48 -39.58 -5.01 41.10
N LYS G 49 -40.08 -4.89 42.32
CA LYS G 49 -41.40 -4.41 42.59
C LYS G 49 -41.58 -3.02 41.96
N GLY G 50 -42.59 -2.88 41.09
CA GLY G 50 -42.85 -1.62 40.41
C GLY G 50 -41.87 -1.19 39.31
N VAL G 51 -40.98 -2.08 38.88
CA VAL G 51 -39.93 -1.73 37.90
C VAL G 51 -40.24 -2.35 36.55
N ASP G 52 -40.27 -1.51 35.51
CA ASP G 52 -40.63 -1.98 34.16
C ASP G 52 -39.32 -2.31 33.43
N CYS G 53 -38.63 -3.34 33.92
CA CYS G 53 -37.22 -3.61 33.55
C CYS G 53 -37.01 -4.19 32.15
N LYS G 54 -38.09 -4.63 31.50
CA LYS G 54 -37.99 -5.23 30.19
C LYS G 54 -38.37 -4.27 29.06
N SER G 55 -38.68 -3.02 29.39
CA SER G 55 -39.21 -2.08 28.37
C SER G 55 -38.13 -1.50 27.46
N SER G 56 -36.86 -1.82 27.73
CA SER G 56 -35.76 -1.37 26.89
C SER G 56 -35.08 -2.56 26.22
N GLY G 57 -35.81 -3.66 26.03
CA GLY G 57 -35.25 -4.82 25.35
C GLY G 57 -34.88 -5.93 26.30
N THR G 58 -34.99 -7.17 25.84
CA THR G 58 -34.57 -8.29 26.66
C THR G 58 -33.74 -9.24 25.83
N PHE G 59 -32.96 -10.06 26.54
CA PHE G 59 -32.10 -11.02 25.91
C PHE G 59 -32.61 -12.43 26.19
N THR G 60 -32.71 -13.24 25.13
CA THR G 60 -33.09 -14.63 25.27
C THR G 60 -31.89 -15.51 24.91
N PRO G 61 -31.14 -15.97 25.93
CA PRO G 61 -29.92 -16.75 25.66
C PRO G 61 -30.19 -18.01 24.83
N SER G 62 -31.35 -18.61 25.01
CA SER G 62 -31.68 -19.87 24.34
C SER G 62 -31.89 -19.73 22.83
N SER G 63 -32.05 -18.48 22.35
CA SER G 63 -32.21 -18.13 20.93
CA SER G 63 -32.19 -18.27 20.91
C SER G 63 -30.87 -17.88 20.24
N SER G 64 -29.81 -17.82 21.05
CA SER G 64 -28.47 -17.50 20.52
C SER G 64 -27.57 -18.73 20.51
N SER G 65 -27.13 -19.13 19.32
CA SER G 65 -26.30 -20.33 19.13
C SER G 65 -24.90 -20.26 19.76
N SER G 66 -24.45 -19.03 20.01
CA SER G 66 -23.12 -18.78 20.52
C SER G 66 -23.07 -18.50 22.05
N TYR G 67 -24.24 -18.52 22.69
CA TYR G 67 -24.30 -18.26 24.14
C TYR G 67 -23.67 -19.39 24.95
N LYS G 68 -22.83 -19.00 25.91
CA LYS G 68 -22.20 -19.94 26.82
C LYS G 68 -22.57 -19.58 28.26
N ASN G 69 -23.20 -20.52 28.97
CA ASN G 69 -23.55 -20.33 30.37
C ASN G 69 -22.34 -20.67 31.24
N LEU G 70 -21.82 -19.69 31.96
CA LEU G 70 -20.65 -19.93 32.82
C LEU G 70 -21.03 -20.46 34.20
N GLY G 71 -22.32 -20.48 34.51
CA GLY G 71 -22.84 -21.12 35.74
C GLY G 71 -22.63 -20.36 37.04
N ALA G 72 -21.69 -19.40 37.04
CA ALA G 72 -21.38 -18.59 38.22
C ALA G 72 -22.46 -17.52 38.48
N ALA G 73 -22.77 -17.29 39.76
CA ALA G 73 -23.76 -16.30 40.14
C ALA G 73 -23.20 -14.88 39.97
N PHE G 74 -24.05 -13.99 39.50
CA PHE G 74 -23.70 -12.56 39.35
C PHE G 74 -24.55 -11.74 40.31
N THR G 75 -23.92 -10.81 41.01
CA THR G 75 -24.68 -9.92 41.89
C THR G 75 -24.00 -8.56 41.93
N ILE G 76 -24.77 -7.48 41.89
CA ILE G 76 -24.19 -6.11 41.96
C ILE G 76 -25.17 -5.17 42.66
N ARG G 77 -24.64 -4.20 43.40
CA ARG G 77 -25.48 -3.18 44.05
C ARG G 77 -24.90 -1.81 43.69
N TYR G 78 -25.74 -0.92 43.18
CA TYR G 78 -25.31 0.38 42.71
C TYR G 78 -25.46 1.45 43.80
N GLY G 79 -24.93 2.65 43.53
CA GLY G 79 -24.85 3.71 44.56
C GLY G 79 -26.24 4.13 45.01
N ASP G 80 -27.21 4.06 44.10
CA ASP G 80 -28.57 4.49 44.44
C ASP G 80 -29.38 3.40 45.18
N GLY G 81 -28.76 2.24 45.40
CA GLY G 81 -29.39 1.14 46.15
C GLY G 81 -30.01 0.07 45.26
N SER G 82 -30.16 0.35 43.94
CA SER G 82 -30.67 -0.65 42.99
CA SER G 82 -30.70 -0.65 43.01
C SER G 82 -29.70 -1.80 42.84
N THR G 83 -30.20 -2.98 42.43
CA THR G 83 -29.38 -4.18 42.38
C THR G 83 -29.76 -5.01 41.18
N SER G 84 -28.86 -5.90 40.79
CA SER G 84 -29.14 -6.90 39.78
C SER G 84 -28.50 -8.22 40.20
N GLN G 85 -29.18 -9.33 39.92
CA GLN G 85 -28.56 -10.65 40.12
C GLN G 85 -28.89 -11.52 38.93
N GLY G 86 -28.00 -12.46 38.65
CA GLY G 86 -28.24 -13.37 37.52
C GLY G 86 -27.18 -14.42 37.50
N THR G 87 -26.82 -14.83 36.28
CA THR G 87 -25.77 -15.82 36.06
C THR G 87 -24.83 -15.28 34.99
N TRP G 88 -23.53 -15.42 35.21
CA TRP G 88 -22.55 -15.07 34.18
C TRP G 88 -22.62 -15.88 32.89
N GLY G 89 -22.37 -15.21 31.78
CA GLY G 89 -22.42 -15.83 30.48
C GLY G 89 -21.38 -15.25 29.54
N LYS G 90 -21.31 -15.81 28.34
CA LYS G 90 -20.48 -15.27 27.27
C LYS G 90 -21.25 -15.33 25.96
N ASP G 91 -21.16 -14.27 25.18
CA ASP G 91 -21.74 -14.27 23.83
C ASP G 91 -21.10 -13.15 22.99
N THR G 92 -21.48 -13.11 21.72
CA THR G 92 -21.05 -12.06 20.80
C THR G 92 -21.80 -10.75 21.10
N VAL G 93 -21.05 -9.66 21.13
CA VAL G 93 -21.59 -8.33 21.39
C VAL G 93 -21.27 -7.46 20.17
N THR G 94 -22.30 -6.79 19.64
CA THR G 94 -22.17 -5.95 18.45
C THR G 94 -22.57 -4.49 18.76
N ILE G 95 -21.62 -3.59 18.51
CA ILE G 95 -21.76 -2.17 18.79
C ILE G 95 -21.61 -1.43 17.47
N ASN G 96 -22.67 -0.73 17.06
CA ASN G 96 -22.69 -0.06 15.75
C ASN G 96 -22.05 -0.91 14.63
N GLY G 97 -22.50 -2.14 14.50
CA GLY G 97 -22.01 -3.05 13.46
C GLY G 97 -20.64 -3.70 13.69
N VAL G 98 -19.98 -3.37 14.79
CA VAL G 98 -18.68 -3.99 15.06
C VAL G 98 -18.85 -5.08 16.12
N SER G 99 -18.49 -6.31 15.78
CA SER G 99 -18.73 -7.45 16.67
C SER G 99 -17.48 -7.92 17.40
N ILE G 100 -17.63 -8.23 18.69
CA ILE G 100 -16.58 -8.94 19.44
C ILE G 100 -17.12 -10.28 19.92
N THR G 101 -16.28 -11.29 19.87
CA THR G 101 -16.70 -12.65 20.19
C THR G 101 -16.33 -13.02 21.64
N GLY G 102 -17.10 -13.93 22.21
CA GLY G 102 -16.81 -14.50 23.53
C GLY G 102 -16.75 -13.46 24.63
N GLN G 103 -17.56 -12.41 24.51
CA GLN G 103 -17.58 -11.35 25.53
C GLN G 103 -18.35 -11.77 26.78
N GLN G 104 -17.69 -11.73 27.94
CA GLN G 104 -18.37 -12.09 29.18
C GLN G 104 -19.37 -11.01 29.58
N ILE G 105 -20.62 -11.45 29.76
CA ILE G 105 -21.73 -10.59 30.20
C ILE G 105 -22.48 -11.29 31.35
N ALA G 106 -23.39 -10.59 32.01
CA ALA G 106 -24.28 -11.29 32.94
C ALA G 106 -25.69 -11.33 32.37
N ASP G 107 -26.30 -12.51 32.40
CA ASP G 107 -27.70 -12.68 32.07
C ASP G 107 -28.48 -12.49 33.36
N VAL G 108 -29.11 -11.33 33.48
CA VAL G 108 -29.72 -10.92 34.75
C VAL G 108 -31.18 -11.35 34.78
N THR G 109 -31.51 -12.13 35.80
CA THR G 109 -32.85 -12.71 35.89
C THR G 109 -33.66 -12.04 37.01
N GLN G 110 -33.04 -11.09 37.70
CA GLN G 110 -33.80 -10.24 38.62
C GLN G 110 -33.06 -8.90 38.78
N THR G 111 -33.81 -7.80 38.70
CA THR G 111 -33.19 -6.48 38.81
C THR G 111 -34.20 -5.43 39.23
N SER G 112 -33.74 -4.42 39.96
CA SER G 112 -34.58 -3.27 40.29
C SER G 112 -34.10 -2.03 39.50
N VAL G 113 -33.16 -2.26 38.60
CA VAL G 113 -32.72 -1.24 37.62
C VAL G 113 -33.71 -1.25 36.46
N ASP G 114 -33.95 -0.08 35.86
CA ASP G 114 -34.97 0.07 34.79
C ASP G 114 -34.59 -0.63 33.49
N GLN G 115 -33.30 -0.89 33.29
CA GLN G 115 -32.79 -1.51 32.08
C GLN G 115 -31.35 -1.98 32.30
N GLY G 116 -30.83 -2.70 31.31
CA GLY G 116 -29.44 -3.20 31.36
C GLY G 116 -28.43 -2.06 31.34
N ILE G 117 -27.19 -2.40 31.71
CA ILE G 117 -26.13 -1.41 31.85
C ILE G 117 -24.88 -1.94 31.16
N LEU G 118 -24.34 -1.12 30.28
CA LEU G 118 -23.01 -1.38 29.72
C LEU G 118 -21.99 -0.60 30.54
N GLY G 119 -21.37 -1.30 31.49
CA GLY G 119 -20.37 -0.69 32.37
C GLY G 119 -19.04 -0.74 31.66
N ILE G 120 -18.38 0.42 31.55
CA ILE G 120 -17.16 0.53 30.71
C ILE G 120 -15.94 1.06 31.50
N GLY G 121 -16.01 0.93 32.83
CA GLY G 121 -14.88 1.31 33.71
C GLY G 121 -13.77 0.26 33.74
N TYR G 122 -12.92 0.35 34.76
CA TYR G 122 -11.78 -0.57 34.91
C TYR G 122 -12.21 -2.00 35.26
N THR G 123 -11.46 -2.99 34.79
CA THR G 123 -11.75 -4.39 35.13
C THR G 123 -11.67 -4.64 36.65
N SER G 124 -10.81 -3.89 37.33
CA SER G 124 -10.65 -4.01 38.78
C SER G 124 -11.94 -3.73 39.58
N ASN G 125 -12.91 -3.04 38.95
CA ASN G 125 -14.16 -2.69 39.61
C ASN G 125 -15.32 -3.60 39.18
N GLU G 126 -15.03 -4.73 38.55
CA GLU G 126 -16.07 -5.69 38.23
C GLU G 126 -16.73 -6.28 39.48
N ALA G 127 -18.03 -6.50 39.41
CA ALA G 127 -18.78 -7.04 40.54
C ALA G 127 -18.70 -8.56 40.57
N VAL G 128 -17.61 -9.06 41.15
CA VAL G 128 -17.30 -10.48 41.10
C VAL G 128 -17.29 -11.12 42.51
N TYR G 129 -18.01 -10.46 43.44
CA TYR G 129 -18.02 -10.83 44.86
C TYR G 129 -19.43 -11.17 45.30
N ASP G 130 -19.58 -11.97 46.35
CA ASP G 130 -20.91 -12.17 46.91
C ASP G 130 -21.12 -11.16 48.06
N THR G 131 -22.28 -11.24 48.68
CA THR G 131 -22.61 -10.31 49.75
C THR G 131 -21.96 -10.70 51.09
N SER G 132 -21.19 -11.79 51.07
CA SER G 132 -20.23 -12.10 52.13
C SER G 132 -18.97 -11.28 51.94
N GLY G 133 -18.71 -10.90 50.68
CA GLY G 133 -17.47 -10.20 50.30
C GLY G 133 -16.43 -11.12 49.70
N ARG G 134 -16.75 -12.42 49.62
CA ARG G 134 -15.91 -13.41 48.95
C ARG G 134 -15.96 -13.22 47.44
N GLN G 135 -14.81 -13.34 46.76
CA GLN G 135 -14.77 -13.28 45.30
C GLN G 135 -15.28 -14.62 44.76
N THR G 136 -16.32 -14.58 43.94
CA THR G 136 -16.93 -15.83 43.50
C THR G 136 -16.49 -16.28 42.10
N THR G 137 -15.88 -15.37 41.35
CA THR G 137 -15.55 -15.62 39.95
C THR G 137 -14.36 -14.71 39.59
N PRO G 138 -13.50 -15.16 38.64
CA PRO G 138 -12.33 -14.34 38.35
C PRO G 138 -12.67 -13.00 37.72
N ASN G 139 -11.81 -12.01 37.93
CA ASN G 139 -11.87 -10.81 37.10
C ASN G 139 -11.65 -11.25 35.66
N TYR G 140 -12.15 -10.46 34.71
CA TYR G 140 -12.22 -10.89 33.31
C TYR G 140 -12.07 -9.68 32.37
N ASP G 141 -11.92 -9.92 31.08
CA ASP G 141 -11.88 -8.83 30.11
C ASP G 141 -13.29 -8.27 29.88
N ASN G 142 -13.52 -7.03 30.31
CA ASN G 142 -14.82 -6.41 30.00
C ASN G 142 -14.81 -5.82 28.57
N VAL G 143 -15.90 -5.13 28.21
CA VAL G 143 -16.10 -4.70 26.81
C VAL G 143 -14.94 -3.90 26.21
N PRO G 144 -14.55 -2.78 26.86
CA PRO G 144 -13.48 -2.01 26.23
C PRO G 144 -12.17 -2.79 26.10
N VAL G 145 -11.89 -3.68 27.05
CA VAL G 145 -10.68 -4.51 26.95
C VAL G 145 -10.78 -5.45 25.77
N THR G 146 -11.93 -6.09 25.61
CA THR G 146 -12.16 -7.00 24.51
C THR G 146 -12.15 -6.28 23.14
N LEU G 147 -12.62 -5.04 23.08
CA LEU G 147 -12.54 -4.27 21.83
C LEU G 147 -11.09 -4.06 21.41
N LYS G 148 -10.24 -3.73 22.38
CA LYS G 148 -8.80 -3.58 22.10
C LYS G 148 -8.15 -4.93 21.72
N LYS G 149 -8.32 -5.94 22.57
CA LYS G 149 -7.73 -7.26 22.30
C LYS G 149 -8.11 -7.82 20.94
N GLN G 150 -9.36 -7.60 20.52
CA GLN G 150 -9.80 -8.06 19.22
C GLN G 150 -9.50 -7.05 18.10
N GLY G 151 -8.68 -6.04 18.43
CA GLY G 151 -8.18 -5.09 17.43
C GLY G 151 -9.21 -4.21 16.74
N LYS G 152 -10.29 -3.88 17.45
CA LYS G 152 -11.32 -2.97 16.95
C LYS G 152 -10.98 -1.52 17.31
N ILE G 153 -10.23 -1.34 18.39
CA ILE G 153 -9.66 -0.04 18.78
C ILE G 153 -8.19 -0.24 19.15
N ARG G 154 -7.41 0.83 19.02
CA ARG G 154 -5.97 0.79 19.31
CA ARG G 154 -5.98 0.77 19.31
C ARG G 154 -5.72 0.82 20.82
N THR G 155 -6.50 1.65 21.52
CA THR G 155 -6.27 1.94 22.91
C THR G 155 -7.57 1.73 23.68
N ASN G 156 -7.47 1.20 24.90
CA ASN G 156 -8.63 1.17 25.80
C ASN G 156 -8.93 2.60 26.23
N ALA G 157 -9.77 3.27 25.43
CA ALA G 157 -10.10 4.68 25.63
C ALA G 157 -11.43 4.98 24.95
N TYR G 158 -12.10 6.05 25.38
CA TYR G 158 -13.36 6.48 24.77
C TYR G 158 -13.63 7.94 25.10
N SER G 159 -14.22 8.66 24.14
CA SER G 159 -14.69 10.03 24.34
C SER G 159 -16.19 10.10 24.59
N LEU G 160 -16.56 10.96 25.55
CA LEU G 160 -17.94 11.12 25.98
C LEU G 160 -18.44 12.52 25.64
N TYR G 161 -19.49 12.55 24.81
CA TYR G 161 -20.20 13.77 24.46
C TYR G 161 -21.66 13.59 24.77
N LEU G 162 -22.05 13.89 26.01
CA LEU G 162 -23.48 13.78 26.37
C LEU G 162 -24.33 14.76 25.58
N ASN G 163 -23.71 15.87 25.19
CA ASN G 163 -24.39 16.94 24.45
C ASN G 163 -25.25 17.79 25.40
N SER G 164 -26.00 18.74 24.85
CA SER G 164 -26.62 19.79 25.67
C SER G 164 -27.81 19.27 26.47
N PRO G 165 -28.22 20.00 27.53
CA PRO G 165 -29.35 19.56 28.34
C PRO G 165 -30.59 19.28 27.50
N SER G 166 -30.74 19.98 26.37
CA SER G 166 -31.97 19.83 25.58
C SER G 166 -31.81 18.88 24.37
N ALA G 167 -30.62 18.31 24.20
CA ALA G 167 -30.36 17.47 23.02
C ALA G 167 -31.08 16.12 23.13
N GLU G 168 -31.52 15.60 21.99
CA GLU G 168 -32.13 14.27 22.00
C GLU G 168 -31.08 13.16 22.10
N THR G 169 -29.92 13.40 21.49
CA THR G 169 -28.85 12.39 21.45
C THR G 169 -27.45 12.99 21.61
N GLY G 170 -26.54 12.19 22.16
CA GLY G 170 -25.12 12.51 22.14
C GLY G 170 -24.36 11.36 21.50
N THR G 171 -23.06 11.29 21.75
CA THR G 171 -22.22 10.27 21.13
C THR G 171 -21.13 9.84 22.11
N ILE G 172 -20.87 8.54 22.17
CA ILE G 172 -19.62 8.05 22.78
C ILE G 172 -18.79 7.46 21.64
N ILE G 173 -17.48 7.73 21.67
CA ILE G 173 -16.56 7.18 20.66
C ILE G 173 -15.52 6.28 21.31
N PHE G 174 -15.61 4.98 21.02
CA PHE G 174 -14.60 4.07 21.50
C PHE G 174 -13.36 4.21 20.63
N GLY G 175 -12.19 4.31 21.28
CA GLY G 175 -10.92 4.38 20.56
C GLY G 175 -10.77 5.59 19.65
N GLY G 176 -11.50 6.67 19.98
CA GLY G 176 -11.49 7.86 19.13
C GLY G 176 -11.91 9.10 19.89
N VAL G 177 -11.74 10.25 19.23
CA VAL G 177 -12.01 11.54 19.84
C VAL G 177 -12.46 12.54 18.77
N ASP G 178 -13.48 13.32 19.08
CA ASP G 178 -14.00 14.29 18.13
C ASP G 178 -13.49 15.67 18.51
N ASN G 179 -12.42 16.09 17.82
CA ASN G 179 -11.77 17.36 18.10
C ASN G 179 -12.58 18.62 17.74
N ALA G 180 -13.74 18.45 17.12
CA ALA G 180 -14.60 19.60 16.79
C ALA G 180 -15.52 19.99 17.95
N LYS G 181 -15.63 19.11 18.94
CA LYS G 181 -16.64 19.27 19.97
C LYS G 181 -16.13 19.78 21.33
N TYR G 182 -14.97 20.45 21.33
CA TYR G 182 -14.51 21.17 22.52
C TYR G 182 -13.70 22.41 22.17
N SER G 183 -13.62 23.34 23.12
CA SER G 183 -12.85 24.58 22.99
C SER G 183 -11.52 24.49 23.72
N GLY G 184 -10.50 25.13 23.16
CA GLY G 184 -9.14 25.05 23.70
C GLY G 184 -8.51 23.68 23.53
N LYS G 185 -7.55 23.35 24.39
CA LYS G 185 -6.90 22.03 24.35
C LYS G 185 -7.38 21.12 25.48
N LEU G 186 -7.45 19.82 25.19
CA LEU G 186 -7.72 18.82 26.22
C LEU G 186 -6.58 18.85 27.22
N VAL G 187 -6.93 18.74 28.50
CA VAL G 187 -5.94 18.73 29.57
C VAL G 187 -5.95 17.34 30.23
N ALA G 188 -4.83 16.64 30.18
CA ALA G 188 -4.73 15.31 30.83
C ALA G 188 -4.79 15.42 32.35
N GLU G 189 -5.83 14.85 32.96
CA GLU G 189 -5.89 14.75 34.41
C GLU G 189 -5.59 13.30 34.83
N GLN G 190 -4.80 13.14 35.90
CA GLN G 190 -4.37 11.70 36.27
CA GLN G 190 -4.41 11.78 36.31
C GLN G 190 -5.51 11.04 37.10
N VAL G 191 -5.75 9.79 36.75
CA VAL G 191 -6.70 8.97 37.50
C VAL G 191 -6.10 8.64 38.86
N THR G 192 -6.87 8.88 39.93
CA THR G 192 -6.31 8.82 41.28
C THR G 192 -6.65 7.50 41.98
N SER G 193 -7.43 6.67 41.29
CA SER G 193 -7.87 5.40 41.86
C SER G 193 -7.50 4.25 40.92
N SER G 194 -7.20 3.09 41.51
CA SER G 194 -6.94 1.89 40.71
CA SER G 194 -6.93 1.88 40.73
C SER G 194 -8.26 1.22 40.28
N GLN G 195 -9.35 1.56 40.95
CA GLN G 195 -10.64 0.93 40.70
C GLN G 195 -11.66 1.80 39.97
N ALA G 196 -11.55 3.11 40.15
CA ALA G 196 -12.61 3.99 39.69
C ALA G 196 -12.02 5.11 38.87
N LEU G 197 -12.83 5.63 37.94
CA LEU G 197 -12.38 6.69 37.03
C LEU G 197 -12.55 8.04 37.67
N THR G 198 -11.65 8.29 38.62
CA THR G 198 -11.73 9.51 39.41
C THR G 198 -10.47 10.32 39.21
N ILE G 199 -10.63 11.63 39.11
CA ILE G 199 -9.50 12.53 39.06
C ILE G 199 -9.56 13.52 40.24
N SER G 200 -8.44 14.14 40.56
CA SER G 200 -8.44 15.10 41.66
C SER G 200 -9.15 16.40 41.26
N LEU G 201 -10.12 16.79 42.07
CA LEU G 201 -10.84 18.06 41.92
C LEU G 201 -10.23 19.03 42.95
N ALA G 202 -9.53 20.04 42.46
CA ALA G 202 -8.79 20.98 43.30
C ALA G 202 -9.75 21.96 43.99
N SER G 203 -10.68 22.55 43.23
CA SER G 203 -11.58 23.53 43.85
C SER G 203 -12.82 23.72 43.01
N VAL G 204 -13.83 24.28 43.66
CA VAL G 204 -15.14 24.58 43.03
C VAL G 204 -15.42 26.02 43.35
N ASN G 205 -15.75 26.77 42.29
CA ASN G 205 -16.02 28.19 42.40
C ASN G 205 -17.49 28.37 42.13
N LEU G 206 -18.21 28.83 43.15
CA LEU G 206 -19.67 29.02 43.06
C LEU G 206 -20.02 30.43 43.57
N LYS G 207 -20.92 31.12 42.88
CA LYS G 207 -21.31 32.48 43.28
C LYS G 207 -20.10 33.37 43.62
N GLY G 208 -19.02 33.19 42.85
CA GLY G 208 -17.82 33.99 43.01
C GLY G 208 -16.89 33.55 44.13
N SER G 209 -17.25 32.49 44.85
CA SER G 209 -16.43 32.01 45.97
C SER G 209 -15.72 30.72 45.61
N SER G 210 -14.47 30.61 46.04
CA SER G 210 -13.63 29.45 45.72
C SER G 210 -13.57 28.49 46.92
N PHE G 211 -14.04 27.26 46.70
CA PHE G 211 -14.06 26.23 47.74
C PHE G 211 -13.01 25.16 47.46
N SER G 212 -11.95 25.16 48.26
CA SER G 212 -10.92 24.14 48.14
C SER G 212 -11.42 22.75 48.56
N PHE G 213 -11.20 21.80 47.67
CA PHE G 213 -11.58 20.42 47.89
C PHE G 213 -10.31 19.56 48.00
N GLY G 214 -9.72 19.19 46.86
CA GLY G 214 -8.46 18.44 46.85
C GLY G 214 -8.60 16.93 47.01
N ASP G 215 -9.76 16.39 46.66
CA ASP G 215 -9.98 14.95 46.70
C ASP G 215 -10.54 14.45 45.36
N GLY G 216 -10.50 13.13 45.16
CA GLY G 216 -10.93 12.51 43.91
C GLY G 216 -12.42 12.67 43.65
N ALA G 217 -12.76 12.89 42.39
CA ALA G 217 -14.17 12.96 41.95
C ALA G 217 -14.38 11.94 40.85
N LEU G 218 -15.43 11.14 40.98
CA LEU G 218 -15.75 10.14 39.96
C LEU G 218 -16.51 10.78 38.82
N LEU G 219 -16.02 10.58 37.59
CA LEU G 219 -16.62 11.19 36.40
C LEU G 219 -17.58 10.18 35.79
N ASP G 220 -18.81 10.21 36.30
CA ASP G 220 -19.77 9.12 36.10
C ASP G 220 -20.94 9.42 35.18
N SER G 221 -20.90 8.88 33.97
CA SER G 221 -21.97 9.07 32.99
C SER G 221 -23.29 8.45 33.47
N GLY G 222 -23.18 7.45 34.35
CA GLY G 222 -24.37 6.76 34.87
C GLY G 222 -24.92 7.31 36.17
N THR G 223 -24.52 8.54 36.53
CA THR G 223 -25.13 9.23 37.67
C THR G 223 -25.80 10.49 37.12
N THR G 224 -27.01 10.77 37.57
CA THR G 224 -27.82 11.87 37.06
C THR G 224 -27.32 13.26 37.55
N LEU G 225 -27.09 13.35 38.86
CA LEU G 225 -26.72 14.61 39.50
C LEU G 225 -25.24 14.65 39.94
N THR G 226 -24.93 15.56 40.88
CA THR G 226 -23.58 15.72 41.39
C THR G 226 -23.61 15.49 42.91
N TYR G 227 -22.62 14.76 43.44
CA TYR G 227 -22.59 14.35 44.86
C TYR G 227 -21.28 14.74 45.51
N PHE G 228 -21.38 15.33 46.71
CA PHE G 228 -20.21 15.74 47.49
C PHE G 228 -20.36 15.28 48.95
N PRO G 229 -19.24 15.15 49.69
CA PRO G 229 -19.37 14.84 51.11
C PRO G 229 -20.28 15.86 51.79
N SER G 230 -20.98 15.42 52.83
CA SER G 230 -21.98 16.26 53.49
C SER G 230 -21.44 17.61 53.91
N ASP G 231 -20.25 17.61 54.53
CA ASP G 231 -19.68 18.85 55.00
C ASP G 231 -19.44 19.80 53.83
N PHE G 232 -18.82 19.28 52.77
CA PHE G 232 -18.53 20.10 51.59
C PHE G 232 -19.80 20.52 50.85
N ALA G 233 -20.74 19.59 50.64
CA ALA G 233 -22.03 19.95 50.03
C ALA G 233 -22.77 21.07 50.81
N ALA G 234 -22.66 21.05 52.14
CA ALA G 234 -23.31 22.06 52.97
C ALA G 234 -22.69 23.44 52.76
N GLN G 235 -21.35 23.48 52.67
CA GLN G 235 -20.67 24.74 52.31
C GLN G 235 -21.28 25.31 51.03
N LEU G 236 -21.36 24.48 49.98
CA LEU G 236 -21.87 24.94 48.69
C LEU G 236 -23.36 25.30 48.74
N ALA G 237 -24.13 24.51 49.49
CA ALA G 237 -25.59 24.70 49.61
C ALA G 237 -25.92 26.05 50.24
N ASP G 238 -25.15 26.39 51.27
CA ASP G 238 -25.31 27.70 51.89
C ASP G 238 -25.09 28.78 50.85
N LYS G 239 -24.05 28.63 50.04
CA LYS G 239 -23.75 29.63 49.02
C LYS G 239 -24.84 29.67 47.95
N ALA G 240 -25.39 28.49 47.67
CA ALA G 240 -26.40 28.31 46.62
C ALA G 240 -27.82 28.69 47.03
N GLY G 241 -28.12 28.63 48.33
CA GLY G 241 -29.50 28.80 48.80
C GLY G 241 -30.31 27.51 48.85
N ALA G 242 -29.64 26.36 48.79
CA ALA G 242 -30.32 25.07 48.90
C ALA G 242 -30.72 24.74 50.34
N ARG G 243 -31.77 23.93 50.50
CA ARG G 243 -32.29 23.56 51.81
C ARG G 243 -32.35 22.04 51.99
N LEU G 244 -31.76 21.56 53.08
CA LEU G 244 -31.71 20.13 53.37
C LEU G 244 -33.04 19.61 53.91
N VAL G 245 -33.56 18.54 53.31
CA VAL G 245 -34.80 17.90 53.74
C VAL G 245 -34.59 16.40 54.01
N GLN G 246 -34.96 15.96 55.21
CA GLN G 246 -34.96 14.56 55.57
C GLN G 246 -36.07 13.83 54.83
N VAL G 247 -35.72 12.80 54.06
CA VAL G 247 -36.72 12.01 53.31
C VAL G 247 -36.91 10.57 53.79
N ALA G 248 -36.14 10.17 54.81
CA ALA G 248 -36.21 8.82 55.37
C ALA G 248 -35.28 8.78 56.56
N ARG G 249 -35.41 7.75 57.38
CA ARG G 249 -34.53 7.58 58.52
C ARG G 249 -33.08 7.85 58.11
N ASP G 250 -32.70 7.28 56.96
CA ASP G 250 -31.35 7.36 56.43
C ASP G 250 -31.03 8.63 55.63
N GLN G 251 -32.02 9.09 54.86
CA GLN G 251 -31.76 9.92 53.68
C GLN G 251 -32.17 11.40 53.79
N TYR G 252 -31.31 12.25 53.25
CA TYR G 252 -31.52 13.69 53.20
C TYR G 252 -31.23 14.16 51.79
N LEU G 253 -32.09 15.03 51.25
CA LEU G 253 -31.87 15.60 49.94
C LEU G 253 -31.92 17.13 50.01
N TYR G 254 -31.11 17.81 49.20
CA TYR G 254 -31.25 19.27 49.04
C TYR G 254 -32.33 19.58 48.04
N PHE G 255 -33.25 20.43 48.46
CA PHE G 255 -34.23 21.00 47.58
C PHE G 255 -33.83 22.45 47.36
N ILE G 256 -34.39 23.06 46.32
CA ILE G 256 -34.09 24.44 46.03
C ILE G 256 -35.33 25.05 45.39
N ASP G 257 -35.49 26.35 45.58
CA ASP G 257 -36.62 27.06 45.00
C ASP G 257 -36.59 26.88 43.48
N CYS G 258 -37.67 26.31 42.94
CA CYS G 258 -37.78 26.10 41.51
C CYS G 258 -37.45 27.37 40.71
N ASN G 259 -37.69 28.54 41.31
CA ASN G 259 -37.46 29.82 40.64
C ASN G 259 -36.14 30.53 40.95
N THR G 260 -35.22 29.84 41.65
CA THR G 260 -33.91 30.43 41.98
C THR G 260 -33.16 30.99 40.74
N ASP G 261 -32.37 32.05 40.96
CA ASP G 261 -31.61 32.66 39.87
C ASP G 261 -30.51 31.73 39.37
N THR G 262 -30.61 31.33 38.11
CA THR G 262 -29.69 30.36 37.53
C THR G 262 -28.77 30.96 36.46
N SER G 263 -28.67 32.28 36.41
CA SER G 263 -27.90 32.96 35.35
C SER G 263 -26.37 32.81 35.50
N GLY G 264 -25.91 32.36 36.66
CA GLY G 264 -24.47 32.20 36.92
C GLY G 264 -23.92 30.85 36.52
N THR G 265 -22.69 30.56 36.95
CA THR G 265 -22.05 29.31 36.60
C THR G 265 -21.32 28.74 37.80
N THR G 266 -21.11 27.43 37.76
CA THR G 266 -20.28 26.77 38.77
C THR G 266 -19.04 26.25 38.05
N VAL G 267 -17.85 26.56 38.57
CA VAL G 267 -16.66 26.21 37.84
C VAL G 267 -15.88 25.16 38.62
N PHE G 268 -15.43 24.13 37.89
CA PHE G 268 -14.70 23.01 38.50
C PHE G 268 -13.24 23.01 38.05
N ASN G 269 -12.31 23.13 39.02
CA ASN G 269 -10.91 23.17 38.71
C ASN G 269 -10.21 21.90 39.18
N PHE G 270 -9.49 21.26 38.25
CA PHE G 270 -8.85 19.97 38.54
C PHE G 270 -7.34 20.09 38.80
N GLY G 271 -6.74 19.04 39.35
CA GLY G 271 -5.33 19.03 39.75
C GLY G 271 -4.31 19.51 38.72
N ASN G 272 -4.51 19.13 37.46
CA ASN G 272 -3.56 19.52 36.41
C ASN G 272 -4.03 20.72 35.55
N GLY G 273 -5.05 21.42 36.03
CA GLY G 273 -5.36 22.71 35.46
C GLY G 273 -6.61 22.71 34.64
N ALA G 274 -7.15 21.50 34.37
CA ALA G 274 -8.37 21.39 33.59
C ALA G 274 -9.47 22.21 34.27
N LYS G 275 -10.30 22.90 33.48
CA LYS G 275 -11.32 23.75 34.06
C LYS G 275 -12.62 23.60 33.27
N ILE G 276 -13.68 23.18 33.95
CA ILE G 276 -15.01 23.07 33.31
C ILE G 276 -15.99 24.01 33.96
N THR G 277 -16.77 24.68 33.13
CA THR G 277 -17.66 25.73 33.61
C THR G 277 -19.08 25.26 33.34
N VAL G 278 -19.88 25.09 34.39
CA VAL G 278 -21.24 24.54 34.25
C VAL G 278 -22.30 25.62 34.49
N PRO G 279 -23.28 25.73 33.57
CA PRO G 279 -24.31 26.74 33.84
C PRO G 279 -25.15 26.32 35.01
N ASN G 280 -25.53 27.30 35.83
CA ASN G 280 -26.29 27.02 37.06
C ASN G 280 -27.71 26.44 36.84
N THR G 281 -28.25 26.55 35.64
CA THR G 281 -29.50 25.81 35.27
C THR G 281 -29.37 24.27 35.50
N GLU G 282 -28.14 23.77 35.53
CA GLU G 282 -27.90 22.34 35.79
C GLU G 282 -28.16 21.96 37.25
N TYR G 283 -28.40 22.97 38.10
CA TYR G 283 -28.56 22.71 39.52
C TYR G 283 -30.00 22.93 40.02
N VAL G 284 -30.94 23.02 39.10
CA VAL G 284 -32.35 23.02 39.48
C VAL G 284 -33.01 21.88 38.74
N TYR G 285 -33.46 20.86 39.47
CA TYR G 285 -33.95 19.60 38.88
C TYR G 285 -35.42 19.42 39.23
N GLN G 286 -36.30 19.53 38.22
CA GLN G 286 -37.75 19.45 38.47
C GLN G 286 -38.22 18.06 38.86
N ASN G 287 -38.93 17.96 39.99
CA ASN G 287 -39.62 16.73 40.38
C ASN G 287 -41.05 16.70 39.84
N GLY G 288 -41.74 15.57 40.01
CA GLY G 288 -43.12 15.40 39.53
C GLY G 288 -44.15 16.37 40.09
N ASP G 289 -43.99 16.75 41.37
CA ASP G 289 -44.83 17.76 42.04
C ASP G 289 -44.29 19.18 41.80
N GLY G 290 -44.65 20.13 42.65
CA GLY G 290 -44.15 21.51 42.54
C GLY G 290 -42.76 21.77 43.15
N THR G 291 -41.98 20.70 43.33
CA THR G 291 -40.69 20.86 43.98
C THR G 291 -39.52 20.59 43.04
N CYS G 292 -38.37 21.18 43.39
CA CYS G 292 -37.14 21.00 42.66
C CYS G 292 -36.07 20.52 43.60
N LEU G 293 -35.32 19.51 43.16
CA LEU G 293 -34.09 19.16 43.84
C LEU G 293 -33.01 20.14 43.45
N TRP G 294 -32.09 20.41 44.36
CA TRP G 294 -30.80 21.00 44.00
C TRP G 294 -30.01 19.94 43.21
N GLY G 295 -29.13 20.38 42.31
CA GLY G 295 -28.38 19.47 41.45
C GLY G 295 -27.15 18.94 42.14
N ILE G 296 -26.89 19.40 43.36
CA ILE G 296 -25.87 18.80 44.20
C ILE G 296 -26.54 18.16 45.42
N GLN G 297 -26.02 17.01 45.82
CA GLN G 297 -26.57 16.25 46.93
C GLN G 297 -25.46 15.73 47.81
N PRO G 298 -25.71 15.56 49.14
CA PRO G 298 -24.68 15.04 50.04
C PRO G 298 -24.51 13.53 49.91
N SER G 299 -23.28 13.05 50.09
CA SER G 299 -22.97 11.65 49.94
C SER G 299 -21.60 11.35 50.55
N ASP G 300 -21.34 10.12 50.93
CA ASP G 300 -19.98 9.71 51.30
C ASP G 300 -19.05 9.69 50.08
N ASP G 301 -19.64 9.62 48.88
CA ASP G 301 -18.86 9.53 47.64
C ASP G 301 -18.88 10.87 46.91
N THR G 302 -17.80 11.21 46.21
CA THR G 302 -17.80 12.39 45.35
C THR G 302 -17.98 11.96 43.89
N ILE G 303 -19.02 12.46 43.26
CA ILE G 303 -19.39 12.03 41.92
C ILE G 303 -19.83 13.24 41.11
N LEU G 304 -19.23 13.44 39.94
CA LEU G 304 -19.69 14.46 38.99
C LEU G 304 -20.46 13.74 37.90
N GLY G 305 -21.77 13.87 37.94
CA GLY G 305 -22.64 13.11 37.06
C GLY G 305 -23.05 13.89 35.82
N ASP G 306 -24.18 13.50 35.23
CA ASP G 306 -24.59 14.05 33.94
C ASP G 306 -24.73 15.54 33.93
N ASN G 307 -25.16 16.11 35.06
CA ASN G 307 -25.33 17.56 35.08
C ASN G 307 -24.00 18.32 35.03
N PHE G 308 -22.89 17.67 35.41
CA PHE G 308 -21.55 18.18 35.15
C PHE G 308 -21.03 17.78 33.76
N LEU G 309 -21.15 16.51 33.44
CA LEU G 309 -20.53 15.90 32.27
C LEU G 309 -21.06 16.44 30.94
N ARG G 310 -22.30 16.92 30.95
CA ARG G 310 -22.86 17.54 29.75
C ARG G 310 -22.06 18.76 29.25
N HIS G 311 -21.20 19.31 30.11
CA HIS G 311 -20.47 20.55 29.78
C HIS G 311 -18.96 20.38 29.56
N ALA G 312 -18.57 19.12 29.49
CA ALA G 312 -17.20 18.76 29.24
C ALA G 312 -17.16 17.78 28.07
N TYR G 313 -16.04 17.81 27.34
CA TYR G 313 -15.74 16.77 26.41
C TYR G 313 -14.65 15.97 27.13
N LEU G 314 -14.82 14.66 27.24
CA LEU G 314 -13.90 13.86 28.05
C LEU G 314 -13.35 12.72 27.22
N LEU G 315 -12.03 12.59 27.16
CA LEU G 315 -11.37 11.42 26.63
C LEU G 315 -10.84 10.58 27.81
N TYR G 316 -11.59 9.53 28.12
CA TYR G 316 -11.15 8.62 29.16
C TYR G 316 -10.13 7.67 28.54
N ASN G 317 -8.95 7.57 29.15
CA ASN G 317 -7.94 6.60 28.74
C ASN G 317 -7.58 5.58 29.83
N LEU G 318 -8.17 4.38 29.76
CA LEU G 318 -7.95 3.36 30.79
C LEU G 318 -6.60 2.64 30.70
N ASP G 319 -5.91 2.81 29.58
CA ASP G 319 -4.53 2.31 29.44
C ASP G 319 -3.49 3.25 30.08
N ALA G 320 -3.67 4.55 29.87
CA ALA G 320 -2.76 5.57 30.40
C ALA G 320 -3.16 6.02 31.81
N ASN G 321 -4.38 5.64 32.21
CA ASN G 321 -4.93 6.04 33.50
C ASN G 321 -4.97 7.56 33.55
N THR G 322 -5.51 8.14 32.47
CA THR G 322 -5.72 9.57 32.38
C THR G 322 -7.13 9.84 31.90
N ILE G 323 -7.68 10.97 32.33
CA ILE G 323 -8.91 11.47 31.71
C ILE G 323 -8.61 12.87 31.20
N SER G 324 -8.74 13.05 29.89
CA SER G 324 -8.38 14.32 29.26
C SER G 324 -9.67 15.08 28.98
N ILE G 325 -9.71 16.35 29.40
CA ILE G 325 -10.95 17.12 29.48
CA ILE G 325 -10.97 17.10 29.34
C ILE G 325 -10.79 18.54 28.95
N ALA G 326 -11.85 19.08 28.34
CA ALA G 326 -11.88 20.46 27.87
C ALA G 326 -13.34 20.89 27.83
N GLN G 327 -13.57 22.20 27.91
CA GLN G 327 -14.93 22.77 27.90
C GLN G 327 -15.61 22.31 26.64
N VAL G 328 -16.83 21.79 26.76
CA VAL G 328 -17.55 21.28 25.58
C VAL G 328 -17.85 22.43 24.63
N LYS G 329 -17.92 22.10 23.34
CA LYS G 329 -18.44 23.00 22.31
C LYS G 329 -19.54 22.21 21.59
N TYR G 330 -20.78 22.71 21.63
CA TYR G 330 -21.91 21.99 21.02
C TYR G 330 -21.99 22.23 19.53
N THR G 331 -21.75 21.18 18.74
CA THR G 331 -21.79 21.29 17.27
C THR G 331 -21.95 19.95 16.59
N THR G 332 -22.66 19.95 15.47
CA THR G 332 -22.78 18.82 14.55
CA THR G 332 -22.74 18.76 14.63
C THR G 332 -21.49 18.60 13.74
N ASP G 333 -20.60 19.60 13.76
CA ASP G 333 -19.31 19.47 13.08
C ASP G 333 -18.59 18.30 13.71
N SER G 334 -17.92 17.49 12.89
CA SER G 334 -17.21 16.33 13.40
CA SER G 334 -17.23 16.32 13.40
C SER G 334 -15.86 16.16 12.72
N SER G 335 -14.81 16.15 13.53
CA SER G 335 -13.48 15.80 13.06
CA SER G 335 -13.49 15.79 13.05
C SER G 335 -12.96 14.73 14.00
N ILE G 336 -13.06 13.47 13.58
CA ILE G 336 -12.73 12.37 14.46
C ILE G 336 -11.34 11.80 14.14
N SER G 337 -10.50 11.65 15.18
CA SER G 337 -9.20 10.99 15.04
C SER G 337 -9.10 9.80 16.02
N ALA G 338 -8.41 8.74 15.62
CA ALA G 338 -8.25 7.57 16.48
C ALA G 338 -7.30 7.92 17.63
N VAL G 339 -7.41 7.22 18.77
CA VAL G 339 -6.46 7.50 19.86
C VAL G 339 -5.36 6.46 20.10
CA IVA H 1 -32.22 10.13 39.51
CB IVA H 1 -32.63 10.91 40.76
CG1 IVA H 1 -31.45 11.28 41.65
CG2 IVA H 1 -33.38 12.17 40.35
C IVA H 1 -31.59 8.79 39.84
O IVA H 1 -32.11 8.06 40.70
N VAL H 2 -30.47 8.49 39.18
CA VAL H 2 -29.78 7.24 39.38
C VAL H 2 -28.32 7.51 39.74
N VAL H 3 -27.69 6.49 40.35
CA VAL H 3 -26.26 6.57 40.66
C VAL H 3 -25.74 5.20 40.43
N STA H 4 -25.02 5.02 39.31
CA STA H 4 -24.61 3.73 38.82
CB STA H 4 -25.35 3.39 37.49
CG STA H 4 -26.88 3.52 37.59
CD1 STA H 4 -27.49 3.51 36.18
CD2 STA H 4 -27.47 2.43 38.49
CH STA H 4 -23.10 3.71 38.54
OH STA H 4 -22.83 4.77 37.59
CM STA H 4 -22.21 3.96 39.78
C STA H 4 -22.11 2.73 40.65
O STA H 4 -22.95 2.49 41.49
N ALA H 5 -21.06 1.94 40.45
CA ALA H 5 -20.79 0.82 41.34
C ALA H 5 -19.71 1.31 42.27
N STA H 6 -20.05 1.53 43.54
CA STA H 6 -19.24 2.37 44.41
CB STA H 6 -20.06 3.49 45.04
CG STA H 6 -20.83 4.36 44.03
CD1 STA H 6 -21.62 5.44 44.76
CD2 STA H 6 -19.93 5.01 42.99
CH STA H 6 -18.66 1.48 45.51
OH STA H 6 -17.80 0.51 44.90
CM STA H 6 -17.87 2.26 46.55
C STA H 6 -17.11 1.25 47.36
O STA H 6 -15.98 0.89 46.93
OXT STA H 6 -17.65 0.78 48.41
N ASP I 1 6.22 -60.68 -42.49
CA ASP I 1 6.46 -59.33 -43.07
C ASP I 1 6.39 -59.39 -44.58
N SER I 2 5.49 -58.56 -45.11
CA SER I 2 5.33 -58.39 -46.54
CA SER I 2 5.38 -58.39 -46.53
C SER I 2 5.23 -56.91 -46.82
N ILE I 3 5.51 -56.53 -48.05
CA ILE I 3 5.45 -55.13 -48.42
C ILE I 3 4.60 -55.03 -49.69
N SER I 4 3.41 -54.45 -49.55
CA SER I 4 2.55 -54.19 -50.70
C SER I 4 2.97 -52.86 -51.32
N LEU I 5 3.02 -52.82 -52.65
CA LEU I 5 3.36 -51.60 -53.38
C LEU I 5 2.37 -51.43 -54.53
N SER I 6 1.78 -50.24 -54.62
CA SER I 6 0.79 -49.96 -55.65
C SER I 6 1.42 -49.91 -57.05
N LEU I 7 0.80 -50.60 -58.00
CA LEU I 7 1.22 -50.56 -59.41
C LEU I 7 0.30 -49.63 -60.16
N ILE I 8 0.86 -48.59 -60.75
CA ILE I 8 0.06 -47.64 -61.51
C ILE I 8 -0.03 -48.14 -62.95
N ASN I 9 -1.25 -48.43 -63.42
CA ASN I 9 -1.48 -48.84 -64.79
C ASN I 9 -1.28 -47.60 -65.71
N GLU I 10 -0.10 -47.47 -66.30
CA GLU I 10 0.25 -46.30 -67.12
C GLU I 10 0.02 -46.50 -68.62
N GLY I 11 -0.60 -47.62 -68.98
CA GLY I 11 -0.84 -47.91 -70.41
C GLY I 11 0.06 -49.03 -70.86
N PRO I 12 1.24 -48.70 -71.43
CA PRO I 12 2.18 -49.76 -71.90
C PRO I 12 2.93 -50.47 -70.77
N SER I 13 2.87 -49.92 -69.57
CA SER I 13 3.63 -50.49 -68.46
CA SER I 13 3.63 -50.48 -68.46
C SER I 13 3.05 -50.10 -67.11
N TYR I 14 3.60 -50.68 -66.05
CA TYR I 14 3.13 -50.46 -64.68
C TYR I 14 4.30 -49.92 -63.86
N ALA I 15 4.05 -48.81 -63.18
CA ALA I 15 5.09 -48.09 -62.42
C ALA I 15 4.67 -47.93 -60.97
N SER I 16 5.64 -47.71 -60.11
CA SER I 16 5.39 -47.53 -58.70
C SER I 16 6.21 -46.36 -58.20
N LYS I 17 5.69 -45.67 -57.19
CA LYS I 17 6.42 -44.64 -56.53
C LYS I 17 7.40 -45.30 -55.56
N VAL I 18 8.66 -44.94 -55.71
CA VAL I 18 9.77 -45.47 -54.91
CA VAL I 18 9.71 -45.43 -54.81
C VAL I 18 10.63 -44.26 -54.50
N SER I 19 11.05 -44.16 -53.24
CA SER I 19 11.88 -43.01 -52.88
C SER I 19 13.34 -43.39 -52.72
N VAL I 20 14.22 -42.45 -53.06
CA VAL I 20 15.63 -42.72 -53.05
C VAL I 20 16.37 -41.58 -52.35
N GLY I 21 17.31 -41.93 -51.50
CA GLY I 21 18.19 -40.94 -50.87
C GLY I 21 17.78 -40.56 -49.46
N SER I 22 18.67 -39.84 -48.78
CA SER I 22 18.39 -39.36 -47.44
C SER I 22 17.16 -38.46 -47.41
N ASN I 23 16.93 -37.74 -48.52
CA ASN I 23 15.81 -36.82 -48.60
C ASN I 23 14.61 -37.40 -49.32
N LYS I 24 14.62 -38.73 -49.50
CA LYS I 24 13.50 -39.50 -50.02
C LYS I 24 12.91 -38.87 -51.28
N GLN I 25 13.75 -38.76 -52.31
CA GLN I 25 13.33 -38.20 -53.59
C GLN I 25 12.46 -39.22 -54.31
N GLN I 26 11.20 -38.86 -54.53
CA GLN I 26 10.26 -39.80 -55.10
C GLN I 26 10.47 -40.03 -56.61
N GLN I 27 10.66 -41.30 -56.98
CA GLN I 27 10.80 -41.71 -58.39
C GLN I 27 9.60 -42.54 -58.77
N THR I 28 9.07 -42.35 -59.98
CA THR I 28 8.00 -43.23 -60.47
C THR I 28 8.63 -44.10 -61.52
N VAL I 29 8.78 -45.38 -61.21
CA VAL I 29 9.65 -46.28 -61.99
C VAL I 29 8.90 -47.55 -62.38
N ILE I 30 9.29 -48.13 -63.51
CA ILE I 30 8.61 -49.32 -64.00
C ILE I 30 8.98 -50.53 -63.17
N ILE I 31 7.98 -51.28 -62.72
CA ILE I 31 8.23 -52.53 -62.02
C ILE I 31 8.47 -53.63 -63.03
N ASP I 32 9.71 -54.14 -63.05
CA ASP I 32 10.20 -54.95 -64.16
C ASP I 32 10.77 -56.32 -63.75
N THR I 33 9.97 -57.37 -63.90
CA THR I 33 10.45 -58.72 -63.59
C THR I 33 11.42 -59.21 -64.67
N GLY I 34 11.52 -58.47 -65.79
CA GLY I 34 12.37 -58.94 -66.92
C GLY I 34 13.79 -58.34 -66.93
N SER I 35 14.08 -57.53 -65.92
CA SER I 35 15.46 -57.03 -65.71
C SER I 35 15.78 -57.04 -64.22
N SER I 36 17.03 -56.73 -63.86
CA SER I 36 17.47 -56.97 -62.49
C SER I 36 18.17 -55.78 -61.81
N ASP I 37 18.24 -54.64 -62.51
CA ASP I 37 18.93 -53.47 -61.97
C ASP I 37 17.93 -52.36 -61.71
N PHE I 38 18.11 -51.67 -60.59
CA PHE I 38 17.31 -50.48 -60.30
C PHE I 38 18.09 -49.25 -60.74
N TRP I 39 17.54 -48.51 -61.71
CA TRP I 39 18.14 -47.24 -62.12
C TRP I 39 17.18 -46.06 -62.11
N VAL I 40 17.74 -44.89 -61.84
CA VAL I 40 16.96 -43.65 -61.71
C VAL I 40 17.44 -42.62 -62.75
N VAL I 41 16.52 -41.75 -63.22
CA VAL I 41 16.88 -40.66 -64.12
C VAL I 41 17.55 -39.53 -63.32
N ASP I 42 18.83 -39.27 -63.58
CA ASP I 42 19.49 -38.10 -62.97
C ASP I 42 18.76 -36.79 -63.36
N SER I 43 18.59 -35.87 -62.41
CA SER I 43 17.97 -34.58 -62.72
CA SER I 43 17.99 -34.57 -62.71
C SER I 43 18.69 -33.84 -63.85
N ASN I 44 19.98 -34.13 -64.05
CA ASN I 44 20.75 -33.54 -65.13
CA ASN I 44 20.74 -33.54 -65.14
C ASN I 44 20.96 -34.48 -66.33
N ALA I 45 20.16 -35.53 -66.41
CA ALA I 45 20.31 -36.46 -67.54
C ALA I 45 20.02 -35.76 -68.87
N GLN I 46 20.58 -36.31 -69.94
N GLN I 46 20.63 -36.27 -69.94
CA GLN I 46 20.22 -35.88 -71.28
CA GLN I 46 20.21 -35.91 -71.30
C GLN I 46 19.37 -36.96 -71.95
C GLN I 46 19.34 -37.02 -71.83
N CYS I 47 18.09 -36.69 -72.10
CA CYS I 47 17.16 -37.65 -72.67
C CYS I 47 17.52 -37.92 -74.11
N GLY I 48 17.21 -39.11 -74.58
CA GLY I 48 17.35 -39.42 -75.99
C GLY I 48 16.52 -38.48 -76.84
N LYS I 49 16.83 -38.45 -78.13
CA LYS I 49 16.14 -37.57 -79.06
C LYS I 49 14.64 -37.88 -79.04
N GLY I 50 13.83 -36.85 -78.81
CA GLY I 50 12.37 -37.01 -78.77
C GLY I 50 11.78 -37.71 -77.54
N VAL I 51 12.61 -37.96 -76.53
CA VAL I 51 12.15 -38.69 -75.35
C VAL I 51 11.96 -37.72 -74.18
N ASP I 52 10.82 -37.82 -73.50
CA ASP I 52 10.60 -36.99 -72.32
C ASP I 52 10.92 -37.88 -71.14
N CYS I 53 12.18 -37.89 -70.73
CA CYS I 53 12.59 -38.84 -69.71
C CYS I 53 12.55 -38.31 -68.29
N LYS I 54 12.24 -37.02 -68.14
CA LYS I 54 12.21 -36.39 -66.82
C LYS I 54 10.81 -36.12 -66.25
N SER I 55 9.75 -36.67 -66.85
CA SER I 55 8.38 -36.37 -66.38
CA SER I 55 8.37 -36.39 -66.40
C SER I 55 7.85 -37.38 -65.36
N SER I 56 8.69 -38.32 -64.93
CA SER I 56 8.29 -39.33 -63.95
C SER I 56 9.15 -39.35 -62.68
N GLY I 57 9.60 -38.16 -62.27
CA GLY I 57 10.52 -38.03 -61.16
C GLY I 57 11.96 -38.10 -61.63
N THR I 58 12.83 -37.35 -60.96
CA THR I 58 14.26 -37.46 -61.21
C THR I 58 14.99 -37.50 -59.89
N PHE I 59 16.26 -37.92 -59.94
CA PHE I 59 17.07 -38.09 -58.74
C PHE I 59 18.27 -37.17 -58.84
N THR I 60 18.52 -36.43 -57.75
CA THR I 60 19.67 -35.52 -57.66
C THR I 60 20.62 -36.09 -56.59
N PRO I 61 21.68 -36.77 -57.02
CA PRO I 61 22.58 -37.44 -56.08
C PRO I 61 23.17 -36.46 -55.07
N SER I 62 23.45 -35.23 -55.50
CA SER I 62 24.13 -34.27 -54.62
C SER I 62 23.28 -33.77 -53.43
N SER I 63 21.97 -33.91 -53.51
CA SER I 63 21.02 -33.53 -52.45
CA SER I 63 21.09 -33.51 -52.41
C SER I 63 20.79 -34.64 -51.43
N SER I 64 21.22 -35.86 -51.76
CA SER I 64 21.14 -36.96 -50.79
C SER I 64 22.46 -37.08 -50.05
N SER I 65 22.40 -36.89 -48.73
CA SER I 65 23.60 -36.93 -47.89
C SER I 65 24.18 -38.34 -47.76
N SER I 66 23.39 -39.35 -48.13
CA SER I 66 23.82 -40.77 -48.06
C SER I 66 24.24 -41.39 -49.39
N TYR I 67 24.17 -40.63 -50.48
CA TYR I 67 24.60 -41.17 -51.77
C TYR I 67 26.08 -41.54 -51.74
N LYS I 68 26.38 -42.69 -52.33
CA LYS I 68 27.76 -43.12 -52.50
C LYS I 68 27.99 -43.45 -53.98
N ASN I 69 28.96 -42.78 -54.60
CA ASN I 69 29.33 -43.07 -55.98
C ASN I 69 30.23 -44.30 -55.98
N LEU I 70 29.94 -45.30 -56.82
CA LEU I 70 30.81 -46.49 -56.88
C LEU I 70 31.87 -46.40 -57.96
N GLY I 71 31.73 -45.40 -58.84
CA GLY I 71 32.77 -45.08 -59.81
C GLY I 71 32.87 -45.98 -61.03
N ALA I 72 31.94 -46.93 -61.18
CA ALA I 72 31.96 -47.86 -62.31
C ALA I 72 30.87 -47.42 -63.26
N ALA I 73 31.10 -47.60 -64.56
CA ALA I 73 30.14 -47.19 -65.57
C ALA I 73 28.97 -48.18 -65.69
N PHE I 74 27.77 -47.66 -65.96
CA PHE I 74 26.60 -48.50 -66.13
C PHE I 74 26.09 -48.36 -67.57
N THR I 75 25.71 -49.48 -68.16
CA THR I 75 25.06 -49.47 -69.46
C THR I 75 24.12 -50.66 -69.57
N ILE I 76 22.95 -50.46 -70.20
CA ILE I 76 22.00 -51.55 -70.33
C ILE I 76 21.24 -51.28 -71.63
N ARG I 77 20.86 -52.37 -72.32
CA ARG I 77 20.01 -52.29 -73.52
C ARG I 77 18.84 -53.24 -73.33
N TYR I 78 17.63 -52.74 -73.57
CA TYR I 78 16.41 -53.52 -73.39
C TYR I 78 15.93 -54.14 -74.71
N GLY I 79 14.99 -55.10 -74.61
CA GLY I 79 14.60 -55.83 -75.81
C GLY I 79 13.91 -54.96 -76.85
N ASP I 80 13.33 -53.83 -76.43
CA ASP I 80 12.71 -52.90 -77.41
C ASP I 80 13.69 -51.97 -78.10
N GLY I 81 14.97 -52.06 -77.73
CA GLY I 81 16.02 -51.25 -78.33
C GLY I 81 16.42 -50.01 -77.50
N SER I 82 15.59 -49.65 -76.51
CA SER I 82 15.90 -48.53 -75.60
CA SER I 82 15.90 -48.52 -75.62
C SER I 82 17.12 -48.85 -74.76
N THR I 83 17.84 -47.81 -74.33
CA THR I 83 19.07 -48.01 -73.60
C THR I 83 19.19 -46.95 -72.52
N SER I 84 20.04 -47.22 -71.52
CA SER I 84 20.39 -46.22 -70.50
C SER I 84 21.88 -46.36 -70.23
N GLN I 85 22.56 -45.26 -69.98
CA GLN I 85 23.95 -45.29 -69.49
C GLN I 85 24.11 -44.32 -68.32
N GLY I 86 25.04 -44.64 -67.43
CA GLY I 86 25.30 -43.74 -66.31
C GLY I 86 26.41 -44.32 -65.48
N THR I 87 26.28 -44.20 -64.16
CA THR I 87 27.29 -44.69 -63.25
CA THR I 87 27.29 -44.69 -63.25
C THR I 87 26.60 -45.40 -62.10
N TRP I 88 27.27 -46.39 -61.53
CA TRP I 88 26.75 -47.13 -60.40
C TRP I 88 26.95 -46.36 -59.11
N GLY I 89 25.95 -46.46 -58.25
CA GLY I 89 25.99 -45.83 -56.95
C GLY I 89 25.28 -46.66 -55.89
N LYS I 90 25.25 -46.11 -54.67
CA LYS I 90 24.46 -46.68 -53.57
C LYS I 90 23.73 -45.59 -52.81
N ASP I 91 22.51 -45.91 -52.39
CA ASP I 91 21.77 -45.05 -51.49
C ASP I 91 20.65 -45.83 -50.82
N THR I 92 19.97 -45.16 -49.91
CA THR I 92 18.81 -45.71 -49.24
C THR I 92 17.62 -45.68 -50.21
N VAL I 93 16.91 -46.79 -50.23
CA VAL I 93 15.73 -46.95 -51.09
C VAL I 93 14.58 -47.26 -50.16
N THR I 94 13.48 -46.54 -50.34
CA THR I 94 12.31 -46.72 -49.49
CA THR I 94 12.30 -46.68 -49.49
C THR I 94 11.12 -47.11 -50.34
N ILE I 95 10.48 -48.23 -49.96
CA ILE I 95 9.34 -48.78 -50.69
C ILE I 95 8.18 -48.86 -49.73
N ASN I 96 7.15 -48.06 -50.01
CA ASN I 96 5.98 -47.96 -49.11
C ASN I 96 6.42 -47.93 -47.64
N GLY I 97 7.27 -46.96 -47.34
CA GLY I 97 7.68 -46.71 -45.95
C GLY I 97 8.71 -47.68 -45.39
N VAL I 98 9.12 -48.67 -46.17
CA VAL I 98 10.16 -49.60 -45.71
C VAL I 98 11.48 -49.27 -46.39
N SER I 99 12.51 -49.01 -45.58
CA SER I 99 13.80 -48.51 -46.09
C SER I 99 14.89 -49.58 -46.03
N ILE I 100 15.64 -49.72 -47.12
CA ILE I 100 16.87 -50.51 -47.12
C ILE I 100 18.06 -49.60 -47.40
N THR I 101 19.12 -49.79 -46.64
CA THR I 101 20.29 -48.92 -46.74
C THR I 101 21.36 -49.55 -47.63
N GLY I 102 22.20 -48.71 -48.21
CA GLY I 102 23.33 -49.13 -49.04
C GLY I 102 22.93 -49.97 -50.23
N GLN I 103 21.77 -49.65 -50.82
CA GLN I 103 21.30 -50.37 -52.01
C GLN I 103 21.96 -49.88 -53.29
N GLN I 104 22.56 -50.80 -54.03
CA GLN I 104 23.24 -50.47 -55.26
C GLN I 104 22.20 -50.21 -56.35
N ILE I 105 22.37 -49.08 -57.02
CA ILE I 105 21.47 -48.58 -58.06
C ILE I 105 22.36 -47.91 -59.08
N ALA I 106 21.80 -47.58 -60.24
CA ALA I 106 22.53 -46.83 -61.22
C ALA I 106 21.92 -45.44 -61.38
N ASP I 107 22.79 -44.44 -61.38
CA ASP I 107 22.41 -43.06 -61.61
C ASP I 107 22.59 -42.80 -63.11
N VAL I 108 21.47 -42.71 -63.84
CA VAL I 108 21.51 -42.66 -65.29
C VAL I 108 21.50 -41.22 -65.80
N THR I 109 22.50 -40.88 -66.62
CA THR I 109 22.64 -39.52 -67.16
C THR I 109 22.35 -39.42 -68.67
N GLN I 110 22.05 -40.54 -69.31
CA GLN I 110 21.53 -40.55 -70.67
C GLN I 110 20.61 -41.76 -70.81
N THR I 111 19.43 -41.54 -71.39
CA THR I 111 18.49 -42.64 -71.60
C THR I 111 17.47 -42.34 -72.67
N SER I 112 17.08 -43.39 -73.40
CA SER I 112 15.97 -43.29 -74.33
C SER I 112 14.71 -43.99 -73.78
N VAL I 113 14.77 -44.39 -72.51
CA VAL I 113 13.59 -44.91 -71.80
C VAL I 113 12.87 -43.72 -71.17
N ASP I 114 11.55 -43.82 -71.05
CA ASP I 114 10.72 -42.71 -70.56
C ASP I 114 10.86 -42.41 -69.08
N GLN I 115 11.34 -43.39 -68.32
CA GLN I 115 11.40 -43.27 -66.87
C GLN I 115 12.33 -44.33 -66.33
N GLY I 116 12.70 -44.20 -65.06
CA GLY I 116 13.57 -45.19 -64.40
C GLY I 116 12.87 -46.54 -64.31
N ILE I 117 13.64 -47.56 -63.98
CA ILE I 117 13.18 -48.96 -63.96
C ILE I 117 13.69 -49.64 -62.71
N LEU I 118 12.76 -50.25 -61.97
CA LEU I 118 13.12 -51.09 -60.83
C LEU I 118 13.11 -52.56 -61.28
N GLY I 119 14.29 -53.06 -61.68
CA GLY I 119 14.41 -54.43 -62.12
C GLY I 119 14.49 -55.34 -60.89
N ILE I 120 13.63 -56.39 -60.87
CA ILE I 120 13.55 -57.26 -59.69
C ILE I 120 13.79 -58.74 -60.02
N GLY I 121 14.42 -58.99 -61.16
CA GLY I 121 14.74 -60.36 -61.57
C GLY I 121 15.94 -60.91 -60.83
N TYR I 122 16.43 -62.05 -61.31
CA TYR I 122 17.62 -62.69 -60.75
C TYR I 122 18.88 -61.81 -60.82
N THR I 123 19.71 -61.90 -59.77
CA THR I 123 20.93 -61.11 -59.79
C THR I 123 21.79 -61.54 -60.98
N SER I 124 21.65 -62.78 -61.46
CA SER I 124 22.53 -63.25 -62.54
C SER I 124 22.22 -62.55 -63.85
N ASN I 125 21.08 -61.85 -63.96
CA ASN I 125 20.75 -61.10 -65.16
C ASN I 125 21.05 -59.60 -65.03
N GLU I 126 21.82 -59.22 -64.03
CA GLU I 126 22.25 -57.83 -63.90
C GLU I 126 23.10 -57.39 -65.10
N ALA I 127 22.95 -56.12 -65.48
CA ALA I 127 23.64 -55.54 -66.64
C ALA I 127 24.96 -54.96 -66.11
N VAL I 128 25.94 -55.86 -65.96
CA VAL I 128 27.24 -55.52 -65.40
C VAL I 128 28.37 -55.72 -66.43
N TYR I 129 28.02 -55.60 -67.71
CA TYR I 129 28.98 -55.82 -68.81
C TYR I 129 29.06 -54.59 -69.68
N ASP I 130 30.22 -54.34 -70.27
CA ASP I 130 30.29 -53.26 -71.24
C ASP I 130 29.74 -53.75 -72.58
N THR I 131 29.60 -52.83 -73.52
CA THR I 131 28.91 -53.14 -74.76
C THR I 131 29.77 -54.05 -75.64
N SER I 132 30.96 -54.38 -75.15
CA SER I 132 31.88 -55.30 -75.80
CA SER I 132 31.85 -55.31 -75.82
C SER I 132 31.78 -56.71 -75.20
N GLY I 133 30.96 -56.86 -74.16
CA GLY I 133 30.77 -58.14 -73.46
C GLY I 133 31.65 -58.37 -72.23
N ARG I 134 32.61 -57.48 -71.98
CA ARG I 134 33.49 -57.57 -70.82
C ARG I 134 32.72 -57.21 -69.52
N GLN I 135 32.86 -58.02 -68.48
CA GLN I 135 32.25 -57.67 -67.18
C GLN I 135 33.05 -56.58 -66.51
N THR I 136 32.35 -55.49 -66.17
CA THR I 136 33.02 -54.27 -65.71
C THR I 136 32.81 -54.00 -64.22
N THR I 137 31.89 -54.72 -63.61
CA THR I 137 31.65 -54.59 -62.16
C THR I 137 31.04 -55.91 -61.68
N PRO I 138 31.28 -56.29 -60.41
CA PRO I 138 30.73 -57.55 -59.88
C PRO I 138 29.19 -57.62 -59.86
N ASN I 139 28.64 -58.83 -60.00
CA ASN I 139 27.24 -59.03 -59.65
C ASN I 139 27.05 -58.63 -58.19
N TYR I 140 25.87 -58.18 -57.82
CA TYR I 140 25.66 -57.53 -56.51
C TYR I 140 24.26 -57.86 -56.00
N ASP I 141 23.95 -57.49 -54.76
CA ASP I 141 22.58 -57.71 -54.22
C ASP I 141 21.64 -56.66 -54.77
N ASN I 142 20.69 -57.09 -55.61
CA ASN I 142 19.70 -56.16 -56.10
C ASN I 142 18.55 -56.00 -55.10
N VAL I 143 17.49 -55.26 -55.46
CA VAL I 143 16.52 -54.84 -54.43
C VAL I 143 15.86 -56.03 -53.65
N PRO I 144 15.35 -57.07 -54.36
CA PRO I 144 14.75 -58.20 -53.62
C PRO I 144 15.72 -58.95 -52.69
N VAL I 145 16.98 -59.09 -53.10
CA VAL I 145 17.97 -59.75 -52.28
C VAL I 145 18.19 -58.91 -51.00
N THR I 146 18.27 -57.59 -51.18
CA THR I 146 18.56 -56.71 -50.03
C THR I 146 17.37 -56.68 -49.07
N LEU I 147 16.15 -56.62 -49.61
CA LEU I 147 14.95 -56.72 -48.78
C LEU I 147 15.04 -57.95 -47.87
N LYS I 148 15.43 -59.09 -48.43
CA LYS I 148 15.55 -60.32 -47.63
C LYS I 148 16.72 -60.22 -46.62
N LYS I 149 17.85 -59.74 -47.12
CA LYS I 149 19.06 -59.67 -46.28
C LYS I 149 18.92 -58.71 -45.10
N GLN I 150 18.18 -57.63 -45.30
CA GLN I 150 17.94 -56.68 -44.22
C GLN I 150 16.70 -57.01 -43.37
N GLY I 151 16.11 -58.20 -43.60
CA GLY I 151 15.09 -58.73 -42.71
C GLY I 151 13.72 -58.14 -42.93
N LYS I 152 13.49 -57.56 -44.12
CA LYS I 152 12.22 -56.91 -44.44
C LYS I 152 11.24 -57.94 -44.98
N ILE I 153 11.79 -59.00 -45.58
CA ILE I 153 11.02 -60.14 -46.07
C ILE I 153 11.79 -61.42 -45.75
N ARG I 154 11.05 -62.52 -45.68
CA ARG I 154 11.58 -63.84 -45.31
CA ARG I 154 11.62 -63.81 -45.31
C ARG I 154 12.27 -64.54 -46.49
N THR I 155 11.64 -64.44 -47.66
CA THR I 155 12.05 -65.13 -48.88
C THR I 155 12.14 -64.12 -50.01
N ASN I 156 13.08 -64.31 -50.94
CA ASN I 156 13.16 -63.49 -52.13
C ASN I 156 12.02 -63.95 -53.04
N ALA I 157 10.86 -63.35 -52.86
CA ALA I 157 9.65 -63.75 -53.58
C ALA I 157 8.77 -62.51 -53.64
N TYR I 158 7.91 -62.46 -54.65
CA TYR I 158 6.91 -61.40 -54.74
C TYR I 158 5.74 -61.89 -55.59
N SER I 159 4.54 -61.40 -55.24
CA SER I 159 3.32 -61.73 -56.00
C SER I 159 2.93 -60.54 -56.86
N LEU I 160 2.52 -60.85 -58.09
CA LEU I 160 2.14 -59.82 -59.07
C LEU I 160 0.65 -59.89 -59.39
N TYR I 161 -0.02 -58.75 -59.15
CA TYR I 161 -1.45 -58.58 -59.44
C TYR I 161 -1.53 -57.31 -60.25
N LEU I 162 -1.41 -57.44 -61.56
CA LEU I 162 -1.55 -56.25 -62.42
C LEU I 162 -2.98 -55.70 -62.41
N ASN I 163 -3.95 -56.57 -62.10
CA ASN I 163 -5.36 -56.20 -62.03
C ASN I 163 -5.96 -56.10 -63.44
N SER I 164 -7.22 -55.70 -63.54
CA SER I 164 -7.94 -55.83 -64.81
C SER I 164 -7.49 -54.80 -65.84
N PRO I 165 -7.77 -55.04 -67.13
CA PRO I 165 -7.40 -54.09 -68.20
C PRO I 165 -7.87 -52.66 -67.92
N SER I 166 -9.05 -52.51 -67.31
CA SER I 166 -9.60 -51.19 -67.01
C SER I 166 -9.25 -50.63 -65.60
N ALA I 167 -8.54 -51.42 -64.78
CA ALA I 167 -8.19 -50.97 -63.44
C ALA I 167 -7.15 -49.84 -63.48
N GLU I 168 -7.27 -48.90 -62.55
CA GLU I 168 -6.31 -47.79 -62.43
CA GLU I 168 -6.31 -47.80 -62.44
C GLU I 168 -5.02 -48.25 -61.79
N THR I 169 -5.12 -49.23 -60.88
CA THR I 169 -3.97 -49.71 -60.11
C THR I 169 -4.04 -51.19 -59.82
N GLY I 170 -2.86 -51.79 -59.71
CA GLY I 170 -2.69 -53.15 -59.24
C GLY I 170 -1.75 -53.14 -58.05
N THR I 171 -1.20 -54.30 -57.71
CA THR I 171 -0.38 -54.41 -56.51
C THR I 171 0.72 -55.43 -56.73
N ILE I 172 1.94 -55.09 -56.34
CA ILE I 172 2.98 -56.13 -56.15
C ILE I 172 3.26 -56.25 -54.64
N ILE I 173 3.43 -57.49 -54.16
CA ILE I 173 3.69 -57.72 -52.76
C ILE I 173 5.04 -58.45 -52.64
N PHE I 174 6.01 -57.76 -52.09
CA PHE I 174 7.28 -58.42 -51.78
C PHE I 174 7.10 -59.26 -50.54
N GLY I 175 7.52 -60.53 -50.61
CA GLY I 175 7.51 -61.43 -49.44
C GLY I 175 6.12 -61.86 -48.99
N GLY I 176 5.14 -61.82 -49.89
CA GLY I 176 3.77 -62.17 -49.55
C GLY I 176 2.95 -62.62 -50.75
N VAL I 177 1.77 -63.19 -50.43
CA VAL I 177 0.83 -63.67 -51.44
C VAL I 177 -0.57 -63.36 -50.98
N ASP I 178 -1.39 -62.80 -51.88
CA ASP I 178 -2.76 -62.46 -51.51
C ASP I 178 -3.69 -63.57 -51.98
N ASN I 179 -4.06 -64.45 -51.05
CA ASN I 179 -4.82 -65.64 -51.41
C ASN I 179 -6.26 -65.33 -51.80
N ALA I 180 -6.68 -64.07 -51.67
CA ALA I 180 -8.05 -63.70 -52.06
C ALA I 180 -8.17 -63.47 -53.58
N LYS I 181 -7.03 -63.30 -54.26
CA LYS I 181 -7.06 -62.74 -55.63
C LYS I 181 -6.84 -63.75 -56.76
N TYR I 182 -7.16 -65.00 -56.50
CA TYR I 182 -7.15 -66.01 -57.55
C TYR I 182 -8.19 -67.08 -57.23
N SER I 183 -8.65 -67.74 -58.30
CA SER I 183 -9.51 -68.90 -58.21
C SER I 183 -8.70 -70.19 -58.22
N GLY I 184 -9.24 -71.22 -57.59
CA GLY I 184 -8.58 -72.51 -57.51
C GLY I 184 -7.33 -72.44 -56.65
N LYS I 185 -6.40 -73.34 -56.89
CA LYS I 185 -5.13 -73.33 -56.18
C LYS I 185 -4.02 -72.87 -57.11
N LEU I 186 -3.02 -72.19 -56.54
CA LEU I 186 -1.81 -71.88 -57.28
C LEU I 186 -1.12 -73.17 -57.72
N VAL I 187 -0.60 -73.16 -58.94
CA VAL I 187 0.11 -74.33 -59.48
C VAL I 187 1.55 -73.89 -59.64
N ALA I 188 2.48 -74.61 -59.00
CA ALA I 188 3.91 -74.31 -59.08
C ALA I 188 4.50 -74.76 -60.42
N GLU I 189 5.07 -73.79 -61.13
CA GLU I 189 5.78 -74.09 -62.37
C GLU I 189 7.26 -73.81 -62.15
N GLN I 190 8.11 -74.65 -62.70
CA GLN I 190 9.56 -74.56 -62.45
C GLN I 190 10.19 -73.53 -63.34
N VAL I 191 11.06 -72.70 -62.78
CA VAL I 191 11.78 -71.73 -63.63
C VAL I 191 12.79 -72.54 -64.47
N THR I 192 12.81 -72.31 -65.78
CA THR I 192 13.62 -73.09 -66.69
C THR I 192 15.00 -72.47 -67.00
N SER I 193 15.25 -71.27 -66.51
CA SER I 193 16.50 -70.58 -66.82
C SER I 193 17.16 -70.17 -65.52
N SER I 194 18.49 -70.08 -65.50
CA SER I 194 19.17 -69.61 -64.32
CA SER I 194 19.19 -69.61 -64.32
C SER I 194 19.29 -68.08 -64.31
N GLN I 195 18.89 -67.45 -65.40
CA GLN I 195 19.04 -66.02 -65.59
C GLN I 195 17.72 -65.27 -65.73
N ALA I 196 16.72 -65.94 -66.31
CA ALA I 196 15.46 -65.28 -66.62
C ALA I 196 14.27 -66.01 -65.99
N LEU I 197 13.20 -65.25 -65.72
CA LEU I 197 12.06 -65.83 -65.04
C LEU I 197 11.09 -66.45 -66.06
N THR I 198 11.51 -67.58 -66.61
CA THR I 198 10.80 -68.26 -67.70
C THR I 198 10.26 -69.60 -67.19
N ILE I 199 9.06 -69.98 -67.65
CA ILE I 199 8.52 -71.29 -67.28
C ILE I 199 8.09 -72.02 -68.55
N SER I 200 7.82 -73.31 -68.42
CA SER I 200 7.53 -74.16 -69.56
CA SER I 200 7.52 -74.17 -69.57
C SER I 200 6.10 -73.93 -70.07
N LEU I 201 5.97 -73.49 -71.32
CA LEU I 201 4.66 -73.29 -71.95
C LEU I 201 4.40 -74.46 -72.90
N ALA I 202 3.40 -75.28 -72.58
CA ALA I 202 3.17 -76.49 -73.36
C ALA I 202 2.37 -76.22 -74.63
N SER I 203 1.31 -75.43 -74.52
CA SER I 203 0.43 -75.22 -75.66
C SER I 203 -0.36 -73.94 -75.52
N VAL I 204 -0.93 -73.48 -76.62
CA VAL I 204 -1.77 -72.30 -76.63
C VAL I 204 -3.01 -72.71 -77.44
N ASN I 205 -4.19 -72.46 -76.89
CA ASN I 205 -5.45 -72.75 -77.55
CA ASN I 205 -5.45 -72.75 -77.56
C ASN I 205 -6.07 -71.44 -78.03
N LEU I 206 -6.29 -71.35 -79.33
CA LEU I 206 -6.81 -70.13 -79.95
C LEU I 206 -7.84 -70.52 -80.98
N LYS I 207 -9.02 -69.90 -80.91
CA LYS I 207 -10.12 -70.13 -81.87
C LYS I 207 -10.51 -71.60 -82.01
N GLY I 208 -10.50 -72.32 -80.89
CA GLY I 208 -10.84 -73.77 -80.84
C GLY I 208 -9.80 -74.69 -81.47
N SER I 209 -8.54 -74.22 -81.54
CA SER I 209 -7.43 -75.02 -82.08
C SER I 209 -6.30 -75.02 -81.07
N SER I 210 -5.71 -76.19 -80.85
CA SER I 210 -4.57 -76.29 -79.97
C SER I 210 -3.27 -76.21 -80.75
N PHE I 211 -2.36 -75.37 -80.29
CA PHE I 211 -1.06 -75.19 -80.91
C PHE I 211 0.00 -75.63 -79.92
N SER I 212 0.69 -76.73 -80.23
CA SER I 212 1.77 -77.21 -79.39
C SER I 212 2.94 -76.25 -79.47
N PHE I 213 3.46 -75.88 -78.30
CA PHE I 213 4.58 -74.96 -78.25
C PHE I 213 5.81 -75.67 -77.72
N GLY I 214 5.89 -75.82 -76.39
CA GLY I 214 6.93 -76.65 -75.76
C GLY I 214 8.28 -75.95 -75.67
N ASP I 215 8.25 -74.74 -75.14
CA ASP I 215 9.49 -74.01 -74.87
C ASP I 215 9.24 -73.07 -73.69
N GLY I 216 10.30 -72.44 -73.18
CA GLY I 216 10.18 -71.52 -72.06
C GLY I 216 9.57 -70.19 -72.50
N ALA I 217 8.85 -69.54 -71.60
CA ALA I 217 8.24 -68.24 -71.84
C ALA I 217 8.60 -67.35 -70.65
N LEU I 218 9.13 -66.16 -70.96
CA LEU I 218 9.50 -65.19 -69.89
C LEU I 218 8.23 -64.49 -69.40
N LEU I 219 8.03 -64.50 -68.07
CA LEU I 219 6.84 -63.86 -67.49
C LEU I 219 7.22 -62.44 -67.05
N ASP I 220 7.09 -61.49 -67.98
CA ASP I 220 7.72 -60.18 -67.86
C ASP I 220 6.72 -59.04 -67.67
N SER I 221 6.69 -58.50 -66.46
CA SER I 221 5.85 -57.35 -66.15
C SER I 221 6.20 -56.09 -66.95
N GLY I 222 7.47 -56.01 -67.37
CA GLY I 222 7.94 -54.86 -68.13
C GLY I 222 7.82 -54.98 -69.64
N THR I 223 6.99 -55.92 -70.12
CA THR I 223 6.70 -56.02 -71.56
C THR I 223 5.21 -55.81 -71.74
N THR I 224 4.84 -55.02 -72.73
CA THR I 224 3.42 -54.68 -72.97
C THR I 224 2.59 -55.82 -73.53
N LEU I 225 3.13 -56.45 -74.60
CA LEU I 225 2.43 -57.45 -75.39
C LEU I 225 3.01 -58.84 -75.18
N THR I 226 2.75 -59.76 -76.11
CA THR I 226 3.20 -61.12 -76.03
C THR I 226 4.02 -61.39 -77.29
N TYR I 227 5.14 -62.08 -77.13
CA TYR I 227 6.10 -62.31 -78.22
C TYR I 227 6.40 -63.78 -78.33
N PHE I 228 6.32 -64.30 -79.56
CA PHE I 228 6.59 -65.70 -79.86
C PHE I 228 7.60 -65.83 -81.01
N PRO I 229 8.35 -66.97 -81.07
CA PRO I 229 9.22 -67.23 -82.22
C PRO I 229 8.41 -67.03 -83.52
N SER I 230 9.09 -66.51 -84.55
CA SER I 230 8.47 -66.14 -85.83
C SER I 230 7.52 -67.17 -86.39
N ASP I 231 7.97 -68.42 -86.50
CA ASP I 231 7.17 -69.48 -87.12
C ASP I 231 5.87 -69.70 -86.36
N PHE I 232 5.98 -69.75 -85.03
CA PHE I 232 4.83 -69.97 -84.15
C PHE I 232 3.86 -68.79 -84.17
N ALA I 233 4.41 -67.57 -84.09
CA ALA I 233 3.59 -66.36 -84.18
C ALA I 233 2.76 -66.35 -85.49
N ALA I 234 3.39 -66.78 -86.59
CA ALA I 234 2.76 -66.83 -87.93
C ALA I 234 1.61 -67.80 -87.94
N GLN I 235 1.78 -68.94 -87.26
CA GLN I 235 0.70 -69.94 -87.19
C GLN I 235 -0.49 -69.35 -86.46
N LEU I 236 -0.23 -68.70 -85.32
CA LEU I 236 -1.32 -68.11 -84.56
C LEU I 236 -1.96 -66.95 -85.32
N ALA I 237 -1.12 -66.14 -85.95
CA ALA I 237 -1.57 -64.97 -86.70
C ALA I 237 -2.54 -65.38 -87.80
N ASP I 238 -2.21 -66.47 -88.48
CA ASP I 238 -3.07 -66.96 -89.56
C ASP I 238 -4.43 -67.39 -89.02
N LYS I 239 -4.44 -67.97 -87.82
CA LYS I 239 -5.69 -68.41 -87.19
C LYS I 239 -6.46 -67.19 -86.70
N ALA I 240 -5.74 -66.18 -86.21
CA ALA I 240 -6.33 -64.99 -85.60
C ALA I 240 -6.80 -63.96 -86.63
N GLY I 241 -6.23 -63.99 -87.83
CA GLY I 241 -6.56 -62.99 -88.85
C GLY I 241 -5.68 -61.74 -88.76
N ALA I 242 -4.54 -61.84 -88.04
CA ALA I 242 -3.59 -60.73 -88.01
C ALA I 242 -2.80 -60.61 -89.33
N ARG I 243 -2.22 -59.45 -89.56
CA ARG I 243 -1.57 -59.19 -90.85
C ARG I 243 -0.16 -58.64 -90.61
N LEU I 244 0.83 -59.26 -91.25
CA LEU I 244 2.23 -58.86 -91.08
C LEU I 244 2.55 -57.56 -91.82
N VAL I 245 3.26 -56.65 -91.17
CA VAL I 245 3.64 -55.40 -91.76
C VAL I 245 5.12 -55.13 -91.41
N GLN I 246 5.95 -54.96 -92.44
CA GLN I 246 7.35 -54.61 -92.25
C GLN I 246 7.44 -53.13 -91.90
N VAL I 247 7.97 -52.81 -90.72
CA VAL I 247 7.94 -51.42 -90.24
C VAL I 247 9.33 -50.78 -90.21
N ALA I 248 10.36 -51.59 -90.46
CA ALA I 248 11.76 -51.14 -90.56
C ALA I 248 12.48 -52.17 -91.42
N ARG I 249 13.72 -51.89 -91.82
CA ARG I 249 14.45 -52.87 -92.60
C ARG I 249 14.41 -54.24 -91.92
N ASP I 250 14.52 -54.22 -90.59
CA ASP I 250 14.71 -55.40 -89.76
C ASP I 250 13.61 -55.61 -88.70
N GLN I 251 12.42 -55.05 -88.90
CA GLN I 251 11.37 -55.22 -87.89
C GLN I 251 10.05 -55.43 -88.59
N TYR I 252 9.31 -56.44 -88.12
CA TYR I 252 7.95 -56.71 -88.64
C TYR I 252 6.99 -56.73 -87.46
N LEU I 253 5.79 -56.19 -87.66
CA LEU I 253 4.75 -56.22 -86.62
C LEU I 253 3.45 -56.75 -87.19
N TYR I 254 2.67 -57.45 -86.37
CA TYR I 254 1.29 -57.84 -86.76
C TYR I 254 0.31 -56.77 -86.37
N PHE I 255 -0.50 -56.36 -87.35
CA PHE I 255 -1.63 -55.47 -87.14
C PHE I 255 -2.91 -56.29 -87.29
N ILE I 256 -4.02 -55.74 -86.81
CA ILE I 256 -5.30 -56.44 -86.83
C ILE I 256 -6.41 -55.41 -86.95
N ASP I 257 -7.48 -55.78 -87.65
CA ASP I 257 -8.61 -54.90 -87.76
C ASP I 257 -9.05 -54.51 -86.35
N CYS I 258 -9.16 -53.20 -86.12
CA CYS I 258 -9.60 -52.71 -84.81
C CYS I 258 -10.97 -53.27 -84.41
N ASN I 259 -11.76 -53.66 -85.41
CA ASN I 259 -13.11 -54.17 -85.20
C ASN I 259 -13.25 -55.68 -85.14
N THR I 260 -12.13 -56.38 -84.98
CA THR I 260 -12.13 -57.84 -84.92
C THR I 260 -12.99 -58.33 -83.76
N ASP I 261 -13.69 -59.45 -83.98
CA ASP I 261 -14.42 -60.11 -82.90
C ASP I 261 -13.45 -60.53 -81.81
N THR I 262 -13.65 -60.00 -80.60
CA THR I 262 -12.80 -60.32 -79.46
C THR I 262 -13.57 -61.09 -78.37
N SER I 263 -14.69 -61.71 -78.74
CA SER I 263 -15.53 -62.41 -77.78
C SER I 263 -14.95 -63.73 -77.27
N GLY I 264 -13.97 -64.30 -77.98
CA GLY I 264 -13.38 -65.56 -77.54
C GLY I 264 -12.28 -65.39 -76.49
N THR I 265 -11.58 -66.48 -76.18
CA THR I 265 -10.45 -66.42 -75.25
C THR I 265 -9.26 -67.18 -75.86
N THR I 266 -8.06 -66.89 -75.34
CA THR I 266 -6.85 -67.56 -75.74
C THR I 266 -6.31 -68.22 -74.45
N VAL I 267 -6.04 -69.52 -74.52
CA VAL I 267 -5.69 -70.28 -73.31
C VAL I 267 -4.24 -70.75 -73.36
N PHE I 268 -3.54 -70.54 -72.25
CA PHE I 268 -2.14 -70.91 -72.09
C PHE I 268 -2.02 -72.06 -71.10
N ASN I 269 -1.43 -73.15 -71.59
CA ASN I 269 -1.28 -74.35 -70.79
C ASN I 269 0.18 -74.58 -70.52
N PHE I 270 0.54 -74.64 -69.23
CA PHE I 270 1.94 -74.74 -68.82
C PHE I 270 2.34 -76.15 -68.44
N GLY I 271 3.64 -76.37 -68.27
CA GLY I 271 4.19 -77.71 -68.11
C GLY I 271 3.66 -78.52 -66.95
N ASN I 272 3.48 -77.88 -65.78
CA ASN I 272 2.93 -78.57 -64.60
C ASN I 272 1.39 -78.40 -64.47
N GLY I 273 0.75 -78.05 -65.59
CA GLY I 273 -0.70 -78.05 -65.68
C GLY I 273 -1.38 -76.73 -65.33
N ALA I 274 -0.61 -75.68 -65.00
CA ALA I 274 -1.22 -74.36 -64.79
C ALA I 274 -1.92 -73.93 -66.08
N LYS I 275 -3.02 -73.20 -65.94
CA LYS I 275 -3.84 -72.84 -67.09
C LYS I 275 -4.37 -71.44 -66.88
N ILE I 276 -4.09 -70.56 -67.85
CA ILE I 276 -4.52 -69.16 -67.78
C ILE I 276 -5.29 -68.85 -69.03
N THR I 277 -6.49 -68.28 -68.83
CA THR I 277 -7.40 -67.95 -69.90
C THR I 277 -7.43 -66.42 -70.06
N VAL I 278 -7.10 -65.95 -71.26
CA VAL I 278 -7.00 -64.52 -71.52
C VAL I 278 -8.15 -64.11 -72.46
N PRO I 279 -8.93 -63.07 -72.09
CA PRO I 279 -9.96 -62.59 -73.02
C PRO I 279 -9.35 -61.99 -74.31
N ASN I 280 -10.00 -62.24 -75.46
CA ASN I 280 -9.38 -61.86 -76.73
C ASN I 280 -9.28 -60.35 -76.94
N THR I 281 -9.97 -59.59 -76.10
CA THR I 281 -9.81 -58.13 -76.08
C THR I 281 -8.35 -57.74 -75.87
N GLU I 282 -7.58 -58.62 -75.21
CA GLU I 282 -6.16 -58.36 -74.92
C GLU I 282 -5.27 -58.43 -76.17
N TYR I 283 -5.84 -58.85 -77.31
CA TYR I 283 -5.04 -59.00 -78.54
C TYR I 283 -5.40 -57.95 -79.60
N VAL I 284 -6.13 -56.93 -79.19
CA VAL I 284 -6.32 -55.77 -80.05
C VAL I 284 -5.79 -54.55 -79.30
N TYR I 285 -4.65 -54.05 -79.75
CA TYR I 285 -3.95 -52.96 -79.07
C TYR I 285 -4.09 -51.66 -79.88
N GLN I 286 -4.82 -50.69 -79.33
CA GLN I 286 -5.07 -49.42 -80.00
CA GLN I 286 -5.08 -49.43 -80.01
C GLN I 286 -3.83 -48.55 -80.11
N ASN I 287 -3.47 -48.19 -81.34
CA ASN I 287 -2.41 -47.22 -81.57
C ASN I 287 -3.08 -45.84 -81.64
N GLY I 288 -2.29 -44.78 -81.54
CA GLY I 288 -2.86 -43.42 -81.52
C GLY I 288 -3.63 -43.00 -82.77
N ASP I 289 -3.57 -43.82 -83.83
CA ASP I 289 -3.87 -43.37 -85.18
C ASP I 289 -5.00 -44.11 -85.87
N GLY I 290 -5.79 -44.86 -85.11
CA GLY I 290 -6.90 -45.62 -85.68
C GLY I 290 -6.48 -46.93 -86.32
N THR I 291 -5.25 -47.35 -86.06
CA THR I 291 -4.82 -48.71 -86.39
C THR I 291 -4.62 -49.44 -85.07
N CYS I 292 -4.51 -50.77 -85.16
CA CYS I 292 -4.35 -51.61 -83.98
C CYS I 292 -3.29 -52.66 -84.24
N LEU I 293 -2.40 -52.81 -83.28
CA LEU I 293 -1.49 -53.92 -83.29
C LEU I 293 -2.24 -55.14 -82.82
N TRP I 294 -1.86 -56.30 -83.32
CA TRP I 294 -2.28 -57.55 -82.71
C TRP I 294 -1.49 -57.66 -81.40
N GLY I 295 -2.03 -58.36 -80.41
CA GLY I 295 -1.38 -58.46 -79.10
C GLY I 295 -0.29 -59.50 -79.00
N ILE I 296 -0.08 -60.22 -80.11
CA ILE I 296 1.04 -61.13 -80.27
C ILE I 296 1.97 -60.61 -81.38
N GLN I 297 3.29 -60.70 -81.13
CA GLN I 297 4.29 -60.21 -82.08
C GLN I 297 5.44 -61.21 -82.26
N PRO I 298 6.11 -61.20 -83.44
CA PRO I 298 7.21 -62.14 -83.69
C PRO I 298 8.50 -61.67 -83.02
N SER I 299 9.32 -62.61 -82.54
CA SER I 299 10.56 -62.27 -81.86
C SER I 299 11.46 -63.52 -81.79
N ASP I 300 12.76 -63.33 -81.55
CA ASP I 300 13.59 -64.49 -81.22
C ASP I 300 13.20 -65.00 -79.83
N ASP I 301 12.71 -64.09 -78.99
CA ASP I 301 12.50 -64.36 -77.57
C ASP I 301 11.02 -64.57 -77.32
N THR I 302 10.69 -65.47 -76.41
CA THR I 302 9.30 -65.75 -76.06
C THR I 302 9.00 -65.04 -74.76
N ILE I 303 8.04 -64.13 -74.80
CA ILE I 303 7.70 -63.31 -73.65
C ILE I 303 6.20 -63.23 -73.50
N LEU I 304 5.70 -63.56 -72.32
CA LEU I 304 4.30 -63.30 -71.98
C LEU I 304 4.29 -62.02 -71.14
N GLY I 305 3.83 -60.90 -71.74
CA GLY I 305 3.86 -59.60 -71.07
C GLY I 305 2.52 -59.25 -70.42
N ASP I 306 2.26 -57.96 -70.26
CA ASP I 306 1.12 -57.48 -69.46
C ASP I 306 -0.25 -57.98 -69.94
N ASN I 307 -0.37 -58.13 -71.26
CA ASN I 307 -1.66 -58.57 -71.83
C ASN I 307 -1.94 -60.05 -71.52
N PHE I 308 -0.90 -60.76 -71.07
CA PHE I 308 -1.10 -62.10 -70.48
C PHE I 308 -1.25 -61.98 -68.96
N LEU I 309 -0.29 -61.32 -68.34
CA LEU I 309 -0.17 -61.29 -66.89
C LEU I 309 -1.36 -60.68 -66.16
N ARG I 310 -2.06 -59.73 -66.78
CA ARG I 310 -3.26 -59.17 -66.13
C ARG I 310 -4.26 -60.28 -65.76
N HIS I 311 -4.17 -61.44 -66.40
CA HIS I 311 -5.15 -62.52 -66.19
C HIS I 311 -4.71 -63.66 -65.32
N ALA I 312 -3.54 -63.47 -64.68
CA ALA I 312 -2.99 -64.46 -63.76
C ALA I 312 -2.67 -63.77 -62.47
N TYR I 313 -2.71 -64.53 -61.38
CA TYR I 313 -2.06 -64.13 -60.15
C TYR I 313 -0.78 -64.95 -60.11
N LEU I 314 0.36 -64.32 -59.83
CA LEU I 314 1.64 -65.02 -59.91
C LEU I 314 2.47 -64.79 -58.67
N LEU I 315 2.92 -65.87 -58.06
CA LEU I 315 3.87 -65.78 -56.94
C LEU I 315 5.24 -66.22 -57.47
N TYR I 316 6.12 -65.24 -57.70
CA TYR I 316 7.48 -65.52 -58.18
C TYR I 316 8.32 -65.81 -56.94
N ASN I 317 9.02 -66.95 -56.95
CA ASN I 317 9.88 -67.27 -55.80
C ASN I 317 11.28 -67.49 -56.34
N LEU I 318 12.17 -66.52 -56.12
CA LEU I 318 13.49 -66.56 -56.71
CA LEU I 318 13.34 -66.44 -56.71
C LEU I 318 14.46 -67.40 -55.89
N ASP I 319 14.07 -67.74 -54.66
CA ASP I 319 14.85 -68.67 -53.84
C ASP I 319 14.52 -70.13 -54.23
N ALA I 320 13.24 -70.42 -54.46
CA ALA I 320 12.82 -71.79 -54.78
C ALA I 320 12.87 -72.06 -56.30
N ASN I 321 13.05 -70.99 -57.09
CA ASN I 321 13.06 -71.06 -58.56
C ASN I 321 11.75 -71.63 -59.10
N THR I 322 10.67 -71.08 -58.57
CA THR I 322 9.32 -71.45 -59.02
C THR I 322 8.51 -70.18 -59.25
N ILE I 323 7.52 -70.26 -60.14
CA ILE I 323 6.52 -69.19 -60.24
C ILE I 323 5.21 -69.94 -60.14
N SER I 324 4.42 -69.60 -59.14
CA SER I 324 3.17 -70.32 -58.86
C SER I 324 2.06 -69.44 -59.37
N ILE I 325 1.16 -70.04 -60.15
CA ILE I 325 0.21 -69.30 -60.99
CA ILE I 325 0.18 -69.23 -60.86
C ILE I 325 -1.23 -69.80 -60.83
N ALA I 326 -2.22 -68.89 -60.87
CA ALA I 326 -3.64 -69.26 -60.92
C ALA I 326 -4.42 -68.18 -61.67
N GLN I 327 -5.59 -68.57 -62.18
CA GLN I 327 -6.45 -67.64 -62.88
C GLN I 327 -6.78 -66.51 -61.90
N VAL I 328 -6.58 -65.27 -62.33
CA VAL I 328 -6.79 -64.12 -61.44
C VAL I 328 -8.28 -64.01 -61.03
N LYS I 329 -8.53 -63.56 -59.81
CA LYS I 329 -9.88 -63.17 -59.37
C LYS I 329 -9.81 -61.69 -58.98
N TYR I 330 -10.49 -60.82 -59.74
CA TYR I 330 -10.39 -59.40 -59.44
C TYR I 330 -11.27 -59.04 -58.26
N THR I 331 -10.62 -58.67 -57.17
CA THR I 331 -11.38 -58.29 -55.98
C THR I 331 -10.52 -57.41 -55.10
N THR I 332 -11.17 -56.50 -54.38
CA THR I 332 -10.54 -55.67 -53.37
CA THR I 332 -10.45 -55.70 -53.38
C THR I 332 -10.36 -56.45 -52.05
N ASP I 333 -11.04 -57.60 -51.94
CA ASP I 333 -10.80 -58.45 -50.77
C ASP I 333 -9.31 -58.82 -50.70
N SER I 334 -8.81 -59.04 -49.50
CA SER I 334 -7.39 -59.30 -49.34
C SER I 334 -7.19 -60.27 -48.20
N SER I 335 -6.33 -61.27 -48.44
CA SER I 335 -5.90 -62.18 -47.38
CA SER I 335 -5.92 -62.20 -47.40
C SER I 335 -4.44 -62.54 -47.62
N ILE I 336 -3.57 -61.63 -47.23
CA ILE I 336 -2.13 -61.81 -47.48
C ILE I 336 -1.47 -62.67 -46.39
N SER I 337 -0.72 -63.68 -46.80
CA SER I 337 0.16 -64.41 -45.89
C SER I 337 1.61 -64.17 -46.35
N ALA I 338 2.54 -64.17 -45.38
CA ALA I 338 3.94 -63.97 -45.72
C ALA I 338 4.47 -65.20 -46.46
N VAL I 339 5.43 -64.95 -47.33
CA VAL I 339 6.19 -65.99 -48.00
C VAL I 339 7.67 -65.84 -47.59
CA IVA J 1 4.72 -50.72 -76.41
CB IVA J 1 4.54 -51.09 -77.88
CG1 IVA J 1 4.94 -52.53 -78.14
CG2 IVA J 1 3.08 -50.83 -78.25
C IVA J 1 6.20 -50.83 -76.03
O IVA J 1 7.07 -50.34 -76.75
N VAL J 2 6.45 -51.42 -74.86
CA VAL J 2 7.85 -51.59 -74.40
C VAL J 2 8.18 -53.05 -74.21
N VAL J 3 9.49 -53.34 -74.22
CA VAL J 3 9.95 -54.65 -73.80
C VAL J 3 11.26 -54.53 -73.00
N STA J 4 11.11 -54.83 -71.71
CA STA J 4 12.14 -54.45 -70.71
CB STA J 4 11.64 -53.32 -69.80
CG STA J 4 11.14 -52.08 -70.52
CD1 STA J 4 10.31 -51.19 -69.58
CD2 STA J 4 12.25 -51.31 -71.25
CH STA J 4 12.45 -55.66 -69.85
OH STA J 4 11.24 -56.12 -69.25
CM STA J 4 13.05 -56.85 -70.61
C STA J 4 14.51 -56.67 -70.97
O STA J 4 14.83 -56.12 -72.04
N ALA J 5 15.40 -57.16 -70.09
CA ALA J 5 16.81 -57.26 -70.43
C ALA J 5 17.05 -58.65 -70.92
N STA J 6 17.31 -58.80 -72.23
CA STA J 6 17.15 -60.13 -72.84
CB STA J 6 16.24 -60.10 -74.08
CG STA J 6 14.86 -59.49 -73.84
CD1 STA J 6 14.03 -59.46 -75.13
CD2 STA J 6 14.09 -60.23 -72.75
CH STA J 6 18.50 -60.79 -73.15
OH STA J 6 19.22 -59.97 -74.08
CM STA J 6 19.37 -60.93 -71.90
C STA J 6 20.66 -61.68 -72.17
O STA J 6 21.74 -61.14 -71.81
OXT STA J 6 20.62 -62.79 -72.75
N ASP K 1 -0.03 -66.32 -38.83
CA ASP K 1 -1.28 -66.91 -39.38
C ASP K 1 -2.50 -66.41 -38.60
N SER K 2 -3.66 -66.46 -39.24
CA SER K 2 -4.94 -66.12 -38.61
CA SER K 2 -4.91 -66.16 -38.55
C SER K 2 -5.92 -67.26 -38.84
N ILE K 3 -6.90 -67.38 -37.95
CA ILE K 3 -7.93 -68.40 -38.10
C ILE K 3 -9.29 -67.71 -38.00
N SER K 4 -10.02 -67.66 -39.10
CA SER K 4 -11.39 -67.12 -39.10
C SER K 4 -12.36 -68.21 -38.70
N LEU K 5 -13.35 -67.85 -37.87
CA LEU K 5 -14.34 -68.80 -37.41
C LEU K 5 -15.73 -68.14 -37.40
N SER K 6 -16.68 -68.80 -38.07
CA SER K 6 -18.01 -68.26 -38.21
C SER K 6 -18.77 -68.29 -36.88
N LEU K 7 -19.40 -67.16 -36.53
CA LEU K 7 -20.25 -67.02 -35.33
C LEU K 7 -21.71 -67.09 -35.78
N ILE K 8 -22.44 -68.05 -35.24
CA ILE K 8 -23.87 -68.22 -35.53
C ILE K 8 -24.64 -67.35 -34.57
N ASN K 9 -25.41 -66.41 -35.11
CA ASN K 9 -26.24 -65.56 -34.28
C ASN K 9 -27.45 -66.39 -33.84
N GLU K 10 -27.38 -66.93 -32.62
CA GLU K 10 -28.38 -67.89 -32.09
C GLU K 10 -29.48 -67.20 -31.27
N GLY K 11 -29.39 -65.89 -31.16
CA GLY K 11 -30.39 -65.13 -30.44
C GLY K 11 -29.72 -64.54 -29.24
N PRO K 12 -29.73 -65.24 -28.09
CA PRO K 12 -29.15 -64.62 -26.88
C PRO K 12 -27.63 -64.70 -26.84
N SER K 13 -27.02 -65.46 -27.74
CA SER K 13 -25.58 -65.69 -27.71
CA SER K 13 -25.59 -65.74 -27.71
C SER K 13 -25.07 -66.09 -29.09
N TYR K 14 -23.74 -66.20 -29.25
CA TYR K 14 -23.12 -66.52 -30.53
C TYR K 14 -22.31 -67.78 -30.36
N ALA K 15 -22.52 -68.74 -31.25
CA ALA K 15 -21.85 -70.03 -31.15
C ALA K 15 -21.06 -70.37 -32.42
N SER K 16 -20.08 -71.27 -32.30
CA SER K 16 -19.29 -71.74 -33.44
C SER K 16 -19.10 -73.25 -33.38
N LYS K 17 -18.89 -73.86 -34.54
CA LYS K 17 -18.54 -75.27 -34.62
C LYS K 17 -17.06 -75.45 -34.32
N VAL K 18 -16.77 -76.35 -33.40
CA VAL K 18 -15.40 -76.71 -32.99
CA VAL K 18 -15.39 -76.73 -33.08
C VAL K 18 -15.36 -78.24 -32.83
N SER K 19 -14.36 -78.91 -33.39
CA SER K 19 -14.28 -80.37 -33.25
C SER K 19 -13.29 -80.78 -32.17
N VAL K 20 -13.58 -81.88 -31.48
CA VAL K 20 -12.75 -82.35 -30.38
C VAL K 20 -12.47 -83.85 -30.55
N GLY K 21 -11.23 -84.25 -30.27
CA GLY K 21 -10.87 -85.67 -30.28
C GLY K 21 -10.17 -86.13 -31.54
N SER K 22 -9.70 -87.39 -31.51
CA SER K 22 -8.99 -87.97 -32.63
C SER K 22 -9.94 -88.15 -33.81
N ASN K 23 -11.22 -88.36 -33.48
CA ASN K 23 -12.28 -88.56 -34.48
C ASN K 23 -13.10 -87.29 -34.75
N LYS K 24 -12.58 -86.15 -34.28
CA LYS K 24 -13.08 -84.80 -34.61
C LYS K 24 -14.60 -84.69 -34.48
N GLN K 25 -15.04 -84.89 -33.25
CA GLN K 25 -16.45 -84.82 -32.91
C GLN K 25 -16.86 -83.36 -32.86
N GLN K 26 -17.76 -82.98 -33.76
CA GLN K 26 -18.16 -81.57 -33.88
C GLN K 26 -19.08 -81.13 -32.74
N GLN K 27 -18.70 -80.04 -32.11
CA GLN K 27 -19.49 -79.39 -31.05
C GLN K 27 -19.89 -77.99 -31.52
N THR K 28 -21.11 -77.56 -31.20
CA THR K 28 -21.48 -76.15 -31.40
C THR K 28 -21.50 -75.49 -30.03
N VAL K 29 -20.57 -74.54 -29.83
CA VAL K 29 -20.30 -73.98 -28.51
C VAL K 29 -20.29 -72.47 -28.52
N ILE K 30 -20.67 -71.89 -27.38
CA ILE K 30 -20.77 -70.45 -27.25
C ILE K 30 -19.37 -69.84 -27.22
N ILE K 31 -19.15 -68.80 -28.02
CA ILE K 31 -17.87 -68.11 -28.00
C ILE K 31 -17.94 -67.04 -26.93
N ASP K 32 -17.12 -67.20 -25.89
CA ASP K 32 -17.28 -66.42 -24.68
C ASP K 32 -16.01 -65.70 -24.21
N THR K 33 -15.94 -64.39 -24.44
CA THR K 33 -14.78 -63.62 -23.98
C THR K 33 -14.80 -63.40 -22.46
N GLY K 34 -15.96 -63.68 -21.85
CA GLY K 34 -16.21 -63.55 -20.42
C GLY K 34 -15.82 -64.71 -19.52
N SER K 35 -15.38 -65.82 -20.11
CA SER K 35 -14.91 -66.95 -19.31
C SER K 35 -13.69 -67.52 -20.04
N SER K 36 -13.04 -68.49 -19.42
CA SER K 36 -11.71 -68.87 -19.88
C SER K 36 -11.54 -70.36 -20.04
N ASP K 37 -12.58 -71.13 -19.74
CA ASP K 37 -12.47 -72.60 -19.89
C ASP K 37 -13.30 -73.11 -21.07
N PHE K 38 -12.75 -74.08 -21.82
CA PHE K 38 -13.49 -74.71 -22.91
C PHE K 38 -14.07 -76.00 -22.36
N TRP K 39 -15.40 -76.09 -22.33
CA TRP K 39 -16.01 -77.33 -21.88
C TRP K 39 -17.02 -77.81 -22.88
N VAL K 40 -17.22 -79.12 -22.88
CA VAL K 40 -18.10 -79.79 -23.84
C VAL K 40 -19.12 -80.66 -23.11
N VAL K 41 -20.28 -80.89 -23.74
CA VAL K 41 -21.33 -81.68 -23.12
C VAL K 41 -21.04 -83.16 -23.40
N ASP K 42 -20.76 -83.92 -22.35
CA ASP K 42 -20.55 -85.37 -22.50
C ASP K 42 -21.82 -86.01 -23.09
N SER K 43 -21.66 -87.00 -23.98
CA SER K 43 -22.80 -87.70 -24.55
CA SER K 43 -22.81 -87.69 -24.55
C SER K 43 -23.68 -88.33 -23.48
N ASN K 44 -23.09 -88.63 -22.33
CA ASN K 44 -23.81 -89.23 -21.20
C ASN K 44 -24.13 -88.25 -20.08
N ALA K 45 -24.08 -86.95 -20.38
CA ALA K 45 -24.42 -85.90 -19.41
C ALA K 45 -25.86 -85.98 -18.94
N GLN K 46 -26.10 -85.51 -17.71
CA GLN K 46 -27.48 -85.26 -17.27
CA GLN K 46 -27.46 -85.27 -17.25
C GLN K 46 -27.73 -83.76 -17.35
N CYS K 47 -28.61 -83.36 -18.26
CA CYS K 47 -28.95 -81.94 -18.35
C CYS K 47 -29.74 -81.49 -17.14
N GLY K 48 -29.63 -80.19 -16.84
CA GLY K 48 -30.48 -79.57 -15.83
C GLY K 48 -31.94 -79.75 -16.19
N LYS K 49 -32.78 -79.61 -15.17
CA LYS K 49 -34.21 -79.71 -15.30
C LYS K 49 -34.69 -78.72 -16.38
N GLY K 50 -35.38 -79.21 -17.40
CA GLY K 50 -35.88 -78.34 -18.45
C GLY K 50 -34.89 -77.87 -19.51
N VAL K 51 -33.64 -78.35 -19.45
CA VAL K 51 -32.58 -77.93 -20.38
C VAL K 51 -32.24 -78.98 -21.43
N ASP K 52 -32.25 -78.57 -22.70
CA ASP K 52 -31.96 -79.45 -23.81
C ASP K 52 -30.48 -79.32 -24.15
N CYS K 53 -29.61 -79.77 -23.24
CA CYS K 53 -28.21 -79.42 -23.28
C CYS K 53 -27.41 -80.17 -24.36
N LYS K 54 -27.99 -81.22 -24.90
CA LYS K 54 -27.30 -82.06 -25.87
C LYS K 54 -27.65 -81.70 -27.32
N SER K 55 -28.52 -80.70 -27.50
CA SER K 55 -29.01 -80.39 -28.86
C SER K 55 -28.03 -79.62 -29.75
N SER K 56 -26.88 -79.21 -29.19
CA SER K 56 -25.81 -78.58 -29.97
C SER K 56 -24.57 -79.45 -30.07
N GLY K 57 -24.74 -80.77 -29.96
CA GLY K 57 -23.60 -81.66 -30.07
C GLY K 57 -23.16 -82.22 -28.75
N THR K 58 -22.56 -83.40 -28.77
CA THR K 58 -21.98 -83.95 -27.54
C THR K 58 -20.62 -84.57 -27.84
N PHE K 59 -19.86 -84.79 -26.79
CA PHE K 59 -18.54 -85.37 -26.89
C PHE K 59 -18.52 -86.69 -26.17
N THR K 60 -17.95 -87.69 -26.84
CA THR K 60 -17.84 -89.02 -26.28
C THR K 60 -16.35 -89.32 -26.11
N PRO K 61 -15.81 -89.10 -24.90
CA PRO K 61 -14.37 -89.29 -24.66
C PRO K 61 -13.84 -90.69 -25.04
N SER K 62 -14.64 -91.73 -24.81
CA SER K 62 -14.17 -93.10 -25.04
C SER K 62 -13.87 -93.41 -26.51
N SER K 63 -14.45 -92.64 -27.42
CA SER K 63 -14.22 -92.88 -28.85
C SER K 63 -13.09 -92.02 -29.43
N SER K 64 -12.45 -91.22 -28.57
CA SER K 64 -11.28 -90.47 -29.00
C SER K 64 -10.02 -91.12 -28.45
N SER K 65 -9.16 -91.59 -29.34
CA SER K 65 -7.93 -92.28 -28.93
C SER K 65 -6.95 -91.36 -28.19
N SER K 66 -7.11 -90.05 -28.36
CA SER K 66 -6.16 -89.07 -27.80
C SER K 66 -6.63 -88.44 -26.49
N TYR K 67 -7.82 -88.82 -26.04
CA TYR K 67 -8.37 -88.24 -24.83
C TYR K 67 -7.53 -88.66 -23.62
N LYS K 68 -7.17 -87.70 -22.78
CA LYS K 68 -6.47 -87.96 -21.52
C LYS K 68 -7.33 -87.46 -20.37
N ASN K 69 -7.64 -88.34 -19.42
CA ASN K 69 -8.39 -87.93 -18.25
C ASN K 69 -7.44 -87.42 -17.17
N LEU K 70 -7.64 -86.18 -16.71
CA LEU K 70 -6.73 -85.58 -15.74
C LEU K 70 -7.06 -85.91 -14.27
N GLY K 71 -8.27 -86.45 -14.04
N GLY K 71 -8.20 -86.54 -14.00
CA GLY K 71 -8.75 -86.91 -12.72
CA GLY K 71 -8.53 -86.88 -12.62
C GLY K 71 -9.40 -85.86 -11.81
C GLY K 71 -8.54 -85.67 -11.71
N ALA K 72 -9.21 -84.61 -12.18
CA ALA K 72 -9.55 -83.46 -11.34
C ALA K 72 -10.97 -83.06 -11.66
N ALA K 73 -11.70 -82.64 -10.62
CA ALA K 73 -13.10 -82.20 -10.75
C ALA K 73 -13.16 -80.81 -11.35
N PHE K 74 -14.15 -80.60 -12.22
CA PHE K 74 -14.45 -79.29 -12.79
C PHE K 74 -15.78 -78.76 -12.27
N THR K 75 -15.81 -77.47 -11.94
CA THR K 75 -17.06 -76.83 -11.58
C THR K 75 -16.99 -75.35 -11.96
N ILE K 76 -18.08 -74.82 -12.52
CA ILE K 76 -18.12 -73.42 -12.86
C ILE K 76 -19.54 -72.91 -12.63
N ARG K 77 -19.66 -71.67 -12.19
CA ARG K 77 -20.96 -70.99 -12.12
C ARG K 77 -20.86 -69.68 -12.86
N TYR K 78 -21.82 -69.40 -13.74
CA TYR K 78 -21.82 -68.18 -14.53
C TYR K 78 -22.68 -67.08 -13.91
N GLY K 79 -22.55 -65.86 -14.42
CA GLY K 79 -23.19 -64.70 -13.79
C GLY K 79 -24.71 -64.81 -13.82
N ASP K 80 -25.24 -65.55 -14.79
CA ASP K 80 -26.70 -65.73 -14.87
C ASP K 80 -27.24 -66.82 -13.93
N GLY K 81 -26.33 -67.47 -13.20
CA GLY K 81 -26.66 -68.53 -12.24
C GLY K 81 -26.57 -69.93 -12.80
N SER K 82 -26.41 -70.07 -14.12
CA SER K 82 -26.28 -71.40 -14.72
C SER K 82 -24.91 -72.00 -14.33
N THR K 83 -24.82 -73.32 -14.37
CA THR K 83 -23.60 -73.99 -13.85
C THR K 83 -23.25 -75.21 -14.69
N SER K 84 -22.02 -75.71 -14.53
CA SER K 84 -21.59 -76.94 -15.18
C SER K 84 -20.64 -77.66 -14.25
N GLN K 85 -20.71 -78.99 -14.22
CA GLN K 85 -19.72 -79.77 -13.47
C GLN K 85 -19.26 -80.96 -14.29
N GLY K 86 -18.02 -81.38 -14.06
CA GLY K 86 -17.56 -82.58 -14.73
C GLY K 86 -16.16 -82.90 -14.29
N THR K 87 -15.34 -83.32 -15.26
CA THR K 87 -13.96 -83.65 -14.97
CA THR K 87 -13.94 -83.60 -14.96
C THR K 87 -13.05 -82.97 -16.00
N TRP K 88 -11.83 -82.63 -15.59
CA TRP K 88 -10.84 -82.10 -16.51
C TRP K 88 -10.20 -83.19 -17.36
N GLY K 89 -9.98 -82.86 -18.62
CA GLY K 89 -9.28 -83.77 -19.56
C GLY K 89 -8.42 -82.97 -20.53
N LYS K 90 -7.78 -83.67 -21.46
CA LYS K 90 -7.02 -83.06 -22.55
C LYS K 90 -7.36 -83.78 -23.85
N ASP K 91 -7.54 -83.03 -24.93
CA ASP K 91 -7.65 -83.68 -26.25
C ASP K 91 -7.27 -82.70 -27.36
N THR K 92 -7.26 -83.21 -28.58
CA THR K 92 -7.05 -82.38 -29.76
C THR K 92 -8.28 -81.55 -30.03
N VAL K 93 -8.09 -80.28 -30.30
CA VAL K 93 -9.18 -79.34 -30.59
C VAL K 93 -8.90 -78.78 -31.98
N THR K 94 -9.93 -78.83 -32.84
CA THR K 94 -9.78 -78.34 -34.21
CA THR K 94 -9.81 -78.39 -34.23
C THR K 94 -10.78 -77.24 -34.51
N ILE K 95 -10.25 -76.12 -34.98
CA ILE K 95 -11.01 -74.90 -35.24
C ILE K 95 -10.79 -74.52 -36.69
N ASN K 96 -11.86 -74.56 -37.47
CA ASN K 96 -11.79 -74.32 -38.92
C ASN K 96 -10.57 -75.01 -39.56
N GLY K 97 -10.41 -76.30 -39.28
CA GLY K 97 -9.36 -77.13 -39.92
C GLY K 97 -7.99 -77.08 -39.27
N VAL K 98 -7.80 -76.17 -38.31
CA VAL K 98 -6.51 -76.03 -37.62
C VAL K 98 -6.59 -76.77 -36.29
N SER K 99 -5.68 -77.72 -36.06
CA SER K 99 -5.72 -78.56 -34.85
C SER K 99 -4.62 -78.17 -33.87
N ILE K 100 -4.95 -78.16 -32.58
CA ILE K 100 -3.98 -78.05 -31.50
C ILE K 100 -4.09 -79.29 -30.64
N THR K 101 -2.97 -79.85 -30.21
CA THR K 101 -2.96 -81.13 -29.50
C THR K 101 -2.81 -80.87 -28.01
N GLY K 102 -3.29 -81.81 -27.19
CA GLY K 102 -3.08 -81.77 -25.73
C GLY K 102 -3.70 -80.56 -25.06
N GLN K 103 -4.83 -80.11 -25.58
CA GLN K 103 -5.51 -78.94 -25.04
C GLN K 103 -6.39 -79.35 -23.85
N GLN K 104 -6.18 -78.72 -22.70
CA GLN K 104 -6.98 -78.97 -21.52
C GLN K 104 -8.40 -78.42 -21.71
N ILE K 105 -9.40 -79.28 -21.47
CA ILE K 105 -10.83 -78.97 -21.59
C ILE K 105 -11.55 -79.66 -20.41
N ALA K 106 -12.82 -79.35 -20.21
CA ALA K 106 -13.63 -80.08 -19.22
C ALA K 106 -14.68 -80.91 -19.96
N ASP K 107 -14.78 -82.17 -19.57
CA ASP K 107 -15.80 -83.10 -20.04
C ASP K 107 -16.96 -82.96 -19.04
N VAL K 108 -18.02 -82.29 -19.44
CA VAL K 108 -19.09 -81.89 -18.51
C VAL K 108 -20.22 -82.93 -18.48
N THR K 109 -20.52 -83.45 -17.28
CA THR K 109 -21.52 -84.52 -17.15
C THR K 109 -22.83 -84.05 -16.52
N GLN K 110 -22.85 -82.78 -16.10
CA GLN K 110 -24.09 -82.15 -15.62
C GLN K 110 -24.02 -80.63 -15.92
N THR K 111 -25.08 -80.07 -16.49
CA THR K 111 -25.06 -78.65 -16.81
C THR K 111 -26.47 -78.10 -16.97
N SER K 112 -26.67 -76.84 -16.53
CA SER K 112 -27.94 -76.15 -16.76
C SER K 112 -27.74 -75.10 -17.88
N VAL K 113 -26.58 -75.13 -18.53
CA VAL K 113 -26.32 -74.29 -19.72
C VAL K 113 -26.82 -75.03 -20.97
N ASP K 114 -27.29 -74.29 -21.98
CA ASP K 114 -27.93 -74.89 -23.15
C ASP K 114 -26.97 -75.69 -24.03
N GLN K 115 -25.67 -75.41 -23.91
CA GLN K 115 -24.64 -75.99 -24.80
C GLN K 115 -23.28 -75.71 -24.19
N GLY K 116 -22.25 -76.37 -24.72
CA GLY K 116 -20.88 -76.14 -24.29
C GLY K 116 -20.42 -74.71 -24.56
N ILE K 117 -19.29 -74.35 -23.95
CA ILE K 117 -18.79 -73.00 -24.04
C ILE K 117 -17.29 -73.01 -24.27
N LEU K 118 -16.86 -72.25 -25.26
CA LEU K 118 -15.43 -72.04 -25.50
C LEU K 118 -15.05 -70.70 -24.87
N GLY K 119 -14.53 -70.74 -23.63
CA GLY K 119 -14.12 -69.50 -22.97
C GLY K 119 -12.73 -69.13 -23.50
N ILE K 120 -12.56 -67.89 -23.92
CA ILE K 120 -11.31 -67.46 -24.54
C ILE K 120 -10.70 -66.25 -23.83
N GLY K 121 -11.14 -66.01 -22.60
CA GLY K 121 -10.54 -64.93 -21.78
C GLY K 121 -9.19 -65.29 -21.18
N TYR K 122 -8.79 -64.54 -20.15
CA TYR K 122 -7.44 -64.69 -19.56
C TYR K 122 -7.32 -65.99 -18.78
N THR K 123 -6.13 -66.60 -18.75
CA THR K 123 -6.00 -67.81 -17.96
C THR K 123 -6.29 -67.57 -16.46
N SER K 124 -6.02 -66.36 -15.97
CA SER K 124 -6.23 -66.03 -14.54
C SER K 124 -7.70 -66.17 -14.11
N ASN K 125 -8.61 -66.19 -15.09
CA ASN K 125 -10.05 -66.37 -14.80
C ASN K 125 -10.58 -67.80 -14.98
N GLU K 126 -9.67 -68.76 -15.11
CA GLU K 126 -10.07 -70.16 -15.22
C GLU K 126 -10.77 -70.61 -13.94
N ALA K 127 -11.79 -71.44 -14.11
CA ALA K 127 -12.59 -71.91 -12.98
C ALA K 127 -11.93 -73.15 -12.42
N VAL K 128 -10.95 -72.92 -11.55
CA VAL K 128 -10.12 -74.00 -11.05
C VAL K 128 -10.27 -74.10 -9.52
N TYR K 129 -11.43 -73.68 -9.02
CA TYR K 129 -11.67 -73.61 -7.56
C TYR K 129 -12.86 -74.45 -7.14
N ASP K 130 -12.86 -74.89 -5.89
CA ASP K 130 -14.05 -75.56 -5.36
C ASP K 130 -15.07 -74.54 -4.93
N THR K 131 -16.22 -75.04 -4.54
CA THR K 131 -17.30 -74.18 -4.14
C THR K 131 -17.13 -73.78 -2.66
N SER K 132 -15.88 -73.92 -2.18
CA SER K 132 -15.42 -73.36 -0.90
C SER K 132 -14.35 -72.29 -1.11
N GLY K 133 -14.05 -71.96 -2.37
CA GLY K 133 -13.00 -70.98 -2.73
C GLY K 133 -11.57 -71.50 -2.90
N ARG K 134 -11.33 -72.75 -2.53
CA ARG K 134 -9.98 -73.35 -2.60
C ARG K 134 -9.63 -73.82 -4.02
N GLN K 135 -8.39 -73.54 -4.45
CA GLN K 135 -7.92 -73.99 -5.77
C GLN K 135 -7.74 -75.50 -5.77
N THR K 136 -8.36 -76.18 -6.74
CA THR K 136 -8.30 -77.65 -6.77
C THR K 136 -7.39 -78.21 -7.85
N THR K 137 -7.03 -77.37 -8.82
CA THR K 137 -6.18 -77.78 -9.93
C THR K 137 -5.45 -76.54 -10.44
N PRO K 138 -4.25 -76.70 -10.99
CA PRO K 138 -3.47 -75.56 -11.44
C PRO K 138 -4.08 -74.79 -12.58
N ASN K 139 -3.77 -73.50 -12.66
CA ASN K 139 -4.11 -72.76 -13.88
C ASN K 139 -3.34 -73.40 -15.03
N TYR K 140 -3.77 -73.15 -16.25
CA TYR K 140 -3.29 -73.94 -17.39
C TYR K 140 -3.38 -73.12 -18.67
N ASP K 141 -2.83 -73.65 -19.76
CA ASP K 141 -2.92 -72.97 -21.07
C ASP K 141 -4.28 -73.19 -21.69
N ASN K 142 -5.10 -72.13 -21.75
CA ASN K 142 -6.41 -72.28 -22.42
C ASN K 142 -6.29 -72.11 -23.94
N VAL K 143 -7.41 -72.16 -24.65
CA VAL K 143 -7.31 -72.30 -26.11
C VAL K 143 -6.46 -71.24 -26.83
N PRO K 144 -6.69 -69.95 -26.57
CA PRO K 144 -5.89 -68.89 -27.23
C PRO K 144 -4.38 -69.02 -26.88
N VAL K 145 -4.06 -69.37 -25.64
CA VAL K 145 -2.66 -69.56 -25.27
C VAL K 145 -2.04 -70.68 -26.09
N THR K 146 -2.76 -71.79 -26.24
CA THR K 146 -2.25 -72.94 -26.94
C THR K 146 -2.12 -72.66 -28.44
N LEU K 147 -3.08 -71.92 -29.01
CA LEU K 147 -2.97 -71.55 -30.42
C LEU K 147 -1.67 -70.81 -30.71
N LYS K 148 -1.28 -69.91 -29.80
CA LYS K 148 -0.02 -69.18 -29.97
C LYS K 148 1.16 -70.09 -29.71
N LYS K 149 1.11 -70.83 -28.59
CA LYS K 149 2.19 -71.78 -28.24
C LYS K 149 2.52 -72.79 -29.35
N GLN K 150 1.50 -73.25 -30.08
CA GLN K 150 1.70 -74.24 -31.14
C GLN K 150 1.88 -73.59 -32.52
N GLY K 151 2.12 -72.28 -32.49
CA GLY K 151 2.47 -71.51 -33.66
C GLY K 151 1.38 -71.35 -34.69
N LYS K 152 0.12 -71.45 -34.26
CA LYS K 152 -1.03 -71.28 -35.16
C LYS K 152 -1.36 -69.79 -35.34
N ILE K 153 -1.04 -68.99 -34.33
CA ILE K 153 -1.21 -67.55 -34.36
C ILE K 153 0.04 -66.96 -33.72
N ARG K 154 0.35 -65.69 -34.06
CA ARG K 154 1.57 -65.04 -33.60
CA ARG K 154 1.59 -65.06 -33.60
C ARG K 154 1.40 -64.43 -32.21
N THR K 155 0.21 -63.91 -31.96
CA THR K 155 -0.15 -63.16 -30.74
C THR K 155 -1.42 -63.74 -30.12
N ASN K 156 -1.52 -63.75 -28.79
CA ASN K 156 -2.78 -64.12 -28.17
C ASN K 156 -3.75 -62.94 -28.30
N ALA K 157 -4.47 -62.92 -29.42
CA ALA K 157 -5.33 -61.82 -29.79
C ALA K 157 -6.40 -62.38 -30.70
N TYR K 158 -7.58 -61.74 -30.69
CA TYR K 158 -8.67 -62.11 -31.61
C TYR K 158 -9.56 -60.92 -31.86
N SER K 159 -10.12 -60.87 -33.08
CA SER K 159 -11.02 -59.79 -33.44
C SER K 159 -12.45 -60.32 -33.44
N LEU K 160 -13.37 -59.51 -32.93
CA LEU K 160 -14.75 -59.92 -32.77
C LEU K 160 -15.63 -59.09 -33.67
N TYR K 161 -16.34 -59.77 -34.57
CA TYR K 161 -17.32 -59.12 -35.44
C TYR K 161 -18.67 -59.86 -35.33
N LEU K 162 -19.51 -59.43 -34.37
CA LEU K 162 -20.79 -60.10 -34.15
C LEU K 162 -21.71 -59.86 -35.33
N ASN K 163 -21.48 -58.76 -36.06
CA ASN K 163 -22.29 -58.37 -37.23
C ASN K 163 -23.64 -57.84 -36.74
N SER K 164 -24.51 -57.50 -37.69
CA SER K 164 -25.69 -56.69 -37.38
C SER K 164 -26.78 -57.47 -36.64
N PRO K 165 -27.70 -56.75 -35.96
CA PRO K 165 -28.75 -57.44 -35.22
C PRO K 165 -29.53 -58.44 -36.10
N SER K 166 -29.67 -58.17 -37.39
CA SER K 166 -30.43 -59.05 -38.29
C SER K 166 -29.58 -60.11 -38.99
N ALA K 167 -28.26 -60.08 -38.79
CA ALA K 167 -27.36 -60.98 -39.52
C ALA K 167 -27.47 -62.43 -39.04
N GLU K 168 -27.28 -63.37 -39.95
CA GLU K 168 -27.31 -64.80 -39.64
CA GLU K 168 -27.32 -64.78 -39.59
C GLU K 168 -26.00 -65.21 -38.96
N THR K 169 -24.90 -64.67 -39.48
CA THR K 169 -23.55 -64.99 -38.95
C THR K 169 -22.65 -63.78 -38.82
N GLY K 170 -21.69 -63.90 -37.91
CA GLY K 170 -20.59 -62.95 -37.72
C GLY K 170 -19.29 -63.75 -37.82
N THR K 171 -18.19 -63.18 -37.33
CA THR K 171 -16.88 -63.84 -37.46
C THR K 171 -16.03 -63.48 -36.26
N ILE K 172 -15.32 -64.46 -35.72
CA ILE K 172 -14.20 -64.15 -34.81
C ILE K 172 -12.93 -64.57 -35.56
N ILE K 173 -11.87 -63.76 -35.48
CA ILE K 173 -10.60 -64.11 -36.10
C ILE K 173 -9.54 -64.21 -35.03
N PHE K 174 -9.01 -65.42 -34.82
CA PHE K 174 -7.87 -65.59 -33.90
C PHE K 174 -6.61 -65.17 -34.64
N GLY K 175 -5.81 -64.32 -33.99
CA GLY K 175 -4.53 -63.88 -34.53
C GLY K 175 -4.62 -62.99 -35.77
N GLY K 176 -5.76 -62.33 -35.94
CA GLY K 176 -5.94 -61.46 -37.11
C GLY K 176 -7.00 -60.40 -36.94
N VAL K 177 -7.13 -59.54 -37.95
CA VAL K 177 -8.03 -58.38 -37.90
C VAL K 177 -8.55 -58.12 -39.33
N ASP K 178 -9.85 -57.89 -39.45
CA ASP K 178 -10.41 -57.53 -40.75
C ASP K 178 -10.60 -56.02 -40.81
N ASN K 179 -9.68 -55.36 -41.52
CA ASN K 179 -9.64 -53.90 -41.59
C ASN K 179 -10.74 -53.27 -42.44
N ALA K 180 -11.50 -54.11 -43.15
CA ALA K 180 -12.63 -53.61 -43.95
C ALA K 180 -13.88 -53.37 -43.10
N LYS K 181 -13.94 -53.95 -41.90
CA LYS K 181 -15.20 -54.00 -41.15
C LYS K 181 -15.32 -52.95 -40.02
N TYR K 182 -14.61 -51.85 -40.17
CA TYR K 182 -14.81 -50.71 -39.27
C TYR K 182 -14.48 -49.39 -39.95
N SER K 183 -15.03 -48.32 -39.39
CA SER K 183 -14.77 -46.95 -39.85
C SER K 183 -13.72 -46.29 -38.97
N GLY K 184 -12.99 -45.33 -39.53
CA GLY K 184 -11.98 -44.63 -38.76
C GLY K 184 -10.88 -45.59 -38.34
N LYS K 185 -10.14 -45.22 -37.30
CA LYS K 185 -9.04 -46.08 -36.86
C LYS K 185 -9.41 -46.83 -35.60
N LEU K 186 -8.78 -47.98 -35.40
CA LEU K 186 -8.93 -48.71 -34.13
C LEU K 186 -8.25 -47.88 -33.06
N VAL K 187 -8.91 -47.72 -31.92
CA VAL K 187 -8.31 -47.01 -30.79
C VAL K 187 -8.02 -48.02 -29.68
N ALA K 188 -6.77 -48.06 -29.21
CA ALA K 188 -6.39 -48.99 -28.17
C ALA K 188 -6.86 -48.49 -26.82
N GLU K 189 -7.59 -49.35 -26.12
CA GLU K 189 -7.99 -49.07 -24.73
C GLU K 189 -7.31 -50.05 -23.77
N GLN K 190 -6.83 -49.53 -22.65
CA GLN K 190 -6.11 -50.30 -21.64
C GLN K 190 -7.02 -51.28 -20.91
N VAL K 191 -6.61 -52.55 -20.84
CA VAL K 191 -7.33 -53.50 -19.96
C VAL K 191 -6.94 -53.22 -18.50
N THR K 192 -7.93 -53.05 -17.63
CA THR K 192 -7.74 -52.53 -16.27
C THR K 192 -7.92 -53.58 -15.17
N SER K 193 -8.04 -54.83 -15.60
CA SER K 193 -8.27 -55.94 -14.67
C SER K 193 -7.29 -57.08 -14.91
N SER K 194 -6.95 -57.76 -13.83
CA SER K 194 -6.08 -58.93 -13.86
CA SER K 194 -6.06 -58.91 -13.91
C SER K 194 -6.80 -60.12 -14.46
N GLN K 195 -8.11 -60.16 -14.33
CA GLN K 195 -8.87 -61.37 -14.65
C GLN K 195 -9.88 -61.24 -15.77
N ALA K 196 -10.29 -60.01 -16.06
CA ALA K 196 -11.41 -59.76 -16.95
C ALA K 196 -11.02 -58.79 -18.05
N LEU K 197 -11.61 -58.96 -19.23
CA LEU K 197 -11.33 -58.10 -20.37
C LEU K 197 -12.19 -56.84 -20.26
N THR K 198 -11.73 -55.96 -19.37
CA THR K 198 -12.46 -54.76 -19.00
CA THR K 198 -12.44 -54.78 -18.92
C THR K 198 -11.64 -53.54 -19.32
N ILE K 199 -12.31 -52.50 -19.82
CA ILE K 199 -11.64 -51.24 -20.15
C ILE K 199 -12.43 -50.11 -19.52
N SER K 200 -11.81 -48.92 -19.43
CA SER K 200 -12.42 -47.77 -18.78
C SER K 200 -13.43 -47.12 -19.71
N LEU K 201 -14.67 -47.10 -19.25
CA LEU K 201 -15.76 -46.38 -19.93
C LEU K 201 -15.87 -45.00 -19.31
N ALA K 202 -15.58 -43.95 -20.10
CA ALA K 202 -15.57 -42.60 -19.58
C ALA K 202 -16.98 -42.04 -19.35
N SER K 203 -17.86 -42.27 -20.32
CA SER K 203 -19.20 -41.68 -20.25
C SER K 203 -20.17 -42.35 -21.22
N VAL K 204 -21.46 -42.16 -20.96
CA VAL K 204 -22.53 -42.66 -21.82
C VAL K 204 -23.40 -41.46 -22.14
N ASN K 205 -23.65 -41.24 -23.43
CA ASN K 205 -24.51 -40.15 -23.87
C ASN K 205 -25.82 -40.74 -24.34
N LEU K 206 -26.92 -40.31 -23.71
CA LEU K 206 -28.26 -40.82 -24.02
C LEU K 206 -29.25 -39.67 -24.02
N LYS K 207 -30.17 -39.68 -24.98
CA LYS K 207 -31.18 -38.62 -25.20
C LYS K 207 -30.60 -37.20 -25.08
N GLY K 208 -29.41 -37.02 -25.64
CA GLY K 208 -28.73 -35.73 -25.67
C GLY K 208 -28.06 -35.33 -24.35
N SER K 209 -27.96 -36.25 -23.40
CA SER K 209 -27.39 -35.95 -22.10
C SER K 209 -26.22 -36.87 -21.83
N SER K 210 -25.15 -36.30 -21.26
CA SER K 210 -23.93 -37.04 -20.98
C SER K 210 -23.92 -37.49 -19.53
N PHE K 211 -23.62 -38.78 -19.33
CA PHE K 211 -23.56 -39.39 -18.02
C PHE K 211 -22.16 -39.92 -17.80
N SER K 212 -21.45 -39.30 -16.87
CA SER K 212 -20.06 -39.60 -16.57
C SER K 212 -19.97 -40.91 -15.82
N PHE K 213 -19.04 -41.78 -16.21
CA PHE K 213 -18.90 -43.07 -15.57
C PHE K 213 -17.51 -43.16 -14.97
N GLY K 214 -16.56 -43.68 -15.73
CA GLY K 214 -15.15 -43.62 -15.29
C GLY K 214 -14.57 -44.93 -14.78
N ASP K 215 -15.42 -45.93 -14.53
CA ASP K 215 -14.96 -47.23 -14.05
C ASP K 215 -14.94 -48.25 -15.19
N GLY K 216 -14.56 -49.50 -14.89
CA GLY K 216 -14.29 -50.47 -15.93
C GLY K 216 -15.58 -51.12 -16.40
N ALA K 217 -15.61 -51.52 -17.67
CA ALA K 217 -16.71 -52.29 -18.24
C ALA K 217 -16.16 -53.55 -18.93
N LEU K 218 -16.74 -54.72 -18.60
CA LEU K 218 -16.36 -56.00 -19.21
C LEU K 218 -16.98 -56.13 -20.59
N LEU K 219 -16.17 -56.39 -21.63
CA LEU K 219 -16.68 -56.49 -22.99
C LEU K 219 -16.88 -57.96 -23.30
N ASP K 220 -18.09 -58.45 -23.01
CA ASP K 220 -18.36 -59.87 -22.90
C ASP K 220 -19.25 -60.38 -24.03
N SER K 221 -18.65 -61.15 -24.94
CA SER K 221 -19.45 -61.70 -26.07
C SER K 221 -20.50 -62.71 -25.57
N GLY K 222 -20.29 -63.30 -24.40
CA GLY K 222 -21.26 -64.27 -23.84
C GLY K 222 -22.29 -63.68 -22.89
N THR K 223 -22.52 -62.37 -22.98
CA THR K 223 -23.61 -61.69 -22.26
C THR K 223 -24.53 -61.05 -23.31
N THR K 224 -25.83 -61.29 -23.16
CA THR K 224 -26.84 -60.82 -24.14
C THR K 224 -27.03 -59.29 -24.10
N LEU K 225 -27.21 -58.77 -22.89
CA LEU K 225 -27.60 -57.38 -22.66
C LEU K 225 -26.45 -56.52 -22.10
N THR K 226 -26.78 -55.36 -21.53
CA THR K 226 -25.79 -54.49 -20.94
C THR K 226 -26.14 -54.32 -19.45
N TYR K 227 -25.13 -54.33 -18.58
CA TYR K 227 -25.34 -54.27 -17.14
C TYR K 227 -24.53 -53.13 -16.54
N PHE K 228 -25.18 -52.31 -15.69
CA PHE K 228 -24.50 -51.22 -14.96
C PHE K 228 -24.83 -51.25 -13.46
N PRO K 229 -23.99 -50.61 -12.62
CA PRO K 229 -24.33 -50.43 -11.22
C PRO K 229 -25.73 -49.81 -11.07
N SER K 230 -26.47 -50.23 -10.04
CA SER K 230 -27.85 -49.78 -9.80
C SER K 230 -28.07 -48.28 -9.94
N ASP K 231 -27.23 -47.49 -9.27
CA ASP K 231 -27.38 -46.02 -9.25
CA ASP K 231 -27.42 -46.03 -9.27
C ASP K 231 -27.26 -45.44 -10.67
N PHE K 232 -26.27 -45.93 -11.41
CA PHE K 232 -26.00 -45.46 -12.78
C PHE K 232 -27.09 -45.94 -13.76
N ALA K 233 -27.47 -47.21 -13.62
CA ALA K 233 -28.55 -47.77 -14.43
C ALA K 233 -29.83 -47.00 -14.20
N ALA K 234 -30.07 -46.59 -12.95
CA ALA K 234 -31.25 -45.79 -12.65
C ALA K 234 -31.24 -44.39 -13.31
N GLN K 235 -30.08 -43.75 -13.35
CA GLN K 235 -29.96 -42.45 -14.01
C GLN K 235 -30.30 -42.56 -15.50
N LEU K 236 -29.76 -43.59 -16.15
CA LEU K 236 -30.04 -43.87 -17.57
C LEU K 236 -31.49 -44.30 -17.79
N ALA K 237 -32.01 -45.13 -16.89
CA ALA K 237 -33.41 -45.58 -16.96
C ALA K 237 -34.39 -44.43 -16.97
N ASP K 238 -34.12 -43.42 -16.12
CA ASP K 238 -34.96 -42.23 -16.02
C ASP K 238 -35.02 -41.48 -17.34
N LYS K 239 -33.86 -41.36 -18.00
CA LYS K 239 -33.76 -40.72 -19.31
C LYS K 239 -34.48 -41.53 -20.40
N ALA K 240 -34.31 -42.85 -20.36
CA ALA K 240 -34.88 -43.76 -21.37
C ALA K 240 -36.38 -44.01 -21.17
N GLY K 241 -36.87 -43.76 -19.96
CA GLY K 241 -38.24 -44.09 -19.60
C GLY K 241 -38.44 -45.54 -19.17
N ALA K 242 -37.36 -46.23 -18.79
CA ALA K 242 -37.49 -47.62 -18.34
C ALA K 242 -37.95 -47.68 -16.89
N ARG K 243 -38.64 -48.75 -16.51
CA ARG K 243 -39.25 -48.87 -15.19
C ARG K 243 -38.84 -50.18 -14.51
N LEU K 244 -38.35 -50.09 -13.28
CA LEU K 244 -37.83 -51.27 -12.58
C LEU K 244 -38.95 -52.20 -12.10
N VAL K 245 -38.76 -53.50 -12.30
CA VAL K 245 -39.76 -54.51 -11.95
C VAL K 245 -39.12 -55.70 -11.22
N GLN K 246 -39.61 -55.99 -10.02
CA GLN K 246 -39.12 -57.14 -9.25
C GLN K 246 -39.62 -58.44 -9.88
N VAL K 247 -38.69 -59.31 -10.26
CA VAL K 247 -39.06 -60.59 -10.90
C VAL K 247 -38.85 -61.79 -9.98
N ALA K 248 -38.08 -61.62 -8.90
CA ALA K 248 -37.88 -62.66 -7.90
C ALA K 248 -37.43 -62.00 -6.61
N ARG K 249 -37.37 -62.78 -5.55
CA ARG K 249 -36.99 -62.25 -4.25
C ARG K 249 -35.73 -61.38 -4.28
N ASP K 250 -34.77 -61.74 -5.14
CA ASP K 250 -33.52 -61.00 -5.19
C ASP K 250 -33.22 -60.37 -6.56
N GLN K 251 -34.09 -60.58 -7.55
CA GLN K 251 -33.85 -60.05 -8.89
C GLN K 251 -34.82 -58.96 -9.33
N TYR K 252 -34.26 -57.89 -9.90
CA TYR K 252 -35.03 -56.77 -10.48
C TYR K 252 -34.57 -56.55 -11.92
N LEU K 253 -35.55 -56.40 -12.82
CA LEU K 253 -35.25 -56.07 -14.22
C LEU K 253 -35.93 -54.78 -14.67
N TYR K 254 -35.28 -54.02 -15.55
CA TYR K 254 -35.96 -52.92 -16.22
C TYR K 254 -36.76 -53.41 -17.41
N PHE K 255 -38.03 -53.04 -17.44
CA PHE K 255 -38.89 -53.26 -18.58
C PHE K 255 -39.12 -51.91 -19.25
N ILE K 256 -39.58 -51.96 -20.50
CA ILE K 256 -39.84 -50.78 -21.29
C ILE K 256 -40.93 -51.14 -22.28
N ASP K 257 -41.75 -50.16 -22.64
CA ASP K 257 -42.86 -50.37 -23.57
C ASP K 257 -42.31 -50.83 -24.91
N CYS K 258 -42.79 -51.98 -25.38
CA CYS K 258 -42.36 -52.56 -26.65
C CYS K 258 -42.39 -51.59 -27.84
N ASN K 259 -43.26 -50.58 -27.80
CA ASN K 259 -43.34 -49.60 -28.86
C ASN K 259 -42.68 -48.25 -28.55
N THR K 260 -41.72 -48.25 -27.64
CA THR K 260 -40.95 -47.05 -27.32
C THR K 260 -40.19 -46.55 -28.55
N ASP K 261 -39.99 -45.24 -28.63
CA ASP K 261 -39.26 -44.62 -29.74
C ASP K 261 -37.81 -45.06 -29.66
N THR K 262 -37.35 -45.76 -30.69
CA THR K 262 -35.95 -46.24 -30.71
C THR K 262 -35.13 -45.59 -31.81
N SER K 263 -35.56 -44.41 -32.25
CA SER K 263 -34.94 -43.76 -33.41
C SER K 263 -33.58 -43.11 -33.09
N GLY K 264 -33.32 -42.87 -31.80
CA GLY K 264 -32.05 -42.26 -31.36
C GLY K 264 -30.91 -43.25 -31.22
N THR K 265 -29.80 -42.79 -30.64
CA THR K 265 -28.62 -43.66 -30.40
C THR K 265 -28.11 -43.43 -29.00
N THR K 266 -27.34 -44.40 -28.50
CA THR K 266 -26.66 -44.31 -27.21
C THR K 266 -25.16 -44.39 -27.50
N VAL K 267 -24.39 -43.42 -27.00
CA VAL K 267 -23.00 -43.29 -27.37
C VAL K 267 -22.12 -43.64 -26.17
N PHE K 268 -21.10 -44.47 -26.40
CA PHE K 268 -20.18 -44.93 -25.36
C PHE K 268 -18.80 -44.38 -25.64
N ASN K 269 -18.27 -43.60 -24.70
CA ASN K 269 -16.95 -42.96 -24.85
C ASN K 269 -15.99 -43.58 -23.87
N PHE K 270 -14.85 -44.05 -24.39
CA PHE K 270 -13.88 -44.77 -23.57
C PHE K 270 -12.66 -43.92 -23.20
N GLY K 271 -11.87 -44.40 -22.24
CA GLY K 271 -10.76 -43.62 -21.67
C GLY K 271 -9.76 -43.03 -22.65
N ASN K 272 -9.39 -43.80 -23.67
CA ASN K 272 -8.37 -43.32 -24.62
C ASN K 272 -9.01 -42.74 -25.88
N GLY K 273 -10.32 -42.54 -25.82
CA GLY K 273 -10.99 -41.83 -26.90
C GLY K 273 -11.78 -42.72 -27.85
N ALA K 274 -11.76 -44.03 -27.63
CA ALA K 274 -12.63 -44.90 -28.44
C ALA K 274 -14.11 -44.44 -28.29
N LYS K 275 -14.90 -44.59 -29.35
CA LYS K 275 -16.29 -44.12 -29.35
C LYS K 275 -17.16 -45.06 -30.16
N ILE K 276 -18.21 -45.58 -29.54
CA ILE K 276 -19.13 -46.51 -30.18
C ILE K 276 -20.55 -46.00 -30.06
N THR K 277 -21.27 -45.99 -31.19
CA THR K 277 -22.63 -45.45 -31.27
C THR K 277 -23.57 -46.63 -31.51
N VAL K 278 -24.52 -46.82 -30.59
CA VAL K 278 -25.40 -47.98 -30.64
C VAL K 278 -26.80 -47.48 -30.99
N PRO K 279 -27.47 -48.09 -32.00
CA PRO K 279 -28.83 -47.64 -32.26
C PRO K 279 -29.77 -48.03 -31.13
N ASN K 280 -30.80 -47.22 -30.87
CA ASN K 280 -31.64 -47.46 -29.68
C ASN K 280 -32.52 -48.70 -29.79
N THR K 281 -32.59 -49.29 -30.98
CA THR K 281 -33.31 -50.55 -31.17
C THR K 281 -32.72 -51.66 -30.32
N GLU K 282 -31.44 -51.52 -29.98
CA GLU K 282 -30.74 -52.51 -29.17
C GLU K 282 -31.19 -52.49 -27.71
N TYR K 283 -32.01 -51.50 -27.34
CA TYR K 283 -32.45 -51.36 -25.94
C TYR K 283 -33.92 -51.74 -25.72
N VAL K 284 -34.52 -52.34 -26.73
CA VAL K 284 -35.85 -52.92 -26.58
C VAL K 284 -35.72 -54.38 -26.92
N TYR K 285 -35.86 -55.24 -25.90
CA TYR K 285 -35.60 -56.68 -26.04
C TYR K 285 -36.89 -57.47 -25.85
N GLN K 286 -37.35 -58.13 -26.92
CA GLN K 286 -38.64 -58.83 -26.91
C GLN K 286 -38.59 -60.13 -26.10
N ASN K 287 -39.45 -60.22 -25.09
CA ASN K 287 -39.62 -61.44 -24.31
C ASN K 287 -40.64 -62.37 -24.95
N GLY K 288 -40.62 -63.64 -24.53
CA GLY K 288 -41.64 -64.64 -24.91
C GLY K 288 -43.11 -64.19 -24.88
N ASP K 289 -43.50 -63.45 -23.83
CA ASP K 289 -44.84 -62.84 -23.73
C ASP K 289 -44.95 -61.61 -24.65
N GLY K 290 -45.85 -60.69 -24.32
CA GLY K 290 -45.93 -59.40 -25.04
C GLY K 290 -45.26 -58.24 -24.31
N THR K 291 -44.20 -58.54 -23.56
CA THR K 291 -43.43 -57.52 -22.82
C THR K 291 -42.00 -57.44 -23.32
N CYS K 292 -41.35 -56.32 -23.05
CA CYS K 292 -39.98 -56.08 -23.48
C CYS K 292 -39.13 -55.67 -22.30
N LEU K 293 -37.92 -56.23 -22.23
CA LEU K 293 -36.93 -55.72 -21.30
C LEU K 293 -36.26 -54.53 -21.95
N TRP K 294 -35.84 -53.59 -21.12
CA TRP K 294 -34.89 -52.58 -21.55
C TRP K 294 -33.54 -53.30 -21.75
N GLY K 295 -32.71 -52.82 -22.66
CA GLY K 295 -31.41 -53.47 -22.93
C GLY K 295 -30.31 -53.18 -21.93
N ILE K 296 -30.63 -52.38 -20.94
CA ILE K 296 -29.72 -52.12 -19.83
C ILE K 296 -30.40 -52.62 -18.55
N GLN K 297 -29.62 -53.28 -17.71
CA GLN K 297 -30.11 -53.87 -16.47
C GLN K 297 -29.18 -53.56 -15.30
N PRO K 298 -29.72 -53.53 -14.07
CA PRO K 298 -28.87 -53.23 -12.92
C PRO K 298 -28.10 -54.46 -12.45
N SER K 299 -26.87 -54.24 -11.98
CA SER K 299 -25.99 -55.31 -11.55
C SER K 299 -24.85 -54.79 -10.69
N ASP K 300 -24.31 -55.64 -9.84
CA ASP K 300 -23.02 -55.38 -9.19
C ASP K 300 -21.85 -55.43 -10.18
N ASP K 301 -22.10 -55.95 -11.39
CA ASP K 301 -21.03 -56.09 -12.40
C ASP K 301 -21.37 -55.26 -13.62
N THR K 302 -20.39 -54.54 -14.16
CA THR K 302 -20.56 -53.71 -15.35
C THR K 302 -20.14 -54.47 -16.58
N ILE K 303 -21.08 -54.68 -17.50
CA ILE K 303 -20.85 -55.56 -18.66
C ILE K 303 -21.47 -54.94 -19.88
N LEU K 304 -20.68 -54.75 -20.93
CA LEU K 304 -21.20 -54.36 -22.23
C LEU K 304 -21.29 -55.64 -23.04
N GLY K 305 -22.50 -56.12 -23.24
CA GLY K 305 -22.68 -57.41 -23.92
C GLY K 305 -23.07 -57.23 -25.38
N ASP K 306 -23.78 -58.22 -25.93
CA ASP K 306 -23.95 -58.34 -27.39
C ASP K 306 -24.66 -57.15 -28.00
N ASN K 307 -25.57 -56.54 -27.22
CA ASN K 307 -26.33 -55.40 -27.73
C ASN K 307 -25.46 -54.14 -27.85
N PHE K 308 -24.33 -54.12 -27.15
CA PHE K 308 -23.30 -53.12 -27.42
C PHE K 308 -22.34 -53.62 -28.51
N LEU K 309 -21.85 -54.84 -28.34
CA LEU K 309 -20.76 -55.37 -29.16
C LEU K 309 -21.07 -55.52 -30.65
N ARG K 310 -22.33 -55.72 -31.00
CA ARG K 310 -22.71 -55.81 -32.42
C ARG K 310 -22.32 -54.53 -33.17
N HIS K 311 -22.15 -53.42 -32.44
CA HIS K 311 -21.88 -52.12 -33.04
C HIS K 311 -20.43 -51.66 -33.01
N ALA K 312 -19.54 -52.54 -32.54
CA ALA K 312 -18.11 -52.29 -32.52
C ALA K 312 -17.35 -53.36 -33.29
N TYR K 313 -16.22 -52.95 -33.85
CA TYR K 313 -15.20 -53.94 -34.23
C TYR K 313 -14.16 -53.97 -33.10
N LEU K 314 -13.88 -55.14 -32.53
CA LEU K 314 -13.00 -55.19 -31.37
C LEU K 314 -11.82 -56.10 -31.63
N LEU K 315 -10.62 -55.60 -31.37
CA LEU K 315 -9.43 -56.46 -31.41
C LEU K 315 -8.95 -56.65 -30.00
N TYR K 316 -9.21 -57.83 -29.44
CA TYR K 316 -8.78 -58.11 -28.04
C TYR K 316 -7.35 -58.59 -28.10
N ASN K 317 -6.45 -58.01 -27.31
CA ASN K 317 -5.06 -58.46 -27.29
C ASN K 317 -4.67 -58.84 -25.87
N LEU K 318 -4.60 -60.15 -25.61
CA LEU K 318 -4.40 -60.64 -24.24
CA LEU K 318 -4.38 -60.53 -24.52
C LEU K 318 -2.93 -60.68 -23.84
N ASP K 319 -2.06 -60.47 -24.83
CA ASP K 319 -0.63 -60.32 -24.57
C ASP K 319 -0.27 -58.88 -24.21
N ALA K 320 -0.84 -57.92 -24.94
CA ALA K 320 -0.57 -56.51 -24.70
C ALA K 320 -1.49 -55.92 -23.64
N ASN K 321 -2.53 -56.68 -23.30
CA ASN K 321 -3.64 -56.24 -22.43
C ASN K 321 -4.28 -54.96 -22.91
N THR K 322 -4.68 -54.97 -24.17
CA THR K 322 -5.45 -53.85 -24.72
C THR K 322 -6.65 -54.43 -25.46
N ILE K 323 -7.72 -53.64 -25.53
CA ILE K 323 -8.76 -53.93 -26.52
C ILE K 323 -8.88 -52.69 -27.44
N SER K 324 -8.71 -52.92 -28.73
CA SER K 324 -8.69 -51.86 -29.73
C SER K 324 -10.04 -51.90 -30.42
N ILE K 325 -10.68 -50.73 -30.51
CA ILE K 325 -12.10 -50.61 -30.84
C ILE K 325 -12.36 -49.53 -31.88
N ALA K 326 -13.30 -49.79 -32.79
CA ALA K 326 -13.73 -48.78 -33.77
C ALA K 326 -15.17 -49.06 -34.11
N GLN K 327 -15.90 -48.01 -34.51
CA GLN K 327 -17.27 -48.17 -34.97
C GLN K 327 -17.34 -49.22 -36.08
N VAL K 328 -18.24 -50.19 -35.94
CA VAL K 328 -18.35 -51.26 -36.92
C VAL K 328 -18.84 -50.75 -38.29
N LYS K 329 -18.37 -51.39 -39.35
CA LYS K 329 -18.91 -51.15 -40.68
C LYS K 329 -19.38 -52.50 -41.20
N TYR K 330 -20.69 -52.68 -41.42
CA TYR K 330 -21.20 -53.99 -41.84
C TYR K 330 -20.95 -54.19 -43.32
N THR K 331 -20.10 -55.14 -43.66
CA THR K 331 -19.76 -55.41 -45.05
C THR K 331 -19.18 -56.79 -45.24
N THR K 332 -19.47 -57.38 -46.40
CA THR K 332 -18.89 -58.66 -46.80
CA THR K 332 -18.87 -58.66 -46.77
C THR K 332 -17.46 -58.44 -47.32
N ASP K 333 -17.11 -57.19 -47.61
CA ASP K 333 -15.73 -56.85 -48.02
C ASP K 333 -14.81 -57.33 -46.88
N SER K 334 -13.66 -57.89 -47.22
CA SER K 334 -12.75 -58.43 -46.21
CA SER K 334 -12.75 -58.43 -46.21
C SER K 334 -11.29 -58.17 -46.60
N SER K 335 -10.55 -57.57 -45.67
CA SER K 335 -9.11 -57.40 -45.83
CA SER K 335 -9.12 -57.39 -45.83
C SER K 335 -8.45 -57.76 -44.51
N ILE K 336 -7.92 -58.98 -44.45
CA ILE K 336 -7.47 -59.54 -43.17
C ILE K 336 -5.98 -59.51 -43.07
N SER K 337 -5.50 -59.00 -41.94
CA SER K 337 -4.07 -58.99 -41.71
C SER K 337 -3.76 -59.68 -40.38
N ALA K 338 -2.59 -60.30 -40.29
CA ALA K 338 -2.21 -61.01 -39.07
C ALA K 338 -1.90 -60.03 -37.94
N VAL K 339 -2.17 -60.47 -36.71
CA VAL K 339 -1.77 -59.78 -35.49
C VAL K 339 -0.88 -60.74 -34.67
CA IVA L 1 -30.75 -63.65 -21.87
CB IVA L 1 -31.73 -62.87 -20.99
CG1 IVA L 1 -31.01 -61.83 -20.15
CG2 IVA L 1 -32.77 -62.14 -21.84
C IVA L 1 -29.78 -64.46 -21.01
O IVA L 1 -30.16 -65.16 -20.07
N VAL L 2 -28.49 -64.35 -21.37
CA VAL L 2 -27.47 -65.13 -20.66
C VAL L 2 -26.41 -64.17 -20.19
N VAL L 3 -25.64 -64.59 -19.17
CA VAL L 3 -24.51 -63.80 -18.70
C VAL L 3 -23.44 -64.81 -18.37
N STA L 4 -22.41 -64.86 -19.20
CA STA L 4 -21.40 -65.94 -19.18
CB STA L 4 -21.56 -66.95 -20.35
CG STA L 4 -22.98 -67.50 -20.56
CD1 STA L 4 -23.11 -68.13 -21.96
CD2 STA L 4 -23.36 -68.54 -19.50
CH STA L 4 -19.97 -65.35 -19.22
OH STA L 4 -19.82 -64.54 -20.41
CM STA L 4 -19.62 -64.45 -18.01
C STA L 4 -19.33 -65.27 -16.77
O STA L 4 -20.20 -65.64 -16.01
N ALA L 5 -18.03 -65.56 -16.54
CA ALA L 5 -17.56 -66.06 -15.26
C ALA L 5 -17.07 -64.88 -14.45
N STA L 6 -17.84 -64.49 -13.45
CA STA L 6 -17.74 -63.18 -12.82
CB STA L 6 -19.11 -62.50 -12.72
CG STA L 6 -19.81 -62.35 -14.09
CD1 STA L 6 -21.11 -61.54 -13.94
CD2 STA L 6 -18.91 -61.75 -15.17
CH STA L 6 -17.13 -63.36 -11.42
OH STA L 6 -15.92 -64.11 -11.57
CM STA L 6 -16.83 -61.98 -10.83
C STA L 6 -16.01 -62.02 -9.54
O STA L 6 -15.03 -61.24 -9.46
OXT STA L 6 -16.33 -62.81 -8.61
N ASP M 1 -8.58 61.17 41.04
CA ASP M 1 -8.96 59.76 41.31
C ASP M 1 -10.45 59.64 41.65
N SER M 2 -11.11 58.73 40.96
CA SER M 2 -12.50 58.36 41.20
CA SER M 2 -12.49 58.36 41.28
C SER M 2 -12.54 56.86 41.41
N ILE M 3 -13.56 56.36 42.10
CA ILE M 3 -13.72 54.93 42.32
C ILE M 3 -15.12 54.56 41.86
N SER M 4 -15.23 53.76 40.81
CA SER M 4 -16.56 53.27 40.38
C SER M 4 -16.85 51.98 41.11
N LEU M 5 -18.10 51.84 41.53
CA LEU M 5 -18.52 50.65 42.25
C LEU M 5 -19.86 50.20 41.71
N SER M 6 -19.95 48.93 41.36
CA SER M 6 -21.19 48.38 40.79
C SER M 6 -22.29 48.27 41.84
N LEU M 7 -23.48 48.74 41.48
CA LEU M 7 -24.67 48.64 42.32
C LEU M 7 -25.52 47.51 41.77
N ILE M 8 -25.81 46.52 42.62
CA ILE M 8 -26.64 45.39 42.23
C ILE M 8 -28.10 45.72 42.53
N ASN M 9 -28.94 45.72 41.49
CA ASN M 9 -30.37 45.94 41.67
C ASN M 9 -30.99 44.68 42.28
N GLU M 10 -31.17 44.70 43.60
CA GLU M 10 -31.67 43.53 44.35
C GLU M 10 -33.18 43.58 44.59
N GLY M 11 -33.87 44.46 43.87
CA GLY M 11 -35.31 44.62 44.05
C GLY M 11 -35.62 45.85 44.88
N PRO M 12 -35.80 45.70 46.22
CA PRO M 12 -36.16 46.84 47.06
C PRO M 12 -35.01 47.79 47.37
N SER M 13 -33.77 47.37 47.11
CA SER M 13 -32.59 48.18 47.43
CA SER M 13 -32.56 48.12 47.50
C SER M 13 -31.42 47.79 46.54
N TYR M 14 -30.34 48.58 46.60
CA TYR M 14 -29.16 48.40 45.76
C TYR M 14 -27.96 48.14 46.68
N ALA M 15 -27.19 47.11 46.35
CA ALA M 15 -26.06 46.70 47.18
C ALA M 15 -24.81 46.57 46.35
N SER M 16 -23.66 46.61 47.03
CA SER M 16 -22.39 46.41 46.38
C SER M 16 -21.50 45.49 47.21
N LYS M 17 -20.53 44.88 46.52
CA LYS M 17 -19.51 44.06 47.17
C LYS M 17 -18.42 44.98 47.73
N VAL M 18 -18.22 44.90 49.03
CA VAL M 18 -17.21 45.69 49.75
CA VAL M 18 -17.17 45.66 49.70
C VAL M 18 -16.41 44.67 50.59
N SER M 19 -15.10 44.80 50.64
CA SER M 19 -14.34 43.86 51.45
C SER M 19 -13.81 44.51 52.70
N VAL M 20 -13.74 43.74 53.77
CA VAL M 20 -13.37 44.28 55.06
C VAL M 20 -12.34 43.38 55.72
N GLY M 21 -11.32 44.00 56.29
CA GLY M 21 -10.31 43.26 57.06
C GLY M 21 -9.06 42.93 56.28
N SER M 22 -8.04 42.47 57.01
CA SER M 22 -6.76 42.12 56.41
C SER M 22 -6.92 41.00 55.39
N ASN M 23 -7.89 40.12 55.64
CA ASN M 23 -8.15 39.01 54.74
C ASN M 23 -9.29 39.31 53.75
N LYS M 24 -9.66 40.59 53.65
CA LYS M 24 -10.59 41.08 52.63
C LYS M 24 -11.83 40.19 52.54
N GLN M 25 -12.56 40.14 53.65
CA GLN M 25 -13.79 39.37 53.76
C GLN M 25 -14.89 40.11 53.03
N GLN M 26 -15.43 39.50 51.99
CA GLN M 26 -16.37 40.20 51.14
C GLN M 26 -17.76 40.29 51.78
N GLN M 27 -18.30 41.51 51.79
CA GLN M 27 -19.65 41.76 52.28
C GLN M 27 -20.46 42.35 51.13
N THR M 28 -21.71 41.92 50.98
CA THR M 28 -22.63 42.55 50.04
C THR M 28 -23.57 43.43 50.84
N VAL M 29 -23.43 44.75 50.70
CA VAL M 29 -24.04 45.67 51.63
C VAL M 29 -24.84 46.75 50.87
N ILE M 30 -25.87 47.26 51.51
CA ILE M 30 -26.73 48.25 50.84
C ILE M 30 -26.01 49.60 50.77
N ILE M 31 -25.99 50.22 49.59
CA ILE M 31 -25.43 51.57 49.44
C ILE M 31 -26.50 52.60 49.82
N ASP M 32 -26.25 53.34 50.89
CA ASP M 32 -27.29 54.11 51.56
C ASP M 32 -26.91 55.58 51.77
N THR M 33 -27.45 56.47 50.94
CA THR M 33 -27.23 57.91 51.11
C THR M 33 -28.04 58.43 52.31
N GLY M 34 -28.96 57.62 52.82
CA GLY M 34 -29.87 58.05 53.90
C GLY M 34 -29.37 57.72 55.30
N SER M 35 -28.18 57.12 55.41
CA SER M 35 -27.58 56.90 56.70
C SER M 35 -26.05 57.10 56.56
N SER M 36 -25.35 57.10 57.69
CA SER M 36 -23.95 57.54 57.67
C SER M 36 -22.96 56.58 58.29
N ASP M 37 -23.45 55.40 58.69
CA ASP M 37 -22.58 54.41 59.34
C ASP M 37 -22.42 53.18 58.49
N PHE M 38 -21.20 52.66 58.41
CA PHE M 38 -20.95 51.38 57.73
C PHE M 38 -20.91 50.29 58.80
N TRP M 39 -21.87 49.35 58.74
CA TRP M 39 -21.86 48.21 59.65
C TRP M 39 -21.93 46.91 58.90
N VAL M 40 -21.35 45.86 59.49
CA VAL M 40 -21.27 44.53 58.88
C VAL M 40 -21.91 43.49 59.78
N VAL M 41 -22.45 42.44 59.16
CA VAL M 41 -23.11 41.34 59.91
C VAL M 41 -22.01 40.43 60.43
N ASP M 42 -21.87 40.34 61.75
CA ASP M 42 -20.88 39.44 62.37
C ASP M 42 -21.27 38.02 62.01
N SER M 43 -20.27 37.18 61.74
CA SER M 43 -20.52 35.77 61.42
CA SER M 43 -20.52 35.78 61.41
C SER M 43 -21.32 35.05 62.50
N ASN M 44 -21.22 35.51 63.74
N ASN M 44 -21.19 35.51 63.74
CA ASN M 44 -21.94 34.90 64.86
CA ASN M 44 -21.92 34.92 64.88
C ASN M 44 -23.21 35.66 65.27
C ASN M 44 -23.12 35.77 65.32
N ALA M 45 -23.68 36.56 64.40
CA ALA M 45 -24.86 37.37 64.71
C ALA M 45 -26.10 36.52 64.94
N GLN M 46 -26.99 37.00 65.81
CA GLN M 46 -28.32 36.39 65.95
CA GLN M 46 -28.29 36.38 65.99
C GLN M 46 -29.28 37.27 65.21
N CYS M 47 -29.76 36.78 64.07
CA CYS M 47 -30.70 37.56 63.26
C CYS M 47 -32.03 37.73 63.97
N GLY M 48 -32.72 38.78 63.59
CA GLY M 48 -34.08 39.01 64.07
C GLY M 48 -34.99 37.82 63.81
N LYS M 49 -36.09 37.76 64.55
CA LYS M 49 -37.06 36.67 64.37
C LYS M 49 -37.52 36.71 62.91
N GLY M 50 -37.43 35.58 62.22
CA GLY M 50 -37.87 35.47 60.83
C GLY M 50 -36.93 36.11 59.80
N VAL M 51 -35.76 36.58 60.24
CA VAL M 51 -34.87 37.31 59.35
C VAL M 51 -33.68 36.45 58.94
N ASP M 52 -33.42 36.42 57.64
CA ASP M 52 -32.23 35.77 57.07
C ASP M 52 -31.17 36.86 56.89
N CYS M 53 -30.29 37.02 57.88
CA CYS M 53 -29.34 38.14 57.84
C CYS M 53 -27.92 37.71 57.45
N LYS M 54 -27.76 36.42 57.17
CA LYS M 54 -26.43 35.88 56.94
C LYS M 54 -26.16 35.38 55.53
N SER M 55 -27.01 35.74 54.57
CA SER M 55 -26.84 35.24 53.21
CA SER M 55 -26.87 35.25 53.21
C SER M 55 -26.27 36.27 52.24
N SER M 56 -25.77 37.38 52.78
CA SER M 56 -25.16 38.45 51.96
C SER M 56 -23.74 38.77 52.38
N GLY M 57 -23.02 37.77 52.89
CA GLY M 57 -21.68 37.96 53.43
C GLY M 57 -21.74 38.23 54.91
N THR M 58 -20.76 37.73 55.64
CA THR M 58 -20.61 38.06 57.05
C THR M 58 -19.16 38.37 57.38
N PHE M 59 -18.92 39.07 58.48
CA PHE M 59 -17.58 39.47 58.88
C PHE M 59 -17.18 38.75 60.15
N THR M 60 -15.95 38.22 60.17
CA THR M 60 -15.40 37.60 61.38
C THR M 60 -14.21 38.44 61.82
N PRO M 61 -14.41 39.33 62.82
CA PRO M 61 -13.36 40.23 63.32
C PRO M 61 -12.07 39.51 63.72
N SER M 62 -12.19 38.32 64.31
CA SER M 62 -11.01 37.59 64.82
C SER M 62 -10.09 37.03 63.72
N SER M 63 -10.58 36.95 62.48
CA SER M 63 -9.77 36.46 61.33
CA SER M 63 -9.72 36.46 61.37
C SER M 63 -9.03 37.60 60.62
N SER M 64 -9.37 38.84 60.97
CA SER M 64 -8.65 40.02 60.46
C SER M 64 -7.59 40.44 61.45
N SER M 65 -6.34 40.47 61.00
CA SER M 65 -5.22 40.84 61.87
C SER M 65 -5.22 42.33 62.22
N SER M 66 -6.01 43.11 61.47
CA SER M 66 -5.94 44.56 61.59
C SER M 66 -7.16 45.14 62.31
N TYR M 67 -8.12 44.28 62.67
CA TYR M 67 -9.31 44.70 63.39
C TYR M 67 -8.96 45.30 64.74
N LYS M 68 -9.58 46.43 65.05
CA LYS M 68 -9.48 47.06 66.35
C LYS M 68 -10.87 47.14 66.98
N ASN M 69 -11.01 46.62 68.19
CA ASN M 69 -12.24 46.79 68.97
C ASN M 69 -12.18 48.17 69.63
N LEU M 70 -13.18 49.00 69.39
CA LEU M 70 -13.23 50.31 70.05
C LEU M 70 -13.91 50.27 71.42
N GLY M 71 -14.59 49.19 71.77
N GLY M 71 -14.61 49.17 71.68
CA GLY M 71 -15.21 49.10 73.09
CA GLY M 71 -15.32 48.92 72.94
C GLY M 71 -16.24 50.20 73.39
C GLY M 71 -16.78 49.37 72.97
N ALA M 72 -17.02 50.53 72.36
CA ALA M 72 -18.28 51.27 72.53
C ALA M 72 -19.42 50.54 71.83
N ALA M 73 -20.60 50.59 72.45
CA ALA M 73 -21.77 49.91 71.93
C ALA M 73 -22.32 50.71 70.74
N PHE M 74 -22.84 50.00 69.74
CA PHE M 74 -23.48 50.59 68.56
C PHE M 74 -24.95 50.20 68.51
N THR M 75 -25.80 51.17 68.15
CA THR M 75 -27.22 50.89 67.97
C THR M 75 -27.77 51.85 66.93
N ILE M 76 -28.61 51.34 66.04
CA ILE M 76 -29.27 52.16 65.00
C ILE M 76 -30.67 51.62 64.74
N ARG M 77 -31.59 52.55 64.48
CA ARG M 77 -32.96 52.26 64.07
C ARG M 77 -33.25 53.01 62.76
N TYR M 78 -33.75 52.28 61.77
CA TYR M 78 -34.07 52.85 60.48
C TYR M 78 -35.55 53.25 60.37
N GLY M 79 -35.85 54.01 59.32
CA GLY M 79 -37.17 54.54 59.08
C GLY M 79 -38.26 53.49 58.97
N ASP M 80 -37.89 52.31 58.48
CA ASP M 80 -38.84 51.20 58.31
C ASP M 80 -39.04 50.37 59.58
N GLY M 81 -38.32 50.74 60.64
CA GLY M 81 -38.48 50.04 61.91
C GLY M 81 -37.41 48.98 62.18
N SER M 82 -36.62 48.62 61.17
CA SER M 82 -35.51 47.68 61.36
CA SER M 82 -35.53 47.66 61.36
C SER M 82 -34.42 48.28 62.20
N THR M 83 -33.62 47.42 62.84
CA THR M 83 -32.63 47.93 63.78
C THR M 83 -31.41 47.03 63.72
N SER M 84 -30.28 47.55 64.19
CA SER M 84 -29.06 46.75 64.40
C SER M 84 -28.35 47.16 65.68
N GLN M 85 -27.72 46.20 66.36
CA GLN M 85 -26.90 46.48 67.54
C GLN M 85 -25.60 45.70 67.47
N GLY M 86 -24.53 46.31 67.99
CA GLY M 86 -23.25 45.60 68.06
C GLY M 86 -22.26 46.46 68.80
N THR M 87 -21.03 46.43 68.31
CA THR M 87 -19.94 47.19 68.90
CA THR M 87 -19.94 47.20 68.91
C THR M 87 -19.17 47.95 67.82
N TRP M 88 -18.61 49.11 68.19
CA TRP M 88 -17.80 49.87 67.24
C TRP M 88 -16.40 49.28 67.09
N GLY M 89 -15.88 49.34 65.87
CA GLY M 89 -14.53 48.92 65.59
C GLY M 89 -13.88 49.71 64.47
N LYS M 90 -12.63 49.34 64.16
CA LYS M 90 -11.95 49.84 62.95
C LYS M 90 -11.27 48.71 62.21
N ASP M 91 -11.29 48.79 60.89
CA ASP M 91 -10.54 47.87 60.07
C ASP M 91 -10.31 48.46 58.69
N THR M 92 -9.54 47.76 57.88
CA THR M 92 -9.30 48.13 56.50
C THR M 92 -10.54 47.83 55.67
N VAL M 93 -10.92 48.78 54.83
CA VAL M 93 -12.08 48.65 53.95
C VAL M 93 -11.62 48.82 52.50
N THR M 94 -12.01 47.86 51.67
CA THR M 94 -11.59 47.88 50.27
CA THR M 94 -11.58 47.81 50.27
C THR M 94 -12.79 47.95 49.34
N ILE M 95 -12.75 48.93 48.44
CA ILE M 95 -13.85 49.21 47.53
C ILE M 95 -13.28 49.18 46.11
N ASN M 96 -13.73 48.20 45.33
CA ASN M 96 -13.18 48.02 43.98
C ASN M 96 -11.66 48.15 43.95
N GLY M 97 -10.98 47.41 44.81
CA GLY M 97 -9.51 47.34 44.78
C GLY M 97 -8.80 48.51 45.43
N VAL M 98 -9.55 49.50 45.90
CA VAL M 98 -8.98 50.66 46.59
C VAL M 98 -9.18 50.49 48.10
N SER M 99 -8.08 50.49 48.86
CA SER M 99 -8.14 50.25 50.32
C SER M 99 -7.98 51.53 51.15
N ILE M 100 -8.82 51.66 52.18
CA ILE M 100 -8.60 52.64 53.25
C ILE M 100 -8.34 51.96 54.60
N THR M 101 -7.36 52.47 55.35
CA THR M 101 -6.96 51.85 56.61
C THR M 101 -7.63 52.51 57.80
N GLY M 102 -7.85 51.74 58.85
CA GLY M 102 -8.35 52.27 60.12
C GLY M 102 -9.74 52.87 59.97
N GLN M 103 -10.55 52.29 59.10
CA GLN M 103 -11.91 52.84 58.90
C GLN M 103 -12.84 52.40 60.02
N GLN M 104 -13.51 53.36 60.68
CA GLN M 104 -14.45 53.02 61.74
C GLN M 104 -15.73 52.41 61.17
N ILE M 105 -16.06 51.22 61.69
CA ILE M 105 -17.24 50.47 61.26
C ILE M 105 -17.93 49.88 62.50
N ALA M 106 -19.15 49.39 62.37
CA ALA M 106 -19.75 48.63 63.47
C ALA M 106 -19.85 47.15 63.13
N ASP M 107 -19.48 46.33 64.12
CA ASP M 107 -19.60 44.88 64.02
C ASP M 107 -20.91 44.53 64.69
N VAL M 108 -21.89 44.17 63.87
CA VAL M 108 -23.26 43.96 64.35
C VAL M 108 -23.55 42.49 64.68
N THR M 109 -23.99 42.25 65.90
CA THR M 109 -24.26 40.90 66.41
C THR M 109 -25.73 40.56 66.57
N GLN M 110 -26.62 41.52 66.27
CA GLN M 110 -28.05 41.27 66.21
C GLN M 110 -28.67 42.30 65.26
N THR M 111 -29.52 41.85 64.34
CA THR M 111 -30.14 42.77 63.39
C THR M 111 -31.41 42.19 62.77
N SER M 112 -32.36 43.06 62.45
CA SER M 112 -33.54 42.64 61.71
C SER M 112 -33.43 43.13 60.27
N VAL M 113 -32.25 43.62 59.89
CA VAL M 113 -31.95 43.99 58.50
C VAL M 113 -31.36 42.76 57.82
N ASP M 114 -31.66 42.55 56.52
CA ASP M 114 -31.17 41.34 55.82
C ASP M 114 -29.67 41.32 55.54
N GLN M 115 -29.03 42.48 55.59
CA GLN M 115 -27.61 42.54 55.24
C GLN M 115 -27.02 43.82 55.78
N GLY M 116 -25.69 43.90 55.78
CA GLY M 116 -25.01 45.11 56.21
C GLY M 116 -25.34 46.32 55.35
N ILE M 117 -25.04 47.49 55.87
CA ILE M 117 -25.33 48.74 55.21
C ILE M 117 -24.11 49.64 55.21
N LEU M 118 -23.77 50.17 54.03
CA LEU M 118 -22.73 51.17 53.89
C LEU M 118 -23.38 52.56 53.80
N GLY M 119 -23.54 53.20 54.96
CA GLY M 119 -24.08 54.56 55.01
C GLY M 119 -23.02 55.58 54.61
N ILE M 120 -23.33 56.41 53.62
CA ILE M 120 -22.37 57.35 53.07
C ILE M 120 -22.88 58.80 53.13
N GLY M 121 -23.82 59.08 54.02
CA GLY M 121 -24.37 60.45 54.22
C GLY M 121 -23.41 61.29 55.08
N TYR M 122 -23.90 62.40 55.62
CA TYR M 122 -23.09 63.30 56.42
C TYR M 122 -22.66 62.68 57.76
N THR M 123 -21.43 62.99 58.21
CA THR M 123 -21.00 62.49 59.51
C THR M 123 -21.95 62.94 60.65
N SER M 124 -22.58 64.11 60.51
CA SER M 124 -23.47 64.61 61.57
C SER M 124 -24.69 63.74 61.80
N ASN M 125 -24.96 62.81 60.87
CA ASN M 125 -26.10 61.90 61.01
C ASN M 125 -25.70 60.52 61.46
N GLU M 126 -24.47 60.37 61.96
CA GLU M 126 -24.02 59.08 62.46
C GLU M 126 -24.81 58.67 63.69
N ALA M 127 -25.07 57.37 63.81
CA ALA M 127 -25.79 56.80 64.95
C ALA M 127 -24.84 56.53 66.12
N VAL M 128 -24.54 57.57 66.88
CA VAL M 128 -23.56 57.50 67.97
C VAL M 128 -24.23 57.72 69.33
N TYR M 129 -25.53 57.40 69.41
CA TYR M 129 -26.34 57.62 70.62
C TYR M 129 -26.90 56.30 71.11
N ASP M 130 -27.11 56.15 72.42
CA ASP M 130 -27.87 54.99 72.88
C ASP M 130 -29.36 55.33 72.75
N THR M 131 -30.23 54.36 73.01
CA THR M 131 -31.66 54.55 72.81
CA THR M 131 -31.67 54.56 72.82
C THR M 131 -32.27 55.57 73.79
N SER M 132 -31.50 55.97 74.79
CA SER M 132 -31.93 57.04 75.70
CA SER M 132 -31.95 57.04 75.71
C SER M 132 -31.68 58.43 75.12
N GLY M 133 -30.83 58.49 74.07
CA GLY M 133 -30.46 59.75 73.42
C GLY M 133 -29.10 60.30 73.88
N ARG M 134 -28.46 59.59 74.80
CA ARG M 134 -27.12 59.93 75.28
C ARG M 134 -26.12 59.60 74.18
N GLN M 135 -25.18 60.52 73.90
CA GLN M 135 -24.11 60.23 72.95
C GLN M 135 -23.09 59.34 73.63
N THR M 136 -22.84 58.17 73.03
CA THR M 136 -21.98 57.16 73.64
C THR M 136 -20.58 57.06 72.99
N THR M 137 -20.42 57.67 71.82
CA THR M 137 -19.13 57.69 71.11
C THR M 137 -19.03 58.97 70.28
N PRO M 138 -17.82 59.54 70.08
CA PRO M 138 -17.73 60.77 69.28
C PRO M 138 -18.15 60.53 67.83
N ASN M 139 -18.63 61.58 67.17
CA ASN M 139 -18.78 61.53 65.71
C ASN M 139 -17.39 61.30 65.13
N TYR M 140 -17.30 60.73 63.93
CA TYR M 140 -16.03 60.19 63.45
C TYR M 140 -16.02 60.28 61.93
N ASP M 141 -14.86 60.01 61.32
CA ASP M 141 -14.74 60.01 59.86
C ASP M 141 -15.40 58.76 59.26
N ASN M 142 -16.54 58.94 58.58
CA ASN M 142 -17.17 57.81 57.90
C ASN M 142 -16.54 57.56 56.54
N VAL M 143 -17.02 56.57 55.79
CA VAL M 143 -16.29 56.12 54.59
C VAL M 143 -15.91 57.22 53.58
N PRO M 144 -16.88 58.06 53.12
CA PRO M 144 -16.52 59.13 52.18
C PRO M 144 -15.46 60.11 52.74
N VAL M 145 -15.54 60.43 54.02
CA VAL M 145 -14.56 61.34 54.62
C VAL M 145 -13.16 60.72 54.57
N THR M 146 -13.09 59.44 54.90
CA THR M 146 -11.79 58.73 54.94
C THR M 146 -11.20 58.53 53.55
N LEU M 147 -12.05 58.25 52.56
CA LEU M 147 -11.60 58.21 51.16
C LEU M 147 -10.90 59.51 50.77
N LYS M 148 -11.51 60.64 51.14
CA LYS M 148 -10.91 61.93 50.86
C LYS M 148 -9.61 62.11 51.68
N LYS M 149 -9.67 61.84 52.99
CA LYS M 149 -8.53 62.04 53.91
C LYS M 149 -7.30 61.26 53.44
N GLN M 150 -7.55 60.07 52.90
CA GLN M 150 -6.46 59.18 52.52
C GLN M 150 -6.06 59.28 51.04
N GLY M 151 -6.60 60.29 50.36
CA GLY M 151 -6.11 60.68 49.04
C GLY M 151 -6.70 59.87 47.89
N LYS M 152 -7.75 59.11 48.16
CA LYS M 152 -8.37 58.25 47.14
C LYS M 152 -9.33 59.03 46.24
N ILE M 153 -9.91 60.09 46.79
CA ILE M 153 -10.76 61.02 46.03
C ILE M 153 -10.41 62.44 46.46
N ARG M 154 -10.72 63.41 45.59
CA ARG M 154 -10.37 64.82 45.85
CA ARG M 154 -10.35 64.81 45.86
C ARG M 154 -11.38 65.52 46.74
N THR M 155 -12.65 65.14 46.55
CA THR M 155 -13.76 65.81 47.17
C THR M 155 -14.66 64.76 47.79
N ASN M 156 -15.30 65.08 48.92
CA ASN M 156 -16.30 64.19 49.49
C ASN M 156 -17.56 64.35 48.66
N ALA M 157 -17.63 63.57 47.59
CA ALA M 157 -18.70 63.68 46.60
C ALA M 157 -18.88 62.31 45.97
N TYR M 158 -20.08 62.03 45.47
CA TYR M 158 -20.29 60.77 44.74
C TYR M 158 -21.46 60.92 43.80
N SER M 159 -21.40 60.22 42.66
CA SER M 159 -22.48 60.27 41.68
C SER M 159 -23.26 58.98 41.73
N LEU M 160 -24.60 59.08 41.67
CA LEU M 160 -25.44 57.89 41.78
C LEU M 160 -26.18 57.65 40.46
N TYR M 161 -25.99 56.44 39.91
CA TYR M 161 -26.69 55.99 38.72
C TYR M 161 -27.33 54.63 39.03
N LEU M 162 -28.56 54.66 39.57
CA LEU M 162 -29.27 53.41 39.84
C LEU M 162 -29.58 52.60 38.56
N ASN M 163 -29.63 53.30 37.42
CA ASN M 163 -29.99 52.71 36.12
C ASN M 163 -31.48 52.42 36.04
N SER M 164 -31.93 51.86 34.91
CA SER M 164 -33.36 51.70 34.64
C SER M 164 -34.05 50.63 35.53
N PRO M 165 -35.40 50.68 35.63
CA PRO M 165 -36.14 49.69 36.44
C PRO M 165 -35.77 48.25 36.11
N SER M 166 -35.47 47.99 34.84
CA SER M 166 -35.20 46.62 34.44
C SER M 166 -33.71 46.26 34.39
N ALA M 167 -32.83 47.21 34.70
CA ALA M 167 -31.37 46.95 34.68
C ALA M 167 -30.94 46.03 35.82
N GLU M 168 -29.94 45.20 35.56
CA GLU M 168 -29.39 44.36 36.62
C GLU M 168 -28.45 45.11 37.54
N THR M 169 -27.71 46.10 36.99
CA THR M 169 -26.71 46.85 37.74
C THR M 169 -26.70 48.34 37.37
N GLY M 170 -26.36 49.14 38.38
CA GLY M 170 -26.08 50.57 38.22
C GLY M 170 -24.66 50.82 38.70
N THR M 171 -24.33 52.08 38.96
CA THR M 171 -22.98 52.49 39.36
C THR M 171 -23.04 53.66 40.33
N ILE M 172 -22.26 53.57 41.40
CA ILE M 172 -21.93 54.77 42.18
C ILE M 172 -20.46 55.11 41.95
N ILE M 173 -20.16 56.40 41.76
CA ILE M 173 -18.78 56.82 41.57
C ILE M 173 -18.39 57.76 42.69
N PHE M 174 -17.47 57.29 43.54
CA PHE M 174 -16.92 58.16 44.57
C PHE M 174 -15.89 59.07 43.90
N GLY M 175 -16.06 60.36 44.14
CA GLY M 175 -15.14 61.40 43.67
C GLY M 175 -15.16 61.60 42.17
N GLY M 176 -16.27 61.24 41.51
CA GLY M 176 -16.36 61.42 40.08
C GLY M 176 -17.78 61.55 39.59
N VAL M 177 -17.91 61.83 38.29
CA VAL M 177 -19.19 62.02 37.66
C VAL M 177 -19.12 61.50 36.22
N ASP M 178 -20.16 60.76 35.80
CA ASP M 178 -20.21 60.24 34.43
C ASP M 178 -21.08 61.14 33.59
N ASN M 179 -20.44 61.99 32.80
CA ASN M 179 -21.12 63.00 32.02
C ASN M 179 -21.90 62.48 30.82
N ALA M 180 -21.80 61.18 30.57
CA ALA M 180 -22.54 60.57 29.46
C ALA M 180 -23.95 60.16 29.85
N LYS M 181 -24.19 60.09 31.16
CA LYS M 181 -25.41 59.42 31.66
C LYS M 181 -26.54 60.35 32.07
N TYR M 182 -26.51 61.58 31.53
CA TYR M 182 -27.67 62.48 31.69
C TYR M 182 -27.87 63.35 30.47
N SER M 183 -29.10 63.83 30.29
CA SER M 183 -29.44 64.84 29.29
C SER M 183 -29.36 66.24 29.87
N GLY M 184 -29.02 67.22 29.03
CA GLY M 184 -28.95 68.63 29.45
C GLY M 184 -27.81 68.84 30.40
N LYS M 185 -27.90 69.86 31.23
CA LYS M 185 -26.81 70.13 32.17
C LYS M 185 -27.25 69.79 33.59
N LEU M 186 -26.31 69.38 34.44
CA LEU M 186 -26.64 69.23 35.87
C LEU M 186 -27.08 70.57 36.47
N VAL M 187 -28.10 70.56 37.31
CA VAL M 187 -28.57 71.77 38.00
C VAL M 187 -28.23 71.58 39.45
N ALA M 188 -27.51 72.55 40.04
CA ALA M 188 -27.07 72.38 41.43
C ALA M 188 -28.24 72.77 42.35
N GLU M 189 -28.63 71.85 43.22
CA GLU M 189 -29.66 72.16 44.23
C GLU M 189 -28.98 72.21 45.59
N GLN M 190 -29.36 73.18 46.41
CA GLN M 190 -28.72 73.36 47.73
C GLN M 190 -29.25 72.37 48.75
N VAL M 191 -28.36 71.75 49.52
CA VAL M 191 -28.79 70.84 50.60
C VAL M 191 -29.42 71.71 51.72
N THR M 192 -30.61 71.33 52.18
CA THR M 192 -31.38 72.19 53.11
C THR M 192 -31.26 71.82 54.60
N SER M 193 -30.48 70.78 54.88
CA SER M 193 -30.33 70.24 56.25
C SER M 193 -28.85 70.07 56.55
N SER M 194 -28.47 70.20 57.82
CA SER M 194 -27.10 69.98 58.24
CA SER M 194 -27.11 69.98 58.27
C SER M 194 -26.82 68.49 58.47
N GLN M 195 -27.88 67.70 58.50
CA GLN M 195 -27.79 66.29 58.84
C GLN M 195 -28.14 65.36 57.71
N ALA M 196 -29.11 65.76 56.87
CA ALA M 196 -29.70 64.89 55.83
C ALA M 196 -29.47 65.45 54.44
N LEU M 197 -29.41 64.58 53.44
CA LEU M 197 -29.16 64.99 52.07
C LEU M 197 -30.49 65.31 51.40
N THR M 198 -31.03 66.45 51.80
CA THR M 198 -32.35 66.90 51.39
C THR M 198 -32.22 68.18 50.56
N ILE M 199 -33.09 68.30 49.55
CA ILE M 199 -33.13 69.48 48.69
C ILE M 199 -34.58 69.99 48.58
N SER M 200 -34.72 71.23 48.15
CA SER M 200 -36.04 71.86 48.08
C SER M 200 -36.86 71.36 46.92
N LEU M 201 -37.99 70.75 47.25
CA LEU M 201 -38.91 70.28 46.22
C LEU M 201 -40.02 71.31 46.13
N ALA M 202 -40.06 72.06 45.02
CA ALA M 202 -41.06 73.12 44.86
C ALA M 202 -42.47 72.61 44.51
N SER M 203 -42.56 71.66 43.58
CA SER M 203 -43.89 71.17 43.14
C SER M 203 -43.78 69.79 42.48
N VAL M 204 -44.93 69.12 42.40
CA VAL M 204 -45.07 67.82 41.74
C VAL M 204 -46.22 67.97 40.76
N ASN M 205 -45.96 67.58 39.50
CA ASN M 205 -46.99 67.58 38.46
CA ASN M 205 -47.00 67.57 38.47
C ASN M 205 -47.45 66.15 38.20
N LEU M 206 -48.75 65.90 38.40
CA LEU M 206 -49.30 64.56 38.28
C LEU M 206 -50.64 64.64 37.54
N LYS M 207 -50.78 63.87 36.47
CA LYS M 207 -52.06 63.78 35.73
C LYS M 207 -52.63 65.13 35.31
N GLY M 208 -51.73 66.01 34.85
CA GLY M 208 -52.08 67.33 34.33
C GLY M 208 -52.37 68.39 35.39
N SER M 209 -52.00 68.11 36.64
CA SER M 209 -52.21 69.08 37.72
C SER M 209 -50.90 69.34 38.42
N SER M 210 -50.69 70.60 38.81
CA SER M 210 -49.48 70.97 39.57
C SER M 210 -49.83 71.05 41.05
N PHE M 211 -49.03 70.42 41.88
CA PHE M 211 -49.27 70.42 43.32
C PHE M 211 -48.10 71.11 44.00
N SER M 212 -48.39 72.26 44.59
CA SER M 212 -47.37 73.04 45.28
C SER M 212 -46.93 72.30 46.56
N PHE M 213 -45.62 72.20 46.77
CA PHE M 213 -45.13 71.47 47.93
C PHE M 213 -44.30 72.43 48.75
N GLY M 214 -43.03 72.62 48.38
CA GLY M 214 -42.17 73.60 49.05
C GLY M 214 -41.70 73.14 50.43
N ASP M 215 -41.06 71.97 50.46
CA ASP M 215 -40.40 71.47 51.66
C ASP M 215 -39.18 70.69 51.15
N GLY M 216 -38.30 70.32 52.09
CA GLY M 216 -37.15 69.47 51.80
C GLY M 216 -37.59 68.05 51.49
N ALA M 217 -36.86 67.40 50.59
CA ALA M 217 -37.08 65.99 50.24
C ALA M 217 -35.71 65.27 50.32
N LEU M 218 -35.65 64.22 51.14
CA LEU M 218 -34.44 63.41 51.28
C LEU M 218 -34.21 62.58 50.03
N LEU M 219 -33.03 62.66 49.42
CA LEU M 219 -32.74 61.84 48.22
C LEU M 219 -32.04 60.56 48.63
N ASP M 220 -32.83 59.50 48.89
CA ASP M 220 -32.30 58.36 49.67
C ASP M 220 -32.21 57.10 48.85
N SER M 221 -30.99 56.70 48.51
CA SER M 221 -30.78 55.47 47.75
C SER M 221 -31.27 54.25 48.51
N GLY M 222 -31.31 54.35 49.85
CA GLY M 222 -31.72 53.21 50.68
C GLY M 222 -33.20 53.17 51.03
N THR M 223 -34.03 53.89 50.27
CA THR M 223 -35.49 53.82 50.42
C THR M 223 -36.06 53.34 49.10
N THR M 224 -36.93 52.33 49.19
CA THR M 224 -37.56 51.74 47.99
C THR M 224 -38.51 52.68 47.23
N LEU M 225 -39.44 53.29 47.97
CA LEU M 225 -40.56 54.02 47.39
C LEU M 225 -40.39 55.52 47.64
N THR M 226 -41.49 56.26 47.52
CA THR M 226 -41.47 57.71 47.76
C THR M 226 -42.45 58.06 48.90
N TYR M 227 -42.03 58.92 49.83
CA TYR M 227 -42.83 59.22 51.00
C TYR M 227 -43.11 60.72 51.06
N PHE M 228 -44.36 61.06 51.35
CA PHE M 228 -44.77 62.45 51.53
C PHE M 228 -45.60 62.59 52.81
N PRO M 229 -45.66 63.82 53.38
CA PRO M 229 -46.59 64.14 54.49
C PRO M 229 -48.00 63.73 54.12
N SER M 230 -48.73 63.20 55.11
CA SER M 230 -50.08 62.62 54.88
C SER M 230 -51.01 63.46 54.03
N ASP M 231 -51.06 64.77 54.29
CA ASP M 231 -52.00 65.65 53.58
C ASP M 231 -51.67 65.76 52.10
N PHE M 232 -50.38 65.95 51.80
CA PHE M 232 -49.92 66.05 50.42
C PHE M 232 -50.03 64.70 49.68
N ALA M 233 -49.66 63.61 50.35
CA ALA M 233 -49.84 62.26 49.81
C ALA M 233 -51.30 61.98 49.44
N ALA M 234 -52.23 62.41 50.30
CA ALA M 234 -53.67 62.23 50.07
C ALA M 234 -54.13 63.01 48.86
N GLN M 235 -53.62 64.23 48.71
CA GLN M 235 -53.91 65.03 47.51
C GLN M 235 -53.48 64.29 46.26
N LEU M 236 -52.26 63.76 46.27
CA LEU M 236 -51.73 63.07 45.11
C LEU M 236 -52.46 61.75 44.89
N ALA M 237 -52.77 61.03 45.98
CA ALA M 237 -53.50 59.78 45.90
C ALA M 237 -54.85 59.96 45.27
N ASP M 238 -55.53 61.04 45.66
CA ASP M 238 -56.85 61.38 45.16
C ASP M 238 -56.77 61.63 43.66
N LYS M 239 -55.73 62.33 43.23
CA LYS M 239 -55.49 62.50 41.81
C LYS M 239 -55.11 61.18 41.11
N ALA M 240 -54.34 60.33 41.79
CA ALA M 240 -53.85 59.09 41.18
C ALA M 240 -54.83 57.90 41.21
N GLY M 241 -55.86 57.97 42.06
CA GLY M 241 -56.73 56.81 42.25
C GLY M 241 -56.22 55.75 43.23
N ALA M 242 -55.21 56.10 44.02
CA ALA M 242 -54.71 55.21 45.07
C ALA M 242 -55.66 55.19 46.27
N ARG M 243 -55.63 54.10 47.02
CA ARG M 243 -56.62 53.86 48.07
C ARG M 243 -55.92 53.58 49.38
N LEU M 244 -56.26 54.31 50.41
CA LEU M 244 -55.59 54.15 51.70
C LEU M 244 -56.07 52.91 52.46
N VAL M 245 -55.13 52.09 52.95
CA VAL M 245 -55.43 50.89 53.73
C VAL M 245 -54.68 50.89 55.06
N GLN M 246 -55.41 50.79 56.18
CA GLN M 246 -54.78 50.67 57.49
C GLN M 246 -54.22 49.26 57.61
N VAL M 247 -52.92 49.15 57.82
CA VAL M 247 -52.28 47.83 57.86
C VAL M 247 -51.82 47.43 59.26
N ALA M 248 -51.84 48.37 60.21
CA ALA M 248 -51.47 48.10 61.62
C ALA M 248 -52.20 49.16 62.42
N ARG M 249 -52.17 49.07 63.74
CA ARG M 249 -52.88 50.05 64.56
C ARG M 249 -52.46 51.46 64.15
N ASP M 250 -51.18 51.61 63.81
CA ASP M 250 -50.53 52.88 63.60
C ASP M 250 -49.91 53.07 62.21
N GLN M 251 -50.29 52.24 61.24
CA GLN M 251 -49.65 52.30 59.91
C GLN M 251 -50.73 52.22 58.82
N TYR M 252 -50.59 53.07 57.81
CA TYR M 252 -51.48 53.10 56.65
C TYR M 252 -50.61 53.06 55.40
N LEU M 253 -51.05 52.29 54.41
CA LEU M 253 -50.40 52.24 53.11
C LEU M 253 -51.39 52.50 51.99
N TYR M 254 -50.92 53.16 50.93
CA TYR M 254 -51.69 53.29 49.68
C TYR M 254 -51.48 52.08 48.80
N PHE M 255 -52.61 51.51 48.38
CA PHE M 255 -52.62 50.45 47.40
C PHE M 255 -53.21 51.05 46.12
N ILE M 256 -52.98 50.35 45.01
CA ILE M 256 -53.48 50.81 43.73
C ILE M 256 -53.73 49.57 42.88
N ASP M 257 -54.72 49.68 42.01
CA ASP M 257 -55.04 48.65 41.05
C ASP M 257 -53.78 48.27 40.27
N CYS M 258 -53.46 46.97 40.29
CA CYS M 258 -52.25 46.50 39.60
C CYS M 258 -52.31 46.85 38.12
N ASN M 259 -53.53 46.99 37.61
CA ASN M 259 -53.76 47.25 36.20
C ASN M 259 -54.04 48.71 35.86
N THR M 260 -53.79 49.60 36.81
CA THR M 260 -53.97 51.04 36.60
C THR M 260 -53.17 51.53 35.39
N ASP M 261 -53.64 52.62 34.78
CA ASP M 261 -52.97 53.21 33.63
C ASP M 261 -51.71 53.96 34.05
N THR M 262 -50.57 53.52 33.51
CA THR M 262 -49.24 54.04 33.88
C THR M 262 -48.55 54.75 32.70
N SER M 263 -49.34 55.14 31.69
CA SER M 263 -48.82 55.80 30.50
C SER M 263 -48.30 57.23 30.75
N GLY M 264 -48.71 57.86 31.85
CA GLY M 264 -48.29 59.24 32.09
C GLY M 264 -46.93 59.31 32.77
N THR M 265 -46.57 60.52 33.19
CA THR M 265 -45.37 60.76 33.98
C THR M 265 -45.69 61.64 35.18
N THR M 266 -44.83 61.58 36.21
CA THR M 266 -44.95 62.44 37.36
C THR M 266 -43.68 63.27 37.37
N VAL M 267 -43.83 64.58 37.44
CA VAL M 267 -42.70 65.49 37.30
C VAL M 267 -42.38 66.15 38.64
N PHE M 268 -41.09 66.17 38.99
CA PHE M 268 -40.62 66.78 40.23
C PHE M 268 -39.82 68.03 39.88
N ASN M 269 -40.24 69.18 40.43
CA ASN M 269 -39.62 70.46 40.13
C ASN M 269 -38.96 70.98 41.42
N PHE M 270 -37.65 71.24 41.35
CA PHE M 270 -36.89 71.60 42.55
C PHE M 270 -36.62 73.10 42.62
N GLY M 271 -36.16 73.55 43.79
CA GLY M 271 -36.04 74.97 44.12
C GLY M 271 -35.23 75.78 43.14
N ASN M 272 -34.11 75.22 42.67
CA ASN M 272 -33.24 75.91 41.70
C ASN M 272 -33.51 75.49 40.26
N GLY M 273 -34.69 74.93 40.02
CA GLY M 273 -35.14 74.67 38.66
C GLY M 273 -34.86 73.29 38.10
N ALA M 274 -34.19 72.42 38.87
CA ALA M 274 -33.97 71.06 38.40
C ALA M 274 -35.34 70.41 38.17
N LYS M 275 -35.41 69.53 37.18
CA LYS M 275 -36.67 68.91 36.81
C LYS M 275 -36.36 67.46 36.46
N ILE M 276 -37.08 66.55 37.12
CA ILE M 276 -36.93 65.13 36.88
C ILE M 276 -38.31 64.56 36.58
N THR M 277 -38.39 63.83 35.47
CA THR M 277 -39.62 63.20 35.02
C THR M 277 -39.56 61.68 35.24
N VAL M 278 -40.56 61.17 35.96
CA VAL M 278 -40.65 59.75 36.33
C VAL M 278 -41.83 59.11 35.58
N PRO M 279 -41.59 57.99 34.86
CA PRO M 279 -42.71 57.26 34.25
C PRO M 279 -43.62 56.70 35.32
N ASN M 280 -44.92 56.69 35.05
CA ASN M 280 -45.86 56.30 36.08
C ASN M 280 -45.82 54.82 36.45
N THR M 281 -45.15 54.02 35.62
CA THR M 281 -44.86 52.61 35.94
C THR M 281 -44.16 52.47 37.32
N GLU M 282 -43.45 53.52 37.75
CA GLU M 282 -42.73 53.49 39.03
C GLU M 282 -43.65 53.61 40.25
N TYR M 283 -44.95 53.82 40.00
CA TYR M 283 -45.92 54.02 41.08
C TYR M 283 -46.87 52.83 41.24
N VAL M 284 -46.59 51.73 40.55
CA VAL M 284 -47.29 50.49 40.81
C VAL M 284 -46.25 49.46 41.24
N TYR M 285 -46.30 49.06 42.51
CA TYR M 285 -45.28 48.19 43.09
C TYR M 285 -45.88 46.83 43.43
N GLN M 286 -45.43 45.78 42.72
CA GLN M 286 -45.99 44.44 42.88
C GLN M 286 -45.65 43.79 44.22
N ASN M 287 -46.67 43.36 44.94
CA ASN M 287 -46.48 42.60 46.18
C ASN M 287 -46.46 41.10 45.87
N GLY M 288 -45.88 40.31 46.79
CA GLY M 288 -45.85 38.84 46.65
C GLY M 288 -47.19 38.15 46.40
N ASP M 289 -48.27 38.75 46.91
CA ASP M 289 -49.63 38.24 46.69
C ASP M 289 -50.18 38.88 45.43
N GLY M 290 -51.51 38.93 45.29
CA GLY M 290 -52.13 39.56 44.11
C GLY M 290 -52.28 41.09 44.12
N THR M 291 -51.61 41.78 45.05
CA THR M 291 -51.87 43.21 45.21
C THR M 291 -50.66 44.09 44.85
N CYS M 292 -50.89 45.40 44.73
CA CYS M 292 -49.84 46.36 44.41
C CYS M 292 -49.93 47.55 45.35
N LEU M 293 -48.79 47.95 45.89
CA LEU M 293 -48.71 49.21 46.57
C LEU M 293 -48.64 50.33 45.54
N TRP M 294 -49.14 51.51 45.93
CA TRP M 294 -48.85 52.73 45.19
C TRP M 294 -47.39 53.08 45.49
N GLY M 295 -46.73 53.77 44.57
CA GLY M 295 -45.30 54.12 44.74
C GLY M 295 -45.08 55.33 45.63
N ILE M 296 -46.16 55.96 46.07
CA ILE M 296 -46.11 57.05 47.04
C ILE M 296 -46.83 56.60 48.34
N GLN M 297 -46.24 56.92 49.49
CA GLN M 297 -46.79 56.51 50.79
C GLN M 297 -46.76 57.67 51.78
N PRO M 298 -47.70 57.66 52.76
CA PRO M 298 -47.70 58.74 53.75
C PRO M 298 -46.67 58.53 54.84
N SER M 299 -46.08 59.63 55.29
CA SER M 299 -45.05 59.61 56.31
C SER M 299 -44.91 61.02 56.89
N ASP M 300 -44.44 61.11 58.12
CA ASP M 300 -43.95 62.38 58.64
C ASP M 300 -42.73 62.92 57.86
N ASP M 301 -41.99 62.02 57.22
CA ASP M 301 -40.73 62.38 56.55
C ASP M 301 -40.93 62.39 55.05
N THR M 302 -40.24 63.30 54.34
CA THR M 302 -40.38 63.36 52.89
C THR M 302 -39.12 62.74 52.29
N ILE M 303 -39.33 61.70 51.47
CA ILE M 303 -38.20 60.89 50.98
C ILE M 303 -38.48 60.58 49.52
N LEU M 304 -37.57 60.98 48.65
CA LEU M 304 -37.55 60.47 47.28
C LEU M 304 -36.60 59.28 47.20
N GLY M 305 -37.17 58.07 47.15
CA GLY M 305 -36.39 56.84 47.08
C GLY M 305 -36.08 56.35 45.68
N ASP M 306 -35.84 55.04 45.56
CA ASP M 306 -35.34 54.46 44.32
C ASP M 306 -36.29 54.65 43.15
N ASN M 307 -37.60 54.65 43.40
CA ASN M 307 -38.56 54.81 42.28
C ASN M 307 -38.52 56.20 41.67
N PHE M 308 -37.99 57.16 42.42
CA PHE M 308 -37.61 58.47 41.88
C PHE M 308 -36.18 58.47 41.30
N LEU M 309 -35.21 58.01 42.11
CA LEU M 309 -33.79 58.19 41.83
C LEU M 309 -33.31 57.47 40.58
N ARG M 310 -34.00 56.39 40.21
CA ARG M 310 -33.65 55.68 38.96
C ARG M 310 -33.76 56.60 37.76
N HIS M 311 -34.50 57.71 37.92
CA HIS M 311 -34.78 58.57 36.79
C HIS M 311 -33.95 59.84 36.75
N ALA M 312 -33.01 59.94 37.70
CA ALA M 312 -32.14 61.09 37.78
C ALA M 312 -30.70 60.62 37.77
N TYR M 313 -29.79 61.47 37.26
CA TYR M 313 -28.35 61.30 37.50
C TYR M 313 -28.06 62.33 38.61
N LEU M 314 -27.41 61.90 39.71
CA LEU M 314 -27.20 62.80 40.85
C LEU M 314 -25.74 62.85 41.24
N LEU M 315 -25.21 64.07 41.41
CA LEU M 315 -23.89 64.24 41.92
C LEU M 315 -24.06 64.89 43.29
N TYR M 316 -23.96 64.05 44.33
CA TYR M 316 -23.97 64.51 45.72
C TYR M 316 -22.60 65.08 46.06
N ASN M 317 -22.57 66.27 46.62
CA ASN M 317 -21.31 66.87 47.00
C ASN M 317 -21.44 67.32 48.45
N LEU M 318 -20.90 66.52 49.34
CA LEU M 318 -21.01 66.75 50.78
CA LEU M 318 -21.02 66.66 50.60
C LEU M 318 -20.09 67.86 51.27
N ASP M 319 -19.06 68.19 50.52
CA ASP M 319 -18.20 69.34 50.90
C ASP M 319 -18.86 70.66 50.52
N ALA M 320 -19.49 70.69 49.35
CA ALA M 320 -20.13 71.90 48.82
C ALA M 320 -21.59 72.03 49.32
N ASN M 321 -22.12 70.95 49.89
CA ASN M 321 -23.51 70.85 50.34
C ASN M 321 -24.46 71.14 49.19
N THR M 322 -24.22 70.49 48.05
CA THR M 322 -25.11 70.56 46.90
C THR M 322 -25.36 69.15 46.39
N ILE M 323 -26.49 68.96 45.75
CA ILE M 323 -26.74 67.76 44.96
C ILE M 323 -27.15 68.27 43.58
N SER M 324 -26.37 67.92 42.56
CA SER M 324 -26.59 68.45 41.23
C SER M 324 -27.25 67.34 40.44
N ILE M 325 -28.33 67.67 39.76
CA ILE M 325 -29.15 66.61 39.17
C ILE M 325 -29.61 66.95 37.75
N ALA M 326 -29.86 65.90 36.98
CA ALA M 326 -30.39 66.05 35.63
C ALA M 326 -31.10 64.77 35.26
N GLN M 327 -31.99 64.86 34.28
CA GLN M 327 -32.72 63.71 33.79
C GLN M 327 -31.74 62.64 33.35
N VAL M 328 -31.92 61.40 33.82
CA VAL M 328 -30.99 60.34 33.48
C VAL M 328 -31.05 59.98 31.99
N LYS M 329 -29.90 59.53 31.46
CA LYS M 329 -29.81 58.97 30.12
C LYS M 329 -29.17 57.61 30.28
N TYR M 330 -29.97 56.58 30.04
CA TYR M 330 -29.51 55.21 30.20
C TYR M 330 -28.60 54.86 29.04
N THR M 331 -27.31 54.67 29.34
CA THR M 331 -26.37 54.30 28.30
C THR M 331 -25.16 53.65 28.89
N THR M 332 -24.56 52.72 28.14
CA THR M 332 -23.29 52.09 28.49
CA THR M 332 -23.31 52.14 28.58
C THR M 332 -22.12 53.03 28.19
N ASP M 333 -22.39 54.08 27.40
CA ASP M 333 -21.39 55.12 27.14
C ASP M 333 -21.00 55.73 28.48
N SER M 334 -19.70 55.99 28.64
CA SER M 334 -19.17 56.44 29.91
C SER M 334 -18.06 57.43 29.70
N SER M 335 -18.22 58.61 30.27
CA SER M 335 -17.18 59.61 30.25
CA SER M 335 -17.19 59.63 30.24
C SER M 335 -17.05 60.20 31.64
N ILE M 336 -16.09 59.70 32.39
CA ILE M 336 -15.96 60.01 33.80
C ILE M 336 -14.91 61.08 34.06
N SER M 337 -15.31 62.15 34.74
CA SER M 337 -14.36 63.17 35.17
C SER M 337 -14.31 63.23 36.70
N ALA M 338 -13.14 63.55 37.23
CA ALA M 338 -12.99 63.65 38.66
C ALA M 338 -13.76 64.84 39.18
N VAL M 339 -14.33 64.66 40.38
CA VAL M 339 -14.86 65.72 41.17
C VAL M 339 -14.00 65.83 42.45
CA IVA N 1 -39.89 47.89 50.78
CB IVA N 1 -41.41 48.02 50.92
CG1 IVA N 1 -41.86 49.47 51.17
CG2 IVA N 1 -42.10 47.45 49.69
C IVA N 1 -39.13 48.24 52.05
O IVA N 1 -39.51 47.86 53.16
N VAL N 2 -38.02 48.96 51.87
CA VAL N 2 -37.20 49.39 52.98
C VAL N 2 -37.13 50.89 53.02
N VAL N 3 -36.77 51.40 54.21
CA VAL N 3 -36.54 52.82 54.36
C VAL N 3 -35.36 52.96 55.31
N STA N 4 -34.21 53.34 54.74
CA STA N 4 -32.92 53.27 55.46
CB STA N 4 -32.05 52.13 54.90
CG STA N 4 -32.71 50.74 54.85
CD1 STA N 4 -31.89 49.78 54.00
CD2 STA N 4 -32.94 50.13 56.24
CH STA N 4 -32.19 54.61 55.36
OH STA N 4 -31.94 54.94 53.99
CM STA N 4 -32.95 55.81 55.98
C STA N 4 -32.80 55.87 57.49
O STA N 4 -33.61 55.26 58.21
N ALA N 5 -31.79 56.59 57.98
CA ALA N 5 -31.68 56.90 59.41
C ALA N 5 -32.26 58.27 59.60
N STA N 6 -33.46 58.37 60.21
CA STA N 6 -34.28 59.55 60.02
CB STA N 6 -35.72 59.18 59.59
CG STA N 6 -35.85 58.37 58.30
CD1 STA N 6 -37.32 58.09 58.00
CD2 STA N 6 -35.19 59.09 57.13
CH STA N 6 -34.32 60.39 61.30
OH STA N 6 -34.83 59.55 62.34
CM STA N 6 -32.97 60.91 61.78
C STA N 6 -33.12 61.59 63.12
O STA N 6 -34.04 62.46 63.24
OXT STA N 6 -32.35 61.25 64.05
N ASP O 1 33.93 -79.35 -23.64
CA ASP O 1 32.84 -78.66 -22.92
C ASP O 1 32.98 -78.80 -21.40
N SER O 2 32.81 -77.68 -20.72
CA SER O 2 32.85 -77.59 -19.27
CA SER O 2 32.81 -77.65 -19.28
C SER O 2 31.59 -76.85 -18.86
N ILE O 3 31.19 -77.00 -17.60
CA ILE O 3 29.99 -76.33 -17.13
C ILE O 3 30.37 -75.64 -15.82
N SER O 4 30.43 -74.31 -15.84
CA SER O 4 30.71 -73.54 -14.62
C SER O 4 29.41 -73.32 -13.87
N LEU O 5 29.48 -73.43 -12.54
CA LEU O 5 28.30 -73.25 -11.71
C LEU O 5 28.68 -72.46 -10.47
N SER O 6 27.98 -71.35 -10.23
CA SER O 6 28.27 -70.48 -9.11
C SER O 6 27.92 -71.14 -7.77
N LEU O 7 28.87 -71.08 -6.83
CA LEU O 7 28.69 -71.57 -5.48
C LEU O 7 28.42 -70.41 -4.55
N ILE O 8 27.26 -70.42 -3.90
CA ILE O 8 26.87 -69.33 -3.01
C ILE O 8 27.44 -69.64 -1.64
N ASN O 9 28.30 -68.77 -1.12
CA ASN O 9 28.87 -68.92 0.21
C ASN O 9 27.78 -68.59 1.22
N GLU O 10 27.14 -69.62 1.76
CA GLU O 10 25.99 -69.44 2.66
C GLU O 10 26.38 -69.56 4.14
N GLY O 11 27.67 -69.52 4.44
CA GLY O 11 28.15 -69.67 5.83
C GLY O 11 28.66 -71.08 6.09
N PRO O 12 27.80 -71.96 6.63
CA PRO O 12 28.27 -73.32 6.93
C PRO O 12 28.42 -74.23 5.72
N SER O 13 27.84 -73.85 4.59
CA SER O 13 27.93 -74.67 3.38
CA SER O 13 27.90 -74.68 3.38
C SER O 13 27.86 -73.80 2.13
N TYR O 14 28.03 -74.44 0.97
CA TYR O 14 27.99 -73.76 -0.33
C TYR O 14 26.88 -74.35 -1.17
N ALA O 15 26.06 -73.47 -1.73
CA ALA O 15 24.90 -73.93 -2.48
C ALA O 15 24.89 -73.33 -3.88
N SER O 16 24.18 -74.01 -4.79
CA SER O 16 24.01 -73.53 -6.15
C SER O 16 22.55 -73.64 -6.56
N LYS O 17 22.19 -72.82 -7.55
CA LYS O 17 20.85 -72.87 -8.14
C LYS O 17 20.88 -73.91 -9.23
N VAL O 18 19.96 -74.85 -9.13
CA VAL O 18 19.80 -75.95 -10.10
CA VAL O 18 19.80 -75.90 -10.15
C VAL O 18 18.31 -76.05 -10.41
N SER O 19 17.93 -76.23 -11.67
CA SER O 19 16.51 -76.37 -12.00
C SER O 19 16.11 -77.81 -12.31
N VAL O 20 14.91 -78.18 -11.87
CA VAL O 20 14.41 -79.54 -12.05
C VAL O 20 13.00 -79.53 -12.68
N GLY O 21 12.78 -80.45 -13.62
CA GLY O 21 11.47 -80.65 -14.22
C GLY O 21 11.27 -80.00 -15.58
N SER O 22 10.16 -80.33 -16.21
CA SER O 22 9.83 -79.78 -17.51
C SER O 22 9.63 -78.27 -17.39
N ASN O 23 9.15 -77.86 -16.22
CA ASN O 23 8.87 -76.46 -15.96
C ASN O 23 10.01 -75.75 -15.19
N LYS O 24 11.19 -76.38 -15.18
CA LYS O 24 12.44 -75.80 -14.67
C LYS O 24 12.27 -75.14 -13.31
N GLN O 25 11.87 -75.94 -12.33
CA GLN O 25 11.64 -75.43 -10.97
C GLN O 25 12.96 -75.22 -10.28
N GLN O 26 13.23 -73.99 -9.84
CA GLN O 26 14.56 -73.67 -9.33
C GLN O 26 14.71 -74.10 -7.89
N GLN O 27 15.77 -74.87 -7.64
CA GLN O 27 16.13 -75.30 -6.28
C GLN O 27 17.47 -74.69 -5.93
N THR O 28 17.64 -74.29 -4.67
CA THR O 28 18.95 -73.91 -4.15
C THR O 28 19.42 -75.04 -3.24
N VAL O 29 20.48 -75.70 -3.68
CA VAL O 29 20.91 -76.95 -3.07
C VAL O 29 22.42 -76.97 -2.76
N ILE O 30 22.77 -77.66 -1.69
CA ILE O 30 24.16 -77.78 -1.29
C ILE O 30 24.94 -78.64 -2.27
N ILE O 31 26.10 -78.13 -2.69
CA ILE O 31 27.03 -78.88 -3.54
C ILE O 31 27.90 -79.74 -2.64
N ASP O 32 27.77 -81.06 -2.75
CA ASP O 32 28.33 -81.96 -1.73
C ASP O 32 29.21 -83.08 -2.33
N THR O 33 30.54 -82.94 -2.26
CA THR O 33 31.42 -84.02 -2.73
C THR O 33 31.39 -85.23 -1.80
N GLY O 34 30.78 -85.05 -0.63
CA GLY O 34 30.76 -86.11 0.39
C GLY O 34 29.53 -86.99 0.38
N SER O 35 28.63 -86.76 -0.59
CA SER O 35 27.51 -87.69 -0.81
C SER O 35 27.28 -87.81 -2.30
N SER O 36 26.38 -88.70 -2.71
CA SER O 36 26.30 -89.07 -4.12
C SER O 36 24.90 -89.03 -4.71
N ASP O 37 23.92 -88.61 -3.91
CA ASP O 37 22.53 -88.49 -4.40
C ASP O 37 22.08 -87.04 -4.45
N PHE O 38 21.30 -86.73 -5.48
CA PHE O 38 20.68 -85.43 -5.62
C PHE O 38 19.23 -85.60 -5.14
N TRP O 39 18.88 -84.89 -4.08
CA TRP O 39 17.50 -84.87 -3.65
C TRP O 39 16.99 -83.44 -3.46
N VAL O 40 15.69 -83.28 -3.61
CA VAL O 40 14.99 -82.01 -3.56
C VAL O 40 13.89 -82.01 -2.50
N VAL O 41 13.65 -80.84 -1.92
CA VAL O 41 12.58 -80.70 -0.94
C VAL O 41 11.23 -80.67 -1.66
N ASP O 42 10.39 -81.66 -1.41
CA ASP O 42 9.00 -81.62 -1.99
C ASP O 42 8.25 -80.42 -1.45
N SER O 43 7.43 -79.78 -2.28
CA SER O 43 6.68 -78.61 -1.83
CA SER O 43 6.68 -78.60 -1.83
C SER O 43 5.80 -78.93 -0.63
N ASN O 44 5.41 -80.21 -0.53
CA ASN O 44 4.53 -80.67 0.55
CA ASN O 44 4.52 -80.69 0.53
C ASN O 44 5.27 -81.41 1.65
N ALA O 45 6.60 -81.26 1.72
CA ALA O 45 7.41 -81.94 2.74
C ALA O 45 7.01 -81.52 4.16
N GLN O 46 7.20 -82.42 5.10
CA GLN O 46 7.02 -82.10 6.50
C GLN O 46 8.43 -81.91 7.06
N CYS O 47 8.81 -80.67 7.34
CA CYS O 47 10.15 -80.41 7.85
C CYS O 47 10.32 -80.97 9.26
N GLY O 48 11.56 -81.26 9.62
CA GLY O 48 11.96 -81.64 10.97
C GLY O 48 11.54 -80.59 11.98
N LYS O 49 11.43 -81.04 13.23
CA LYS O 49 11.11 -80.13 14.32
C LYS O 49 12.11 -78.94 14.35
N GLY O 50 11.57 -77.73 14.29
CA GLY O 50 12.37 -76.51 14.30
C GLY O 50 13.17 -76.21 13.04
N VAL O 51 12.87 -76.90 11.93
CA VAL O 51 13.64 -76.77 10.70
C VAL O 51 12.78 -76.05 9.64
N ASP O 52 13.30 -74.98 9.04
CA ASP O 52 12.61 -74.31 7.94
C ASP O 52 13.19 -74.89 6.64
N CYS O 53 12.63 -75.98 6.15
CA CYS O 53 13.26 -76.69 5.04
C CYS O 53 12.78 -76.21 3.66
N LYS O 54 11.94 -75.19 3.65
CA LYS O 54 11.26 -74.73 2.43
C LYS O 54 11.64 -73.32 2.01
N SER O 55 12.73 -72.79 2.55
CA SER O 55 13.14 -71.44 2.24
C SER O 55 14.19 -71.37 1.12
N SER O 56 14.55 -72.52 0.55
CA SER O 56 15.60 -72.57 -0.46
C SER O 56 15.12 -73.20 -1.75
N GLY O 57 13.84 -73.06 -2.04
CA GLY O 57 13.28 -73.69 -3.21
C GLY O 57 12.63 -75.02 -2.87
N THR O 58 11.53 -75.33 -3.56
CA THR O 58 10.93 -76.65 -3.43
C THR O 58 10.56 -77.22 -4.79
N PHE O 59 10.26 -78.51 -4.81
CA PHE O 59 9.93 -79.21 -6.05
C PHE O 59 8.53 -79.81 -5.95
N THR O 60 7.73 -79.57 -6.98
CA THR O 60 6.39 -80.11 -7.07
C THR O 60 6.36 -81.07 -8.25
N PRO O 61 6.53 -82.39 -7.98
CA PRO O 61 6.56 -83.37 -9.07
C PRO O 61 5.37 -83.31 -10.02
N SER O 62 4.17 -83.02 -9.49
CA SER O 62 2.95 -83.12 -10.31
C SER O 62 2.90 -82.04 -11.41
N SER O 63 3.68 -80.98 -11.25
CA SER O 63 3.64 -79.91 -12.23
C SER O 63 4.69 -80.07 -13.33
N SER O 64 5.54 -81.09 -13.21
CA SER O 64 6.52 -81.45 -14.25
C SER O 64 5.97 -82.58 -15.11
N SER O 65 5.77 -82.30 -16.39
CA SER O 65 5.25 -83.30 -17.32
C SER O 65 6.21 -84.49 -17.47
N SER O 66 7.46 -84.32 -17.07
CA SER O 66 8.49 -85.32 -17.37
C SER O 66 8.89 -86.16 -16.16
N TYR O 67 8.32 -85.85 -15.00
CA TYR O 67 8.66 -86.59 -13.77
C TYR O 67 8.23 -88.04 -13.85
N LYS O 68 9.10 -88.95 -13.45
CA LYS O 68 8.76 -90.37 -13.41
C LYS O 68 8.95 -90.85 -11.99
N ASN O 69 7.90 -91.41 -11.42
CA ASN O 69 7.98 -92.02 -10.10
C ASN O 69 8.59 -93.42 -10.24
N LEU O 70 9.70 -93.67 -9.54
CA LEU O 70 10.32 -94.98 -9.61
C LEU O 70 9.73 -95.97 -8.62
N GLY O 71 8.99 -95.44 -7.65
N GLY O 71 8.95 -95.54 -7.65
CA GLY O 71 8.32 -96.22 -6.59
CA GLY O 71 8.34 -96.50 -6.72
C GLY O 71 9.08 -96.32 -5.28
C GLY O 71 9.35 -97.30 -5.90
N ALA O 72 10.37 -96.60 -5.38
CA ALA O 72 11.19 -97.10 -4.28
C ALA O 72 11.37 -96.01 -3.24
N ALA O 73 11.40 -96.42 -1.97
CA ALA O 73 11.62 -95.52 -0.83
C ALA O 73 13.08 -95.04 -0.76
N PHE O 74 13.31 -93.80 -0.32
CA PHE O 74 14.66 -93.23 -0.18
C PHE O 74 14.84 -92.84 1.26
N THR O 75 16.04 -93.08 1.78
CA THR O 75 16.37 -92.59 3.08
C THR O 75 17.91 -92.38 3.12
N ILE O 76 18.31 -91.30 3.79
CA ILE O 76 19.74 -91.03 3.95
C ILE O 76 19.98 -90.41 5.34
N ARG O 77 21.13 -90.71 5.94
CA ARG O 77 21.54 -90.04 7.19
C ARG O 77 22.95 -89.51 7.00
N TYR O 78 23.14 -88.25 7.35
CA TYR O 78 24.42 -87.60 7.12
C TYR O 78 25.27 -87.64 8.39
N GLY O 79 26.55 -87.28 8.25
CA GLY O 79 27.52 -87.34 9.35
C GLY O 79 27.10 -86.51 10.56
N ASP O 80 26.34 -85.43 10.33
CA ASP O 80 25.93 -84.55 11.43
C ASP O 80 24.67 -85.02 12.15
N GLY O 81 24.09 -86.12 11.67
CA GLY O 81 22.92 -86.75 12.25
C GLY O 81 21.64 -86.32 11.54
N SER O 82 21.72 -85.36 10.63
CA SER O 82 20.56 -84.91 9.85
CA SER O 82 20.52 -84.93 9.89
C SER O 82 20.11 -86.03 8.91
N THR O 83 18.83 -86.04 8.54
CA THR O 83 18.31 -87.14 7.70
C THR O 83 17.27 -86.63 6.72
N SER O 84 17.01 -87.41 5.69
CA SER O 84 15.94 -87.13 4.73
C SER O 84 15.29 -88.44 4.32
N GLN O 85 13.97 -88.41 4.11
CA GLN O 85 13.30 -89.60 3.55
C GLN O 85 12.36 -89.15 2.46
N GLY O 86 12.14 -90.02 1.49
CA GLY O 86 11.22 -89.72 0.40
C GLY O 86 11.06 -90.92 -0.52
N THR O 87 10.95 -90.63 -1.81
CA THR O 87 10.74 -91.65 -2.85
CA THR O 87 10.89 -91.70 -2.78
C THR O 87 11.71 -91.31 -4.00
N TRP O 88 12.15 -92.32 -4.73
CA TRP O 88 12.97 -92.13 -5.93
C TRP O 88 12.12 -91.76 -7.16
N GLY O 89 12.64 -90.87 -7.99
CA GLY O 89 12.05 -90.55 -9.28
C GLY O 89 13.14 -90.16 -10.28
N LYS O 90 12.70 -89.71 -11.46
CA LYS O 90 13.57 -89.25 -12.53
C LYS O 90 12.95 -88.03 -13.15
N ASP O 91 13.82 -87.08 -13.52
CA ASP O 91 13.36 -85.88 -14.23
C ASP O 91 14.54 -85.17 -14.89
N THR O 92 14.23 -84.19 -15.70
CA THR O 92 15.23 -83.33 -16.34
C THR O 92 15.89 -82.43 -15.31
N VAL O 93 17.22 -82.38 -15.32
CA VAL O 93 17.95 -81.50 -14.38
C VAL O 93 18.76 -80.52 -15.22
N THR O 94 18.67 -79.24 -14.85
CA THR O 94 19.31 -78.17 -15.63
C THR O 94 20.28 -77.38 -14.75
N ILE O 95 21.54 -77.34 -15.19
CA ILE O 95 22.66 -76.75 -14.46
C ILE O 95 23.28 -75.68 -15.36
N ASN O 96 23.15 -74.42 -14.97
CA ASN O 96 23.63 -73.29 -15.80
C ASN O 96 23.28 -73.49 -17.27
N GLY O 97 22.00 -73.76 -17.52
CA GLY O 97 21.47 -73.85 -18.89
C GLY O 97 21.76 -75.13 -19.65
N VAL O 98 22.45 -76.08 -19.01
CA VAL O 98 22.71 -77.38 -19.63
C VAL O 98 21.76 -78.43 -19.03
N SER O 99 20.93 -79.06 -19.86
CA SER O 99 19.93 -79.99 -19.34
C SER O 99 20.37 -81.44 -19.55
N ILE O 100 20.20 -82.25 -18.52
CA ILE O 100 20.24 -83.71 -18.69
C ILE O 100 18.85 -84.30 -18.45
N THR O 101 18.46 -85.25 -19.27
CA THR O 101 17.12 -85.86 -19.17
C THR O 101 17.17 -87.19 -18.41
N GLY O 102 16.04 -87.60 -17.81
CA GLY O 102 15.95 -88.90 -17.10
C GLY O 102 16.92 -89.08 -15.95
N GLN O 103 17.25 -87.97 -15.29
CA GLN O 103 18.17 -88.04 -14.17
C GLN O 103 17.45 -88.50 -12.90
N GLN O 104 17.97 -89.56 -12.31
CA GLN O 104 17.44 -90.07 -11.06
C GLN O 104 17.76 -89.14 -9.89
N ILE O 105 16.70 -88.81 -9.15
CA ILE O 105 16.74 -87.94 -8.00
C ILE O 105 15.78 -88.49 -6.94
N ALA O 106 15.88 -88.01 -5.71
CA ALA O 106 14.89 -88.33 -4.68
C ALA O 106 14.03 -87.12 -4.38
N ASP O 107 12.73 -87.39 -4.31
CA ASP O 107 11.72 -86.42 -3.94
C ASP O 107 11.49 -86.61 -2.45
N VAL O 108 11.99 -85.66 -1.67
CA VAL O 108 12.04 -85.82 -0.22
C VAL O 108 10.84 -85.13 0.45
N THR O 109 10.13 -85.89 1.29
CA THR O 109 8.90 -85.42 1.90
C THR O 109 9.01 -85.26 3.41
N GLN O 110 10.16 -85.60 3.96
CA GLN O 110 10.45 -85.28 5.36
C GLN O 110 11.95 -85.12 5.49
N THR O 111 12.38 -84.05 6.15
CA THR O 111 13.81 -83.79 6.27
C THR O 111 14.16 -82.88 7.43
N SER O 112 15.32 -83.11 8.03
CA SER O 112 15.84 -82.22 9.06
C SER O 112 17.00 -81.36 8.52
N VAL O 113 17.22 -81.44 7.21
CA VAL O 113 18.19 -80.60 6.49
C VAL O 113 17.47 -79.34 6.02
N ASP O 114 18.15 -78.19 6.02
CA ASP O 114 17.49 -76.93 5.62
C ASP O 114 17.18 -76.81 4.14
N GLN O 115 17.80 -77.64 3.32
CA GLN O 115 17.60 -77.51 1.89
C GLN O 115 18.05 -78.78 1.20
N GLY O 116 17.71 -78.89 -0.08
CA GLY O 116 18.17 -80.01 -0.89
C GLY O 116 19.68 -80.11 -1.02
N ILE O 117 20.15 -81.28 -1.43
CA ILE O 117 21.57 -81.55 -1.57
C ILE O 117 21.85 -82.19 -2.92
N LEU O 118 22.82 -81.62 -3.63
CA LEU O 118 23.29 -82.18 -4.88
C LEU O 118 24.59 -82.93 -4.58
N GLY O 119 24.44 -84.22 -4.31
CA GLY O 119 25.59 -85.11 -4.08
C GLY O 119 26.27 -85.54 -5.36
N ILE O 120 27.58 -85.34 -5.43
CA ILE O 120 28.31 -85.55 -6.68
C ILE O 120 29.52 -86.48 -6.51
N GLY O 121 29.50 -87.26 -5.43
CA GLY O 121 30.57 -88.25 -5.18
C GLY O 121 30.41 -89.52 -6.02
N TYR O 122 31.10 -90.58 -5.64
CA TYR O 122 31.06 -91.82 -6.39
C TYR O 122 29.69 -92.49 -6.35
N THR O 123 29.31 -93.17 -7.43
CA THR O 123 28.03 -93.88 -7.41
C THR O 123 27.99 -95.00 -6.34
N SER O 124 29.14 -95.59 -6.01
CA SER O 124 29.19 -96.62 -4.97
C SER O 124 28.80 -96.13 -3.58
N ASN O 125 28.76 -94.81 -3.39
CA ASN O 125 28.34 -94.24 -2.10
C ASN O 125 26.89 -93.73 -2.06
N GLU O 126 26.12 -94.05 -3.10
CA GLU O 126 24.71 -93.69 -3.11
C GLU O 126 23.95 -94.31 -1.94
N ALA O 127 23.00 -93.55 -1.40
CA ALA O 127 22.19 -94.01 -0.27
C ALA O 127 20.98 -94.76 -0.84
N VAL O 128 21.23 -96.02 -1.22
CA VAL O 128 20.25 -96.88 -1.85
C VAL O 128 19.76 -98.00 -0.93
N TYR O 129 19.78 -97.78 0.37
CA TYR O 129 19.43 -98.80 1.35
C TYR O 129 18.34 -98.29 2.28
N ASP O 130 17.69 -99.21 2.99
CA ASP O 130 16.85 -98.77 4.10
C ASP O 130 17.71 -98.71 5.38
N THR O 131 17.10 -98.34 6.50
CA THR O 131 17.89 -98.15 7.72
CA THR O 131 17.83 -98.17 7.77
C THR O 131 18.43 -99.48 8.27
N SER O 132 17.80 -100.59 7.88
CA SER O 132 18.30 -101.94 8.19
C SER O 132 19.50 -102.35 7.35
N GLY O 133 19.86 -101.55 6.35
CA GLY O 133 20.96 -101.86 5.45
C GLY O 133 20.60 -102.76 4.27
N ARG O 134 19.32 -103.03 4.07
CA ARG O 134 18.90 -103.75 2.90
CA ARG O 134 18.88 -103.77 2.88
C ARG O 134 18.89 -102.82 1.69
N GLN O 135 19.38 -103.29 0.56
CA GLN O 135 19.33 -102.49 -0.68
C GLN O 135 17.91 -102.38 -1.27
N THR O 136 17.42 -101.16 -1.44
CA THR O 136 16.04 -100.94 -1.83
C THR O 136 15.88 -100.44 -3.28
N THR O 137 17.01 -100.16 -3.92
CA THR O 137 17.03 -99.75 -5.34
C THR O 137 18.47 -99.90 -5.85
N PRO O 138 18.64 -100.27 -7.13
CA PRO O 138 20.01 -100.44 -7.65
C PRO O 138 20.85 -99.16 -7.64
N ASN O 139 22.16 -99.32 -7.53
CA ASN O 139 23.05 -98.18 -7.80
C ASN O 139 22.79 -97.70 -9.23
N TYR O 140 22.97 -96.41 -9.48
CA TYR O 140 22.41 -95.78 -10.68
C TYR O 140 23.37 -94.64 -11.09
N ASP O 141 23.15 -94.10 -12.28
CA ASP O 141 23.94 -92.96 -12.75
C ASP O 141 23.53 -91.67 -12.03
N ASN O 142 24.43 -91.16 -11.19
CA ASN O 142 24.18 -89.88 -10.52
C ASN O 142 24.58 -88.72 -11.44
N VAL O 143 24.41 -87.49 -10.96
CA VAL O 143 24.56 -86.32 -11.86
C VAL O 143 25.85 -86.30 -12.72
N PRO O 144 27.04 -86.42 -12.10
CA PRO O 144 28.30 -86.40 -12.88
C PRO O 144 28.40 -87.48 -13.94
N VAL O 145 27.91 -88.68 -13.63
CA VAL O 145 27.95 -89.81 -14.58
C VAL O 145 27.03 -89.48 -15.77
N THR O 146 25.84 -88.97 -15.47
CA THR O 146 24.86 -88.63 -16.53
C THR O 146 25.39 -87.49 -17.41
N LEU O 147 25.99 -86.48 -16.79
CA LEU O 147 26.61 -85.39 -17.58
C LEU O 147 27.59 -85.95 -18.61
N LYS O 148 28.36 -86.95 -18.19
CA LYS O 148 29.32 -87.59 -19.08
C LYS O 148 28.62 -88.45 -20.12
N LYS O 149 27.67 -89.26 -19.66
CA LYS O 149 26.94 -90.15 -20.58
C LYS O 149 26.16 -89.39 -21.68
N GLN O 150 25.61 -88.22 -21.33
CA GLN O 150 24.87 -87.42 -22.29
C GLN O 150 25.73 -86.44 -23.08
N GLY O 151 27.05 -86.58 -22.95
CA GLY O 151 27.97 -85.81 -23.80
C GLY O 151 28.15 -84.35 -23.40
N LYS O 152 27.81 -84.00 -22.16
CA LYS O 152 27.93 -82.61 -21.70
C LYS O 152 29.34 -82.32 -21.16
N ILE O 153 30.02 -83.37 -20.69
CA ILE O 153 31.42 -83.30 -20.29
C ILE O 153 32.11 -84.56 -20.80
N ARG O 154 33.44 -84.49 -20.97
CA ARG O 154 34.23 -85.60 -21.49
CA ARG O 154 34.24 -85.59 -21.50
C ARG O 154 34.56 -86.63 -20.42
N THR O 155 34.80 -86.14 -19.20
CA THR O 155 35.29 -86.96 -18.12
C THR O 155 34.46 -86.67 -16.89
N ASN O 156 34.17 -87.71 -16.10
CA ASN O 156 33.55 -87.51 -14.79
C ASN O 156 34.59 -86.90 -13.85
N ALA O 157 34.65 -85.58 -13.88
CA ALA O 157 35.64 -84.80 -13.14
C ALA O 157 35.04 -83.41 -12.88
N TYR O 158 35.47 -82.76 -11.80
CA TYR O 158 35.03 -81.39 -11.54
C TYR O 158 36.06 -80.68 -10.71
N SER O 159 36.19 -79.37 -10.93
CA SER O 159 37.11 -78.56 -10.13
C SER O 159 36.32 -77.73 -9.13
N LEU O 160 36.85 -77.67 -7.90
CA LEU O 160 36.19 -76.97 -6.81
C LEU O 160 37.02 -75.75 -6.40
N TYR O 161 36.39 -74.58 -6.46
CA TYR O 161 36.97 -73.30 -6.05
C TYR O 161 35.97 -72.61 -5.13
N LEU O 162 36.08 -72.89 -3.83
CA LEU O 162 35.18 -72.30 -2.84
C LEU O 162 35.41 -70.81 -2.72
N ASN O 163 36.61 -70.37 -3.09
CA ASN O 163 37.05 -68.98 -2.98
C ASN O 163 37.37 -68.59 -1.52
N SER O 164 37.71 -67.32 -1.28
CA SER O 164 38.21 -66.89 0.03
C SER O 164 37.11 -66.88 1.10
N PRO O 165 37.52 -66.84 2.40
CA PRO O 165 36.54 -66.80 3.50
C PRO O 165 35.52 -65.67 3.39
N SER O 166 35.93 -64.53 2.84
CA SER O 166 35.05 -63.38 2.78
C SER O 166 34.36 -63.22 1.41
N ALA O 167 34.55 -64.19 0.52
CA ALA O 167 33.96 -64.13 -0.80
C ALA O 167 32.47 -64.45 -0.78
N GLU O 168 31.70 -63.77 -1.63
CA GLU O 168 30.27 -64.03 -1.76
C GLU O 168 29.99 -65.33 -2.52
N THR O 169 30.82 -65.62 -3.55
CA THR O 169 30.62 -66.78 -4.42
C THR O 169 31.94 -67.43 -4.83
N GLY O 170 31.91 -68.74 -4.99
CA GLY O 170 32.96 -69.48 -5.69
C GLY O 170 32.38 -70.12 -6.93
N THR O 171 33.06 -71.16 -7.43
CA THR O 171 32.66 -71.83 -8.67
C THR O 171 33.01 -73.31 -8.60
N ILE O 172 32.10 -74.15 -9.06
CA ILE O 172 32.46 -75.52 -9.38
C ILE O 172 32.37 -75.68 -10.91
N ILE O 173 33.34 -76.37 -11.49
CA ILE O 173 33.34 -76.57 -12.95
C ILE O 173 33.26 -78.05 -13.22
N PHE O 174 32.16 -78.48 -13.81
CA PHE O 174 32.03 -79.86 -14.25
C PHE O 174 32.79 -80.02 -15.57
N GLY O 175 33.70 -80.99 -15.64
CA GLY O 175 34.40 -81.33 -16.89
C GLY O 175 35.45 -80.33 -17.31
N GLY O 176 35.95 -79.54 -16.35
CA GLY O 176 36.90 -78.48 -16.66
C GLY O 176 37.76 -78.09 -15.48
N VAL O 177 38.82 -77.35 -15.77
CA VAL O 177 39.76 -76.91 -14.74
C VAL O 177 40.18 -75.47 -15.07
N ASP O 178 40.16 -74.59 -14.07
CA ASP O 178 40.55 -73.20 -14.28
C ASP O 178 41.98 -73.01 -13.86
N ASN O 179 42.87 -72.99 -14.85
CA ASN O 179 44.30 -72.94 -14.58
C ASN O 179 44.80 -71.59 -14.05
N ALA O 180 43.93 -70.58 -14.03
CA ALA O 180 44.31 -69.27 -13.50
C ALA O 180 44.23 -69.19 -11.97
N LYS O 181 43.55 -70.15 -11.34
CA LYS O 181 43.18 -70.04 -9.93
C LYS O 181 44.02 -70.85 -8.93
N TYR O 182 45.24 -71.20 -9.32
CA TYR O 182 46.17 -71.82 -8.37
C TYR O 182 47.60 -71.42 -8.66
N SER O 183 48.44 -71.54 -7.64
CA SER O 183 49.87 -71.28 -7.75
C SER O 183 50.59 -72.59 -7.97
N GLY O 184 51.70 -72.54 -8.71
CA GLY O 184 52.49 -73.74 -8.98
C GLY O 184 51.72 -74.71 -9.85
N LYS O 185 52.03 -75.99 -9.71
CA LYS O 185 51.39 -77.02 -10.53
C LYS O 185 50.50 -77.90 -9.67
N LEU O 186 49.38 -78.35 -10.25
CA LEU O 186 48.52 -79.31 -9.58
C LEU O 186 49.32 -80.59 -9.30
N VAL O 187 49.18 -81.13 -8.10
CA VAL O 187 49.79 -82.41 -7.75
C VAL O 187 48.70 -83.50 -7.65
N ALA O 188 48.82 -84.54 -8.46
CA ALA O 188 47.84 -85.65 -8.46
C ALA O 188 48.01 -86.48 -7.21
N GLU O 189 46.95 -86.56 -6.40
CA GLU O 189 46.96 -87.44 -5.24
C GLU O 189 45.97 -88.59 -5.49
N GLN O 190 46.38 -89.79 -5.13
CA GLN O 190 45.57 -91.00 -5.37
C GLN O 190 44.41 -91.12 -4.39
N VAL O 191 43.22 -91.37 -4.92
CA VAL O 191 42.04 -91.67 -4.09
C VAL O 191 42.20 -93.07 -3.47
N THR O 192 42.03 -93.15 -2.15
CA THR O 192 42.38 -94.36 -1.39
C THR O 192 41.17 -95.21 -1.00
N SER O 193 39.97 -94.79 -1.43
CA SER O 193 38.74 -95.51 -1.12
C SER O 193 37.94 -95.71 -2.40
N SER O 194 37.19 -96.81 -2.43
CA SER O 194 36.33 -97.13 -3.55
CA SER O 194 36.32 -97.12 -3.57
C SER O 194 34.96 -96.43 -3.43
N GLN O 195 34.71 -95.81 -2.27
CA GLN O 195 33.42 -95.21 -1.97
CA GLN O 195 33.41 -95.18 -2.05
C GLN O 195 33.51 -93.70 -1.74
N ALA O 196 34.61 -93.27 -1.16
CA ALA O 196 34.77 -91.91 -0.67
C ALA O 196 35.92 -91.17 -1.35
N LEU O 197 35.76 -89.87 -1.52
CA LEU O 197 36.78 -89.06 -2.18
C LEU O 197 37.84 -88.68 -1.16
N THR O 198 38.64 -89.69 -0.80
CA THR O 198 39.67 -89.55 0.22
C THR O 198 41.07 -89.75 -0.33
N ILE O 199 42.02 -89.00 0.24
CA ILE O 199 43.43 -89.13 -0.14
C ILE O 199 44.30 -89.21 1.12
N SER O 200 45.51 -89.67 0.95
CA SER O 200 46.38 -89.88 2.10
C SER O 200 46.96 -88.57 2.56
N LEU O 201 46.73 -88.23 3.83
CA LEU O 201 47.33 -87.05 4.47
C LEU O 201 48.55 -87.54 5.26
N ALA O 202 49.74 -87.09 4.85
CA ALA O 202 50.97 -87.58 5.47
C ALA O 202 51.22 -86.92 6.82
N SER O 203 51.05 -85.60 6.89
CA SER O 203 51.36 -84.87 8.12
C SER O 203 50.66 -83.52 8.18
N VAL O 204 50.52 -82.99 9.40
CA VAL O 204 49.99 -81.66 9.64
C VAL O 204 51.06 -80.88 10.40
N ASN O 205 51.42 -79.72 9.86
CA ASN O 205 52.30 -78.79 10.56
C ASN O 205 51.53 -77.68 11.24
N LEU O 206 51.61 -77.63 12.57
CA LEU O 206 50.88 -76.66 13.37
C LEU O 206 51.81 -76.03 14.39
N LYS O 207 51.77 -74.69 14.48
CA LYS O 207 52.62 -73.94 15.44
C LYS O 207 54.09 -74.36 15.41
N GLY O 208 54.62 -74.64 14.22
CA GLY O 208 56.01 -75.05 14.06
C GLY O 208 56.33 -76.47 14.51
N SER O 209 55.29 -77.29 14.68
CA SER O 209 55.48 -78.69 15.02
C SER O 209 54.86 -79.56 13.94
N SER O 210 55.54 -80.64 13.57
CA SER O 210 55.00 -81.58 12.60
C SER O 210 54.31 -82.75 13.31
N PHE O 211 53.09 -83.05 12.89
CA PHE O 211 52.32 -84.15 13.44
C PHE O 211 52.08 -85.19 12.37
N SER O 212 52.72 -86.34 12.53
CA SER O 212 52.61 -87.42 11.55
C SER O 212 51.22 -87.99 11.59
N PHE O 213 50.61 -88.17 10.43
CA PHE O 213 49.27 -88.73 10.34
C PHE O 213 49.31 -90.02 9.54
N GLY O 214 49.30 -89.91 8.22
CA GLY O 214 49.47 -91.06 7.33
C GLY O 214 48.22 -91.89 7.04
N ASP O 215 47.05 -91.29 7.21
CA ASP O 215 45.80 -91.98 6.91
CA ASP O 215 45.79 -91.98 6.93
C ASP O 215 44.94 -91.15 5.97
N GLY O 216 43.84 -91.72 5.48
CA GLY O 216 42.99 -91.05 4.50
C GLY O 216 42.21 -89.87 5.08
N ALA O 217 41.99 -88.85 4.27
CA ALA O 217 41.16 -87.71 4.63
C ALA O 217 40.16 -87.42 3.51
N LEU O 218 38.89 -87.33 3.90
CA LEU O 218 37.80 -87.07 2.94
C LEU O 218 37.79 -85.59 2.61
N LEU O 219 37.84 -85.27 1.31
CA LEU O 219 37.85 -83.87 0.88
C LEU O 219 36.43 -83.46 0.57
N ASP O 220 35.74 -82.98 1.61
CA ASP O 220 34.26 -82.84 1.54
C ASP O 220 33.74 -81.39 1.49
N SER O 221 33.22 -80.95 0.34
CA SER O 221 32.66 -79.61 0.21
C SER O 221 31.44 -79.39 1.13
N GLY O 222 30.76 -80.48 1.50
CA GLY O 222 29.56 -80.39 2.35
C GLY O 222 29.81 -80.52 3.84
N THR O 223 31.07 -80.42 4.24
CA THR O 223 31.41 -80.34 5.68
C THR O 223 32.00 -78.93 5.99
N THR O 224 31.53 -78.33 7.09
CA THR O 224 31.95 -77.00 7.49
C THR O 224 33.39 -76.91 8.00
N LEU O 225 33.73 -77.80 8.94
CA LEU O 225 34.97 -77.75 9.70
C LEU O 225 35.89 -78.89 9.29
N THR O 226 36.89 -79.19 10.11
CA THR O 226 37.84 -80.27 9.83
C THR O 226 37.73 -81.25 11.01
N TYR O 227 37.74 -82.55 10.72
CA TYR O 227 37.53 -83.60 11.71
C TYR O 227 38.70 -84.59 11.67
N PHE O 228 39.23 -84.95 12.83
CA PHE O 228 40.29 -85.93 12.94
C PHE O 228 39.94 -86.97 14.03
N PRO O 229 40.60 -88.15 14.04
CA PRO O 229 40.45 -89.14 15.11
C PRO O 229 40.74 -88.45 16.46
N SER O 230 40.04 -88.86 17.52
CA SER O 230 40.13 -88.21 18.83
CA SER O 230 40.13 -88.17 18.82
C SER O 230 41.56 -87.97 19.35
N ASP O 231 42.39 -89.01 19.27
CA ASP O 231 43.74 -88.92 19.81
C ASP O 231 44.58 -87.91 19.04
N PHE O 232 44.46 -87.94 17.70
CA PHE O 232 45.16 -86.97 16.86
C PHE O 232 44.61 -85.56 17.07
N ALA O 233 43.29 -85.43 17.14
CA ALA O 233 42.65 -84.13 17.39
C ALA O 233 43.12 -83.51 18.71
N ALA O 234 43.26 -84.35 19.74
CA ALA O 234 43.68 -83.88 21.07
C ALA O 234 45.12 -83.38 21.09
N GLN O 235 45.98 -84.04 20.31
CA GLN O 235 47.36 -83.62 20.18
C GLN O 235 47.46 -82.24 19.57
N LEU O 236 46.70 -82.03 18.49
CA LEU O 236 46.63 -80.73 17.83
C LEU O 236 45.98 -79.71 18.75
N ALA O 237 44.91 -80.11 19.42
CA ALA O 237 44.18 -79.20 20.30
C ALA O 237 45.08 -78.67 21.42
N ASP O 238 45.89 -79.55 21.99
CA ASP O 238 46.79 -79.17 23.07
C ASP O 238 47.84 -78.17 22.58
N LYS O 239 48.31 -78.34 21.35
CA LYS O 239 49.25 -77.42 20.74
C LYS O 239 48.57 -76.07 20.40
N ALA O 240 47.31 -76.13 19.99
CA ALA O 240 46.54 -74.98 19.54
C ALA O 240 46.01 -74.16 20.70
N GLY O 241 45.87 -74.80 21.86
CA GLY O 241 45.20 -74.17 23.00
C GLY O 241 43.67 -74.27 22.99
N ALA O 242 43.14 -75.21 22.22
CA ALA O 242 41.69 -75.44 22.22
C ALA O 242 41.29 -76.23 23.46
N ARG O 243 40.01 -76.16 23.80
CA ARG O 243 39.51 -76.71 25.07
C ARG O 243 38.31 -77.60 24.81
N LEU O 244 38.38 -78.84 25.28
CA LEU O 244 37.32 -79.84 25.08
C LEU O 244 36.08 -79.56 25.94
N VAL O 245 34.90 -79.60 25.32
CA VAL O 245 33.63 -79.40 26.03
C VAL O 245 32.64 -80.51 25.66
N GLN O 246 32.10 -81.20 26.66
CA GLN O 246 31.10 -82.23 26.39
C GLN O 246 29.75 -81.54 26.18
N VAL O 247 29.20 -81.66 24.97
CA VAL O 247 27.97 -80.93 24.64
C VAL O 247 26.74 -81.82 24.63
N ALA O 248 26.94 -83.14 24.71
CA ALA O 248 25.85 -84.12 24.79
C ALA O 248 26.40 -85.34 25.47
N ARG O 249 25.56 -86.32 25.79
CA ARG O 249 26.07 -87.50 26.44
C ARG O 249 27.21 -88.09 25.62
N ASP O 250 27.08 -88.01 24.30
CA ASP O 250 27.93 -88.71 23.35
C ASP O 250 28.61 -87.80 22.35
N GLN O 251 28.77 -86.51 22.69
CA GLN O 251 29.39 -85.57 21.75
CA GLN O 251 29.39 -85.60 21.75
C GLN O 251 30.27 -84.60 22.50
N TYR O 252 31.48 -84.42 22.00
CA TYR O 252 32.42 -83.44 22.55
C TYR O 252 32.84 -82.52 21.42
N LEU O 253 33.03 -81.24 21.74
CA LEU O 253 33.53 -80.27 20.77
C LEU O 253 34.65 -79.46 21.37
N TYR O 254 35.61 -79.07 20.52
CA TYR O 254 36.64 -78.14 20.95
C TYR O 254 36.16 -76.72 20.77
N PHE O 255 36.29 -75.94 21.84
CA PHE O 255 36.08 -74.49 21.76
C PHE O 255 37.44 -73.82 21.84
N ILE O 256 37.47 -72.53 21.48
CA ILE O 256 38.70 -71.78 21.54
C ILE O 256 38.38 -70.32 21.80
N ASP O 257 39.29 -69.63 22.47
CA ASP O 257 39.10 -68.22 22.76
C ASP O 257 38.91 -67.46 21.45
N CYS O 258 37.81 -66.72 21.35
CA CYS O 258 37.49 -66.00 20.11
C CYS O 258 38.60 -65.02 19.71
N ASN O 259 39.43 -64.66 20.69
CA ASN O 259 40.52 -63.70 20.51
C ASN O 259 41.91 -64.33 20.40
N THR O 260 41.98 -65.64 20.10
CA THR O 260 43.27 -66.29 19.99
CA THR O 260 43.27 -66.32 19.97
C THR O 260 44.05 -65.76 18.79
N ASP O 261 45.38 -65.78 18.91
CA ASP O 261 46.26 -65.33 17.83
C ASP O 261 46.10 -66.26 16.63
N THR O 262 45.60 -65.70 15.51
CA THR O 262 45.36 -66.45 14.28
C THR O 262 46.34 -66.06 13.17
N SER O 263 47.42 -65.38 13.54
CA SER O 263 48.39 -64.87 12.56
C SER O 263 49.21 -65.97 11.87
N GLY O 264 49.25 -67.16 12.45
CA GLY O 264 50.02 -68.27 11.90
C GLY O 264 49.25 -69.04 10.84
N THR O 265 49.84 -70.14 10.39
CA THR O 265 49.19 -71.02 9.40
C THR O 265 49.28 -72.49 9.80
N THR O 266 48.41 -73.30 9.22
CA THR O 266 48.43 -74.74 9.41
C THR O 266 48.68 -75.38 8.06
N VAL O 267 49.69 -76.24 7.98
CA VAL O 267 50.11 -76.79 6.69
C VAL O 267 49.76 -78.28 6.61
N PHE O 268 49.11 -78.65 5.51
CA PHE O 268 48.73 -80.02 5.23
C PHE O 268 49.56 -80.59 4.10
N ASN O 269 50.19 -81.73 4.38
CA ASN O 269 51.11 -82.39 3.46
C ASN O 269 50.55 -83.75 3.06
N PHE O 270 50.40 -83.98 1.77
CA PHE O 270 49.75 -85.19 1.29
C PHE O 270 50.77 -86.18 0.71
N GLY O 271 50.34 -87.44 0.58
CA GLY O 271 51.20 -88.56 0.20
C GLY O 271 52.08 -88.35 -1.01
N ASN O 272 51.54 -87.75 -2.07
CA ASN O 272 52.34 -87.51 -3.26
C ASN O 272 53.00 -86.13 -3.31
N GLY O 273 52.99 -85.43 -2.18
CA GLY O 273 53.65 -84.15 -2.08
C GLY O 273 52.81 -82.90 -2.27
N ALA O 274 51.49 -83.05 -2.45
CA ALA O 274 50.65 -81.86 -2.43
C ALA O 274 50.81 -81.16 -1.08
N LYS O 275 50.83 -79.83 -1.12
CA LYS O 275 50.96 -79.04 0.11
C LYS O 275 49.93 -77.92 0.07
N ILE O 276 49.15 -77.81 1.14
CA ILE O 276 48.17 -76.72 1.28
C ILE O 276 48.37 -76.01 2.62
N THR O 277 48.51 -74.69 2.54
CA THR O 277 48.73 -73.84 3.70
C THR O 277 47.42 -73.08 4.03
N VAL O 278 46.93 -73.27 5.25
CA VAL O 278 45.65 -72.69 5.69
C VAL O 278 45.91 -71.64 6.76
N PRO O 279 45.37 -70.42 6.58
CA PRO O 279 45.57 -69.37 7.59
C PRO O 279 44.79 -69.73 8.84
N ASN O 280 45.37 -69.42 10.00
CA ASN O 280 44.79 -69.90 11.25
C ASN O 280 43.47 -69.26 11.61
N THR O 281 43.10 -68.24 10.86
CA THR O 281 41.80 -67.59 11.03
C THR O 281 40.69 -68.62 10.75
N GLU O 282 41.01 -69.64 9.95
CA GLU O 282 40.05 -70.69 9.63
C GLU O 282 39.77 -71.60 10.81
N TYR O 283 40.51 -71.45 11.90
CA TYR O 283 40.29 -72.34 13.05
C TYR O 283 39.58 -71.67 14.23
N VAL O 284 39.04 -70.48 13.99
CA VAL O 284 38.21 -69.80 14.98
C VAL O 284 36.86 -69.54 14.34
N TYR O 285 35.87 -70.33 14.76
CA TYR O 285 34.54 -70.31 14.15
C TYR O 285 33.54 -69.67 15.10
N GLN O 286 33.02 -68.51 14.70
CA GLN O 286 32.13 -67.73 15.55
C GLN O 286 30.75 -68.37 15.68
N ASN O 287 30.32 -68.63 16.92
CA ASN O 287 28.99 -69.15 17.19
C ASN O 287 28.01 -68.00 17.41
N GLY O 288 26.71 -68.30 17.41
CA GLY O 288 25.66 -67.29 17.62
C GLY O 288 25.71 -66.51 18.93
N ASP O 289 26.22 -67.18 19.98
CA ASP O 289 26.48 -66.55 21.28
C ASP O 289 27.89 -65.97 21.27
N GLY O 290 28.44 -65.63 22.43
CA GLY O 290 29.80 -65.08 22.49
C GLY O 290 30.94 -66.10 22.46
N THR O 291 30.69 -67.29 21.91
CA THR O 291 31.69 -68.37 21.91
C THR O 291 32.17 -68.73 20.51
N CYS O 292 33.32 -69.40 20.45
CA CYS O 292 33.90 -69.86 19.20
C CYS O 292 34.28 -71.32 19.27
N LEU O 293 33.88 -72.08 18.26
CA LEU O 293 34.43 -73.42 18.08
C LEU O 293 35.83 -73.31 17.50
N TRP O 294 36.67 -74.27 17.86
CA TRP O 294 37.92 -74.51 17.15
C TRP O 294 37.57 -75.12 15.79
N GLY O 295 38.39 -74.87 14.78
CA GLY O 295 38.06 -75.37 13.41
C GLY O 295 38.38 -76.85 13.17
N ILE O 296 38.98 -77.49 14.16
CA ILE O 296 39.20 -78.94 14.15
C ILE O 296 38.35 -79.59 15.24
N GLN O 297 37.74 -80.75 14.94
CA GLN O 297 36.88 -81.46 15.89
C GLN O 297 37.19 -82.95 15.88
N PRO O 298 36.96 -83.66 17.02
CA PRO O 298 37.21 -85.10 17.08
C PRO O 298 36.07 -85.88 16.42
N SER O 299 36.42 -86.97 15.74
CA SER O 299 35.46 -87.83 15.07
C SER O 299 36.12 -89.16 14.72
N ASP O 300 35.33 -90.22 14.62
CA ASP O 300 35.79 -91.47 14.01
C ASP O 300 36.14 -91.33 12.52
N ASP O 301 35.62 -90.29 11.88
CA ASP O 301 35.86 -90.01 10.46
C ASP O 301 36.78 -88.82 10.25
N THR O 302 37.78 -88.95 9.37
CA THR O 302 38.69 -87.84 9.05
C THR O 302 38.19 -87.11 7.80
N ILE O 303 37.92 -85.80 7.98
CA ILE O 303 37.31 -84.97 6.96
C ILE O 303 38.00 -83.60 6.92
N LEU O 304 38.48 -83.22 5.73
CA LEU O 304 38.94 -81.87 5.50
C LEU O 304 37.77 -81.15 4.82
N GLY O 305 37.11 -80.28 5.58
CA GLY O 305 35.90 -79.58 5.09
C GLY O 305 36.23 -78.21 4.53
N ASP O 306 35.26 -77.30 4.53
CA ASP O 306 35.38 -76.01 3.85
C ASP O 306 36.48 -75.15 4.38
N ASN O 307 36.74 -75.25 5.68
CA ASN O 307 37.81 -74.41 6.24
C ASN O 307 39.20 -74.78 5.73
N PHE O 308 39.36 -76.01 5.23
CA PHE O 308 40.56 -76.42 4.51
C PHE O 308 40.44 -76.13 3.00
N LEU O 309 39.34 -76.58 2.40
CA LEU O 309 39.13 -76.51 0.94
C LEU O 309 39.16 -75.11 0.35
N ARG O 310 38.74 -74.11 1.12
CA ARG O 310 38.82 -72.70 0.65
C ARG O 310 40.24 -72.29 0.22
N HIS O 311 41.25 -73.02 0.70
CA HIS O 311 42.65 -72.67 0.46
C HIS O 311 43.35 -73.55 -0.57
N ALA O 312 42.55 -74.37 -1.24
CA ALA O 312 43.08 -75.25 -2.27
C ALA O 312 42.29 -75.13 -3.55
N TYR O 313 42.94 -75.37 -4.68
CA TYR O 313 42.22 -75.63 -5.92
C TYR O 313 42.26 -77.14 -6.13
N LEU O 314 41.09 -77.76 -6.34
CA LEU O 314 41.01 -79.22 -6.43
C LEU O 314 40.35 -79.67 -7.72
N LEU O 315 41.07 -80.52 -8.45
CA LEU O 315 40.49 -81.23 -9.57
C LEU O 315 40.21 -82.67 -9.16
N TYR O 316 38.93 -82.97 -8.90
CA TYR O 316 38.48 -84.30 -8.53
C TYR O 316 38.25 -85.00 -9.85
N ASN O 317 38.86 -86.17 -10.03
CA ASN O 317 38.64 -86.96 -11.23
C ASN O 317 38.17 -88.35 -10.83
N LEU O 318 36.88 -88.59 -10.98
CA LEU O 318 36.25 -89.83 -10.52
CA LEU O 318 36.22 -89.60 -10.58
C LEU O 318 36.48 -90.99 -11.50
N ASP O 319 36.93 -90.66 -12.70
CA ASP O 319 37.26 -91.67 -13.68
C ASP O 319 38.66 -92.21 -13.43
N ALA O 320 39.58 -91.32 -13.09
CA ALA O 320 40.98 -91.68 -12.91
C ALA O 320 41.27 -91.98 -11.43
N ASN O 321 40.30 -91.64 -10.56
CA ASN O 321 40.42 -91.82 -9.10
C ASN O 321 41.63 -91.07 -8.56
N THR O 322 41.72 -89.80 -8.94
CA THR O 322 42.72 -88.90 -8.41
C THR O 322 42.03 -87.60 -8.02
N ILE O 323 42.63 -86.92 -7.06
CA ILE O 323 42.30 -85.54 -6.80
C ILE O 323 43.59 -84.74 -6.92
N SER O 324 43.60 -83.82 -7.87
CA SER O 324 44.78 -83.00 -8.13
C SER O 324 44.64 -81.66 -7.42
N ILE O 325 45.68 -81.26 -6.72
CA ILE O 325 45.57 -80.20 -5.73
C ILE O 325 46.74 -79.24 -5.83
N ALA O 326 46.44 -77.95 -5.65
CA ALA O 326 47.44 -76.89 -5.56
C ALA O 326 46.91 -75.77 -4.66
N GLN O 327 47.85 -75.02 -4.07
CA GLN O 327 47.54 -73.82 -3.29
C GLN O 327 46.71 -72.87 -4.14
N VAL O 328 45.55 -72.49 -3.61
CA VAL O 328 44.61 -71.61 -4.34
C VAL O 328 45.21 -70.23 -4.63
N LYS O 329 44.81 -69.65 -5.75
CA LYS O 329 45.13 -68.27 -6.07
C LYS O 329 43.80 -67.55 -6.31
N TYR O 330 43.48 -66.61 -5.43
CA TYR O 330 42.19 -65.93 -5.51
C TYR O 330 42.22 -64.87 -6.61
N THR O 331 41.52 -65.15 -7.70
CA THR O 331 41.51 -64.25 -8.84
C THR O 331 40.27 -64.43 -9.69
N THR O 332 39.80 -63.34 -10.28
CA THR O 332 38.69 -63.34 -11.24
CA THR O 332 38.68 -63.44 -11.23
C THR O 332 39.18 -63.76 -12.64
N ASP O 333 40.50 -63.75 -12.82
CA ASP O 333 41.10 -64.22 -14.06
C ASP O 333 40.70 -65.68 -14.28
N SER O 334 40.55 -66.07 -15.53
CA SER O 334 40.10 -67.41 -15.87
CA SER O 334 40.07 -67.41 -15.88
C SER O 334 40.77 -67.95 -17.12
N SER O 335 41.23 -69.18 -17.03
CA SER O 335 41.70 -69.90 -18.21
CA SER O 335 41.74 -69.90 -18.18
C SER O 335 41.31 -71.37 -18.04
N ILE O 336 40.06 -71.63 -18.41
CA ILE O 336 39.46 -72.96 -18.23
C ILE O 336 39.75 -73.86 -19.42
N SER O 337 40.23 -75.07 -19.14
CA SER O 337 40.37 -76.11 -20.15
CA SER O 337 40.37 -76.11 -20.15
C SER O 337 39.50 -77.30 -19.80
N ALA O 338 39.02 -78.00 -20.82
CA ALA O 338 38.21 -79.18 -20.61
C ALA O 338 39.05 -80.30 -20.02
N VAL O 339 38.40 -81.10 -19.17
CA VAL O 339 38.97 -82.33 -18.63
C VAL O 339 38.07 -83.46 -19.12
CA IVA P 1 28.22 -76.50 11.16
CB IVA P 1 28.66 -76.56 12.62
CG1 IVA P 1 29.63 -77.72 12.84
CG2 IVA P 1 29.28 -75.24 13.07
C IVA P 1 27.50 -77.77 10.74
O IVA P 1 26.69 -78.35 11.47
N VAL P 2 27.82 -78.21 9.50
CA VAL P 2 27.18 -79.41 8.97
C VAL P 2 28.25 -80.37 8.54
N VAL P 3 27.84 -81.65 8.41
CA VAL P 3 28.73 -82.71 7.96
C VAL P 3 27.90 -83.58 7.06
N STA P 4 28.15 -83.50 5.74
CA STA P 4 27.28 -84.09 4.72
CB STA P 4 26.51 -82.98 3.97
CG STA P 4 25.69 -82.03 4.84
CD1 STA P 4 25.24 -80.80 4.01
CD2 STA P 4 24.48 -82.68 5.49
CH STA P 4 28.12 -84.88 3.71
OH STA P 4 29.08 -83.99 3.11
CM STA P 4 28.90 -86.06 4.32
C STA P 4 28.02 -87.24 4.57
O STA P 4 27.39 -87.35 5.62
N ALA P 5 27.90 -88.15 3.61
CA ALA P 5 27.31 -89.46 3.84
C ALA P 5 28.44 -90.43 4.11
N STA P 6 28.51 -90.85 5.37
CA STA P 6 29.77 -91.40 5.92
CB STA P 6 30.11 -90.72 7.25
CG STA P 6 30.35 -89.21 7.17
CD1 STA P 6 30.86 -88.62 8.48
CD2 STA P 6 31.29 -88.81 6.03
CH STA P 6 29.66 -92.93 6.06
OH STA P 6 28.58 -93.18 6.95
CM STA P 6 29.31 -93.71 4.78
C STA P 6 29.30 -95.22 5.02
O STA P 6 28.29 -95.91 4.66
OXT STA P 6 30.31 -95.78 5.56
S SO4 Q . -41.33 70.39 17.72
O1 SO4 Q . -41.45 70.57 19.17
O2 SO4 Q . -42.10 69.22 17.30
O3 SO4 Q . -41.87 71.58 17.06
O4 SO4 Q . -39.93 70.20 17.36
C1 GOL R . -26.95 86.82 -10.67
O1 GOL R . -25.93 86.37 -11.53
C2 GOL R . -26.87 88.34 -10.65
O2 GOL R . -25.71 88.76 -9.97
C3 GOL R . -28.11 88.95 -10.00
O3 GOL R . -28.02 90.36 -10.12
C1 GOL S . -52.27 69.36 -11.76
O1 GOL S . -51.81 70.63 -11.34
C2 GOL S . -52.99 69.43 -13.13
O2 GOL S . -52.14 69.93 -14.14
C3 GOL S . -54.26 70.27 -13.07
O3 GOL S . -55.19 69.68 -12.19
C1 GOL T . -17.46 73.27 11.27
O1 GOL T . -17.01 73.48 9.95
C2 GOL T . -18.47 74.33 11.63
O2 GOL T . -17.94 75.16 12.63
C3 GOL T . -19.74 73.69 12.17
O3 GOL T . -20.72 74.67 12.38
S SO4 U . -9.17 45.62 28.74
O1 SO4 U . -9.84 44.96 29.85
O2 SO4 U . -10.04 45.59 27.56
O3 SO4 U . -8.93 47.03 29.08
O4 SO4 U . -7.91 44.93 28.46
C1 GOL V . -0.67 37.82 7.12
O1 GOL V . -1.33 37.41 5.93
C2 GOL V . -0.64 36.73 8.17
O2 GOL V . -1.89 36.08 8.21
C3 GOL V . -0.31 37.28 9.56
O3 GOL V . -1.40 37.99 10.13
C1 GOL W . 12.34 60.86 4.57
O1 GOL W . 12.21 60.81 3.18
C2 GOL W . 13.74 60.37 4.94
O2 GOL W . 13.86 59.01 4.59
C3 GOL W . 14.06 60.59 6.41
O3 GOL W . 15.44 60.91 6.54
C1 GOL X . -8.06 78.30 22.23
O1 GOL X . -8.80 77.78 23.33
C2 GOL X . -8.25 77.38 21.03
O2 GOL X . -7.94 78.12 19.87
C3 GOL X . -7.18 76.30 21.13
O3 GOL X . -7.77 75.04 21.21
C1 GOL Y . -0.04 44.39 2.66
O1 GOL Y . -0.90 43.46 3.28
C2 GOL Y . 1.40 43.93 2.87
O2 GOL Y . 1.62 42.61 2.44
C3 GOL Y . 1.77 44.09 4.35
O3 GOL Y . 2.79 45.05 4.41
C1 GOL Z . 73.00 -22.96 -8.17
O1 GOL Z . 72.30 -24.16 -7.91
C2 GOL Z . 74.24 -22.89 -7.28
O2 GOL Z . 74.82 -24.16 -7.10
C3 GOL Z . 73.86 -22.30 -5.93
O3 GOL Z . 74.53 -21.08 -5.75
C1 GOL AA . 76.19 -2.86 -7.70
O1 GOL AA . 76.54 -3.60 -8.85
C2 GOL AA . 77.43 -2.53 -6.89
O2 GOL AA . 78.35 -3.59 -6.92
C3 GOL AA . 77.05 -2.27 -5.44
O3 GOL AA . 78.08 -1.48 -4.86
C1 GOL BA . 55.35 -22.95 13.33
O1 GOL BA . 55.41 -23.89 12.28
C2 GOL BA . 56.02 -23.53 14.58
O2 GOL BA . 57.21 -24.19 14.20
C3 GOL BA . 56.33 -22.39 15.53
O3 GOL BA . 57.29 -22.80 16.49
S SO4 CA . -22.21 33.90 39.58
O1 SO4 CA . -22.84 34.98 38.81
O2 SO4 CA . -21.54 32.98 38.66
O3 SO4 CA . -21.23 34.47 40.51
O4 SO4 CA . -23.25 33.21 40.34
S SO4 DA . -37.00 -7.80 23.21
O1 SO4 DA . -37.33 -8.19 24.57
O2 SO4 DA . -37.85 -6.69 22.81
O3 SO4 DA . -35.62 -7.35 23.10
O4 SO4 DA . -37.25 -8.99 22.40
C1 GOL EA . -24.01 7.41 46.49
O1 GOL EA . -23.29 6.93 47.60
C2 GOL EA . -25.14 8.33 46.96
O2 GOL EA . -24.98 8.63 48.33
C3 GOL EA . -26.48 7.67 46.73
O3 GOL EA . -27.52 8.61 46.97
C1 GOL FA . -26.68 27.34 42.47
O1 GOL FA . -26.17 26.02 42.42
C2 GOL FA . -27.57 27.59 41.26
O2 GOL FA . -28.61 26.66 41.19
C3 GOL FA . -28.13 29.02 41.28
O3 GOL FA . -29.29 29.10 42.10
C1 GOL GA . -12.13 26.32 19.49
O1 GOL GA . -12.86 27.46 19.12
C2 GOL GA . -10.87 26.70 20.24
O2 GOL GA . -11.16 27.66 21.22
C3 GOL GA . -9.83 27.26 19.28
O3 GOL GA . -9.31 26.22 18.48
S SO4 HA . -12.19 -70.08 -55.44
O1 SO4 HA . -13.51 -69.52 -55.74
O2 SO4 HA . -11.80 -71.01 -56.50
O3 SO4 HA . -11.29 -68.94 -55.33
O4 SO4 HA . -12.19 -70.80 -54.18
S SO4 IA . 11.34 -34.14 -60.06
O1 SO4 IA . 9.89 -34.09 -60.26
O2 SO4 IA . 12.02 -34.33 -61.33
O3 SO4 IA . 11.79 -32.89 -59.46
O4 SO4 IA . 11.67 -35.27 -59.17
C1 GOL JA . -14.39 -67.70 -80.68
O1 GOL JA . -13.72 -66.74 -81.48
C2 GOL JA . -13.37 -68.68 -80.10
O2 GOL JA . -12.16 -67.97 -80.01
C3 GOL JA . -13.79 -69.20 -78.73
O3 GOL JA . -12.87 -68.87 -77.69
C1 GOL KA . 12.57 -59.01 -78.48
O1 GOL KA . 13.86 -59.59 -78.71
C2 GOL KA . 12.24 -58.05 -79.63
O2 GOL KA . 11.83 -58.78 -80.77
C3 GOL KA . 11.12 -57.12 -79.22
O3 GOL KA . 10.85 -56.28 -80.32
C1 GOL LA . 8.12 -43.92 -50.02
O1 GOL LA . 7.64 -44.79 -49.01
C2 GOL LA . 7.38 -44.14 -51.31
O2 GOL LA . 7.93 -43.33 -52.31
C3 GOL LA . 7.71 -45.57 -51.72
O3 GOL LA . 6.52 -46.19 -52.08
C1 GOL MA . -8.03 -62.25 -83.15
O1 GOL MA . -8.89 -63.22 -83.71
C2 GOL MA . -8.26 -62.00 -81.67
O2 GOL MA . -9.66 -61.98 -81.34
C3 GOL MA . -7.50 -63.01 -80.80
O3 GOL MA . -6.16 -63.10 -81.17
S SO4 NA . -13.48 -45.32 -43.32
O1 SO4 NA . -14.94 -45.24 -43.43
O2 SO4 NA . -12.86 -44.61 -44.43
O3 SO4 NA . -13.02 -44.70 -42.07
O4 SO4 NA . -13.09 -46.73 -43.40
S SO4 OA . -23.55 -85.88 -31.21
O1 SO4 OA . -24.31 -85.88 -29.98
O2 SO4 OA . -24.44 -86.09 -32.34
O3 SO4 OA . -22.82 -84.65 -31.44
O4 SO4 OA . -22.65 -87.04 -31.12
C1 GOL PA . -33.67 -46.84 -25.06
O1 GOL PA . -32.56 -46.68 -24.21
C2 GOL PA . -34.25 -45.47 -25.40
O2 GOL PA . -35.30 -45.14 -24.51
C3 GOL PA . -34.80 -45.47 -26.81
O3 GOL PA . -35.61 -46.61 -27.00
S SO4 QA . -53.70 52.36 74.30
O1 SO4 QA . -54.48 51.32 73.64
O2 SO4 QA . -52.60 52.80 73.43
O3 SO4 QA . -54.54 53.53 74.55
O4 SO4 QA . -53.21 51.79 75.56
S SO4 RA . -20.24 34.13 54.50
O1 SO4 RA . -21.28 34.27 55.53
O2 SO4 RA . -20.86 33.85 53.20
O3 SO4 RA . -19.45 35.36 54.40
O4 SO4 RA . -19.36 33.02 54.86
S SO4 SA . -51.40 61.82 32.30
O1 SO4 SA . -52.39 62.88 32.52
O2 SO4 SA . -51.49 61.37 30.91
O3 SO4 SA . -50.05 62.34 32.54
O4 SO4 SA . -51.68 60.69 33.18
S SO4 TA . -27.86 66.05 25.60
O1 SO4 TA . -28.40 64.70 25.59
O2 SO4 TA . -27.43 66.40 24.25
O3 SO4 TA . -28.87 67.00 26.06
O4 SO4 TA . -26.70 66.10 26.48
S SO4 UA . -42.11 55.49 57.02
O1 SO4 UA . -42.51 54.08 57.00
O2 SO4 UA . -43.30 56.34 57.07
O3 SO4 UA . -41.30 55.78 58.21
O4 SO4 UA . -41.32 55.82 55.84
C1 GOL VA . -50.39 55.90 37.38
O1 GOL VA . -49.63 54.71 37.43
C2 GOL VA . -50.54 56.36 38.81
O2 GOL VA . -51.83 56.95 38.95
C3 GOL VA . -49.43 57.40 39.04
O3 GOL VA . -49.30 57.69 40.41
C1 GOL WA . -16.24 64.60 60.96
O1 GOL WA . -15.49 63.80 60.07
C2 GOL WA . -15.60 64.57 62.36
O2 GOL WA . -14.91 63.35 62.53
C3 GOL WA . -16.68 64.64 63.43
O3 GOL WA . -17.45 65.81 63.28
S SO4 XA . 52.24 -69.19 -10.49
O1 SO4 XA . 51.34 -68.30 -9.76
O2 SO4 XA . 51.50 -69.95 -11.48
O3 SO4 XA . 53.23 -68.37 -11.15
O4 SO4 XA . 52.90 -70.10 -9.55
S SO4 YA . 9.35 -72.30 -3.98
O1 SO4 YA . 8.75 -73.19 -2.99
O2 SO4 YA . 8.28 -71.73 -4.80
O3 SO4 YA . 10.03 -71.18 -3.35
O4 SO4 YA . 10.29 -73.03 -4.83
C1 GOL ZA . 52.86 -70.82 12.12
O1 GOL ZA . 52.88 -69.92 11.04
C2 GOL ZA . 53.05 -70.13 13.46
O2 GOL ZA . 54.11 -70.78 14.12
C3 GOL ZA . 51.81 -70.28 14.32
O3 GOL ZA . 51.39 -69.07 14.93
C1 GOL AB . 45.02 -71.47 17.60
O1 GOL AB . 46.25 -71.52 18.29
C2 GOL AB . 45.29 -71.62 16.12
O2 GOL AB . 45.25 -70.31 15.55
C3 GOL AB . 44.15 -72.43 15.53
O3 GOL AB . 44.51 -73.78 15.34
C1 GOL BB . 20.93 -72.40 -12.90
O1 GOL BB . 21.92 -73.38 -12.67
C2 GOL BB . 19.69 -73.18 -13.31
O2 GOL BB . 18.70 -73.02 -12.33
C3 GOL BB . 19.20 -72.72 -14.67
O3 GOL BB . 20.10 -73.14 -15.68
C1 GOL CB . 31.19 -87.31 11.67
O1 GOL CB . 31.45 -88.66 12.06
C2 GOL CB . 31.38 -86.33 12.82
O2 GOL CB . 31.64 -87.00 14.04
C3 GOL CB . 30.16 -85.42 12.95
O3 GOL CB . 29.96 -85.05 14.30
C1 GOL DB . 25.06 -97.54 -12.27
O1 GOL DB . 24.61 -98.33 -13.36
C2 GOL DB . 26.51 -97.87 -11.94
O2 GOL DB . 26.57 -98.56 -10.72
C3 GOL DB . 27.33 -96.60 -11.82
O3 GOL DB . 26.94 -95.62 -12.76
#